data_2DI9
#
_entry.id   2DI9
#
_entity_poly.entity_id   1
_entity_poly.type   'polypeptide(L)'
_entity_poly.pdbx_seq_one_letter_code
;GSSGSSGDVTYDGHPVPGSPYTVEASLPPDPSKVKAHGPGLEGGLVGKPAEFTIDTKGAGTGGLGLTVEGPCEAKIECSD
NGDGTCSVSYLPTKPGEYFVNILFEEVHIPGSPFKADIEMPFDPSSGPSSG
;
_entity_poly.pdbx_strand_id   A
#
# COMPACT_ATOMS: atom_id res chain seq x y z
N GLY A 1 23.92 -24.04 0.41
CA GLY A 1 23.27 -22.87 -0.15
C GLY A 1 24.00 -21.59 0.17
N SER A 2 23.30 -20.45 0.03
CA SER A 2 23.90 -19.15 0.31
C SER A 2 22.96 -18.29 1.14
N SER A 3 23.45 -17.13 1.57
CA SER A 3 22.64 -16.21 2.37
C SER A 3 23.13 -14.77 2.19
N GLY A 4 22.40 -13.83 2.80
CA GLY A 4 22.78 -12.44 2.70
C GLY A 4 23.03 -11.80 4.07
N SER A 5 22.77 -10.50 4.17
CA SER A 5 22.97 -9.78 5.41
C SER A 5 22.28 -8.42 5.38
N SER A 6 21.73 -8.02 6.51
CA SER A 6 21.04 -6.74 6.61
C SER A 6 21.00 -6.26 8.06
N GLY A 7 20.71 -4.97 8.23
CA GLY A 7 20.65 -4.40 9.57
C GLY A 7 19.26 -4.41 10.14
N ASP A 8 18.95 -3.44 11.01
CA ASP A 8 17.63 -3.34 11.62
C ASP A 8 17.31 -1.89 11.97
N VAL A 9 16.11 -1.46 11.58
CA VAL A 9 15.67 -0.09 11.85
C VAL A 9 14.98 0.00 13.20
N THR A 10 15.10 1.16 13.84
CA THR A 10 14.49 1.38 15.14
C THR A 10 13.45 2.50 15.08
N TYR A 11 12.39 2.37 15.86
CA TYR A 11 11.33 3.36 15.90
C TYR A 11 10.87 3.63 17.33
N ASP A 12 10.14 4.73 17.52
CA ASP A 12 9.65 5.10 18.84
C ASP A 12 8.24 5.67 18.75
N GLY A 13 7.32 5.09 19.50
CA GLY A 13 5.94 5.56 19.49
C GLY A 13 5.32 5.55 20.86
N HIS A 14 4.06 6.00 20.95
CA HIS A 14 3.36 6.05 22.22
C HIS A 14 1.93 5.51 22.07
N PRO A 15 1.45 4.82 23.11
CA PRO A 15 0.12 4.22 23.12
C PRO A 15 -0.98 5.28 23.19
N VAL A 16 -2.19 4.91 22.77
CA VAL A 16 -3.33 5.82 22.79
C VAL A 16 -3.51 6.43 24.18
N PRO A 17 -3.97 7.69 24.21
CA PRO A 17 -4.20 8.41 25.47
C PRO A 17 -5.40 7.86 26.23
N GLY A 18 -6.03 6.82 25.68
CA GLY A 18 -7.17 6.22 26.34
C GLY A 18 -6.79 5.04 27.21
N SER A 19 -6.58 3.89 26.56
CA SER A 19 -6.22 2.68 27.29
C SER A 19 -4.90 2.10 26.77
N PRO A 20 -3.78 2.67 27.23
CA PRO A 20 -2.44 2.23 26.82
C PRO A 20 -2.09 0.86 27.38
N TYR A 21 -2.95 0.33 28.24
CA TYR A 21 -2.73 -0.98 28.84
C TYR A 21 -3.32 -2.08 27.98
N THR A 22 -3.61 -1.75 26.72
CA THR A 22 -4.18 -2.72 25.79
C THR A 22 -3.38 -2.77 24.49
N VAL A 23 -3.47 -3.90 23.80
CA VAL A 23 -2.74 -4.09 22.54
C VAL A 23 -3.54 -3.52 21.37
N GLU A 24 -4.52 -2.68 21.68
CA GLU A 24 -5.35 -2.06 20.65
C GLU A 24 -5.61 -3.04 19.51
N ALA A 25 -5.62 -4.33 19.84
CA ALA A 25 -5.87 -5.37 18.84
C ALA A 25 -7.29 -5.94 18.99
N SER A 26 -8.15 -5.19 19.67
CA SER A 26 -9.52 -5.63 19.88
C SER A 26 -10.50 -4.74 19.11
N LEU A 27 -10.53 -4.90 17.79
CA LEU A 27 -11.41 -4.10 16.95
C LEU A 27 -11.82 -4.88 15.70
N PRO A 28 -13.07 -4.70 15.26
CA PRO A 28 -13.61 -5.37 14.07
C PRO A 28 -12.96 -4.87 12.79
N PRO A 29 -12.80 -5.78 11.82
CA PRO A 29 -12.21 -5.45 10.51
C PRO A 29 -13.11 -4.57 9.67
N ASP A 30 -12.82 -3.27 9.65
CA ASP A 30 -13.60 -2.32 8.87
C ASP A 30 -12.88 -1.92 7.59
N PRO A 31 -13.22 -2.59 6.49
CA PRO A 31 -12.61 -2.32 5.17
C PRO A 31 -13.02 -0.97 4.61
N SER A 32 -14.29 -0.61 4.81
CA SER A 32 -14.81 0.65 4.31
C SER A 32 -13.88 1.82 4.70
N LYS A 33 -13.13 1.62 5.78
CA LYS A 33 -12.21 2.64 6.26
C LYS A 33 -10.84 2.49 5.61
N VAL A 34 -10.53 1.27 5.16
CA VAL A 34 -9.26 1.00 4.52
C VAL A 34 -9.07 1.88 3.29
N LYS A 35 -8.13 2.82 3.36
CA LYS A 35 -7.85 3.71 2.25
C LYS A 35 -6.53 3.34 1.57
N ALA A 36 -6.50 3.49 0.24
CA ALA A 36 -5.30 3.17 -0.52
C ALA A 36 -4.91 4.33 -1.43
N HIS A 37 -3.81 4.99 -1.10
CA HIS A 37 -3.32 6.12 -1.88
C HIS A 37 -1.81 6.05 -2.06
N GLY A 38 -1.34 6.37 -3.27
CA GLY A 38 0.07 6.34 -3.54
C GLY A 38 0.38 6.30 -5.03
N PRO A 39 1.66 6.36 -5.38
CA PRO A 39 2.11 6.35 -6.78
C PRO A 39 1.89 4.99 -7.44
N GLY A 40 2.11 3.93 -6.68
CA GLY A 40 1.93 2.59 -7.22
C GLY A 40 0.52 2.35 -7.72
N LEU A 41 -0.42 3.17 -7.27
CA LEU A 41 -1.80 3.05 -7.66
C LEU A 41 -2.04 3.70 -9.03
N GLU A 42 -1.63 4.95 -9.16
CA GLU A 42 -1.78 5.68 -10.41
C GLU A 42 -0.97 5.02 -11.53
N GLY A 43 0.15 4.41 -11.15
CA GLY A 43 1.00 3.75 -12.14
C GLY A 43 2.46 3.82 -11.78
N GLY A 44 3.32 3.47 -12.73
CA GLY A 44 4.76 3.51 -12.48
C GLY A 44 5.57 3.26 -13.73
N LEU A 45 6.65 2.51 -13.60
CA LEU A 45 7.52 2.20 -14.73
C LEU A 45 7.84 0.71 -14.79
N VAL A 46 8.20 0.22 -15.97
CA VAL A 46 8.54 -1.19 -16.15
C VAL A 46 9.82 -1.54 -15.40
N GLY A 47 9.89 -2.79 -14.93
CA GLY A 47 11.06 -3.23 -14.20
C GLY A 47 11.46 -2.27 -13.10
N LYS A 48 10.52 -1.45 -12.66
CA LYS A 48 10.78 -0.48 -11.61
C LYS A 48 9.87 -0.73 -10.41
N PRO A 49 10.38 -0.40 -9.21
CA PRO A 49 9.64 -0.57 -7.96
C PRO A 49 8.47 0.40 -7.84
N ALA A 50 7.30 -0.13 -7.49
CA ALA A 50 6.11 0.70 -7.33
C ALA A 50 5.30 0.28 -6.11
N GLU A 51 5.12 1.20 -5.17
CA GLU A 51 4.36 0.92 -3.95
C GLU A 51 3.45 2.09 -3.60
N PHE A 52 2.63 1.90 -2.56
CA PHE A 52 1.71 2.94 -2.12
C PHE A 52 1.49 2.86 -0.61
N THR A 53 0.68 3.79 -0.09
CA THR A 53 0.40 3.83 1.34
C THR A 53 -1.01 3.33 1.62
N ILE A 54 -1.13 2.36 2.53
CA ILE A 54 -2.42 1.80 2.89
C ILE A 54 -2.78 2.13 4.34
N ASP A 55 -3.98 2.67 4.54
CA ASP A 55 -4.44 3.02 5.88
C ASP A 55 -5.24 1.88 6.50
N THR A 56 -4.76 1.36 7.62
CA THR A 56 -5.43 0.26 8.31
C THR A 56 -5.77 0.65 9.75
N LYS A 57 -5.00 1.56 10.30
CA LYS A 57 -5.21 2.03 11.67
C LYS A 57 -6.70 2.24 11.95
N GLY A 58 -7.37 2.94 11.03
CA GLY A 58 -8.79 3.21 11.20
C GLY A 58 -9.65 2.13 10.55
N ALA A 59 -9.16 0.89 10.56
CA ALA A 59 -9.90 -0.21 9.97
C ALA A 59 -10.12 -1.32 10.99
N GLY A 60 -9.04 -1.80 11.60
CA GLY A 60 -9.14 -2.85 12.59
C GLY A 60 -7.99 -3.84 12.52
N THR A 61 -8.29 -5.11 12.74
CA THR A 61 -7.27 -6.15 12.69
C THR A 61 -7.76 -7.38 11.95
N GLY A 62 -6.88 -7.98 11.15
CA GLY A 62 -7.25 -9.16 10.39
C GLY A 62 -6.22 -9.49 9.31
N GLY A 63 -6.65 -9.45 8.06
CA GLY A 63 -5.76 -9.76 6.96
C GLY A 63 -6.18 -9.10 5.66
N LEU A 64 -5.22 -8.87 4.78
CA LEU A 64 -5.50 -8.23 3.49
C LEU A 64 -4.93 -9.06 2.35
N GLY A 65 -5.75 -9.31 1.33
CA GLY A 65 -5.31 -10.09 0.19
C GLY A 65 -5.04 -9.23 -1.03
N LEU A 66 -3.77 -9.09 -1.38
CA LEU A 66 -3.37 -8.29 -2.53
C LEU A 66 -2.95 -9.17 -3.70
N THR A 67 -3.59 -8.97 -4.85
CA THR A 67 -3.27 -9.76 -6.04
C THR A 67 -3.23 -8.87 -7.29
N VAL A 68 -2.18 -9.02 -8.08
CA VAL A 68 -2.03 -8.24 -9.30
C VAL A 68 -2.68 -8.94 -10.48
N GLU A 69 -3.87 -8.49 -10.85
CA GLU A 69 -4.60 -9.08 -11.97
C GLU A 69 -4.18 -8.43 -13.28
N GLY A 70 -2.94 -8.66 -13.67
CA GLY A 70 -2.43 -8.09 -14.92
C GLY A 70 -2.21 -9.14 -15.98
N PRO A 71 -1.78 -8.70 -17.17
CA PRO A 71 -1.51 -9.60 -18.30
C PRO A 71 -0.28 -10.47 -18.07
N CYS A 72 0.58 -10.05 -17.15
CA CYS A 72 1.79 -10.80 -16.84
C CYS A 72 1.82 -11.19 -15.37
N GLU A 73 2.91 -11.82 -14.95
CA GLU A 73 3.06 -12.26 -13.56
C GLU A 73 4.07 -11.40 -12.82
N ALA A 74 3.59 -10.29 -12.26
CA ALA A 74 4.46 -9.38 -11.51
C ALA A 74 4.56 -9.79 -10.05
N LYS A 75 5.75 -9.66 -9.48
CA LYS A 75 5.98 -10.01 -8.08
C LYS A 75 5.36 -8.97 -7.16
N ILE A 76 4.94 -9.42 -5.97
CA ILE A 76 4.34 -8.52 -4.99
C ILE A 76 5.00 -8.67 -3.63
N GLU A 77 5.69 -7.62 -3.20
CA GLU A 77 6.37 -7.62 -1.90
C GLU A 77 5.59 -6.83 -0.86
N CYS A 78 4.88 -7.54 0.01
CA CYS A 78 4.09 -6.90 1.05
C CYS A 78 4.76 -7.06 2.41
N SER A 79 5.12 -5.93 3.01
CA SER A 79 5.78 -5.93 4.31
C SER A 79 5.19 -4.85 5.22
N ASP A 80 5.14 -5.13 6.51
CA ASP A 80 4.61 -4.18 7.49
C ASP A 80 5.61 -3.06 7.75
N ASN A 81 5.09 -1.88 8.10
CA ASN A 81 5.94 -0.73 8.37
C ASN A 81 6.14 -0.55 9.88
N GLY A 82 5.06 -0.75 10.64
CA GLY A 82 5.15 -0.61 12.08
C GLY A 82 4.33 0.55 12.59
N ASP A 83 4.11 1.55 11.74
CA ASP A 83 3.33 2.72 12.12
C ASP A 83 1.84 2.50 11.82
N GLY A 84 1.45 1.25 11.62
CA GLY A 84 0.07 0.94 11.32
C GLY A 84 -0.24 1.05 9.84
N THR A 85 0.79 0.91 9.01
CA THR A 85 0.63 1.00 7.57
C THR A 85 1.26 -0.19 6.87
N CYS A 86 0.96 -0.35 5.59
CA CYS A 86 1.51 -1.45 4.80
C CYS A 86 2.31 -0.93 3.62
N SER A 87 3.54 -1.43 3.48
CA SER A 87 4.41 -1.00 2.39
C SER A 87 4.54 -2.09 1.34
N VAL A 88 3.56 -2.15 0.42
CA VAL A 88 3.56 -3.15 -0.63
C VAL A 88 4.19 -2.60 -1.91
N SER A 89 5.18 -3.31 -2.44
CA SER A 89 5.87 -2.88 -3.65
C SER A 89 5.82 -3.99 -4.70
N TYR A 90 5.46 -3.61 -5.92
CA TYR A 90 5.38 -4.57 -7.03
C TYR A 90 6.33 -4.18 -8.16
N LEU A 91 6.74 -5.17 -8.93
CA LEU A 91 7.64 -4.93 -10.05
C LEU A 91 7.10 -5.54 -11.35
N PRO A 92 6.56 -4.68 -12.22
CA PRO A 92 5.99 -5.12 -13.50
C PRO A 92 7.06 -5.60 -14.48
N THR A 93 6.62 -6.14 -15.61
CA THR A 93 7.54 -6.64 -16.63
C THR A 93 7.32 -5.94 -17.96
N LYS A 94 6.07 -5.52 -18.21
CA LYS A 94 5.74 -4.83 -19.44
C LYS A 94 4.71 -3.73 -19.19
N PRO A 95 4.79 -2.64 -19.98
CA PRO A 95 3.88 -1.51 -19.86
C PRO A 95 2.47 -1.84 -20.31
N GLY A 96 1.57 -2.01 -19.34
CA GLY A 96 0.19 -2.34 -19.67
C GLY A 96 -0.78 -1.83 -18.63
N GLU A 97 -1.51 -2.75 -18.00
CA GLU A 97 -2.49 -2.38 -16.98
C GLU A 97 -2.51 -3.42 -15.85
N TYR A 98 -2.34 -2.94 -14.62
CA TYR A 98 -2.34 -3.82 -13.46
C TYR A 98 -3.45 -3.44 -12.49
N PHE A 99 -4.33 -4.39 -12.20
CA PHE A 99 -5.44 -4.15 -11.28
C PHE A 99 -5.13 -4.71 -9.89
N VAL A 100 -4.75 -3.83 -8.97
CA VAL A 100 -4.42 -4.24 -7.61
C VAL A 100 -5.69 -4.55 -6.82
N ASN A 101 -5.96 -5.83 -6.64
CA ASN A 101 -7.14 -6.27 -5.89
C ASN A 101 -6.89 -6.18 -4.38
N ILE A 102 -7.48 -5.18 -3.74
CA ILE A 102 -7.32 -4.99 -2.31
C ILE A 102 -8.59 -5.39 -1.57
N LEU A 103 -8.50 -6.47 -0.81
CA LEU A 103 -9.64 -6.97 -0.04
C LEU A 103 -9.23 -7.28 1.40
N PHE A 104 -10.00 -6.78 2.35
CA PHE A 104 -9.72 -7.01 3.76
C PHE A 104 -10.62 -8.12 4.32
N GLU A 105 -10.01 -9.24 4.68
CA GLU A 105 -10.75 -10.37 5.23
C GLU A 105 -11.77 -10.88 4.22
N GLU A 106 -11.36 -10.98 2.96
CA GLU A 106 -12.24 -11.46 1.90
C GLU A 106 -13.30 -10.41 1.56
N VAL A 107 -12.97 -9.15 1.79
CA VAL A 107 -13.89 -8.05 1.51
C VAL A 107 -13.23 -6.99 0.64
N HIS A 108 -13.71 -6.85 -0.58
CA HIS A 108 -13.17 -5.86 -1.52
C HIS A 108 -13.42 -4.45 -1.02
N ILE A 109 -12.34 -3.69 -0.81
CA ILE A 109 -12.44 -2.33 -0.34
C ILE A 109 -13.06 -1.42 -1.39
N PRO A 110 -13.73 -0.34 -0.94
CA PRO A 110 -14.39 0.62 -1.83
C PRO A 110 -13.38 1.45 -2.61
N GLY A 111 -12.87 0.90 -3.71
CA GLY A 111 -11.91 1.62 -4.53
C GLY A 111 -11.02 0.68 -5.32
N SER A 112 -11.04 -0.60 -4.97
CA SER A 112 -10.24 -1.60 -5.66
C SER A 112 -11.08 -2.40 -6.64
N PRO A 113 -10.42 -2.97 -7.67
CA PRO A 113 -8.98 -2.82 -7.86
C PRO A 113 -8.59 -1.40 -8.24
N PHE A 114 -7.28 -1.14 -8.29
CA PHE A 114 -6.78 0.18 -8.65
C PHE A 114 -5.95 0.12 -9.93
N LYS A 115 -6.58 0.42 -11.06
CA LYS A 115 -5.89 0.39 -12.35
C LYS A 115 -4.67 1.30 -12.33
N ALA A 116 -3.50 0.71 -12.54
CA ALA A 116 -2.24 1.45 -12.56
C ALA A 116 -1.62 1.43 -13.94
N ASP A 117 -1.52 2.61 -14.55
CA ASP A 117 -0.92 2.73 -15.89
C ASP A 117 0.60 2.80 -15.80
N ILE A 118 1.25 1.78 -16.34
CA ILE A 118 2.72 1.72 -16.33
C ILE A 118 3.29 2.24 -17.63
N GLU A 119 4.36 3.05 -17.53
CA GLU A 119 5.01 3.60 -18.70
C GLU A 119 6.45 3.10 -18.82
N MET A 120 7.05 3.30 -19.99
CA MET A 120 8.42 2.89 -20.22
C MET A 120 9.41 3.84 -19.56
N PRO A 121 10.45 3.27 -18.93
CA PRO A 121 11.49 4.05 -18.25
C PRO A 121 12.37 4.83 -19.21
N PHE A 122 12.78 6.02 -18.80
CA PHE A 122 13.64 6.86 -19.64
C PHE A 122 15.03 6.26 -19.77
N ASP A 123 15.87 6.90 -20.59
CA ASP A 123 17.23 6.43 -20.81
C ASP A 123 18.21 7.21 -19.95
N PRO A 124 19.25 6.52 -19.46
CA PRO A 124 20.29 7.13 -18.62
C PRO A 124 21.17 8.09 -19.40
N SER A 125 21.86 8.97 -18.68
CA SER A 125 22.74 9.96 -19.31
C SER A 125 24.05 9.30 -19.73
N SER A 126 24.26 9.20 -21.03
CA SER A 126 25.48 8.59 -21.57
C SER A 126 25.70 9.02 -23.03
N GLY A 127 26.94 9.41 -23.34
CA GLY A 127 27.26 9.83 -24.68
C GLY A 127 28.08 11.10 -24.72
N PRO A 128 27.46 12.21 -24.30
CA PRO A 128 28.13 13.52 -24.27
C PRO A 128 29.22 13.59 -23.20
N SER A 129 29.32 12.55 -22.38
CA SER A 129 30.31 12.49 -21.32
C SER A 129 31.70 12.19 -21.88
N SER A 130 32.72 12.74 -21.24
CA SER A 130 34.09 12.54 -21.69
C SER A 130 34.74 11.38 -20.93
N GLY A 131 34.61 11.41 -19.60
CA GLY A 131 35.19 10.35 -18.78
C GLY A 131 34.16 9.35 -18.32
N GLY A 1 -11.04 38.56 -28.00
CA GLY A 1 -11.75 37.49 -27.34
C GLY A 1 -11.44 37.42 -25.85
N SER A 2 -11.98 36.41 -25.18
CA SER A 2 -11.77 36.24 -23.75
C SER A 2 -12.39 34.93 -23.26
N SER A 3 -11.92 34.45 -22.11
CA SER A 3 -12.42 33.21 -21.54
C SER A 3 -11.83 32.97 -20.15
N GLY A 4 -12.29 31.93 -19.49
CA GLY A 4 -11.80 31.61 -18.16
C GLY A 4 -12.08 30.17 -17.76
N SER A 5 -11.93 29.88 -16.48
CA SER A 5 -12.16 28.52 -15.97
C SER A 5 -12.70 28.57 -14.55
N SER A 6 -12.99 27.40 -13.99
CA SER A 6 -13.51 27.30 -12.64
C SER A 6 -12.95 26.05 -11.93
N GLY A 7 -13.28 25.92 -10.65
CA GLY A 7 -12.81 24.77 -9.89
C GLY A 7 -12.31 25.18 -8.51
N ASP A 8 -12.78 24.46 -7.48
CA ASP A 8 -12.37 24.74 -6.12
C ASP A 8 -12.80 23.61 -5.18
N VAL A 9 -12.40 23.72 -3.92
CA VAL A 9 -12.75 22.72 -2.92
C VAL A 9 -13.53 23.33 -1.76
N THR A 10 -14.56 22.63 -1.31
CA THR A 10 -15.40 23.10 -0.22
C THR A 10 -15.86 21.95 0.66
N TYR A 11 -16.11 22.25 1.93
CA TYR A 11 -16.57 21.23 2.88
C TYR A 11 -16.95 21.86 4.21
N ASP A 12 -18.06 21.40 4.77
CA ASP A 12 -18.56 21.92 6.04
C ASP A 12 -19.74 21.10 6.55
N GLY A 13 -19.80 20.91 7.86
CA GLY A 13 -20.89 20.14 8.44
C GLY A 13 -20.74 19.98 9.94
N HIS A 14 -21.36 18.94 10.50
CA HIS A 14 -21.29 18.68 11.93
C HIS A 14 -19.86 18.42 12.37
N PRO A 15 -19.55 18.75 13.63
CA PRO A 15 -18.22 18.57 14.20
C PRO A 15 -17.87 17.10 14.40
N VAL A 16 -16.57 16.78 14.34
CA VAL A 16 -16.12 15.41 14.51
C VAL A 16 -15.95 15.08 16.00
N PRO A 17 -16.26 13.83 16.35
CA PRO A 17 -16.15 13.35 17.74
C PRO A 17 -14.71 13.22 18.20
N GLY A 18 -14.50 13.21 19.51
CA GLY A 18 -13.17 13.09 20.05
C GLY A 18 -12.90 11.72 20.64
N SER A 19 -12.61 11.68 21.93
CA SER A 19 -12.34 10.41 22.61
C SER A 19 -11.29 9.60 21.84
N PRO A 20 -10.18 10.26 21.49
CA PRO A 20 -9.09 9.62 20.73
C PRO A 20 -8.34 8.60 21.58
N TYR A 21 -8.55 8.64 22.89
CA TYR A 21 -7.89 7.73 23.80
C TYR A 21 -8.66 6.41 23.92
N THR A 22 -9.10 5.89 22.76
CA THR A 22 -9.84 4.64 22.73
C THR A 22 -8.91 3.44 22.61
N VAL A 23 -9.33 2.32 23.18
CA VAL A 23 -8.54 1.10 23.14
C VAL A 23 -8.42 0.55 21.72
N GLU A 24 -7.19 0.47 21.23
CA GLU A 24 -6.95 -0.03 19.88
C GLU A 24 -6.47 -1.47 19.91
N ALA A 25 -7.17 -2.30 20.67
CA ALA A 25 -6.81 -3.71 20.80
C ALA A 25 -7.99 -4.61 20.39
N SER A 26 -7.70 -5.62 19.58
CA SER A 26 -8.74 -6.54 19.13
C SER A 26 -9.86 -5.79 18.43
N LEU A 27 -9.50 -4.93 17.50
CA LEU A 27 -10.49 -4.14 16.76
C LEU A 27 -11.05 -4.95 15.59
N PRO A 28 -12.35 -4.75 15.31
CA PRO A 28 -13.04 -5.45 14.22
C PRO A 28 -12.57 -4.99 12.85
N PRO A 29 -12.59 -5.91 11.87
CA PRO A 29 -12.17 -5.61 10.50
C PRO A 29 -13.15 -4.69 9.78
N ASP A 30 -12.64 -3.57 9.28
CA ASP A 30 -13.47 -2.60 8.58
C ASP A 30 -12.83 -2.21 7.25
N PRO A 31 -13.22 -2.89 6.17
CA PRO A 31 -12.71 -2.63 4.82
C PRO A 31 -13.17 -1.28 4.27
N SER A 32 -14.30 -0.81 4.78
CA SER A 32 -14.86 0.47 4.34
C SER A 32 -13.96 1.63 4.74
N LYS A 33 -13.02 1.35 5.63
CA LYS A 33 -12.09 2.37 6.11
C LYS A 33 -10.75 2.27 5.40
N VAL A 34 -10.29 1.04 5.18
CA VAL A 34 -9.02 0.80 4.50
C VAL A 34 -8.85 1.75 3.32
N LYS A 35 -7.88 2.66 3.43
CA LYS A 35 -7.60 3.63 2.38
C LYS A 35 -6.18 3.44 1.83
N ALA A 36 -6.09 3.25 0.51
CA ALA A 36 -4.80 3.07 -0.13
C ALA A 36 -4.48 4.24 -1.05
N HIS A 37 -3.42 4.98 -0.73
CA HIS A 37 -3.01 6.13 -1.52
C HIS A 37 -1.52 6.08 -1.82
N GLY A 38 -1.15 6.37 -3.06
CA GLY A 38 0.25 6.35 -3.44
C GLY A 38 0.44 6.26 -4.95
N PRO A 39 1.70 6.33 -5.40
CA PRO A 39 2.04 6.26 -6.82
C PRO A 39 1.81 4.88 -7.41
N GLY A 40 2.16 3.85 -6.64
CA GLY A 40 1.99 2.49 -7.09
C GLY A 40 0.57 2.20 -7.56
N LEU A 41 -0.37 3.02 -7.10
CA LEU A 41 -1.77 2.86 -7.47
C LEU A 41 -2.05 3.47 -8.85
N GLU A 42 -1.55 4.69 -9.05
CA GLU A 42 -1.74 5.38 -10.32
C GLU A 42 -0.93 4.71 -11.43
N GLY A 43 0.21 4.13 -11.06
CA GLY A 43 1.05 3.46 -12.04
C GLY A 43 2.52 3.61 -11.72
N GLY A 44 3.36 3.40 -12.73
CA GLY A 44 4.79 3.51 -12.54
C GLY A 44 5.58 3.28 -13.81
N LEU A 45 6.70 2.57 -13.69
CA LEU A 45 7.54 2.27 -14.85
C LEU A 45 7.88 0.78 -14.92
N VAL A 46 8.11 0.28 -16.11
CA VAL A 46 8.46 -1.12 -16.31
C VAL A 46 9.77 -1.47 -15.63
N GLY A 47 9.85 -2.67 -15.07
CA GLY A 47 11.07 -3.11 -14.41
C GLY A 47 11.47 -2.17 -13.29
N LYS A 48 10.55 -1.29 -12.89
CA LYS A 48 10.82 -0.33 -11.83
C LYS A 48 9.93 -0.60 -10.62
N PRO A 49 10.47 -0.36 -9.41
CA PRO A 49 9.74 -0.56 -8.16
C PRO A 49 8.62 0.46 -7.97
N ALA A 50 7.42 -0.03 -7.67
CA ALA A 50 6.27 0.84 -7.46
C ALA A 50 5.44 0.37 -6.26
N GLU A 51 5.27 1.25 -5.28
CA GLU A 51 4.50 0.93 -4.08
C GLU A 51 3.60 2.09 -3.69
N PHE A 52 2.79 1.87 -2.66
CA PHE A 52 1.87 2.90 -2.19
C PHE A 52 1.80 2.90 -0.66
N THR A 53 1.01 3.83 -0.11
CA THR A 53 0.86 3.94 1.33
C THR A 53 -0.56 3.57 1.77
N ILE A 54 -0.67 2.50 2.54
CA ILE A 54 -1.96 2.04 3.03
C ILE A 54 -2.22 2.53 4.45
N ASP A 55 -3.49 2.78 4.75
CA ASP A 55 -3.88 3.25 6.08
C ASP A 55 -5.08 2.47 6.60
N THR A 56 -4.83 1.62 7.59
CA THR A 56 -5.90 0.81 8.18
C THR A 56 -5.95 1.00 9.70
N LYS A 57 -5.44 2.13 10.17
CA LYS A 57 -5.43 2.43 11.59
C LYS A 57 -6.82 2.27 12.20
N GLY A 58 -7.81 2.88 11.54
CA GLY A 58 -9.18 2.79 12.03
C GLY A 58 -9.99 1.73 11.29
N ALA A 59 -9.30 0.71 10.80
CA ALA A 59 -9.97 -0.37 10.07
C ALA A 59 -10.12 -1.61 10.95
N GLY A 60 -9.05 -1.95 11.68
CA GLY A 60 -9.09 -3.11 12.54
C GLY A 60 -7.94 -4.06 12.30
N THR A 61 -8.18 -5.35 12.52
CA THR A 61 -7.14 -6.36 12.32
C THR A 61 -7.72 -7.63 11.73
N GLY A 62 -7.09 -8.11 10.65
CA GLY A 62 -7.56 -9.32 10.00
C GLY A 62 -6.62 -9.80 8.91
N GLY A 63 -7.17 -10.19 7.78
CA GLY A 63 -6.36 -10.66 6.67
C GLY A 63 -6.66 -9.93 5.37
N LEU A 64 -5.66 -9.19 4.89
CA LEU A 64 -5.82 -8.44 3.64
C LEU A 64 -5.29 -9.23 2.46
N GLY A 65 -6.08 -9.31 1.40
CA GLY A 65 -5.66 -10.04 0.21
C GLY A 65 -5.31 -9.11 -0.95
N LEU A 66 -4.05 -9.15 -1.37
CA LEU A 66 -3.59 -8.30 -2.47
C LEU A 66 -3.12 -9.16 -3.65
N THR A 67 -3.77 -8.99 -4.79
CA THR A 67 -3.42 -9.74 -5.99
C THR A 67 -3.38 -8.84 -7.21
N VAL A 68 -2.40 -9.07 -8.08
CA VAL A 68 -2.25 -8.27 -9.30
C VAL A 68 -2.89 -8.98 -10.49
N GLU A 69 -4.10 -8.55 -10.84
CA GLU A 69 -4.81 -9.13 -11.97
C GLU A 69 -4.34 -8.52 -13.29
N GLY A 70 -3.07 -8.75 -13.62
CA GLY A 70 -2.53 -8.22 -14.85
C GLY A 70 -2.33 -9.29 -15.91
N PRO A 71 -1.92 -8.86 -17.11
CA PRO A 71 -1.68 -9.77 -18.24
C PRO A 71 -0.46 -10.66 -18.02
N CYS A 72 0.42 -10.22 -17.14
CA CYS A 72 1.64 -10.98 -16.84
C CYS A 72 1.73 -11.31 -15.36
N GLU A 73 2.82 -11.96 -14.96
CA GLU A 73 3.01 -12.33 -13.56
C GLU A 73 4.03 -11.41 -12.89
N ALA A 74 3.54 -10.29 -12.36
CA ALA A 74 4.40 -9.32 -11.69
C ALA A 74 4.64 -9.71 -10.23
N LYS A 75 5.88 -9.59 -9.78
CA LYS A 75 6.23 -9.92 -8.41
C LYS A 75 5.65 -8.90 -7.42
N ILE A 76 5.39 -9.34 -6.21
CA ILE A 76 4.84 -8.47 -5.18
C ILE A 76 5.55 -8.67 -3.85
N GLU A 77 5.97 -7.57 -3.23
CA GLU A 77 6.67 -7.61 -1.95
C GLU A 77 5.96 -6.75 -0.91
N CYS A 78 5.22 -7.40 -0.02
CA CYS A 78 4.49 -6.68 1.02
C CYS A 78 5.34 -6.53 2.28
N SER A 79 5.40 -5.32 2.81
CA SER A 79 6.19 -5.04 4.00
C SER A 79 5.44 -4.13 4.95
N ASP A 80 5.54 -4.41 6.25
CA ASP A 80 4.87 -3.62 7.27
C ASP A 80 5.76 -2.49 7.75
N ASN A 81 5.14 -1.43 8.27
CA ASN A 81 5.87 -0.28 8.77
C ASN A 81 5.94 -0.29 10.30
N GLY A 82 4.80 -0.60 10.93
CA GLY A 82 4.74 -0.64 12.38
C GLY A 82 3.78 0.38 12.95
N ASP A 83 3.57 1.46 12.21
CA ASP A 83 2.66 2.52 12.64
C ASP A 83 1.26 2.30 12.08
N GLY A 84 0.92 1.05 11.81
CA GLY A 84 -0.39 0.73 11.28
C GLY A 84 -0.50 1.03 9.80
N THR A 85 0.63 0.96 9.10
CA THR A 85 0.66 1.23 7.67
C THR A 85 1.41 0.14 6.91
N CYS A 86 1.09 -0.03 5.63
CA CYS A 86 1.73 -1.04 4.81
C CYS A 86 2.22 -0.45 3.49
N SER A 87 3.36 -0.92 3.02
CA SER A 87 3.93 -0.43 1.77
C SER A 87 4.29 -1.58 0.84
N VAL A 88 3.35 -1.96 -0.02
CA VAL A 88 3.55 -3.05 -0.96
C VAL A 88 4.24 -2.55 -2.23
N SER A 89 5.28 -3.25 -2.65
CA SER A 89 6.02 -2.88 -3.85
C SER A 89 5.98 -4.00 -4.88
N TYR A 90 5.66 -3.64 -6.12
CA TYR A 90 5.58 -4.62 -7.21
C TYR A 90 6.48 -4.21 -8.37
N LEU A 91 7.06 -5.20 -9.03
CA LEU A 91 7.94 -4.96 -10.16
C LEU A 91 7.36 -5.55 -11.44
N PRO A 92 6.81 -4.68 -12.30
CA PRO A 92 6.21 -5.10 -13.58
C PRO A 92 7.26 -5.58 -14.58
N THR A 93 6.80 -6.10 -15.71
CA THR A 93 7.70 -6.59 -16.74
C THR A 93 7.42 -5.91 -18.08
N LYS A 94 6.16 -5.52 -18.29
CA LYS A 94 5.76 -4.85 -19.53
C LYS A 94 4.76 -3.74 -19.24
N PRO A 95 4.82 -2.67 -20.05
CA PRO A 95 3.92 -1.52 -19.90
C PRO A 95 2.49 -1.84 -20.29
N GLY A 96 1.65 -2.09 -19.29
CA GLY A 96 0.26 -2.40 -19.56
C GLY A 96 -0.68 -1.88 -18.49
N GLU A 97 -1.45 -2.77 -17.89
CA GLU A 97 -2.40 -2.38 -16.85
C GLU A 97 -2.46 -3.43 -15.75
N TYR A 98 -2.24 -3.01 -14.51
CA TYR A 98 -2.27 -3.92 -13.37
C TYR A 98 -3.35 -3.51 -12.38
N PHE A 99 -4.28 -4.41 -12.12
CA PHE A 99 -5.37 -4.15 -11.18
C PHE A 99 -5.08 -4.76 -9.82
N VAL A 100 -4.79 -3.91 -8.85
CA VAL A 100 -4.50 -4.36 -7.49
C VAL A 100 -5.77 -4.66 -6.71
N ASN A 101 -6.09 -5.94 -6.56
CA ASN A 101 -7.28 -6.36 -5.83
C ASN A 101 -7.05 -6.29 -4.33
N ILE A 102 -7.68 -5.32 -3.68
CA ILE A 102 -7.55 -5.15 -2.24
C ILE A 102 -8.84 -5.54 -1.52
N LEU A 103 -8.78 -6.63 -0.76
CA LEU A 103 -9.93 -7.11 -0.02
C LEU A 103 -9.56 -7.44 1.42
N PHE A 104 -10.34 -6.94 2.36
CA PHE A 104 -10.09 -7.18 3.78
C PHE A 104 -11.04 -8.25 4.32
N GLU A 105 -10.48 -9.40 4.69
CA GLU A 105 -11.28 -10.50 5.23
C GLU A 105 -12.32 -10.95 4.21
N GLU A 106 -11.90 -11.04 2.95
CA GLU A 106 -12.81 -11.46 1.88
C GLU A 106 -13.81 -10.37 1.55
N VAL A 107 -13.42 -9.12 1.78
CA VAL A 107 -14.30 -7.98 1.50
C VAL A 107 -13.58 -6.93 0.68
N HIS A 108 -13.99 -6.79 -0.58
CA HIS A 108 -13.38 -5.81 -1.49
C HIS A 108 -13.55 -4.40 -0.94
N ILE A 109 -12.43 -3.73 -0.69
CA ILE A 109 -12.45 -2.37 -0.17
C ILE A 109 -13.01 -1.40 -1.19
N PRO A 110 -13.62 -0.31 -0.70
CA PRO A 110 -14.20 0.72 -1.57
C PRO A 110 -13.15 1.53 -2.32
N GLY A 111 -12.69 0.99 -3.44
CA GLY A 111 -11.68 1.66 -4.23
C GLY A 111 -10.85 0.70 -5.06
N SER A 112 -10.96 -0.59 -4.76
CA SER A 112 -10.21 -1.61 -5.48
C SER A 112 -11.12 -2.35 -6.45
N PRO A 113 -10.51 -2.93 -7.51
CA PRO A 113 -9.07 -2.84 -7.73
C PRO A 113 -8.61 -1.43 -8.10
N PHE A 114 -7.30 -1.24 -8.18
CA PHE A 114 -6.74 0.07 -8.52
C PHE A 114 -5.90 -0.03 -9.79
N LYS A 115 -6.53 0.24 -10.93
CA LYS A 115 -5.84 0.19 -12.22
C LYS A 115 -4.63 1.12 -12.23
N ALA A 116 -3.45 0.56 -12.45
CA ALA A 116 -2.22 1.36 -12.49
C ALA A 116 -1.58 1.30 -13.86
N ASP A 117 -1.67 2.40 -14.60
CA ASP A 117 -1.09 2.48 -15.93
C ASP A 117 0.42 2.64 -15.87
N ILE A 118 1.13 1.62 -16.33
CA ILE A 118 2.60 1.65 -16.32
C ILE A 118 3.14 2.08 -17.68
N GLU A 119 4.24 2.83 -17.65
CA GLU A 119 4.87 3.31 -18.88
C GLU A 119 6.33 2.90 -18.94
N MET A 120 6.94 3.04 -20.10
CA MET A 120 8.34 2.70 -20.29
C MET A 120 9.26 3.83 -19.81
N PRO A 121 10.32 3.47 -19.09
CA PRO A 121 11.29 4.44 -18.57
C PRO A 121 12.13 5.07 -19.67
N PHE A 122 12.45 6.35 -19.50
CA PHE A 122 13.25 7.07 -20.49
C PHE A 122 14.72 6.70 -20.36
N ASP A 123 15.49 7.02 -21.39
CA ASP A 123 16.93 6.72 -21.41
C ASP A 123 17.72 7.86 -20.80
N PRO A 124 18.79 7.53 -20.06
CA PRO A 124 19.65 8.50 -19.41
C PRO A 124 20.49 9.30 -20.42
N SER A 125 20.32 8.99 -21.69
CA SER A 125 21.05 9.66 -22.75
C SER A 125 21.27 11.14 -22.41
N SER A 126 22.53 11.51 -22.20
CA SER A 126 22.87 12.89 -21.85
C SER A 126 23.24 13.68 -23.11
N GLY A 127 23.32 15.00 -22.96
CA GLY A 127 23.67 15.85 -24.08
C GLY A 127 22.45 16.48 -24.72
N PRO A 128 22.62 17.72 -25.22
CA PRO A 128 21.53 18.46 -25.88
C PRO A 128 21.15 17.86 -27.23
N SER A 129 22.15 17.63 -28.07
CA SER A 129 21.93 17.07 -29.39
C SER A 129 21.23 18.07 -30.30
N SER A 130 21.60 19.34 -30.16
CA SER A 130 21.01 20.40 -30.97
C SER A 130 22.05 21.01 -31.90
N GLY A 131 21.90 20.74 -33.20
CA GLY A 131 22.83 21.27 -34.18
C GLY A 131 22.75 20.54 -35.51
N GLY A 1 26.06 26.06 71.25
CA GLY A 1 25.44 24.95 70.53
C GLY A 1 25.38 25.18 69.04
N SER A 2 24.92 24.17 68.30
CA SER A 2 24.82 24.28 66.85
C SER A 2 24.04 23.10 66.28
N SER A 3 23.73 23.17 64.98
CA SER A 3 22.98 22.12 64.32
C SER A 3 23.20 22.17 62.81
N GLY A 4 22.68 21.17 62.11
CA GLY A 4 22.83 21.12 60.67
C GLY A 4 21.49 21.04 59.95
N SER A 5 21.51 21.29 58.65
CA SER A 5 20.29 21.26 57.85
C SER A 5 20.62 21.30 56.35
N SER A 6 19.68 20.84 55.53
CA SER A 6 19.86 20.82 54.09
C SER A 6 18.60 21.28 53.38
N GLY A 7 18.72 21.51 52.06
CA GLY A 7 17.59 21.96 51.29
C GLY A 7 17.81 21.80 49.80
N ASP A 8 16.72 21.78 49.03
CA ASP A 8 16.80 21.63 47.59
C ASP A 8 15.42 21.79 46.94
N VAL A 9 15.40 22.10 45.65
CA VAL A 9 14.15 22.28 44.93
C VAL A 9 13.79 21.01 44.15
N THR A 10 12.50 20.64 44.21
CA THR A 10 12.03 19.46 43.52
C THR A 10 10.54 19.57 43.21
N TYR A 11 10.12 19.00 42.08
CA TYR A 11 8.73 19.03 41.67
C TYR A 11 8.45 17.99 40.59
N ASP A 12 7.41 17.19 40.81
CA ASP A 12 7.04 16.15 39.85
C ASP A 12 5.62 15.65 40.11
N GLY A 13 4.73 15.91 39.16
CA GLY A 13 3.35 15.49 39.30
C GLY A 13 2.62 15.40 37.98
N HIS A 14 2.68 14.24 37.34
CA HIS A 14 2.03 14.03 36.06
C HIS A 14 1.48 12.61 35.95
N PRO A 15 0.33 12.47 35.26
CA PRO A 15 -0.32 11.17 35.07
C PRO A 15 0.47 10.26 34.13
N VAL A 16 0.88 9.10 34.64
CA VAL A 16 1.63 8.14 33.85
C VAL A 16 0.94 7.85 32.52
N PRO A 17 1.73 7.66 31.47
CA PRO A 17 1.22 7.37 30.12
C PRO A 17 0.60 5.98 30.03
N GLY A 18 -0.25 5.78 29.03
CA GLY A 18 -0.90 4.50 28.84
C GLY A 18 0.09 3.38 28.53
N SER A 19 0.06 2.33 29.34
CA SER A 19 0.95 1.20 29.15
C SER A 19 0.64 0.46 27.85
N PRO A 20 1.70 -0.04 27.19
CA PRO A 20 1.56 -0.76 25.92
C PRO A 20 0.90 -2.13 26.11
N TYR A 21 0.67 -2.50 27.37
CA TYR A 21 0.06 -3.78 27.69
C TYR A 21 -1.47 -3.71 27.55
N THR A 22 -1.92 -3.20 26.41
CA THR A 22 -3.35 -3.08 26.15
C THR A 22 -3.80 -4.03 25.05
N VAL A 23 -5.04 -4.49 25.13
CA VAL A 23 -5.59 -5.41 24.14
C VAL A 23 -6.24 -4.65 22.99
N GLU A 24 -5.63 -3.54 22.60
CA GLU A 24 -6.15 -2.73 21.50
C GLU A 24 -6.26 -3.54 20.22
N ALA A 25 -5.67 -4.73 20.23
CA ALA A 25 -5.69 -5.60 19.06
C ALA A 25 -6.98 -6.42 19.02
N SER A 26 -8.02 -5.91 19.67
CA SER A 26 -9.31 -6.60 19.70
C SER A 26 -10.37 -5.81 18.95
N LEU A 27 -10.05 -5.42 17.73
CA LEU A 27 -10.97 -4.65 16.90
C LEU A 27 -11.36 -5.43 15.65
N PRO A 28 -12.62 -5.28 15.22
CA PRO A 28 -13.15 -5.97 14.03
C PRO A 28 -12.55 -5.43 12.74
N PRO A 29 -12.50 -6.27 11.70
CA PRO A 29 -11.96 -5.90 10.40
C PRO A 29 -12.84 -4.90 9.67
N ASP A 30 -12.32 -3.69 9.47
CA ASP A 30 -13.06 -2.64 8.78
C ASP A 30 -12.37 -2.24 7.49
N PRO A 31 -12.77 -2.87 6.37
CA PRO A 31 -12.19 -2.60 5.05
C PRO A 31 -12.57 -1.22 4.53
N SER A 32 -13.74 -0.73 4.94
CA SER A 32 -14.22 0.58 4.51
C SER A 32 -13.23 1.67 4.89
N LYS A 33 -12.32 1.35 5.80
CA LYS A 33 -11.31 2.30 6.25
C LYS A 33 -10.00 2.11 5.48
N VAL A 34 -9.75 0.88 5.05
CA VAL A 34 -8.54 0.58 4.30
C VAL A 34 -8.52 1.29 2.95
N LYS A 35 -7.75 2.37 2.88
CA LYS A 35 -7.65 3.16 1.65
C LYS A 35 -6.23 3.10 1.08
N ALA A 36 -6.12 3.07 -0.24
CA ALA A 36 -4.82 3.02 -0.90
C ALA A 36 -4.59 4.28 -1.72
N HIS A 37 -3.55 5.03 -1.35
CA HIS A 37 -3.21 6.27 -2.06
C HIS A 37 -1.69 6.39 -2.23
N GLY A 38 -1.27 6.57 -3.47
CA GLY A 38 0.15 6.70 -3.74
C GLY A 38 0.47 6.55 -5.23
N PRO A 39 1.77 6.55 -5.56
CA PRO A 39 2.24 6.42 -6.94
C PRO A 39 2.00 5.01 -7.50
N GLY A 40 2.33 4.01 -6.70
CA GLY A 40 2.14 2.64 -7.13
C GLY A 40 0.76 2.39 -7.70
N LEU A 41 -0.19 3.27 -7.37
CA LEU A 41 -1.55 3.14 -7.85
C LEU A 41 -1.74 3.88 -9.17
N GLU A 42 -1.13 5.06 -9.28
CA GLU A 42 -1.23 5.87 -10.49
C GLU A 42 -0.44 5.23 -11.63
N GLY A 43 0.62 4.52 -11.28
CA GLY A 43 1.43 3.86 -12.29
C GLY A 43 2.92 4.01 -12.02
N GLY A 44 3.74 3.45 -12.91
CA GLY A 44 5.18 3.53 -12.74
C GLY A 44 5.93 3.21 -14.02
N LEU A 45 7.06 2.53 -13.89
CA LEU A 45 7.87 2.16 -15.05
C LEU A 45 8.24 0.69 -15.01
N VAL A 46 8.30 0.07 -16.18
CA VAL A 46 8.63 -1.34 -16.29
C VAL A 46 10.04 -1.61 -15.76
N GLY A 47 10.17 -2.66 -14.96
CA GLY A 47 11.46 -3.01 -14.40
C GLY A 47 11.78 -2.23 -13.14
N LYS A 48 10.93 -1.25 -12.83
CA LYS A 48 11.11 -0.43 -11.64
C LYS A 48 10.05 -0.73 -10.59
N PRO A 49 10.43 -0.58 -9.31
CA PRO A 49 9.52 -0.83 -8.18
C PRO A 49 8.41 0.20 -8.08
N ALA A 50 7.27 -0.20 -7.53
CA ALA A 50 6.14 0.70 -7.37
C ALA A 50 5.29 0.30 -6.17
N GLU A 51 5.17 1.21 -5.21
CA GLU A 51 4.39 0.97 -4.01
C GLU A 51 3.44 2.13 -3.72
N PHE A 52 2.65 1.99 -2.67
CA PHE A 52 1.70 3.02 -2.28
C PHE A 52 1.50 3.06 -0.77
N THR A 53 0.72 4.02 -0.30
CA THR A 53 0.46 4.17 1.13
C THR A 53 -0.95 3.72 1.48
N ILE A 54 -1.06 2.71 2.34
CA ILE A 54 -2.35 2.20 2.75
C ILE A 54 -2.70 2.66 4.16
N ASP A 55 -3.92 3.14 4.34
CA ASP A 55 -4.38 3.61 5.65
C ASP A 55 -5.26 2.56 6.32
N THR A 56 -4.70 1.89 7.32
CA THR A 56 -5.42 0.87 8.06
C THR A 56 -5.66 1.28 9.50
N LYS A 57 -5.64 2.58 9.75
CA LYS A 57 -5.85 3.11 11.09
C LYS A 57 -7.28 2.86 11.57
N GLY A 58 -7.42 2.14 12.67
CA GLY A 58 -8.73 1.84 13.20
C GLY A 58 -9.50 0.86 12.34
N ALA A 59 -8.79 0.18 11.44
CA ALA A 59 -9.42 -0.79 10.55
C ALA A 59 -9.73 -2.09 11.29
N GLY A 60 -8.73 -2.63 11.97
CA GLY A 60 -8.93 -3.87 12.71
C GLY A 60 -7.77 -4.84 12.53
N THR A 61 -8.05 -6.12 12.73
CA THR A 61 -7.02 -7.15 12.61
C THR A 61 -7.57 -8.37 11.88
N GLY A 62 -6.89 -8.78 10.81
CA GLY A 62 -7.32 -9.93 10.04
C GLY A 62 -6.32 -10.32 8.97
N GLY A 63 -6.83 -10.68 7.79
CA GLY A 63 -5.96 -11.08 6.70
C GLY A 63 -6.27 -10.34 5.42
N LEU A 64 -5.27 -9.67 4.86
CA LEU A 64 -5.45 -8.92 3.61
C LEU A 64 -4.90 -9.71 2.42
N GLY A 65 -5.66 -9.72 1.34
CA GLY A 65 -5.24 -10.43 0.15
C GLY A 65 -4.96 -9.50 -1.02
N LEU A 66 -3.69 -9.38 -1.40
CA LEU A 66 -3.31 -8.52 -2.51
C LEU A 66 -2.92 -9.35 -3.73
N THR A 67 -3.70 -9.22 -4.80
CA THR A 67 -3.45 -9.96 -6.03
C THR A 67 -3.49 -9.03 -7.24
N VAL A 68 -2.42 -9.05 -8.03
CA VAL A 68 -2.34 -8.21 -9.23
C VAL A 68 -2.92 -8.93 -10.44
N GLU A 69 -4.08 -8.48 -10.90
CA GLU A 69 -4.73 -9.08 -12.06
C GLU A 69 -4.47 -8.25 -13.32
N GLY A 70 -3.25 -8.33 -13.82
CA GLY A 70 -2.89 -7.59 -15.02
C GLY A 70 -2.57 -8.50 -16.19
N PRO A 71 -1.86 -7.96 -17.19
CA PRO A 71 -1.48 -8.71 -18.39
C PRO A 71 -0.44 -9.79 -18.09
N CYS A 72 0.09 -9.78 -16.88
CA CYS A 72 1.10 -10.75 -16.46
C CYS A 72 1.24 -10.78 -14.94
N GLU A 73 1.71 -11.91 -14.42
CA GLU A 73 1.89 -12.07 -12.98
C GLU A 73 3.13 -11.31 -12.51
N ALA A 74 2.92 -10.24 -11.76
CA ALA A 74 4.02 -9.44 -11.24
C ALA A 74 4.23 -9.71 -9.75
N LYS A 75 5.50 -9.81 -9.36
CA LYS A 75 5.84 -10.06 -7.96
C LYS A 75 5.30 -8.96 -7.06
N ILE A 76 4.89 -9.34 -5.86
CA ILE A 76 4.34 -8.38 -4.90
C ILE A 76 4.94 -8.60 -3.51
N GLU A 77 5.70 -7.60 -3.04
CA GLU A 77 6.33 -7.68 -1.73
C GLU A 77 5.52 -6.92 -0.69
N CYS A 78 4.78 -7.63 0.15
CA CYS A 78 3.96 -7.02 1.18
C CYS A 78 4.76 -6.83 2.47
N SER A 79 4.85 -5.58 2.92
CA SER A 79 5.59 -5.26 4.13
C SER A 79 4.81 -4.28 5.01
N ASP A 80 4.95 -4.41 6.32
CA ASP A 80 4.27 -3.54 7.25
C ASP A 80 5.23 -2.51 7.84
N ASN A 81 4.68 -1.37 8.26
CA ASN A 81 5.49 -0.30 8.84
C ASN A 81 5.62 -0.48 10.35
N GLY A 82 4.49 -0.72 11.01
CA GLY A 82 4.49 -0.90 12.45
C GLY A 82 3.79 0.23 13.18
N ASP A 83 3.56 1.34 12.47
CA ASP A 83 2.90 2.50 13.05
C ASP A 83 1.41 2.49 12.74
N GLY A 84 1.02 1.65 11.78
CA GLY A 84 -0.38 1.56 11.40
C GLY A 84 -0.58 1.70 9.90
N THR A 85 0.49 1.51 9.14
CA THR A 85 0.44 1.61 7.70
C THR A 85 1.13 0.44 7.03
N CYS A 86 0.91 0.29 5.72
CA CYS A 86 1.52 -0.81 4.96
C CYS A 86 2.14 -0.29 3.67
N SER A 87 3.33 -0.76 3.36
CA SER A 87 4.03 -0.35 2.14
C SER A 87 4.28 -1.54 1.22
N VAL A 88 3.36 -1.77 0.29
CA VAL A 88 3.47 -2.87 -0.65
C VAL A 88 4.13 -2.41 -1.95
N SER A 89 5.14 -3.13 -2.39
CA SER A 89 5.85 -2.80 -3.62
C SER A 89 5.73 -3.93 -4.64
N TYR A 90 5.37 -3.58 -5.87
CA TYR A 90 5.22 -4.57 -6.93
C TYR A 90 6.12 -4.22 -8.12
N LEU A 91 6.63 -5.25 -8.78
CA LEU A 91 7.50 -5.06 -9.94
C LEU A 91 6.85 -5.63 -11.21
N PRO A 92 6.45 -4.73 -12.11
CA PRO A 92 5.81 -5.11 -13.38
C PRO A 92 6.79 -5.79 -14.33
N THR A 93 6.28 -6.26 -15.46
CA THR A 93 7.09 -6.94 -16.46
C THR A 93 6.90 -6.33 -17.84
N LYS A 94 5.66 -5.98 -18.16
CA LYS A 94 5.33 -5.38 -19.45
C LYS A 94 4.44 -4.15 -19.28
N PRO A 95 4.53 -3.22 -20.23
CA PRO A 95 3.73 -1.99 -20.20
C PRO A 95 2.25 -2.24 -20.45
N GLY A 96 1.40 -1.67 -19.60
CA GLY A 96 -0.03 -1.85 -19.74
C GLY A 96 -0.81 -1.30 -18.58
N GLU A 97 -1.51 -2.17 -17.86
CA GLU A 97 -2.29 -1.76 -16.70
C GLU A 97 -2.51 -2.92 -15.73
N TYR A 98 -1.97 -2.77 -14.53
CA TYR A 98 -2.10 -3.80 -13.50
C TYR A 98 -3.19 -3.46 -12.50
N PHE A 99 -4.07 -4.41 -12.25
CA PHE A 99 -5.17 -4.22 -11.30
C PHE A 99 -4.84 -4.82 -9.95
N VAL A 100 -4.64 -3.96 -8.96
CA VAL A 100 -4.32 -4.39 -7.61
C VAL A 100 -5.59 -4.72 -6.83
N ASN A 101 -5.82 -6.01 -6.58
CA ASN A 101 -6.99 -6.45 -5.84
C ASN A 101 -6.76 -6.34 -4.34
N ILE A 102 -7.39 -5.35 -3.72
CA ILE A 102 -7.25 -5.13 -2.29
C ILE A 102 -8.51 -5.57 -1.54
N LEU A 103 -8.40 -6.65 -0.79
CA LEU A 103 -9.53 -7.17 -0.02
C LEU A 103 -9.12 -7.49 1.40
N PHE A 104 -9.91 -7.03 2.36
CA PHE A 104 -9.62 -7.27 3.78
C PHE A 104 -10.55 -8.35 4.34
N GLU A 105 -9.97 -9.48 4.72
CA GLU A 105 -10.73 -10.59 5.28
C GLU A 105 -11.78 -11.07 4.29
N GLU A 106 -11.40 -11.15 3.02
CA GLU A 106 -12.30 -11.60 1.97
C GLU A 106 -13.35 -10.53 1.66
N VAL A 107 -12.96 -9.27 1.84
CA VAL A 107 -13.85 -8.15 1.57
C VAL A 107 -13.17 -7.10 0.70
N HIS A 108 -13.69 -6.90 -0.50
CA HIS A 108 -13.14 -5.94 -1.43
C HIS A 108 -13.31 -4.52 -0.90
N ILE A 109 -12.20 -3.83 -0.66
CA ILE A 109 -12.23 -2.47 -0.15
C ILE A 109 -12.82 -1.51 -1.18
N PRO A 110 -13.43 -0.42 -0.67
CA PRO A 110 -14.05 0.60 -1.53
C PRO A 110 -13.02 1.40 -2.31
N GLY A 111 -12.60 0.89 -3.46
CA GLY A 111 -11.61 1.57 -4.28
C GLY A 111 -10.78 0.62 -5.10
N SER A 112 -10.89 -0.67 -4.80
CA SER A 112 -10.12 -1.68 -5.52
C SER A 112 -11.02 -2.45 -6.48
N PRO A 113 -10.41 -3.02 -7.54
CA PRO A 113 -8.96 -2.92 -7.77
C PRO A 113 -8.54 -1.51 -8.15
N PHE A 114 -7.23 -1.29 -8.23
CA PHE A 114 -6.69 0.01 -8.59
C PHE A 114 -5.84 -0.08 -9.85
N LYS A 115 -6.44 0.25 -10.99
CA LYS A 115 -5.75 0.21 -12.27
C LYS A 115 -4.55 1.16 -12.28
N ALA A 116 -3.36 0.60 -12.48
CA ALA A 116 -2.14 1.40 -12.51
C ALA A 116 -1.51 1.40 -13.90
N ASP A 117 -1.59 2.54 -14.58
CA ASP A 117 -1.02 2.68 -15.91
C ASP A 117 0.50 2.67 -15.87
N ILE A 118 1.10 1.61 -16.42
CA ILE A 118 2.55 1.49 -16.42
C ILE A 118 3.12 1.93 -17.78
N GLU A 119 4.12 2.80 -17.73
CA GLU A 119 4.75 3.30 -18.95
C GLU A 119 6.16 2.72 -19.11
N MET A 120 6.68 2.77 -20.33
CA MET A 120 8.01 2.26 -20.61
C MET A 120 9.08 3.20 -20.09
N PRO A 121 10.13 2.65 -19.48
CA PRO A 121 11.24 3.43 -18.92
C PRO A 121 12.10 4.07 -20.01
N PHE A 122 12.92 5.04 -19.61
CA PHE A 122 13.80 5.72 -20.56
C PHE A 122 15.21 5.15 -20.51
N ASP A 123 15.82 4.99 -21.68
CA ASP A 123 17.17 4.45 -21.78
C ASP A 123 18.18 5.56 -22.02
N PRO A 124 19.35 5.45 -21.37
CA PRO A 124 20.42 6.45 -21.51
C PRO A 124 21.07 6.41 -22.89
N SER A 125 20.68 5.43 -23.70
CA SER A 125 21.22 5.29 -25.05
C SER A 125 20.59 6.29 -26.01
N SER A 126 21.41 7.18 -26.56
CA SER A 126 20.93 8.19 -27.48
C SER A 126 22.03 8.58 -28.48
N GLY A 127 21.62 8.85 -29.72
CA GLY A 127 22.58 9.22 -30.74
C GLY A 127 22.28 10.60 -31.33
N PRO A 128 23.07 10.99 -32.34
CA PRO A 128 22.91 12.28 -33.01
C PRO A 128 21.64 12.35 -33.84
N SER A 129 21.02 11.20 -34.05
CA SER A 129 19.79 11.13 -34.84
C SER A 129 18.65 11.86 -34.15
N SER A 130 17.72 12.38 -34.93
CA SER A 130 16.58 13.11 -34.39
C SER A 130 15.44 12.16 -34.02
N GLY A 131 15.04 11.33 -34.99
CA GLY A 131 13.96 10.38 -34.75
C GLY A 131 14.29 8.99 -35.29
N GLY A 1 -45.82 -23.51 56.28
CA GLY A 1 -44.65 -22.66 56.48
C GLY A 1 -44.79 -21.32 55.79
N SER A 2 -44.03 -20.34 56.27
CA SER A 2 -44.08 -18.99 55.69
C SER A 2 -42.86 -18.18 56.13
N SER A 3 -42.08 -17.73 55.16
CA SER A 3 -40.89 -16.94 55.44
C SER A 3 -40.47 -16.13 54.22
N GLY A 4 -39.47 -15.27 54.40
CA GLY A 4 -39.00 -14.44 53.30
C GLY A 4 -38.29 -13.19 53.79
N SER A 5 -38.43 -12.10 53.03
CA SER A 5 -37.80 -10.84 53.39
C SER A 5 -36.28 -10.95 53.32
N SER A 6 -35.78 -11.61 52.27
CA SER A 6 -34.36 -11.81 52.10
C SER A 6 -33.76 -10.69 51.23
N GLY A 7 -32.47 -10.43 51.42
CA GLY A 7 -31.81 -9.39 50.65
C GLY A 7 -31.25 -8.29 51.53
N ASP A 8 -30.87 -7.18 50.91
CA ASP A 8 -30.32 -6.05 51.65
C ASP A 8 -30.32 -4.78 50.79
N VAL A 9 -30.32 -3.63 51.45
CA VAL A 9 -30.33 -2.35 50.75
C VAL A 9 -28.91 -1.84 50.52
N THR A 10 -28.55 -1.63 49.25
CA THR A 10 -27.22 -1.13 48.92
C THR A 10 -27.29 -0.10 47.81
N TYR A 11 -26.39 0.87 47.86
CA TYR A 11 -26.35 1.94 46.85
C TYR A 11 -25.35 1.60 45.75
N ASP A 12 -25.63 2.09 44.54
CA ASP A 12 -24.76 1.85 43.40
C ASP A 12 -24.44 3.14 42.68
N GLY A 13 -25.48 3.91 42.36
CA GLY A 13 -25.29 5.17 41.68
C GLY A 13 -25.50 5.05 40.18
N HIS A 14 -26.10 6.07 39.58
CA HIS A 14 -26.36 6.07 38.14
C HIS A 14 -25.08 5.77 37.36
N PRO A 15 -25.23 5.04 36.24
CA PRO A 15 -24.11 4.66 35.39
C PRO A 15 -23.52 5.85 34.64
N VAL A 16 -22.29 6.21 34.99
CA VAL A 16 -21.62 7.34 34.36
C VAL A 16 -21.73 7.26 32.84
N PRO A 17 -21.86 8.43 32.19
CA PRO A 17 -21.97 8.51 30.73
C PRO A 17 -20.66 8.14 30.02
N GLY A 18 -19.62 7.91 30.81
CA GLY A 18 -18.33 7.56 30.24
C GLY A 18 -17.65 6.45 31.01
N SER A 19 -17.84 5.22 30.56
CA SER A 19 -17.25 4.05 31.22
C SER A 19 -16.10 3.50 30.39
N PRO A 20 -14.89 4.04 30.61
CA PRO A 20 -13.69 3.62 29.89
C PRO A 20 -13.23 2.21 30.30
N TYR A 21 -14.00 1.58 31.18
CA TYR A 21 -13.68 0.24 31.65
C TYR A 21 -14.14 -0.82 30.66
N THR A 22 -13.97 -0.53 29.37
CA THR A 22 -14.38 -1.45 28.32
C THR A 22 -13.18 -1.91 27.50
N VAL A 23 -12.82 -3.19 27.64
CA VAL A 23 -11.69 -3.75 26.91
C VAL A 23 -11.91 -3.65 25.40
N GLU A 24 -10.97 -3.02 24.71
CA GLU A 24 -11.05 -2.86 23.27
C GLU A 24 -10.01 -3.72 22.56
N ALA A 25 -9.83 -4.94 23.06
CA ALA A 25 -8.86 -5.87 22.47
C ALA A 25 -9.52 -6.73 21.40
N SER A 26 -10.50 -6.17 20.71
CA SER A 26 -11.21 -6.90 19.66
C SER A 26 -12.15 -5.97 18.90
N LEU A 27 -11.98 -5.91 17.59
CA LEU A 27 -12.82 -5.06 16.74
C LEU A 27 -13.06 -5.72 15.38
N PRO A 28 -14.26 -5.48 14.82
CA PRO A 28 -14.65 -6.03 13.52
C PRO A 28 -13.87 -5.40 12.36
N PRO A 29 -13.62 -6.20 11.32
CA PRO A 29 -12.89 -5.73 10.13
C PRO A 29 -13.69 -4.72 9.31
N ASP A 30 -13.20 -3.49 9.28
CA ASP A 30 -13.87 -2.43 8.53
C ASP A 30 -13.11 -2.09 7.26
N PRO A 31 -13.44 -2.80 6.17
CA PRO A 31 -12.79 -2.60 4.86
C PRO A 31 -13.15 -1.26 4.23
N SER A 32 -14.29 -0.70 4.67
CA SER A 32 -14.74 0.58 4.14
C SER A 32 -13.87 1.72 4.64
N LYS A 33 -12.91 1.39 5.50
CA LYS A 33 -12.00 2.39 6.05
C LYS A 33 -10.62 2.29 5.40
N VAL A 34 -10.29 1.11 4.89
CA VAL A 34 -9.01 0.90 4.24
C VAL A 34 -8.82 1.86 3.07
N LYS A 35 -7.97 2.86 3.27
CA LYS A 35 -7.70 3.84 2.23
C LYS A 35 -6.33 3.59 1.58
N ALA A 36 -6.34 3.42 0.26
CA ALA A 36 -5.12 3.16 -0.48
C ALA A 36 -4.75 4.36 -1.36
N HIS A 37 -3.60 4.96 -1.08
CA HIS A 37 -3.13 6.11 -1.84
C HIS A 37 -1.62 6.07 -2.01
N GLY A 38 -1.16 6.22 -3.26
CA GLY A 38 0.27 6.21 -3.53
C GLY A 38 0.57 6.26 -5.01
N PRO A 39 1.86 6.37 -5.35
CA PRO A 39 2.31 6.44 -6.75
C PRO A 39 2.13 5.11 -7.48
N GLY A 40 2.21 4.01 -6.73
CA GLY A 40 2.05 2.70 -7.33
C GLY A 40 0.63 2.42 -7.77
N LEU A 41 -0.31 3.23 -7.27
CA LEU A 41 -1.72 3.07 -7.62
C LEU A 41 -2.03 3.77 -8.95
N GLU A 42 -1.58 5.01 -9.07
CA GLU A 42 -1.82 5.79 -10.28
C GLU A 42 -1.07 5.18 -11.46
N GLY A 43 0.07 4.54 -11.18
CA GLY A 43 0.86 3.93 -12.22
C GLY A 43 2.31 3.74 -11.82
N GLY A 44 3.15 3.39 -12.79
CA GLY A 44 4.56 3.19 -12.50
C GLY A 44 5.38 3.03 -13.77
N LEU A 45 6.41 2.19 -13.70
CA LEU A 45 7.27 1.94 -14.85
C LEU A 45 7.68 0.47 -14.92
N VAL A 46 7.92 -0.01 -16.13
CA VAL A 46 8.33 -1.40 -16.33
C VAL A 46 9.68 -1.67 -15.69
N GLY A 47 9.84 -2.88 -15.16
CA GLY A 47 11.09 -3.25 -14.51
C GLY A 47 11.49 -2.28 -13.43
N LYS A 48 10.54 -1.50 -12.95
CA LYS A 48 10.79 -0.52 -11.90
C LYS A 48 9.88 -0.76 -10.69
N PRO A 49 10.41 -0.48 -9.49
CA PRO A 49 9.67 -0.65 -8.24
C PRO A 49 8.54 0.36 -8.10
N ALA A 50 7.40 -0.10 -7.59
CA ALA A 50 6.24 0.77 -7.40
C ALA A 50 5.44 0.34 -6.17
N GLU A 51 5.41 1.22 -5.18
CA GLU A 51 4.67 0.94 -3.95
C GLU A 51 3.73 2.09 -3.59
N PHE A 52 2.91 1.89 -2.57
CA PHE A 52 1.97 2.91 -2.13
C PHE A 52 1.79 2.88 -0.62
N THR A 53 0.98 3.80 -0.10
CA THR A 53 0.73 3.87 1.33
C THR A 53 -0.70 3.44 1.66
N ILE A 54 -0.82 2.47 2.56
CA ILE A 54 -2.13 1.97 2.97
C ILE A 54 -2.43 2.33 4.42
N ASP A 55 -3.62 2.88 4.65
CA ASP A 55 -4.03 3.26 5.99
C ASP A 55 -5.06 2.28 6.55
N THR A 56 -4.64 1.52 7.57
CA THR A 56 -5.52 0.53 8.20
C THR A 56 -5.76 0.87 9.67
N LYS A 57 -5.74 2.16 9.99
CA LYS A 57 -5.96 2.61 11.35
C LYS A 57 -7.46 2.70 11.66
N GLY A 58 -7.92 1.84 12.55
CA GLY A 58 -9.32 1.84 12.93
C GLY A 58 -10.09 0.70 12.29
N ALA A 59 -9.72 0.34 11.07
CA ALA A 59 -10.38 -0.75 10.35
C ALA A 59 -10.73 -1.90 11.29
N GLY A 60 -9.73 -2.38 12.02
CA GLY A 60 -9.95 -3.48 12.96
C GLY A 60 -8.78 -4.44 13.01
N THR A 61 -9.06 -5.72 12.77
CA THR A 61 -8.02 -6.74 12.79
C THR A 61 -8.43 -7.95 11.97
N GLY A 62 -7.59 -8.32 11.01
CA GLY A 62 -7.89 -9.47 10.17
C GLY A 62 -6.81 -9.71 9.13
N GLY A 63 -7.23 -10.12 7.93
CA GLY A 63 -6.28 -10.39 6.87
C GLY A 63 -6.56 -9.56 5.62
N LEU A 64 -5.55 -9.39 4.78
CA LEU A 64 -5.68 -8.62 3.55
C LEU A 64 -5.09 -9.37 2.37
N GLY A 65 -5.86 -9.45 1.29
CA GLY A 65 -5.40 -10.14 0.10
C GLY A 65 -5.02 -9.19 -1.02
N LEU A 66 -3.80 -9.32 -1.53
CA LEU A 66 -3.31 -8.46 -2.61
C LEU A 66 -2.88 -9.29 -3.80
N THR A 67 -3.59 -9.14 -4.91
CA THR A 67 -3.26 -9.88 -6.13
C THR A 67 -3.29 -8.96 -7.35
N VAL A 68 -2.21 -8.96 -8.11
CA VAL A 68 -2.10 -8.14 -9.30
C VAL A 68 -2.67 -8.85 -10.52
N GLU A 69 -3.88 -8.48 -10.91
CA GLU A 69 -4.53 -9.08 -12.07
C GLU A 69 -4.24 -8.29 -13.35
N GLY A 70 -3.08 -8.56 -13.95
CA GLY A 70 -2.70 -7.87 -15.16
C GLY A 70 -2.34 -8.82 -16.29
N PRO A 71 -1.69 -8.29 -17.33
CA PRO A 71 -1.27 -9.09 -18.48
C PRO A 71 -0.14 -10.06 -18.15
N CYS A 72 0.42 -9.92 -16.95
CA CYS A 72 1.50 -10.80 -16.51
C CYS A 72 1.55 -10.86 -14.99
N GLU A 73 2.21 -11.89 -14.47
CA GLU A 73 2.33 -12.08 -13.03
C GLU A 73 3.51 -11.28 -12.47
N ALA A 74 3.19 -10.13 -11.88
CA ALA A 74 4.22 -9.27 -11.30
C ALA A 74 4.43 -9.57 -9.81
N LYS A 75 5.68 -9.59 -9.39
CA LYS A 75 6.02 -9.87 -8.00
C LYS A 75 5.39 -8.83 -7.07
N ILE A 76 5.07 -9.26 -5.86
CA ILE A 76 4.47 -8.35 -4.87
C ILE A 76 5.14 -8.50 -3.51
N GLU A 77 5.76 -7.42 -3.05
CA GLU A 77 6.44 -7.43 -1.76
C GLU A 77 5.67 -6.62 -0.73
N CYS A 78 5.01 -7.31 0.19
CA CYS A 78 4.22 -6.65 1.24
C CYS A 78 4.99 -6.62 2.55
N SER A 79 5.31 -5.42 3.02
CA SER A 79 6.04 -5.26 4.26
C SER A 79 5.41 -4.17 5.13
N ASP A 80 5.20 -4.48 6.41
CA ASP A 80 4.61 -3.53 7.34
C ASP A 80 5.61 -2.44 7.71
N ASN A 81 5.09 -1.27 8.09
CA ASN A 81 5.93 -0.15 8.47
C ASN A 81 6.28 -0.21 9.95
N GLY A 82 5.29 -0.52 10.78
CA GLY A 82 5.52 -0.60 12.21
C GLY A 82 4.74 0.45 12.98
N ASP A 83 4.31 1.49 12.29
CA ASP A 83 3.55 2.57 12.92
C ASP A 83 2.05 2.33 12.78
N GLY A 84 1.67 1.44 11.86
CA GLY A 84 0.28 1.14 11.64
C GLY A 84 -0.12 1.23 10.18
N THR A 85 0.85 1.04 9.30
CA THR A 85 0.61 1.09 7.86
C THR A 85 1.29 -0.06 7.14
N CYS A 86 1.18 -0.08 5.82
CA CYS A 86 1.78 -1.13 5.01
C CYS A 86 2.34 -0.57 3.71
N SER A 87 3.59 -0.88 3.41
CA SER A 87 4.24 -0.40 2.19
C SER A 87 4.55 -1.56 1.26
N VAL A 88 3.62 -1.84 0.35
CA VAL A 88 3.79 -2.92 -0.63
C VAL A 88 4.45 -2.41 -1.90
N SER A 89 5.41 -3.19 -2.40
CA SER A 89 6.13 -2.81 -3.62
C SER A 89 6.03 -3.92 -4.67
N TYR A 90 5.60 -3.54 -5.87
CA TYR A 90 5.46 -4.51 -6.96
C TYR A 90 6.38 -4.15 -8.11
N LEU A 91 6.71 -5.15 -8.94
CA LEU A 91 7.58 -4.95 -10.08
C LEU A 91 6.98 -5.57 -11.34
N PRO A 92 6.43 -4.71 -12.22
CA PRO A 92 5.81 -5.14 -13.47
C PRO A 92 6.84 -5.66 -14.47
N THR A 93 6.37 -6.41 -15.46
CA THR A 93 7.24 -6.97 -16.49
C THR A 93 7.03 -6.27 -17.83
N LYS A 94 5.78 -6.02 -18.17
CA LYS A 94 5.44 -5.36 -19.42
C LYS A 94 4.53 -4.17 -19.18
N PRO A 95 4.67 -3.13 -20.03
CA PRO A 95 3.86 -1.91 -19.93
C PRO A 95 2.40 -2.15 -20.31
N GLY A 96 1.49 -1.79 -19.41
CA GLY A 96 0.07 -1.98 -19.67
C GLY A 96 -0.79 -1.48 -18.54
N GLU A 97 -1.49 -2.40 -17.87
CA GLU A 97 -2.36 -2.06 -16.76
C GLU A 97 -2.37 -3.16 -15.71
N TYR A 98 -2.07 -2.79 -14.47
CA TYR A 98 -2.05 -3.74 -13.37
C TYR A 98 -3.16 -3.44 -12.36
N PHE A 99 -4.13 -4.35 -12.27
CA PHE A 99 -5.24 -4.19 -11.35
C PHE A 99 -4.92 -4.80 -9.99
N VAL A 100 -4.72 -3.94 -8.99
CA VAL A 100 -4.40 -4.39 -7.65
C VAL A 100 -5.67 -4.73 -6.86
N ASN A 101 -5.93 -6.02 -6.70
CA ASN A 101 -7.12 -6.48 -5.97
C ASN A 101 -6.89 -6.40 -4.47
N ILE A 102 -7.53 -5.41 -3.83
CA ILE A 102 -7.40 -5.23 -2.40
C ILE A 102 -8.68 -5.63 -1.67
N LEU A 103 -8.61 -6.70 -0.91
CA LEU A 103 -9.76 -7.20 -0.16
C LEU A 103 -9.38 -7.51 1.28
N PHE A 104 -10.19 -7.01 2.22
CA PHE A 104 -9.94 -7.23 3.64
C PHE A 104 -10.87 -8.31 4.19
N GLU A 105 -10.29 -9.44 4.59
CA GLU A 105 -11.06 -10.54 5.13
C GLU A 105 -12.07 -11.06 4.10
N GLU A 106 -11.61 -11.19 2.86
CA GLU A 106 -12.46 -11.67 1.78
C GLU A 106 -13.51 -10.63 1.40
N VAL A 107 -13.19 -9.36 1.61
CA VAL A 107 -14.09 -8.27 1.29
C VAL A 107 -13.39 -7.20 0.46
N HIS A 108 -13.83 -7.04 -0.79
CA HIS A 108 -13.25 -6.05 -1.68
C HIS A 108 -13.48 -4.64 -1.16
N ILE A 109 -12.38 -3.92 -0.92
CA ILE A 109 -12.47 -2.55 -0.42
C ILE A 109 -13.02 -1.62 -1.47
N PRO A 110 -13.68 -0.53 -1.02
CA PRO A 110 -14.26 0.48 -1.92
C PRO A 110 -13.19 1.30 -2.64
N GLY A 111 -12.70 0.77 -3.75
CA GLY A 111 -11.68 1.46 -4.51
C GLY A 111 -10.82 0.52 -5.34
N SER A 112 -10.91 -0.77 -5.05
CA SER A 112 -10.14 -1.78 -5.76
C SER A 112 -11.03 -2.56 -6.73
N PRO A 113 -10.41 -3.12 -7.78
CA PRO A 113 -8.97 -2.99 -8.00
C PRO A 113 -8.56 -1.58 -8.40
N PHE A 114 -7.30 -1.24 -8.15
CA PHE A 114 -6.79 0.08 -8.47
C PHE A 114 -5.99 0.06 -9.77
N LYS A 115 -6.61 0.58 -10.83
CA LYS A 115 -5.96 0.61 -12.14
C LYS A 115 -4.69 1.47 -12.10
N ALA A 116 -3.57 0.85 -12.42
CA ALA A 116 -2.28 1.57 -12.43
C ALA A 116 -1.67 1.57 -13.81
N ASP A 117 -1.59 2.75 -14.42
CA ASP A 117 -1.02 2.89 -15.75
C ASP A 117 0.51 2.86 -15.70
N ILE A 118 1.10 1.82 -16.28
CA ILE A 118 2.55 1.67 -16.29
C ILE A 118 3.14 2.16 -17.62
N GLU A 119 4.07 3.10 -17.53
CA GLU A 119 4.71 3.65 -18.72
C GLU A 119 6.15 3.14 -18.85
N MET A 120 6.74 3.35 -20.02
CA MET A 120 8.11 2.91 -20.27
C MET A 120 9.11 3.87 -19.64
N PRO A 121 10.15 3.31 -19.00
CA PRO A 121 11.20 4.11 -18.34
C PRO A 121 12.08 4.84 -19.35
N PHE A 122 12.69 5.94 -18.91
CA PHE A 122 13.57 6.72 -19.77
C PHE A 122 14.94 6.08 -19.87
N ASP A 123 15.38 5.79 -21.10
CA ASP A 123 16.67 5.19 -21.33
C ASP A 123 17.65 6.19 -21.93
N PRO A 124 18.27 7.00 -21.06
CA PRO A 124 19.24 8.02 -21.47
C PRO A 124 20.54 7.41 -21.99
N SER A 125 21.52 8.27 -22.25
CA SER A 125 22.82 7.81 -22.75
C SER A 125 23.85 8.93 -22.65
N SER A 126 25.12 8.58 -22.90
CA SER A 126 26.20 9.54 -22.83
C SER A 126 26.23 10.23 -21.47
N GLY A 127 26.08 9.45 -20.41
CA GLY A 127 26.10 10.01 -19.07
C GLY A 127 27.51 10.25 -18.55
N PRO A 128 27.67 11.31 -17.75
CA PRO A 128 28.96 11.67 -17.18
C PRO A 128 29.44 10.68 -16.12
N SER A 129 28.52 10.30 -15.22
CA SER A 129 28.84 9.37 -14.16
C SER A 129 29.62 8.16 -14.70
N SER A 130 30.13 7.34 -13.79
CA SER A 130 30.89 6.16 -14.19
C SER A 130 29.99 5.10 -14.79
N GLY A 131 28.74 5.06 -14.32
CA GLY A 131 27.79 4.08 -14.83
C GLY A 131 27.51 2.98 -13.83
N GLY A 1 -12.61 15.61 -24.92
CA GLY A 1 -12.01 15.02 -23.74
C GLY A 1 -11.77 16.03 -22.64
N SER A 2 -12.82 16.33 -21.88
CA SER A 2 -12.71 17.30 -20.79
C SER A 2 -12.06 16.66 -19.56
N SER A 3 -10.74 16.77 -19.49
CA SER A 3 -9.98 16.20 -18.38
C SER A 3 -9.04 17.25 -17.77
N GLY A 4 -8.60 16.99 -16.56
CA GLY A 4 -7.70 17.91 -15.88
C GLY A 4 -7.02 17.29 -14.68
N SER A 5 -5.74 17.61 -14.49
CA SER A 5 -4.96 17.07 -13.38
C SER A 5 -5.02 18.01 -12.18
N SER A 6 -6.21 18.51 -11.88
CA SER A 6 -6.40 19.42 -10.75
C SER A 6 -5.55 19.00 -9.57
N GLY A 7 -5.82 17.80 -9.05
CA GLY A 7 -5.07 17.29 -7.91
C GLY A 7 -5.55 17.89 -6.60
N ASP A 8 -5.36 17.13 -5.52
CA ASP A 8 -5.77 17.60 -4.19
C ASP A 8 -4.81 17.11 -3.13
N VAL A 9 -4.08 18.04 -2.51
CA VAL A 9 -3.12 17.70 -1.47
C VAL A 9 -3.76 17.80 -0.09
N THR A 10 -3.61 16.73 0.69
CA THR A 10 -4.17 16.70 2.05
C THR A 10 -3.19 16.06 3.02
N TYR A 11 -3.14 16.60 4.24
CA TYR A 11 -2.25 16.08 5.27
C TYR A 11 -2.81 16.35 6.67
N ASP A 12 -2.76 15.33 7.52
CA ASP A 12 -3.26 15.45 8.88
C ASP A 12 -2.84 14.26 9.73
N GLY A 13 -2.08 14.52 10.78
CA GLY A 13 -1.63 13.46 11.66
C GLY A 13 -2.03 13.67 13.10
N HIS A 14 -2.94 12.84 13.59
CA HIS A 14 -3.42 12.95 14.96
C HIS A 14 -2.26 12.78 15.95
N PRO A 15 -2.32 13.54 17.06
CA PRO A 15 -1.29 13.49 18.10
C PRO A 15 -1.30 12.18 18.87
N VAL A 16 -0.14 11.80 19.40
CA VAL A 16 -0.01 10.56 20.15
C VAL A 16 -0.95 10.55 21.35
N PRO A 17 -1.51 9.37 21.67
CA PRO A 17 -2.42 9.20 22.80
C PRO A 17 -1.73 9.34 24.15
N GLY A 18 -2.49 9.21 25.22
CA GLY A 18 -1.93 9.33 26.55
C GLY A 18 -0.74 8.41 26.76
N SER A 19 -0.99 7.10 26.71
CA SER A 19 0.08 6.12 26.91
C SER A 19 -0.03 5.00 25.87
N PRO A 20 1.12 4.65 25.26
CA PRO A 20 1.18 3.60 24.24
C PRO A 20 0.95 2.21 24.83
N TYR A 21 0.73 2.15 26.14
CA TYR A 21 0.50 0.89 26.83
C TYR A 21 -0.97 0.46 26.70
N THR A 22 -1.55 0.70 25.54
CA THR A 22 -2.94 0.33 25.29
C THR A 22 -3.04 -0.73 24.20
N VAL A 23 -3.63 -1.87 24.54
CA VAL A 23 -3.79 -2.97 23.59
C VAL A 23 -4.98 -2.72 22.68
N GLU A 24 -4.76 -1.92 21.63
CA GLU A 24 -5.81 -1.62 20.67
C GLU A 24 -5.87 -2.66 19.56
N ALA A 25 -5.62 -3.91 19.92
CA ALA A 25 -5.65 -5.01 18.96
C ALA A 25 -6.90 -5.86 19.14
N SER A 26 -7.99 -5.23 19.59
CA SER A 26 -9.24 -5.94 19.81
C SER A 26 -10.40 -5.20 19.13
N LEU A 27 -10.29 -5.03 17.82
CA LEU A 27 -11.33 -4.34 17.06
C LEU A 27 -11.69 -5.12 15.79
N PRO A 28 -12.93 -4.99 15.34
CA PRO A 28 -13.43 -5.67 14.14
C PRO A 28 -12.81 -5.11 12.86
N PRO A 29 -12.68 -5.96 11.84
CA PRO A 29 -12.10 -5.58 10.55
C PRO A 29 -13.00 -4.63 9.77
N ASP A 30 -12.52 -3.40 9.57
CA ASP A 30 -13.28 -2.40 8.83
C ASP A 30 -12.62 -2.08 7.50
N PRO A 31 -13.07 -2.77 6.44
CA PRO A 31 -12.52 -2.57 5.08
C PRO A 31 -12.92 -1.22 4.49
N SER A 32 -14.08 -0.71 4.90
CA SER A 32 -14.57 0.57 4.42
C SER A 32 -13.63 1.70 4.85
N LYS A 33 -12.91 1.49 5.94
CA LYS A 33 -11.98 2.49 6.46
C LYS A 33 -10.62 2.37 5.78
N VAL A 34 -10.33 1.19 5.22
CA VAL A 34 -9.08 0.95 4.54
C VAL A 34 -8.97 1.79 3.27
N LYS A 35 -8.06 2.76 3.28
CA LYS A 35 -7.85 3.63 2.13
C LYS A 35 -6.56 3.27 1.40
N ALA A 36 -6.56 3.46 0.08
CA ALA A 36 -5.39 3.17 -0.73
C ALA A 36 -4.99 4.37 -1.58
N HIS A 37 -3.92 5.04 -1.18
CA HIS A 37 -3.44 6.21 -1.91
C HIS A 37 -1.92 6.14 -2.11
N GLY A 38 -1.48 6.47 -3.32
CA GLY A 38 -0.06 6.43 -3.62
C GLY A 38 0.22 6.31 -5.11
N PRO A 39 1.51 6.34 -5.47
CA PRO A 39 1.93 6.24 -6.87
C PRO A 39 1.71 4.84 -7.45
N GLY A 40 2.04 3.82 -6.66
CA GLY A 40 1.86 2.45 -7.10
C GLY A 40 0.47 2.20 -7.65
N LEU A 41 -0.50 3.00 -7.22
CA LEU A 41 -1.88 2.86 -7.66
C LEU A 41 -2.07 3.49 -9.03
N GLU A 42 -1.61 4.73 -9.18
CA GLU A 42 -1.73 5.45 -10.44
C GLU A 42 -0.92 4.77 -11.54
N GLY A 43 0.25 4.25 -11.17
CA GLY A 43 1.10 3.58 -12.13
C GLY A 43 2.56 3.67 -11.78
N GLY A 44 3.43 3.26 -12.70
CA GLY A 44 4.86 3.30 -12.46
C GLY A 44 5.66 3.18 -13.73
N LEU A 45 6.78 2.45 -13.66
CA LEU A 45 7.65 2.26 -14.81
C LEU A 45 8.12 0.81 -14.91
N VAL A 46 8.21 0.30 -16.12
CA VAL A 46 8.67 -1.07 -16.34
C VAL A 46 10.08 -1.28 -15.82
N GLY A 47 10.29 -2.40 -15.14
CA GLY A 47 11.61 -2.69 -14.60
C GLY A 47 11.89 -1.95 -13.31
N LYS A 48 11.04 -0.98 -13.00
CA LYS A 48 11.20 -0.20 -11.77
C LYS A 48 10.14 -0.57 -10.75
N PRO A 49 10.52 -0.53 -9.47
CA PRO A 49 9.61 -0.86 -8.35
C PRO A 49 8.53 0.19 -8.16
N ALA A 50 7.41 -0.23 -7.57
CA ALA A 50 6.30 0.68 -7.33
C ALA A 50 5.48 0.23 -6.13
N GLU A 51 5.24 1.15 -5.19
CA GLU A 51 4.47 0.85 -3.99
C GLU A 51 3.50 1.98 -3.67
N PHE A 52 2.69 1.78 -2.64
CA PHE A 52 1.70 2.77 -2.22
C PHE A 52 1.51 2.75 -0.71
N THR A 53 0.68 3.66 -0.22
CA THR A 53 0.39 3.74 1.22
C THR A 53 -1.04 3.33 1.51
N ILE A 54 -1.21 2.39 2.44
CA ILE A 54 -2.53 1.91 2.82
C ILE A 54 -2.82 2.24 4.28
N ASP A 55 -3.99 2.82 4.52
CA ASP A 55 -4.40 3.18 5.88
C ASP A 55 -5.21 2.06 6.51
N THR A 56 -4.62 1.39 7.49
CA THR A 56 -5.28 0.29 8.18
C THR A 56 -5.17 0.45 9.70
N LYS A 57 -5.02 1.68 10.15
CA LYS A 57 -4.90 1.97 11.58
C LYS A 57 -6.28 1.99 12.23
N GLY A 58 -7.22 2.67 11.61
CA GLY A 58 -8.57 2.75 12.15
C GLY A 58 -9.50 1.73 11.54
N ALA A 59 -8.93 0.70 10.92
CA ALA A 59 -9.72 -0.35 10.29
C ALA A 59 -10.01 -1.48 11.26
N GLY A 60 -9.00 -1.86 12.06
CA GLY A 60 -9.17 -2.93 13.02
C GLY A 60 -8.02 -3.91 13.02
N THR A 61 -8.34 -5.20 12.98
CA THR A 61 -7.32 -6.24 12.97
C THR A 61 -7.76 -7.43 12.14
N GLY A 62 -6.99 -7.73 11.09
CA GLY A 62 -7.32 -8.86 10.23
C GLY A 62 -6.29 -9.06 9.14
N GLY A 63 -6.67 -9.79 8.09
CA GLY A 63 -5.76 -10.05 6.99
C GLY A 63 -6.22 -9.40 5.71
N LEU A 64 -5.25 -9.08 4.84
CA LEU A 64 -5.55 -8.44 3.57
C LEU A 64 -5.01 -9.27 2.40
N GLY A 65 -5.84 -9.46 1.39
CA GLY A 65 -5.44 -10.23 0.23
C GLY A 65 -5.16 -9.36 -0.97
N LEU A 66 -3.89 -9.29 -1.37
CA LEU A 66 -3.50 -8.47 -2.51
C LEU A 66 -3.08 -9.36 -3.68
N THR A 67 -3.71 -9.15 -4.84
CA THR A 67 -3.40 -9.92 -6.03
C THR A 67 -3.43 -9.04 -7.28
N VAL A 68 -2.34 -9.07 -8.04
CA VAL A 68 -2.25 -8.27 -9.25
C VAL A 68 -2.88 -9.00 -10.43
N GLU A 69 -4.03 -8.51 -10.88
CA GLU A 69 -4.75 -9.11 -12.00
C GLU A 69 -4.34 -8.46 -13.32
N GLY A 70 -3.06 -8.62 -13.69
CA GLY A 70 -2.58 -8.03 -14.92
C GLY A 70 -2.35 -9.08 -16.00
N PRO A 71 -1.90 -8.62 -17.18
CA PRO A 71 -1.64 -9.51 -18.31
C PRO A 71 -0.42 -10.40 -18.09
N CYS A 72 0.45 -9.98 -17.17
CA CYS A 72 1.65 -10.74 -16.85
C CYS A 72 1.71 -11.08 -15.37
N GLU A 73 2.76 -11.78 -14.97
CA GLU A 73 2.94 -12.16 -13.57
C GLU A 73 4.01 -11.31 -12.90
N ALA A 74 3.58 -10.23 -12.27
CA ALA A 74 4.50 -9.33 -11.58
C ALA A 74 4.65 -9.71 -10.12
N LYS A 75 5.87 -9.66 -9.61
CA LYS A 75 6.14 -10.00 -8.22
C LYS A 75 5.50 -8.99 -7.28
N ILE A 76 5.19 -9.43 -6.07
CA ILE A 76 4.58 -8.56 -5.07
C ILE A 76 5.22 -8.76 -3.70
N GLU A 77 5.87 -7.71 -3.21
CA GLU A 77 6.52 -7.77 -1.90
C GLU A 77 5.79 -6.89 -0.89
N CYS A 78 5.00 -7.51 -0.03
CA CYS A 78 4.25 -6.79 0.99
C CYS A 78 4.96 -6.84 2.33
N SER A 79 5.22 -5.68 2.90
CA SER A 79 5.90 -5.59 4.19
C SER A 79 5.23 -4.57 5.10
N ASP A 80 5.11 -4.90 6.38
CA ASP A 80 4.49 -4.02 7.36
C ASP A 80 5.45 -2.91 7.77
N ASN A 81 4.89 -1.76 8.14
CA ASN A 81 5.69 -0.62 8.55
C ASN A 81 5.82 -0.57 10.08
N GLY A 82 4.70 -0.80 10.76
CA GLY A 82 4.71 -0.77 12.21
C GLY A 82 3.83 0.31 12.78
N ASP A 83 3.59 1.35 11.99
CA ASP A 83 2.76 2.47 12.42
C ASP A 83 1.31 2.27 11.96
N GLY A 84 0.91 1.02 11.77
CA GLY A 84 -0.44 0.73 11.33
C GLY A 84 -0.62 0.93 9.85
N THR A 85 0.49 0.88 9.11
CA THR A 85 0.44 1.07 7.66
C THR A 85 1.13 -0.08 6.94
N CYS A 86 0.84 -0.23 5.65
CA CYS A 86 1.44 -1.29 4.85
C CYS A 86 2.07 -0.72 3.58
N SER A 87 3.27 -1.19 3.27
CA SER A 87 4.00 -0.73 2.09
C SER A 87 4.29 -1.89 1.15
N VAL A 88 3.41 -2.08 0.16
CA VAL A 88 3.57 -3.15 -0.81
C VAL A 88 4.21 -2.64 -2.10
N SER A 89 5.32 -3.24 -2.49
CA SER A 89 6.03 -2.84 -3.70
C SER A 89 6.02 -3.96 -4.73
N TYR A 90 5.70 -3.61 -5.97
CA TYR A 90 5.65 -4.59 -7.05
C TYR A 90 6.59 -4.20 -8.19
N LEU A 91 6.96 -5.17 -9.01
CA LEU A 91 7.86 -4.92 -10.13
C LEU A 91 7.28 -5.51 -11.42
N PRO A 92 6.73 -4.62 -12.28
CA PRO A 92 6.14 -5.03 -13.55
C PRO A 92 7.19 -5.50 -14.55
N THR A 93 6.74 -6.18 -15.60
CA THR A 93 7.63 -6.70 -16.63
C THR A 93 7.37 -6.02 -17.97
N LYS A 94 6.09 -5.83 -18.29
CA LYS A 94 5.71 -5.20 -19.55
C LYS A 94 4.73 -4.05 -19.30
N PRO A 95 4.81 -3.01 -20.14
CA PRO A 95 3.95 -1.83 -20.04
C PRO A 95 2.50 -2.14 -20.41
N GLY A 96 1.59 -1.87 -19.48
CA GLY A 96 0.18 -2.12 -19.73
C GLY A 96 -0.71 -1.59 -18.62
N GLU A 97 -1.36 -2.50 -17.91
CA GLU A 97 -2.25 -2.12 -16.81
C GLU A 97 -2.36 -3.23 -15.78
N TYR A 98 -2.12 -2.89 -14.52
CA TYR A 98 -2.19 -3.87 -13.44
C TYR A 98 -3.24 -3.47 -12.40
N PHE A 99 -4.23 -4.33 -12.21
CA PHE A 99 -5.30 -4.07 -11.26
C PHE A 99 -4.97 -4.66 -9.89
N VAL A 100 -4.74 -3.77 -8.93
CA VAL A 100 -4.41 -4.21 -7.57
C VAL A 100 -5.67 -4.52 -6.77
N ASN A 101 -5.93 -5.80 -6.58
CA ASN A 101 -7.11 -6.24 -5.83
C ASN A 101 -6.85 -6.18 -4.33
N ILE A 102 -7.46 -5.20 -3.67
CA ILE A 102 -7.30 -5.03 -2.23
C ILE A 102 -8.58 -5.41 -1.49
N LEU A 103 -8.51 -6.51 -0.74
CA LEU A 103 -9.66 -6.99 0.02
C LEU A 103 -9.26 -7.33 1.45
N PHE A 104 -10.01 -6.81 2.42
CA PHE A 104 -9.73 -7.06 3.82
C PHE A 104 -10.64 -8.16 4.37
N GLU A 105 -10.04 -9.28 4.75
CA GLU A 105 -10.79 -10.41 5.29
C GLU A 105 -11.88 -10.86 4.31
N GLU A 106 -11.51 -10.94 3.03
CA GLU A 106 -12.45 -11.36 2.00
C GLU A 106 -13.47 -10.26 1.72
N VAL A 107 -13.06 -9.01 1.91
CA VAL A 107 -13.94 -7.87 1.68
C VAL A 107 -13.26 -6.83 0.80
N HIS A 108 -13.75 -6.69 -0.43
CA HIS A 108 -13.19 -5.73 -1.38
C HIS A 108 -13.38 -4.30 -0.87
N ILE A 109 -12.27 -3.62 -0.60
CA ILE A 109 -12.32 -2.24 -0.11
C ILE A 109 -12.93 -1.31 -1.15
N PRO A 110 -13.56 -0.23 -0.66
CA PRO A 110 -14.20 0.76 -1.53
C PRO A 110 -13.20 1.58 -2.32
N GLY A 111 -12.75 1.04 -3.45
CA GLY A 111 -11.78 1.73 -4.29
C GLY A 111 -10.93 0.78 -5.09
N SER A 112 -10.99 -0.51 -4.75
CA SER A 112 -10.21 -1.52 -5.46
C SER A 112 -11.09 -2.31 -6.42
N PRO A 113 -10.46 -2.87 -7.47
CA PRO A 113 -9.02 -2.75 -7.68
C PRO A 113 -8.61 -1.34 -8.07
N PHE A 114 -7.30 -1.09 -8.13
CA PHE A 114 -6.78 0.21 -8.49
C PHE A 114 -5.99 0.14 -9.80
N LYS A 115 -6.65 0.48 -10.90
CA LYS A 115 -6.02 0.46 -12.21
C LYS A 115 -4.73 1.28 -12.21
N ALA A 116 -3.61 0.62 -12.47
CA ALA A 116 -2.31 1.28 -12.50
C ALA A 116 -1.70 1.24 -13.89
N ASP A 117 -1.77 2.35 -14.61
CA ASP A 117 -1.21 2.43 -15.96
C ASP A 117 0.30 2.53 -15.92
N ILE A 118 0.98 1.50 -16.40
CA ILE A 118 2.43 1.47 -16.43
C ILE A 118 2.97 2.02 -17.75
N GLU A 119 4.11 2.71 -17.67
CA GLU A 119 4.73 3.29 -18.85
C GLU A 119 6.20 2.89 -18.94
N MET A 120 6.73 2.90 -20.17
CA MET A 120 8.12 2.54 -20.39
C MET A 120 9.05 3.68 -20.01
N PRO A 121 10.14 3.35 -19.30
CA PRO A 121 11.13 4.35 -18.85
C PRO A 121 11.94 4.92 -20.01
N PHE A 122 12.29 6.20 -19.91
CA PHE A 122 13.06 6.86 -20.94
C PHE A 122 14.26 6.03 -21.35
N ASP A 123 14.81 6.31 -22.53
CA ASP A 123 15.96 5.59 -23.03
C ASP A 123 17.23 6.44 -22.96
N PRO A 124 18.37 5.79 -22.66
CA PRO A 124 19.65 6.47 -22.54
C PRO A 124 20.17 6.96 -23.89
N SER A 125 19.73 8.15 -24.30
CA SER A 125 20.15 8.72 -25.57
C SER A 125 21.65 8.98 -25.58
N SER A 126 22.24 8.98 -26.77
CA SER A 126 23.66 9.22 -26.93
C SER A 126 24.00 10.70 -26.73
N GLY A 127 24.41 11.04 -25.52
CA GLY A 127 24.75 12.43 -25.22
C GLY A 127 26.14 12.80 -25.70
N PRO A 128 26.37 14.10 -25.90
CA PRO A 128 27.66 14.62 -26.38
C PRO A 128 28.75 14.49 -25.32
N SER A 129 28.38 13.98 -24.16
CA SER A 129 29.33 13.81 -23.06
C SER A 129 30.11 12.50 -23.21
N SER A 130 29.38 11.39 -23.26
CA SER A 130 30.00 10.08 -23.38
C SER A 130 30.77 9.98 -24.70
N GLY A 131 30.07 10.20 -25.81
CA GLY A 131 30.72 10.13 -27.11
C GLY A 131 32.01 10.92 -27.17
N GLY A 1 8.41 1.84 75.71
CA GLY A 1 9.24 2.39 74.64
C GLY A 1 8.55 2.38 73.30
N SER A 2 9.30 2.71 72.25
CA SER A 2 8.75 2.75 70.90
C SER A 2 9.86 2.69 69.86
N SER A 3 9.48 2.50 68.60
CA SER A 3 10.44 2.43 67.50
C SER A 3 9.82 2.91 66.20
N GLY A 4 10.66 3.10 65.19
CA GLY A 4 10.17 3.55 63.90
C GLY A 4 10.29 2.48 62.83
N SER A 5 10.37 2.90 61.58
CA SER A 5 10.46 1.98 60.46
C SER A 5 11.16 2.63 59.26
N SER A 6 11.65 1.80 58.35
CA SER A 6 12.35 2.30 57.17
C SER A 6 11.34 2.68 56.08
N GLY A 7 11.61 3.78 55.39
CA GLY A 7 10.73 4.23 54.33
C GLY A 7 10.94 3.47 53.04
N ASP A 8 10.03 3.66 52.08
CA ASP A 8 10.13 2.99 50.79
C ASP A 8 9.93 3.98 49.65
N VAL A 9 11.00 4.21 48.88
CA VAL A 9 10.94 5.13 47.76
C VAL A 9 10.21 4.51 46.57
N THR A 10 9.12 5.15 46.15
CA THR A 10 8.33 4.66 45.03
C THR A 10 8.95 5.08 43.70
N TYR A 11 8.57 4.39 42.63
CA TYR A 11 9.09 4.70 41.30
C TYR A 11 8.54 6.03 40.80
N ASP A 12 9.04 6.46 39.64
CA ASP A 12 8.60 7.72 39.05
C ASP A 12 7.91 7.48 37.72
N GLY A 13 6.62 7.81 37.66
CA GLY A 13 5.86 7.61 36.44
C GLY A 13 4.61 8.48 36.39
N HIS A 14 3.87 8.37 35.30
CA HIS A 14 2.65 9.16 35.14
C HIS A 14 1.59 8.36 34.37
N PRO A 15 0.32 8.54 34.76
CA PRO A 15 -0.81 7.85 34.12
C PRO A 15 -1.07 8.35 32.70
N VAL A 16 -1.64 7.48 31.87
CA VAL A 16 -1.93 7.82 30.48
C VAL A 16 -3.28 8.52 30.37
N PRO A 17 -3.37 9.48 29.43
CA PRO A 17 -4.60 10.23 29.20
C PRO A 17 -5.70 9.38 28.58
N GLY A 18 -6.89 9.43 29.18
CA GLY A 18 -8.01 8.65 28.67
C GLY A 18 -8.42 7.54 29.62
N SER A 19 -9.09 6.52 29.08
CA SER A 19 -9.55 5.39 29.88
C SER A 19 -8.72 4.15 29.59
N PRO A 20 -7.54 4.05 30.23
CA PRO A 20 -6.63 2.93 30.05
C PRO A 20 -7.18 1.64 30.67
N TYR A 21 -8.39 1.73 31.21
CA TYR A 21 -9.02 0.57 31.82
C TYR A 21 -9.94 -0.15 30.84
N THR A 22 -9.56 -0.13 29.56
CA THR A 22 -10.35 -0.77 28.51
C THR A 22 -9.49 -1.77 27.73
N VAL A 23 -10.03 -2.97 27.52
CA VAL A 23 -9.32 -4.00 26.79
C VAL A 23 -9.52 -3.83 25.28
N GLU A 24 -8.69 -2.97 24.69
CA GLU A 24 -8.78 -2.72 23.25
C GLU A 24 -7.91 -3.70 22.48
N ALA A 25 -7.94 -4.97 22.90
CA ALA A 25 -7.16 -6.01 22.24
C ALA A 25 -8.04 -6.90 21.38
N SER A 26 -9.05 -6.29 20.75
CA SER A 26 -9.97 -7.02 19.89
C SER A 26 -10.94 -6.06 19.20
N LEU A 27 -10.78 -5.91 17.89
CA LEU A 27 -11.64 -5.03 17.11
C LEU A 27 -12.02 -5.67 15.79
N PRO A 28 -13.27 -5.43 15.35
CA PRO A 28 -13.78 -5.98 14.09
C PRO A 28 -13.13 -5.35 12.87
N PRO A 29 -13.00 -6.14 11.80
CA PRO A 29 -12.39 -5.68 10.54
C PRO A 29 -13.25 -4.66 9.81
N ASP A 30 -12.68 -3.49 9.54
CA ASP A 30 -13.41 -2.43 8.85
C ASP A 30 -12.68 -2.03 7.57
N PRO A 31 -13.04 -2.66 6.45
CA PRO A 31 -12.44 -2.39 5.15
C PRO A 31 -12.83 -1.02 4.61
N SER A 32 -14.07 -0.61 4.89
CA SER A 32 -14.56 0.68 4.42
C SER A 32 -13.64 1.81 4.87
N LYS A 33 -12.81 1.53 5.88
CA LYS A 33 -11.88 2.52 6.40
C LYS A 33 -10.52 2.40 5.71
N VAL A 34 -10.29 1.25 5.08
CA VAL A 34 -9.02 1.02 4.38
C VAL A 34 -8.88 1.92 3.17
N LYS A 35 -7.96 2.88 3.27
CA LYS A 35 -7.72 3.83 2.18
C LYS A 35 -6.34 3.61 1.57
N ALA A 36 -6.31 3.43 0.25
CA ALA A 36 -5.05 3.22 -0.46
C ALA A 36 -4.69 4.43 -1.31
N HIS A 37 -3.56 5.04 -1.01
CA HIS A 37 -3.10 6.21 -1.75
C HIS A 37 -1.59 6.15 -1.99
N GLY A 38 -1.17 6.41 -3.22
CA GLY A 38 0.24 6.38 -3.55
C GLY A 38 0.48 6.34 -5.05
N PRO A 39 1.76 6.38 -5.45
CA PRO A 39 2.16 6.34 -6.86
C PRO A 39 1.89 4.99 -7.50
N GLY A 40 2.15 3.92 -6.76
CA GLY A 40 1.94 2.58 -7.28
C GLY A 40 0.53 2.38 -7.79
N LEU A 41 -0.40 3.15 -7.26
CA LEU A 41 -1.81 3.06 -7.67
C LEU A 41 -2.02 3.72 -9.03
N GLU A 42 -1.51 4.94 -9.17
CA GLU A 42 -1.65 5.68 -10.43
C GLU A 42 -0.94 4.96 -11.56
N GLY A 43 0.23 4.39 -11.25
CA GLY A 43 0.99 3.69 -12.26
C GLY A 43 2.48 3.67 -11.96
N GLY A 44 3.30 3.58 -13.00
CA GLY A 44 4.74 3.54 -12.81
C GLY A 44 5.48 3.32 -14.12
N LEU A 45 6.52 2.48 -14.07
CA LEU A 45 7.31 2.19 -15.25
C LEU A 45 7.81 0.75 -15.23
N VAL A 46 7.92 0.15 -16.41
CA VAL A 46 8.37 -1.23 -16.54
C VAL A 46 9.80 -1.39 -16.03
N GLY A 47 10.05 -2.46 -15.28
CA GLY A 47 11.38 -2.70 -14.75
C GLY A 47 11.65 -1.91 -13.48
N LYS A 48 10.84 -0.88 -13.25
CA LYS A 48 11.00 -0.04 -12.07
C LYS A 48 9.98 -0.41 -11.00
N PRO A 49 10.38 -0.31 -9.72
CA PRO A 49 9.52 -0.63 -8.59
C PRO A 49 8.40 0.38 -8.41
N ALA A 50 7.30 -0.05 -7.80
CA ALA A 50 6.16 0.82 -7.55
C ALA A 50 5.40 0.40 -6.30
N GLU A 51 5.28 1.33 -5.36
CA GLU A 51 4.57 1.06 -4.11
C GLU A 51 3.62 2.20 -3.76
N PHE A 52 2.85 2.01 -2.70
CA PHE A 52 1.88 3.01 -2.26
C PHE A 52 1.78 3.05 -0.74
N THR A 53 0.95 3.95 -0.22
CA THR A 53 0.76 4.08 1.22
C THR A 53 -0.66 3.69 1.61
N ILE A 54 -0.79 2.65 2.42
CA ILE A 54 -2.08 2.18 2.88
C ILE A 54 -2.33 2.57 4.34
N ASP A 55 -3.50 3.12 4.60
CA ASP A 55 -3.86 3.53 5.96
C ASP A 55 -4.95 2.63 6.53
N THR A 56 -4.55 1.49 7.08
CA THR A 56 -5.50 0.55 7.66
C THR A 56 -5.75 0.85 9.14
N LYS A 57 -5.45 2.08 9.54
CA LYS A 57 -5.65 2.51 10.93
C LYS A 57 -7.13 2.50 11.29
N GLY A 58 -7.45 1.90 12.43
CA GLY A 58 -8.83 1.84 12.87
C GLY A 58 -9.58 0.66 12.30
N ALA A 59 -9.30 0.34 11.03
CA ALA A 59 -9.95 -0.77 10.37
C ALA A 59 -10.17 -1.94 11.32
N GLY A 60 -9.09 -2.34 12.00
CA GLY A 60 -9.18 -3.44 12.95
C GLY A 60 -8.11 -4.48 12.72
N THR A 61 -8.49 -5.76 12.77
CA THR A 61 -7.56 -6.86 12.56
C THR A 61 -8.14 -7.92 11.65
N GLY A 62 -7.27 -8.66 10.98
CA GLY A 62 -7.72 -9.71 10.08
C GLY A 62 -6.70 -10.04 9.02
N GLY A 63 -7.17 -10.57 7.89
CA GLY A 63 -6.28 -10.93 6.80
C GLY A 63 -6.60 -10.19 5.52
N LEU A 64 -5.60 -9.52 4.95
CA LEU A 64 -5.78 -8.77 3.72
C LEU A 64 -5.24 -9.56 2.52
N GLY A 65 -6.02 -9.59 1.45
CA GLY A 65 -5.61 -10.30 0.26
C GLY A 65 -5.28 -9.38 -0.90
N LEU A 66 -4.02 -9.34 -1.29
CA LEU A 66 -3.58 -8.49 -2.39
C LEU A 66 -3.12 -9.33 -3.58
N THR A 67 -3.78 -9.13 -4.72
CA THR A 67 -3.45 -9.86 -5.94
C THR A 67 -3.38 -8.93 -7.13
N VAL A 68 -2.43 -9.20 -8.03
CA VAL A 68 -2.26 -8.38 -9.23
C VAL A 68 -2.85 -9.07 -10.45
N GLU A 69 -3.97 -8.54 -10.94
CA GLU A 69 -4.64 -9.11 -12.10
C GLU A 69 -4.21 -8.39 -13.38
N GLY A 70 -2.94 -8.55 -13.74
CA GLY A 70 -2.42 -7.91 -14.93
C GLY A 70 -2.13 -8.90 -16.05
N PRO A 71 -1.58 -8.40 -17.16
CA PRO A 71 -1.23 -9.24 -18.32
C PRO A 71 -0.06 -10.16 -18.04
N CYS A 72 0.62 -9.92 -16.92
CA CYS A 72 1.76 -10.75 -16.53
C CYS A 72 1.97 -10.72 -15.02
N GLU A 73 2.05 -11.91 -14.42
CA GLU A 73 2.24 -12.02 -12.98
C GLU A 73 3.45 -11.21 -12.53
N ALA A 74 3.19 -10.11 -11.83
CA ALA A 74 4.25 -9.24 -11.35
C ALA A 74 4.56 -9.53 -9.88
N LYS A 75 5.84 -9.53 -9.54
CA LYS A 75 6.26 -9.79 -8.16
C LYS A 75 5.63 -8.79 -7.20
N ILE A 76 5.32 -9.24 -5.99
CA ILE A 76 4.72 -8.38 -4.98
C ILE A 76 5.39 -8.58 -3.63
N GLU A 77 6.04 -7.53 -3.14
CA GLU A 77 6.72 -7.58 -1.85
C GLU A 77 6.09 -6.61 -0.86
N CYS A 78 5.30 -7.15 0.07
CA CYS A 78 4.64 -6.35 1.08
C CYS A 78 5.33 -6.48 2.44
N SER A 79 5.59 -5.35 3.08
CA SER A 79 6.25 -5.33 4.38
C SER A 79 5.58 -4.37 5.32
N ASP A 80 5.01 -4.89 6.41
CA ASP A 80 4.33 -4.06 7.40
C ASP A 80 5.29 -3.05 8.01
N ASN A 81 4.74 -1.96 8.54
CA ASN A 81 5.54 -0.93 9.17
C ASN A 81 5.52 -1.05 10.68
N GLY A 82 4.32 -1.14 11.25
CA GLY A 82 4.18 -1.26 12.69
C GLY A 82 3.45 -0.08 13.30
N ASP A 83 3.27 0.98 12.52
CA ASP A 83 2.58 2.17 13.00
C ASP A 83 1.14 2.19 12.52
N GLY A 84 0.84 1.40 11.50
CA GLY A 84 -0.50 1.34 10.96
C GLY A 84 -0.53 1.49 9.45
N THR A 85 0.57 1.13 8.80
CA THR A 85 0.67 1.23 7.35
C THR A 85 1.43 0.04 6.76
N CYS A 86 1.53 -0.01 5.44
CA CYS A 86 2.23 -1.09 4.77
C CYS A 86 3.00 -0.57 3.56
N SER A 87 4.17 -1.16 3.30
CA SER A 87 5.00 -0.75 2.18
C SER A 87 4.99 -1.80 1.08
N VAL A 88 3.88 -1.86 0.34
CA VAL A 88 3.74 -2.81 -0.75
C VAL A 88 4.42 -2.31 -2.01
N SER A 89 5.34 -3.11 -2.54
CA SER A 89 6.07 -2.75 -3.75
C SER A 89 6.00 -3.87 -4.79
N TYR A 90 5.65 -3.51 -6.01
CA TYR A 90 5.54 -4.49 -7.09
C TYR A 90 6.43 -4.10 -8.26
N LEU A 91 6.93 -5.10 -8.98
CA LEU A 91 7.80 -4.87 -10.13
C LEU A 91 7.21 -5.50 -11.39
N PRO A 92 6.64 -4.66 -12.26
CA PRO A 92 6.04 -5.11 -13.52
C PRO A 92 7.08 -5.59 -14.52
N THR A 93 6.63 -6.35 -15.52
CA THR A 93 7.51 -6.87 -16.54
C THR A 93 7.27 -6.20 -17.89
N LYS A 94 6.00 -5.95 -18.19
CA LYS A 94 5.63 -5.31 -19.45
C LYS A 94 4.63 -4.18 -19.21
N PRO A 95 4.67 -3.17 -20.09
CA PRO A 95 3.77 -2.01 -19.99
C PRO A 95 2.32 -2.37 -20.32
N GLY A 96 1.42 -2.13 -19.37
CA GLY A 96 0.02 -2.43 -19.57
C GLY A 96 -0.86 -1.89 -18.47
N GLU A 97 -1.63 -2.78 -17.84
CA GLU A 97 -2.53 -2.37 -16.76
C GLU A 97 -2.52 -3.42 -15.64
N TYR A 98 -2.10 -2.99 -14.45
CA TYR A 98 -2.04 -3.89 -13.31
C TYR A 98 -3.12 -3.54 -12.29
N PHE A 99 -4.12 -4.41 -12.17
CA PHE A 99 -5.21 -4.18 -11.22
C PHE A 99 -4.89 -4.80 -9.86
N VAL A 100 -4.73 -3.94 -8.86
CA VAL A 100 -4.42 -4.39 -7.51
C VAL A 100 -5.70 -4.67 -6.72
N ASN A 101 -6.00 -5.95 -6.52
CA ASN A 101 -7.19 -6.35 -5.78
C ASN A 101 -6.94 -6.28 -4.28
N ILE A 102 -7.60 -5.32 -3.63
CA ILE A 102 -7.46 -5.14 -2.19
C ILE A 102 -8.74 -5.53 -1.45
N LEU A 103 -8.67 -6.63 -0.71
CA LEU A 103 -9.83 -7.11 0.04
C LEU A 103 -9.44 -7.46 1.48
N PHE A 104 -10.21 -6.94 2.43
CA PHE A 104 -9.94 -7.19 3.84
C PHE A 104 -10.90 -8.24 4.39
N GLU A 105 -10.35 -9.40 4.76
CA GLU A 105 -11.16 -10.49 5.31
C GLU A 105 -12.23 -10.93 4.30
N GLU A 106 -11.83 -11.04 3.03
CA GLU A 106 -12.75 -11.45 1.98
C GLU A 106 -13.74 -10.34 1.66
N VAL A 107 -13.32 -9.10 1.87
CA VAL A 107 -14.17 -7.94 1.60
C VAL A 107 -13.45 -6.91 0.74
N HIS A 108 -13.93 -6.72 -0.48
CA HIS A 108 -13.33 -5.77 -1.41
C HIS A 108 -13.49 -4.34 -0.89
N ILE A 109 -12.36 -3.66 -0.67
CA ILE A 109 -12.39 -2.29 -0.18
C ILE A 109 -12.96 -1.34 -1.22
N PRO A 110 -13.56 -0.24 -0.75
CA PRO A 110 -14.17 0.77 -1.62
C PRO A 110 -13.12 1.56 -2.41
N GLY A 111 -12.65 0.98 -3.51
CA GLY A 111 -11.64 1.65 -4.32
C GLY A 111 -10.83 0.68 -5.14
N SER A 112 -10.92 -0.60 -4.80
CA SER A 112 -10.17 -1.64 -5.50
C SER A 112 -11.08 -2.40 -6.46
N PRO A 113 -10.48 -3.00 -7.51
CA PRO A 113 -9.03 -2.92 -7.73
C PRO A 113 -8.58 -1.52 -8.14
N PHE A 114 -7.27 -1.31 -8.20
CA PHE A 114 -6.71 -0.03 -8.57
C PHE A 114 -5.87 -0.14 -9.85
N LYS A 115 -6.49 0.14 -10.99
CA LYS A 115 -5.80 0.07 -12.28
C LYS A 115 -4.69 1.11 -12.35
N ALA A 116 -3.46 0.64 -12.55
CA ALA A 116 -2.31 1.53 -12.65
C ALA A 116 -1.72 1.52 -14.06
N ASP A 117 -1.72 2.67 -14.70
CA ASP A 117 -1.19 2.79 -16.05
C ASP A 117 0.34 2.83 -16.04
N ILE A 118 0.95 1.78 -16.59
CA ILE A 118 2.40 1.69 -16.65
C ILE A 118 2.93 2.11 -18.01
N GLU A 119 4.09 2.76 -18.02
CA GLU A 119 4.71 3.21 -19.26
C GLU A 119 6.17 2.78 -19.33
N MET A 120 6.76 2.90 -20.52
CA MET A 120 8.16 2.51 -20.72
C MET A 120 9.09 3.64 -20.31
N PRO A 121 10.12 3.31 -19.52
CA PRO A 121 11.11 4.27 -19.04
C PRO A 121 12.00 4.79 -20.15
N PHE A 122 12.41 6.05 -20.05
CA PHE A 122 13.27 6.67 -21.05
C PHE A 122 14.72 6.23 -20.87
N ASP A 123 15.34 5.78 -21.94
CA ASP A 123 16.73 5.33 -21.91
C ASP A 123 17.63 6.41 -21.30
N PRO A 124 18.66 5.97 -20.56
CA PRO A 124 19.61 6.88 -19.92
C PRO A 124 20.50 7.60 -20.93
N SER A 125 20.95 8.81 -20.58
CA SER A 125 21.80 9.59 -21.45
C SER A 125 23.26 9.55 -20.97
N SER A 126 24.19 9.48 -21.91
CA SER A 126 25.61 9.43 -21.58
C SER A 126 26.06 10.75 -20.96
N GLY A 127 27.34 10.81 -20.60
CA GLY A 127 27.87 12.01 -20.00
C GLY A 127 29.18 12.44 -20.65
N PRO A 128 29.36 13.77 -20.80
CA PRO A 128 30.56 14.34 -21.40
C PRO A 128 31.79 14.18 -20.52
N SER A 129 31.56 13.99 -19.22
CA SER A 129 32.65 13.83 -18.27
C SER A 129 33.73 12.90 -18.82
N SER A 130 33.34 11.65 -19.09
CA SER A 130 34.27 10.66 -19.62
C SER A 130 35.53 10.59 -18.76
N GLY A 131 35.35 10.57 -17.44
CA GLY A 131 36.48 10.50 -16.54
C GLY A 131 37.10 9.12 -16.47
N GLY A 1 10.99 -29.84 14.81
CA GLY A 1 11.50 -28.85 15.74
C GLY A 1 12.31 -29.46 16.86
N SER A 2 13.51 -28.94 17.08
CA SER A 2 14.39 -29.44 18.13
C SER A 2 14.62 -28.39 19.21
N SER A 3 15.31 -28.77 20.27
CA SER A 3 15.59 -27.86 21.37
C SER A 3 16.95 -27.18 21.18
N GLY A 4 17.20 -26.16 21.99
CA GLY A 4 18.46 -25.43 21.89
C GLY A 4 18.36 -24.03 22.46
N SER A 5 19.50 -23.49 22.88
CA SER A 5 19.55 -22.15 23.46
C SER A 5 20.55 -21.27 22.70
N SER A 6 20.04 -20.22 22.06
CA SER A 6 20.89 -19.31 21.30
C SER A 6 21.08 -18.00 22.06
N GLY A 7 22.34 -17.61 22.23
CA GLY A 7 22.66 -16.38 22.93
C GLY A 7 23.53 -16.62 24.15
N ASP A 8 24.13 -15.55 24.66
CA ASP A 8 24.99 -15.65 25.84
C ASP A 8 24.55 -14.67 26.92
N VAL A 9 23.25 -14.50 27.06
CA VAL A 9 22.70 -13.59 28.06
C VAL A 9 23.48 -12.29 28.10
N THR A 10 23.79 -11.74 26.93
CA THR A 10 24.53 -10.49 26.84
C THR A 10 24.16 -9.54 27.97
N TYR A 11 25.15 -9.10 28.72
CA TYR A 11 24.92 -8.18 29.84
C TYR A 11 25.12 -6.74 29.40
N ASP A 12 24.02 -6.04 29.18
CA ASP A 12 24.08 -4.64 28.75
C ASP A 12 22.72 -3.97 28.92
N GLY A 13 22.59 -3.11 29.92
CA GLY A 13 21.33 -2.42 30.16
C GLY A 13 20.98 -1.46 29.05
N HIS A 14 20.36 -1.97 27.99
CA HIS A 14 19.97 -1.15 26.85
C HIS A 14 18.51 -0.72 26.97
N PRO A 15 18.20 0.47 26.44
CA PRO A 15 16.84 1.02 26.48
C PRO A 15 15.88 0.26 25.56
N VAL A 16 14.89 -0.38 26.16
CA VAL A 16 13.91 -1.14 25.40
C VAL A 16 13.28 -0.30 24.29
N PRO A 17 12.85 -0.96 23.21
CA PRO A 17 12.23 -0.28 22.06
C PRO A 17 10.85 0.27 22.39
N GLY A 18 10.34 1.15 21.53
CA GLY A 18 9.04 1.74 21.75
C GLY A 18 7.93 0.97 21.06
N SER A 19 7.57 -0.17 21.64
CA SER A 19 6.51 -1.00 21.07
C SER A 19 5.16 -0.68 21.70
N PRO A 20 4.09 -0.75 20.88
CA PRO A 20 2.73 -0.47 21.34
C PRO A 20 2.20 -1.55 22.28
N TYR A 21 2.32 -2.81 21.87
CA TYR A 21 1.85 -3.93 22.67
C TYR A 21 0.57 -3.56 23.42
N THR A 22 -0.26 -2.74 22.78
CA THR A 22 -1.53 -2.32 23.38
C THR A 22 -2.54 -3.45 23.38
N VAL A 23 -3.40 -3.47 24.40
CA VAL A 23 -4.42 -4.49 24.51
C VAL A 23 -5.60 -4.20 23.58
N GLU A 24 -5.48 -3.14 22.80
CA GLU A 24 -6.53 -2.75 21.87
C GLU A 24 -6.45 -3.57 20.59
N ALA A 25 -6.60 -4.90 20.72
CA ALA A 25 -6.54 -5.79 19.58
C ALA A 25 -7.85 -6.57 19.43
N SER A 26 -8.85 -6.18 20.21
CA SER A 26 -10.14 -6.86 20.17
C SER A 26 -11.19 -5.98 19.48
N LEU A 27 -11.08 -5.88 18.15
CA LEU A 27 -12.02 -5.07 17.38
C LEU A 27 -12.31 -5.73 16.03
N PRO A 28 -13.53 -5.52 15.53
CA PRO A 28 -13.96 -6.08 14.24
C PRO A 28 -13.26 -5.43 13.06
N PRO A 29 -13.11 -6.18 11.96
CA PRO A 29 -12.45 -5.70 10.74
C PRO A 29 -13.28 -4.64 10.02
N ASP A 30 -12.61 -3.60 9.54
CA ASP A 30 -13.29 -2.52 8.83
C ASP A 30 -12.54 -2.17 7.55
N PRO A 31 -12.96 -2.78 6.43
CA PRO A 31 -12.35 -2.54 5.11
C PRO A 31 -12.63 -1.14 4.58
N SER A 32 -13.78 -0.59 4.97
CA SER A 32 -14.18 0.74 4.53
C SER A 32 -13.15 1.79 4.95
N LYS A 33 -12.38 1.46 5.99
CA LYS A 33 -11.36 2.37 6.50
C LYS A 33 -10.05 2.18 5.75
N VAL A 34 -9.85 0.99 5.20
CA VAL A 34 -8.64 0.68 4.45
C VAL A 34 -8.59 1.46 3.14
N LYS A 35 -7.82 2.54 3.15
CA LYS A 35 -7.67 3.39 1.95
C LYS A 35 -6.25 3.33 1.42
N ALA A 36 -6.12 3.09 0.11
CA ALA A 36 -4.82 3.03 -0.52
C ALA A 36 -4.56 4.26 -1.38
N HIS A 37 -3.51 5.01 -1.03
CA HIS A 37 -3.16 6.22 -1.77
C HIS A 37 -1.66 6.28 -2.02
N GLY A 38 -1.27 6.62 -3.24
CA GLY A 38 0.14 6.71 -3.59
C GLY A 38 0.37 6.57 -5.08
N PRO A 39 1.66 6.57 -5.47
CA PRO A 39 2.05 6.45 -6.88
C PRO A 39 1.78 5.06 -7.43
N GLY A 40 2.17 4.04 -6.67
CA GLY A 40 1.96 2.67 -7.11
C GLY A 40 0.56 2.43 -7.62
N LEU A 41 -0.37 3.29 -7.21
CA LEU A 41 -1.76 3.16 -7.64
C LEU A 41 -1.99 3.88 -8.97
N GLU A 42 -1.41 5.07 -9.10
CA GLU A 42 -1.54 5.85 -10.32
C GLU A 42 -0.78 5.21 -11.48
N GLY A 43 0.41 4.70 -11.17
CA GLY A 43 1.22 4.05 -12.20
C GLY A 43 2.68 3.98 -11.81
N GLY A 44 3.56 3.86 -12.81
CA GLY A 44 4.98 3.78 -12.55
C GLY A 44 5.78 3.53 -13.81
N LEU A 45 6.76 2.63 -13.71
CA LEU A 45 7.62 2.31 -14.85
C LEU A 45 7.90 0.81 -14.91
N VAL A 46 8.06 0.30 -16.12
CA VAL A 46 8.35 -1.13 -16.31
C VAL A 46 9.66 -1.52 -15.65
N GLY A 47 9.69 -2.70 -15.05
CA GLY A 47 10.90 -3.17 -14.39
C GLY A 47 11.33 -2.28 -13.25
N LYS A 48 10.48 -1.31 -12.91
CA LYS A 48 10.76 -0.38 -11.83
C LYS A 48 9.86 -0.65 -10.63
N PRO A 49 10.39 -0.38 -9.42
CA PRO A 49 9.64 -0.59 -8.17
C PRO A 49 8.50 0.41 -8.01
N ALA A 50 7.32 -0.09 -7.68
CA ALA A 50 6.14 0.76 -7.50
C ALA A 50 5.36 0.33 -6.26
N GLU A 51 5.26 1.24 -5.29
CA GLU A 51 4.54 0.96 -4.06
C GLU A 51 3.60 2.11 -3.71
N PHE A 52 2.77 1.90 -2.69
CA PHE A 52 1.81 2.92 -2.26
C PHE A 52 1.64 2.90 -0.74
N THR A 53 0.89 3.86 -0.22
CA THR A 53 0.65 3.95 1.21
C THR A 53 -0.77 3.54 1.56
N ILE A 54 -0.90 2.56 2.45
CA ILE A 54 -2.20 2.06 2.87
C ILE A 54 -2.53 2.50 4.30
N ASP A 55 -3.76 2.95 4.50
CA ASP A 55 -4.20 3.40 5.82
C ASP A 55 -5.14 2.38 6.46
N THR A 56 -4.65 1.68 7.48
CA THR A 56 -5.45 0.68 8.17
C THR A 56 -5.73 1.09 9.61
N LYS A 57 -5.62 2.39 9.87
CA LYS A 57 -5.88 2.92 11.21
C LYS A 57 -7.35 2.81 11.58
N GLY A 58 -7.63 2.15 12.69
CA GLY A 58 -9.01 1.99 13.13
C GLY A 58 -9.68 0.77 12.51
N ALA A 59 -9.21 0.39 11.32
CA ALA A 59 -9.77 -0.76 10.63
C ALA A 59 -10.11 -1.88 11.59
N GLY A 60 -9.16 -2.19 12.48
CA GLY A 60 -9.37 -3.25 13.45
C GLY A 60 -8.34 -4.36 13.33
N THR A 61 -8.82 -5.60 13.20
CA THR A 61 -7.93 -6.75 13.08
C THR A 61 -8.45 -7.73 12.03
N GLY A 62 -7.55 -8.18 11.15
CA GLY A 62 -7.93 -9.11 10.13
C GLY A 62 -6.85 -9.31 9.09
N GLY A 63 -7.17 -10.01 8.00
CA GLY A 63 -6.21 -10.25 6.95
C GLY A 63 -6.55 -9.53 5.67
N LEU A 64 -5.54 -9.33 4.82
CA LEU A 64 -5.74 -8.64 3.55
C LEU A 64 -5.20 -9.47 2.39
N GLY A 65 -5.96 -9.50 1.29
CA GLY A 65 -5.54 -10.26 0.13
C GLY A 65 -5.21 -9.37 -1.05
N LEU A 66 -3.93 -9.32 -1.41
CA LEU A 66 -3.47 -8.50 -2.52
C LEU A 66 -3.08 -9.37 -3.72
N THR A 67 -3.71 -9.13 -4.86
CA THR A 67 -3.42 -9.89 -6.07
C THR A 67 -3.42 -9.00 -7.29
N VAL A 68 -2.38 -9.12 -8.12
CA VAL A 68 -2.26 -8.32 -9.32
C VAL A 68 -2.92 -9.01 -10.51
N GLU A 69 -4.08 -8.50 -10.92
CA GLU A 69 -4.82 -9.07 -12.04
C GLU A 69 -4.27 -8.55 -13.37
N GLY A 70 -2.95 -8.53 -13.49
CA GLY A 70 -2.33 -8.04 -14.71
C GLY A 70 -2.18 -9.13 -15.76
N PRO A 71 -1.80 -8.74 -16.99
CA PRO A 71 -1.62 -9.67 -18.10
C PRO A 71 -0.41 -10.58 -17.90
N CYS A 72 0.49 -10.18 -17.01
CA CYS A 72 1.70 -10.95 -16.74
C CYS A 72 1.79 -11.29 -15.25
N GLU A 73 2.86 -11.99 -14.87
CA GLU A 73 3.07 -12.37 -13.49
C GLU A 73 4.10 -11.46 -12.81
N ALA A 74 3.62 -10.36 -12.23
CA ALA A 74 4.49 -9.42 -11.55
C ALA A 74 4.65 -9.77 -10.07
N LYS A 75 5.87 -9.62 -9.56
CA LYS A 75 6.15 -9.92 -8.16
C LYS A 75 5.54 -8.87 -7.25
N ILE A 76 5.22 -9.28 -6.02
CA ILE A 76 4.63 -8.37 -5.05
C ILE A 76 5.27 -8.54 -3.67
N GLU A 77 5.84 -7.47 -3.15
CA GLU A 77 6.49 -7.50 -1.84
C GLU A 77 5.68 -6.72 -0.81
N CYS A 78 4.95 -7.43 0.03
CA CYS A 78 4.12 -6.82 1.06
C CYS A 78 4.89 -6.72 2.38
N SER A 79 5.09 -5.51 2.86
CA SER A 79 5.80 -5.29 4.12
C SER A 79 5.09 -4.23 4.97
N ASP A 80 4.95 -4.53 6.26
CA ASP A 80 4.29 -3.60 7.18
C ASP A 80 5.26 -2.51 7.62
N ASN A 81 4.71 -1.33 7.92
CA ASN A 81 5.52 -0.21 8.37
C ASN A 81 5.85 -0.32 9.86
N GLY A 82 4.86 -0.76 10.64
CA GLY A 82 5.07 -0.91 12.06
C GLY A 82 4.27 0.10 12.87
N ASP A 83 3.82 1.15 12.22
CA ASP A 83 3.03 2.18 12.87
C ASP A 83 1.54 1.96 12.66
N GLY A 84 1.21 1.04 11.75
CA GLY A 84 -0.18 0.75 11.47
C GLY A 84 -0.52 0.88 9.99
N THR A 85 0.51 0.92 9.15
CA THR A 85 0.33 1.05 7.72
C THR A 85 1.03 -0.08 6.97
N CYS A 86 0.96 -0.04 5.64
CA CYS A 86 1.60 -1.05 4.81
C CYS A 86 2.22 -0.43 3.57
N SER A 87 3.36 -0.97 3.15
CA SER A 87 4.05 -0.46 1.97
C SER A 87 4.41 -1.59 1.02
N VAL A 88 3.47 -1.94 0.14
CA VAL A 88 3.68 -3.01 -0.82
C VAL A 88 4.38 -2.49 -2.08
N SER A 89 5.36 -3.25 -2.56
CA SER A 89 6.10 -2.86 -3.76
C SER A 89 6.08 -3.98 -4.80
N TYR A 90 5.71 -3.62 -6.03
CA TYR A 90 5.64 -4.59 -7.11
C TYR A 90 6.54 -4.17 -8.28
N LEU A 91 7.06 -5.16 -9.00
CA LEU A 91 7.93 -4.89 -10.14
C LEU A 91 7.38 -5.55 -11.41
N PRO A 92 6.79 -4.72 -12.29
CA PRO A 92 6.22 -5.19 -13.55
C PRO A 92 7.29 -5.63 -14.55
N THR A 93 6.86 -6.20 -15.66
CA THR A 93 7.78 -6.67 -16.69
C THR A 93 7.49 -5.99 -18.03
N LYS A 94 6.22 -5.75 -18.30
CA LYS A 94 5.81 -5.11 -19.55
C LYS A 94 4.74 -4.05 -19.30
N PRO A 95 4.69 -3.04 -20.18
CA PRO A 95 3.72 -1.95 -20.06
C PRO A 95 2.29 -2.41 -20.37
N GLY A 96 1.34 -1.96 -19.56
CA GLY A 96 -0.05 -2.34 -19.76
C GLY A 96 -0.95 -1.82 -18.66
N GLU A 97 -1.60 -2.74 -17.95
CA GLU A 97 -2.51 -2.39 -16.86
C GLU A 97 -2.47 -3.42 -15.75
N TYR A 98 -2.26 -2.96 -14.52
CA TYR A 98 -2.20 -3.86 -13.38
C TYR A 98 -3.27 -3.50 -12.35
N PHE A 99 -4.26 -4.37 -12.20
CA PHE A 99 -5.34 -4.15 -11.27
C PHE A 99 -5.02 -4.77 -9.90
N VAL A 100 -4.76 -3.93 -8.92
CA VAL A 100 -4.43 -4.38 -7.58
C VAL A 100 -5.70 -4.68 -6.78
N ASN A 101 -6.00 -5.97 -6.61
CA ASN A 101 -7.18 -6.37 -5.86
C ASN A 101 -6.93 -6.31 -4.36
N ILE A 102 -7.58 -5.36 -3.70
CA ILE A 102 -7.43 -5.19 -2.26
C ILE A 102 -8.71 -5.59 -1.52
N LEU A 103 -8.63 -6.69 -0.78
CA LEU A 103 -9.78 -7.18 -0.03
C LEU A 103 -9.37 -7.54 1.41
N PHE A 104 -10.13 -7.02 2.37
CA PHE A 104 -9.85 -7.28 3.78
C PHE A 104 -10.78 -8.35 4.32
N GLU A 105 -10.22 -9.51 4.67
CA GLU A 105 -11.01 -10.61 5.20
C GLU A 105 -12.10 -11.03 4.22
N GLU A 106 -11.73 -11.13 2.94
CA GLU A 106 -12.69 -11.52 1.90
C GLU A 106 -13.68 -10.40 1.62
N VAL A 107 -13.24 -9.16 1.83
CA VAL A 107 -14.08 -7.99 1.61
C VAL A 107 -13.38 -6.96 0.75
N HIS A 108 -13.86 -6.79 -0.48
CA HIS A 108 -13.27 -5.83 -1.41
C HIS A 108 -13.43 -4.39 -0.89
N ILE A 109 -12.29 -3.74 -0.64
CA ILE A 109 -12.31 -2.36 -0.12
C ILE A 109 -12.90 -1.41 -1.15
N PRO A 110 -13.51 -0.32 -0.66
CA PRO A 110 -14.13 0.71 -1.50
C PRO A 110 -13.10 1.50 -2.30
N GLY A 111 -12.67 0.96 -3.43
CA GLY A 111 -11.69 1.64 -4.26
C GLY A 111 -10.85 0.68 -5.08
N SER A 112 -10.93 -0.61 -4.74
CA SER A 112 -10.17 -1.63 -5.45
C SER A 112 -11.07 -2.40 -6.42
N PRO A 113 -10.46 -2.97 -7.47
CA PRO A 113 -9.01 -2.88 -7.68
C PRO A 113 -8.58 -1.47 -8.07
N PHE A 114 -7.27 -1.25 -8.15
CA PHE A 114 -6.72 0.04 -8.50
C PHE A 114 -5.91 -0.05 -9.80
N LYS A 115 -6.54 0.32 -10.91
CA LYS A 115 -5.89 0.28 -12.21
C LYS A 115 -4.74 1.28 -12.26
N ALA A 116 -3.53 0.77 -12.46
CA ALA A 116 -2.34 1.61 -12.54
C ALA A 116 -1.73 1.57 -13.94
N ASP A 117 -1.60 2.74 -14.55
CA ASP A 117 -1.04 2.86 -15.89
C ASP A 117 0.48 2.88 -15.84
N ILE A 118 1.10 1.83 -16.38
CA ILE A 118 2.56 1.74 -16.39
C ILE A 118 3.12 2.17 -17.74
N GLU A 119 4.07 3.10 -17.70
CA GLU A 119 4.70 3.60 -18.93
C GLU A 119 6.10 3.01 -19.10
N MET A 120 6.66 3.19 -20.29
CA MET A 120 8.00 2.68 -20.59
C MET A 120 9.06 3.68 -20.17
N PRO A 121 10.05 3.23 -19.39
CA PRO A 121 11.15 4.07 -18.92
C PRO A 121 12.10 4.47 -20.04
N PHE A 122 13.13 5.23 -19.69
CA PHE A 122 14.11 5.68 -20.67
C PHE A 122 15.44 4.94 -20.50
N ASP A 123 16.31 5.07 -21.49
CA ASP A 123 17.62 4.42 -21.44
C ASP A 123 18.56 5.14 -20.50
N PRO A 124 19.41 4.37 -19.79
CA PRO A 124 20.37 4.92 -18.83
C PRO A 124 21.49 5.69 -19.52
N SER A 125 21.85 5.26 -20.73
CA SER A 125 22.90 5.90 -21.49
C SER A 125 24.15 6.12 -20.63
N SER A 126 24.43 5.13 -19.78
CA SER A 126 25.59 5.21 -18.89
C SER A 126 26.88 5.03 -19.68
N GLY A 127 28.01 5.34 -19.02
CA GLY A 127 29.30 5.21 -19.68
C GLY A 127 30.33 6.17 -19.11
N PRO A 128 30.73 5.95 -17.86
CA PRO A 128 31.72 6.80 -17.18
C PRO A 128 33.11 6.63 -17.77
N SER A 129 33.34 5.52 -18.45
CA SER A 129 34.63 5.24 -19.06
C SER A 129 34.50 4.97 -20.55
N SER A 130 35.25 5.71 -21.36
CA SER A 130 35.21 5.57 -22.80
C SER A 130 36.50 4.96 -23.33
N GLY A 131 36.43 3.72 -23.80
CA GLY A 131 37.61 3.05 -24.33
C GLY A 131 38.67 2.83 -23.27
N GLY A 1 -9.69 13.15 -30.91
CA GLY A 1 -10.02 12.05 -30.02
C GLY A 1 -10.44 12.51 -28.64
N SER A 2 -10.39 11.62 -27.66
CA SER A 2 -10.78 11.95 -26.30
C SER A 2 -9.63 11.69 -25.33
N SER A 3 -9.65 12.40 -24.20
CA SER A 3 -8.61 12.24 -23.19
C SER A 3 -9.14 11.54 -21.95
N GLY A 4 -10.19 12.10 -21.36
CA GLY A 4 -10.79 11.51 -20.18
C GLY A 4 -10.89 12.49 -19.03
N SER A 5 -10.13 12.24 -17.98
CA SER A 5 -10.14 13.10 -16.80
C SER A 5 -8.98 12.77 -15.86
N SER A 6 -8.03 13.69 -15.76
CA SER A 6 -6.86 13.49 -14.89
C SER A 6 -6.56 14.76 -14.09
N GLY A 7 -5.64 14.63 -13.14
CA GLY A 7 -5.28 15.77 -12.31
C GLY A 7 -3.99 15.53 -11.54
N ASP A 8 -3.66 16.46 -10.66
CA ASP A 8 -2.45 16.36 -9.86
C ASP A 8 -2.72 16.71 -8.39
N VAL A 9 -2.42 15.77 -7.51
CA VAL A 9 -2.64 15.99 -6.08
C VAL A 9 -1.36 16.45 -5.39
N THR A 10 -1.48 17.46 -4.53
CA THR A 10 -0.33 17.99 -3.82
C THR A 10 -0.50 17.82 -2.30
N TYR A 11 0.11 16.78 -1.77
CA TYR A 11 0.03 16.50 -0.33
C TYR A 11 1.40 16.65 0.33
N ASP A 12 1.40 16.74 1.66
CA ASP A 12 2.64 16.87 2.41
C ASP A 12 2.83 15.70 3.37
N GLY A 13 1.79 15.41 4.15
CA GLY A 13 1.87 14.31 5.10
C GLY A 13 2.31 14.76 6.48
N HIS A 14 1.68 14.21 7.51
CA HIS A 14 2.03 14.55 8.88
C HIS A 14 1.62 13.44 9.85
N PRO A 15 2.45 13.22 10.88
CA PRO A 15 2.20 12.19 11.89
C PRO A 15 1.00 12.52 12.78
N VAL A 16 0.13 11.52 12.96
CA VAL A 16 -1.06 11.71 13.78
C VAL A 16 -0.78 11.32 15.23
N PRO A 17 -1.40 12.05 16.18
CA PRO A 17 -1.24 11.81 17.61
C PRO A 17 -1.91 10.51 18.05
N GLY A 18 -1.94 10.27 19.36
CA GLY A 18 -2.55 9.07 19.89
C GLY A 18 -1.71 8.41 20.96
N SER A 19 -2.33 7.53 21.74
CA SER A 19 -1.63 6.83 22.82
C SER A 19 -1.40 5.38 22.44
N PRO A 20 -0.30 5.11 21.72
CA PRO A 20 0.04 3.76 21.29
C PRO A 20 0.50 2.88 22.44
N TYR A 21 0.44 3.42 23.65
CA TYR A 21 0.84 2.70 24.85
C TYR A 21 -0.26 1.74 25.30
N THR A 22 -1.29 1.60 24.47
CA THR A 22 -2.41 0.73 24.78
C THR A 22 -2.58 -0.36 23.73
N VAL A 23 -3.06 -1.52 24.16
CA VAL A 23 -3.25 -2.65 23.25
C VAL A 23 -4.46 -2.41 22.34
N GLU A 24 -4.25 -1.64 21.28
CA GLU A 24 -5.31 -1.34 20.34
C GLU A 24 -5.34 -2.36 19.20
N ALA A 25 -5.33 -3.64 19.55
CA ALA A 25 -5.36 -4.71 18.56
C ALA A 25 -6.65 -5.50 18.64
N SER A 26 -7.62 -4.98 19.40
CA SER A 26 -8.90 -5.64 19.56
C SER A 26 -10.01 -4.89 18.83
N LEU A 27 -9.76 -4.61 17.55
CA LEU A 27 -10.74 -3.89 16.73
C LEU A 27 -11.20 -4.74 15.56
N PRO A 28 -12.47 -4.59 15.19
CA PRO A 28 -13.07 -5.34 14.07
C PRO A 28 -12.53 -4.89 12.71
N PRO A 29 -12.49 -5.83 11.76
CA PRO A 29 -11.99 -5.56 10.41
C PRO A 29 -12.93 -4.64 9.62
N ASP A 30 -12.50 -3.40 9.41
CA ASP A 30 -13.29 -2.43 8.67
C ASP A 30 -12.66 -2.13 7.31
N PRO A 31 -13.11 -2.86 6.28
CA PRO A 31 -12.60 -2.68 4.91
C PRO A 31 -13.03 -1.35 4.30
N SER A 32 -14.16 -0.83 4.77
CA SER A 32 -14.67 0.44 4.26
C SER A 32 -13.77 1.60 4.67
N LYS A 33 -12.98 1.38 5.72
CA LYS A 33 -12.07 2.41 6.21
C LYS A 33 -10.71 2.31 5.50
N VAL A 34 -10.29 1.10 5.21
CA VAL A 34 -9.01 0.87 4.53
C VAL A 34 -8.89 1.73 3.29
N LYS A 35 -8.01 2.71 3.33
CA LYS A 35 -7.80 3.61 2.20
C LYS A 35 -6.40 3.44 1.64
N ALA A 36 -6.29 3.45 0.30
CA ALA A 36 -5.00 3.30 -0.36
C ALA A 36 -4.72 4.49 -1.27
N HIS A 37 -3.61 5.18 -1.02
CA HIS A 37 -3.23 6.33 -1.82
C HIS A 37 -1.72 6.35 -2.06
N GLY A 38 -1.33 6.58 -3.31
CA GLY A 38 0.08 6.61 -3.65
C GLY A 38 0.32 6.46 -5.14
N PRO A 39 1.61 6.48 -5.54
CA PRO A 39 2.00 6.35 -6.94
C PRO A 39 1.75 4.94 -7.49
N GLY A 40 2.13 3.94 -6.70
CA GLY A 40 1.94 2.56 -7.13
C GLY A 40 0.54 2.31 -7.65
N LEU A 41 -0.42 3.13 -7.23
CA LEU A 41 -1.80 2.99 -7.66
C LEU A 41 -2.02 3.65 -9.02
N GLU A 42 -1.53 4.88 -9.16
CA GLU A 42 -1.68 5.62 -10.41
C GLU A 42 -0.89 4.94 -11.53
N GLY A 43 0.32 4.48 -11.21
CA GLY A 43 1.15 3.83 -12.20
C GLY A 43 2.63 4.04 -11.94
N GLY A 44 3.45 3.71 -12.92
CA GLY A 44 4.89 3.86 -12.78
C GLY A 44 5.63 3.59 -14.08
N LEU A 45 6.57 2.65 -14.03
CA LEU A 45 7.35 2.30 -15.21
C LEU A 45 7.71 0.83 -15.20
N VAL A 46 7.95 0.27 -16.38
CA VAL A 46 8.30 -1.14 -16.51
C VAL A 46 9.64 -1.43 -15.85
N GLY A 47 9.78 -2.65 -15.32
CA GLY A 47 11.02 -3.03 -14.67
C GLY A 47 11.42 -2.07 -13.58
N LYS A 48 10.45 -1.31 -13.07
CA LYS A 48 10.71 -0.33 -12.01
C LYS A 48 9.82 -0.59 -10.80
N PRO A 49 10.36 -0.32 -9.60
CA PRO A 49 9.64 -0.52 -8.34
C PRO A 49 8.49 0.48 -8.17
N ALA A 50 7.33 -0.03 -7.80
CA ALA A 50 6.15 0.81 -7.59
C ALA A 50 5.37 0.38 -6.35
N GLU A 51 5.22 1.29 -5.40
CA GLU A 51 4.50 1.00 -4.17
C GLU A 51 3.52 2.13 -3.83
N PHE A 52 2.77 1.94 -2.75
CA PHE A 52 1.80 2.94 -2.32
C PHE A 52 1.70 2.98 -0.81
N THR A 53 0.88 3.90 -0.29
CA THR A 53 0.70 4.04 1.14
C THR A 53 -0.71 3.66 1.56
N ILE A 54 -0.84 2.65 2.40
CA ILE A 54 -2.13 2.19 2.87
C ILE A 54 -2.38 2.62 4.32
N ASP A 55 -3.59 3.09 4.60
CA ASP A 55 -3.95 3.53 5.94
C ASP A 55 -5.03 2.63 6.54
N THR A 56 -4.62 1.74 7.43
CA THR A 56 -5.56 0.82 8.07
C THR A 56 -5.51 0.96 9.59
N LYS A 57 -5.21 2.17 10.05
CA LYS A 57 -5.14 2.43 11.49
C LYS A 57 -6.51 2.28 12.14
N GLY A 58 -7.52 2.91 11.53
CA GLY A 58 -8.86 2.84 12.07
C GLY A 58 -9.71 1.79 11.37
N ALA A 59 -9.06 0.74 10.89
CA ALA A 59 -9.77 -0.33 10.18
C ALA A 59 -9.94 -1.55 11.08
N GLY A 60 -8.88 -1.92 11.79
CA GLY A 60 -8.93 -3.08 12.67
C GLY A 60 -7.80 -4.04 12.44
N THR A 61 -8.08 -5.33 12.61
CA THR A 61 -7.07 -6.37 12.42
C THR A 61 -7.66 -7.59 11.72
N GLY A 62 -6.98 -8.03 10.66
CA GLY A 62 -7.45 -9.18 9.92
C GLY A 62 -6.47 -9.64 8.86
N GLY A 63 -6.97 -10.11 7.73
CA GLY A 63 -6.11 -10.56 6.65
C GLY A 63 -6.40 -9.86 5.35
N LEU A 64 -5.44 -9.06 4.88
CA LEU A 64 -5.60 -8.33 3.63
C LEU A 64 -5.06 -9.14 2.46
N GLY A 65 -5.91 -9.36 1.46
CA GLY A 65 -5.49 -10.12 0.28
C GLY A 65 -5.13 -9.23 -0.88
N LEU A 66 -3.87 -9.29 -1.31
CA LEU A 66 -3.41 -8.48 -2.42
C LEU A 66 -3.01 -9.36 -3.61
N THR A 67 -3.69 -9.15 -4.74
CA THR A 67 -3.42 -9.93 -5.94
C THR A 67 -3.41 -9.04 -7.18
N VAL A 68 -2.36 -9.13 -7.98
CA VAL A 68 -2.23 -8.34 -9.19
C VAL A 68 -2.86 -9.06 -10.39
N GLU A 69 -4.01 -8.55 -10.82
CA GLU A 69 -4.72 -9.16 -11.96
C GLU A 69 -4.36 -8.43 -13.26
N GLY A 70 -3.14 -8.66 -13.74
CA GLY A 70 -2.70 -8.03 -14.97
C GLY A 70 -2.37 -9.03 -16.05
N PRO A 71 -1.78 -8.55 -17.16
CA PRO A 71 -1.41 -9.40 -18.29
C PRO A 71 -0.24 -10.32 -17.95
N CYS A 72 0.37 -10.11 -16.80
CA CYS A 72 1.49 -10.93 -16.36
C CYS A 72 1.54 -11.02 -14.84
N GLU A 73 2.26 -12.01 -14.33
CA GLU A 73 2.39 -12.22 -12.89
C GLU A 73 3.54 -11.39 -12.33
N ALA A 74 3.24 -10.15 -11.94
CA ALA A 74 4.25 -9.26 -11.39
C ALA A 74 4.49 -9.55 -9.90
N LYS A 75 5.76 -9.59 -9.52
CA LYS A 75 6.12 -9.86 -8.13
C LYS A 75 5.52 -8.81 -7.19
N ILE A 76 5.33 -9.18 -5.94
CA ILE A 76 4.77 -8.27 -4.94
C ILE A 76 5.52 -8.38 -3.62
N GLU A 77 6.17 -7.29 -3.22
CA GLU A 77 6.93 -7.27 -1.98
C GLU A 77 6.17 -6.48 -0.91
N CYS A 78 5.52 -7.20 0.01
CA CYS A 78 4.77 -6.57 1.09
C CYS A 78 5.53 -6.63 2.40
N SER A 79 5.64 -5.49 3.06
CA SER A 79 6.35 -5.41 4.33
C SER A 79 5.58 -4.56 5.33
N ASP A 80 5.09 -5.20 6.39
CA ASP A 80 4.33 -4.50 7.42
C ASP A 80 5.23 -3.55 8.21
N ASN A 81 4.63 -2.52 8.78
CA ASN A 81 5.39 -1.55 9.57
C ASN A 81 4.97 -1.59 11.04
N GLY A 82 3.66 -1.59 11.28
CA GLY A 82 3.16 -1.63 12.64
C GLY A 82 2.52 -0.32 13.06
N ASP A 83 2.88 0.76 12.37
CA ASP A 83 2.33 2.08 12.68
C ASP A 83 0.99 2.28 11.98
N GLY A 84 0.44 1.21 11.42
CA GLY A 84 -0.83 1.30 10.73
C GLY A 84 -0.66 1.53 9.24
N THR A 85 0.52 1.20 8.71
CA THR A 85 0.80 1.37 7.30
C THR A 85 1.58 0.19 6.74
N CYS A 86 1.48 -0.02 5.44
CA CYS A 86 2.17 -1.12 4.78
C CYS A 86 2.98 -0.62 3.58
N SER A 87 4.13 -1.25 3.34
CA SER A 87 5.00 -0.86 2.24
C SER A 87 5.04 -1.96 1.18
N VAL A 88 4.03 -1.97 0.30
CA VAL A 88 3.96 -2.97 -0.76
C VAL A 88 4.53 -2.41 -2.07
N SER A 89 5.53 -3.10 -2.61
CA SER A 89 6.16 -2.68 -3.85
C SER A 89 6.12 -3.81 -4.88
N TYR A 90 5.63 -3.50 -6.08
CA TYR A 90 5.55 -4.48 -7.15
C TYR A 90 6.47 -4.11 -8.30
N LEU A 91 6.80 -5.09 -9.14
CA LEU A 91 7.67 -4.86 -10.29
C LEU A 91 7.09 -5.49 -11.54
N PRO A 92 6.52 -4.65 -12.42
CA PRO A 92 5.92 -5.10 -13.68
C PRO A 92 6.96 -5.59 -14.67
N THR A 93 6.52 -6.42 -15.62
CA THR A 93 7.42 -6.97 -16.63
C THR A 93 7.26 -6.22 -17.96
N LYS A 94 6.03 -5.86 -18.28
CA LYS A 94 5.75 -5.14 -19.52
C LYS A 94 4.76 -4.00 -19.28
N PRO A 95 4.80 -2.98 -20.15
CA PRO A 95 3.91 -1.82 -20.05
C PRO A 95 2.47 -2.17 -20.38
N GLY A 96 1.57 -1.86 -19.46
CA GLY A 96 0.15 -2.15 -19.68
C GLY A 96 -0.72 -1.63 -18.56
N GLU A 97 -1.39 -2.54 -17.86
CA GLU A 97 -2.27 -2.15 -16.76
C GLU A 97 -2.36 -3.26 -15.73
N TYR A 98 -2.14 -2.90 -14.46
CA TYR A 98 -2.19 -3.87 -13.37
C TYR A 98 -3.28 -3.51 -12.37
N PHE A 99 -4.19 -4.45 -12.12
CA PHE A 99 -5.28 -4.23 -11.19
C PHE A 99 -4.97 -4.83 -9.83
N VAL A 100 -4.70 -3.96 -8.85
CA VAL A 100 -4.39 -4.41 -7.50
C VAL A 100 -5.65 -4.71 -6.71
N ASN A 101 -5.94 -5.99 -6.53
CA ASN A 101 -7.11 -6.42 -5.78
C ASN A 101 -6.88 -6.33 -4.28
N ILE A 102 -7.52 -5.36 -3.64
CA ILE A 102 -7.37 -5.16 -2.20
C ILE A 102 -8.65 -5.54 -1.47
N LEU A 103 -8.57 -6.63 -0.70
CA LEU A 103 -9.72 -7.11 0.06
C LEU A 103 -9.33 -7.41 1.50
N PHE A 104 -10.08 -6.87 2.44
CA PHE A 104 -9.82 -7.08 3.86
C PHE A 104 -10.74 -8.16 4.42
N GLU A 105 -10.17 -9.32 4.74
CA GLU A 105 -10.95 -10.43 5.28
C GLU A 105 -12.03 -10.87 4.30
N GLU A 106 -11.66 -10.98 3.03
CA GLU A 106 -12.60 -11.40 2.00
C GLU A 106 -13.62 -10.30 1.72
N VAL A 107 -13.20 -9.05 1.90
CA VAL A 107 -14.07 -7.91 1.67
C VAL A 107 -13.40 -6.87 0.79
N HIS A 108 -13.84 -6.77 -0.46
CA HIS A 108 -13.28 -5.82 -1.40
C HIS A 108 -13.44 -4.39 -0.89
N ILE A 109 -12.32 -3.72 -0.65
CA ILE A 109 -12.34 -2.34 -0.15
C ILE A 109 -12.92 -1.40 -1.19
N PRO A 110 -13.52 -0.30 -0.72
CA PRO A 110 -14.12 0.71 -1.60
C PRO A 110 -13.07 1.50 -2.38
N GLY A 111 -12.66 0.96 -3.51
CA GLY A 111 -11.66 1.62 -4.33
C GLY A 111 -10.81 0.65 -5.12
N SER A 112 -10.92 -0.64 -4.80
CA SER A 112 -10.15 -1.67 -5.48
C SER A 112 -11.04 -2.46 -6.44
N PRO A 113 -10.41 -3.06 -7.46
CA PRO A 113 -8.96 -2.96 -7.67
C PRO A 113 -8.53 -1.57 -8.09
N PHE A 114 -7.22 -1.35 -8.15
CA PHE A 114 -6.67 -0.05 -8.54
C PHE A 114 -5.80 -0.18 -9.79
N LYS A 115 -6.40 0.07 -10.95
CA LYS A 115 -5.68 -0.01 -12.21
C LYS A 115 -4.52 0.98 -12.24
N ALA A 116 -3.30 0.46 -12.39
CA ALA A 116 -2.11 1.30 -12.44
C ALA A 116 -1.52 1.33 -13.84
N ASP A 117 -1.72 2.45 -14.53
CA ASP A 117 -1.20 2.61 -15.90
C ASP A 117 0.32 2.75 -15.89
N ILE A 118 1.00 1.75 -16.43
CA ILE A 118 2.45 1.77 -16.48
C ILE A 118 2.95 2.20 -17.85
N GLU A 119 4.08 2.91 -17.88
CA GLU A 119 4.65 3.38 -19.13
C GLU A 119 6.11 2.95 -19.25
N MET A 120 6.65 3.08 -20.46
CA MET A 120 8.04 2.69 -20.72
C MET A 120 9.00 3.77 -20.21
N PRO A 121 10.11 3.33 -19.60
CA PRO A 121 11.13 4.23 -19.07
C PRO A 121 11.90 4.97 -20.16
N PHE A 122 12.45 6.12 -19.82
CA PHE A 122 13.21 6.92 -20.78
C PHE A 122 14.25 6.06 -21.48
N ASP A 123 14.16 5.99 -22.81
CA ASP A 123 15.10 5.21 -23.60
C ASP A 123 16.51 5.77 -23.49
N PRO A 124 17.51 4.88 -23.48
CA PRO A 124 18.92 5.26 -23.38
C PRO A 124 19.43 5.95 -24.63
N SER A 125 20.37 6.88 -24.47
CA SER A 125 20.93 7.61 -25.58
C SER A 125 22.31 7.06 -25.96
N SER A 126 22.84 7.53 -27.09
CA SER A 126 24.14 7.07 -27.57
C SER A 126 25.20 8.15 -27.39
N GLY A 127 26.18 7.87 -26.54
CA GLY A 127 27.24 8.84 -26.29
C GLY A 127 27.61 8.93 -24.83
N PRO A 128 28.48 8.02 -24.38
CA PRO A 128 28.92 7.97 -22.98
C PRO A 128 29.82 9.15 -22.62
N SER A 129 30.13 9.97 -23.63
CA SER A 129 30.99 11.14 -23.42
C SER A 129 30.56 11.92 -22.18
N SER A 130 31.44 11.96 -21.19
CA SER A 130 31.16 12.67 -19.94
C SER A 130 30.57 14.05 -20.23
N GLY A 131 29.31 14.25 -19.84
CA GLY A 131 28.65 15.52 -20.06
C GLY A 131 27.35 15.64 -19.30
N GLY A 1 -0.22 -40.93 0.60
CA GLY A 1 0.92 -40.07 0.91
C GLY A 1 0.60 -38.59 0.74
N SER A 2 1.25 -37.76 1.55
CA SER A 2 1.02 -36.32 1.50
C SER A 2 2.14 -35.57 2.19
N SER A 3 2.28 -34.29 1.87
CA SER A 3 3.32 -33.45 2.45
C SER A 3 3.02 -31.97 2.24
N GLY A 4 3.01 -31.21 3.33
CA GLY A 4 2.74 -29.80 3.24
C GLY A 4 3.10 -29.05 4.52
N SER A 5 3.59 -27.82 4.36
CA SER A 5 3.98 -27.01 5.50
C SER A 5 4.27 -25.58 5.08
N SER A 6 4.32 -24.68 6.06
CA SER A 6 4.59 -23.27 5.78
C SER A 6 5.26 -22.59 6.97
N GLY A 7 5.60 -21.32 6.82
CA GLY A 7 6.24 -20.59 7.89
C GLY A 7 6.53 -19.15 7.51
N ASP A 8 6.99 -18.36 8.48
CA ASP A 8 7.31 -16.96 8.24
C ASP A 8 8.04 -16.36 9.45
N VAL A 9 8.85 -15.34 9.19
CA VAL A 9 9.60 -14.68 10.24
C VAL A 9 9.51 -13.16 10.12
N THR A 10 9.32 -12.49 11.25
CA THR A 10 9.21 -11.03 11.27
C THR A 10 10.22 -10.42 12.24
N TYR A 11 10.47 -9.12 12.07
CA TYR A 11 11.41 -8.42 12.94
C TYR A 11 10.76 -7.19 13.56
N ASP A 12 10.72 -7.16 14.89
CA ASP A 12 10.13 -6.05 15.63
C ASP A 12 11.18 -5.31 16.44
N GLY A 13 11.50 -4.09 16.03
CA GLY A 13 12.50 -3.31 16.74
C GLY A 13 12.08 -1.86 16.91
N HIS A 14 10.83 -1.64 17.30
CA HIS A 14 10.31 -0.29 17.50
C HIS A 14 10.45 0.14 18.95
N PRO A 15 10.83 1.41 19.15
CA PRO A 15 11.01 1.98 20.49
C PRO A 15 9.69 2.15 21.23
N VAL A 16 9.46 1.32 22.24
CA VAL A 16 8.23 1.38 23.01
C VAL A 16 8.21 2.62 23.91
N PRO A 17 7.00 3.16 24.14
CA PRO A 17 6.83 4.35 24.97
C PRO A 17 7.09 4.07 26.45
N GLY A 18 6.74 5.03 27.31
CA GLY A 18 6.95 4.87 28.73
C GLY A 18 6.24 3.64 29.29
N SER A 19 4.95 3.78 29.55
CA SER A 19 4.16 2.68 30.09
C SER A 19 2.84 2.54 29.34
N PRO A 20 2.91 1.96 28.13
CA PRO A 20 1.74 1.76 27.28
C PRO A 20 0.80 0.68 27.84
N TYR A 21 1.36 -0.48 28.16
CA TYR A 21 0.59 -1.59 28.70
C TYR A 21 -0.84 -1.57 28.14
N THR A 22 -0.96 -1.29 26.85
CA THR A 22 -2.25 -1.24 26.20
C THR A 22 -2.18 -1.87 24.79
N VAL A 23 -3.15 -2.72 24.49
CA VAL A 23 -3.21 -3.37 23.19
C VAL A 23 -4.47 -2.99 22.43
N GLU A 24 -4.31 -2.64 21.16
CA GLU A 24 -5.45 -2.26 20.32
C GLU A 24 -5.55 -3.14 19.09
N ALA A 25 -5.19 -4.42 19.25
CA ALA A 25 -5.24 -5.37 18.15
C ALA A 25 -6.43 -6.30 18.27
N SER A 26 -7.54 -5.76 18.79
CA SER A 26 -8.76 -6.54 18.96
C SER A 26 -9.97 -5.78 18.43
N LEU A 27 -9.86 -5.29 17.20
CA LEU A 27 -10.94 -4.54 16.58
C LEU A 27 -11.49 -5.28 15.37
N PRO A 28 -12.76 -5.02 15.03
CA PRO A 28 -13.43 -5.65 13.89
C PRO A 28 -12.89 -5.15 12.56
N PRO A 29 -12.87 -6.05 11.56
CA PRO A 29 -12.37 -5.72 10.22
C PRO A 29 -13.29 -4.76 9.47
N ASP A 30 -12.80 -3.56 9.20
CA ASP A 30 -13.58 -2.55 8.48
C ASP A 30 -12.85 -2.11 7.22
N PRO A 31 -13.20 -2.75 6.08
CA PRO A 31 -12.60 -2.43 4.79
C PRO A 31 -13.04 -1.07 4.26
N SER A 32 -14.26 -0.67 4.61
CA SER A 32 -14.80 0.61 4.18
C SER A 32 -13.88 1.76 4.60
N LYS A 33 -13.10 1.53 5.65
CA LYS A 33 -12.19 2.54 6.15
C LYS A 33 -10.83 2.42 5.48
N VAL A 34 -10.39 1.19 5.22
CA VAL A 34 -9.11 0.94 4.58
C VAL A 34 -8.98 1.74 3.29
N LYS A 35 -8.08 2.72 3.29
CA LYS A 35 -7.85 3.55 2.12
C LYS A 35 -6.42 3.41 1.62
N ALA A 36 -6.27 3.31 0.30
CA ALA A 36 -4.96 3.17 -0.32
C ALA A 36 -4.66 4.34 -1.25
N HIS A 37 -3.60 5.08 -0.93
CA HIS A 37 -3.21 6.23 -1.74
C HIS A 37 -1.70 6.22 -1.99
N GLY A 38 -1.32 6.41 -3.25
CA GLY A 38 0.09 6.41 -3.60
C GLY A 38 0.31 6.29 -5.10
N PRO A 39 1.58 6.40 -5.52
CA PRO A 39 1.96 6.31 -6.94
C PRO A 39 1.78 4.91 -7.50
N GLY A 40 2.15 3.90 -6.71
CA GLY A 40 2.02 2.53 -7.14
C GLY A 40 0.63 2.21 -7.66
N LEU A 41 -0.37 2.91 -7.14
CA LEU A 41 -1.75 2.71 -7.55
C LEU A 41 -2.01 3.31 -8.92
N GLU A 42 -1.64 4.57 -9.09
CA GLU A 42 -1.83 5.27 -10.35
C GLU A 42 -1.03 4.59 -11.47
N GLY A 43 0.14 4.08 -11.12
CA GLY A 43 0.98 3.41 -12.09
C GLY A 43 2.46 3.68 -11.88
N GLY A 44 3.27 3.34 -12.87
CA GLY A 44 4.70 3.56 -12.76
C GLY A 44 5.43 3.28 -14.06
N LEU A 45 6.53 2.53 -13.98
CA LEU A 45 7.32 2.20 -15.15
C LEU A 45 7.65 0.71 -15.18
N VAL A 46 7.96 0.20 -16.36
CA VAL A 46 8.30 -1.21 -16.53
C VAL A 46 9.61 -1.54 -15.83
N GLY A 47 9.70 -2.77 -15.31
CA GLY A 47 10.91 -3.18 -14.62
C GLY A 47 11.32 -2.21 -13.54
N LYS A 48 10.35 -1.48 -12.98
CA LYS A 48 10.63 -0.52 -11.93
C LYS A 48 9.73 -0.76 -10.73
N PRO A 49 10.27 -0.52 -9.53
CA PRO A 49 9.54 -0.70 -8.26
C PRO A 49 8.44 0.34 -8.08
N ALA A 50 7.26 -0.12 -7.67
CA ALA A 50 6.13 0.78 -7.46
C ALA A 50 5.32 0.36 -6.24
N GLU A 51 5.17 1.28 -5.30
CA GLU A 51 4.42 1.00 -4.07
C GLU A 51 3.46 2.14 -3.76
N PHE A 52 2.69 1.98 -2.68
CA PHE A 52 1.72 2.99 -2.27
C PHE A 52 1.57 3.01 -0.75
N THR A 53 0.74 3.93 -0.26
CA THR A 53 0.51 4.06 1.17
C THR A 53 -0.88 3.56 1.55
N ILE A 54 -0.93 2.58 2.45
CA ILE A 54 -2.19 2.02 2.90
C ILE A 54 -2.53 2.47 4.31
N ASP A 55 -3.80 2.78 4.55
CA ASP A 55 -4.25 3.23 5.87
C ASP A 55 -5.21 2.21 6.49
N THR A 56 -4.67 1.35 7.34
CA THR A 56 -5.47 0.32 8.00
C THR A 56 -5.52 0.55 9.51
N LYS A 57 -5.34 1.81 9.91
CA LYS A 57 -5.38 2.17 11.33
C LYS A 57 -6.80 2.12 11.86
N GLY A 58 -7.71 2.80 11.17
CA GLY A 58 -9.10 2.83 11.60
C GLY A 58 -9.94 1.81 10.87
N ALA A 59 -9.35 0.66 10.57
CA ALA A 59 -10.06 -0.40 9.86
C ALA A 59 -10.25 -1.62 10.76
N GLY A 60 -9.20 -2.01 11.46
CA GLY A 60 -9.26 -3.16 12.35
C GLY A 60 -8.15 -4.16 12.08
N THR A 61 -8.49 -5.44 12.14
CA THR A 61 -7.51 -6.51 11.91
C THR A 61 -8.16 -7.70 11.21
N GLY A 62 -7.32 -8.56 10.65
CA GLY A 62 -7.83 -9.75 9.96
C GLY A 62 -6.84 -10.29 8.94
N GLY A 63 -7.22 -10.24 7.67
CA GLY A 63 -6.36 -10.74 6.62
C GLY A 63 -6.63 -10.08 5.28
N LEU A 64 -5.69 -9.26 4.82
CA LEU A 64 -5.85 -8.56 3.55
C LEU A 64 -5.26 -9.38 2.41
N GLY A 65 -6.01 -9.53 1.33
CA GLY A 65 -5.55 -10.28 0.18
C GLY A 65 -5.19 -9.40 -0.99
N LEU A 66 -3.92 -9.38 -1.34
CA LEU A 66 -3.45 -8.57 -2.47
C LEU A 66 -3.04 -9.44 -3.64
N THR A 67 -3.71 -9.27 -4.77
CA THR A 67 -3.42 -10.04 -5.97
C THR A 67 -3.43 -9.17 -7.21
N VAL A 68 -2.34 -9.22 -7.98
CA VAL A 68 -2.24 -8.42 -9.20
C VAL A 68 -2.84 -9.15 -10.39
N GLU A 69 -3.92 -8.61 -10.93
CA GLU A 69 -4.59 -9.20 -12.08
C GLU A 69 -4.06 -8.63 -13.39
N GLY A 70 -2.79 -8.24 -13.39
CA GLY A 70 -2.18 -7.68 -14.58
C GLY A 70 -2.11 -8.67 -15.72
N PRO A 71 -1.63 -8.21 -16.89
CA PRO A 71 -1.51 -9.06 -18.08
C PRO A 71 -0.41 -10.11 -17.94
N CYS A 72 0.46 -9.92 -16.95
CA CYS A 72 1.55 -10.84 -16.70
C CYS A 72 1.76 -11.07 -15.21
N GLU A 73 2.66 -11.98 -14.86
CA GLU A 73 2.94 -12.29 -13.47
C GLU A 73 3.95 -11.30 -12.88
N ALA A 74 3.49 -10.44 -11.99
CA ALA A 74 4.34 -9.45 -11.36
C ALA A 74 4.56 -9.76 -9.89
N LYS A 75 5.78 -9.60 -9.42
CA LYS A 75 6.12 -9.86 -8.02
C LYS A 75 5.47 -8.84 -7.10
N ILE A 76 5.24 -9.24 -5.85
CA ILE A 76 4.62 -8.35 -4.87
C ILE A 76 5.34 -8.45 -3.52
N GLU A 77 6.02 -7.37 -3.14
CA GLU A 77 6.74 -7.34 -1.88
C GLU A 77 5.97 -6.54 -0.83
N CYS A 78 5.29 -7.24 0.07
CA CYS A 78 4.51 -6.59 1.11
C CYS A 78 5.32 -6.47 2.40
N SER A 79 5.49 -5.24 2.88
CA SER A 79 6.24 -4.99 4.10
C SER A 79 5.53 -3.98 4.99
N ASP A 80 5.33 -4.35 6.25
CA ASP A 80 4.65 -3.48 7.20
C ASP A 80 5.63 -2.50 7.84
N ASN A 81 5.12 -1.36 8.28
CA ASN A 81 5.95 -0.34 8.90
C ASN A 81 6.05 -0.57 10.41
N GLY A 82 4.91 -0.88 11.03
CA GLY A 82 4.88 -1.11 12.46
C GLY A 82 4.12 -0.03 13.21
N ASP A 83 3.95 1.12 12.56
CA ASP A 83 3.24 2.23 13.18
C ASP A 83 1.75 2.19 12.85
N GLY A 84 1.41 1.47 11.78
CA GLY A 84 0.03 1.34 11.37
C GLY A 84 -0.16 1.55 9.88
N THR A 85 0.86 1.22 9.11
CA THR A 85 0.81 1.37 7.65
C THR A 85 1.47 0.19 6.96
N CYS A 86 1.24 0.08 5.65
CA CYS A 86 1.81 -1.01 4.86
C CYS A 86 2.38 -0.48 3.55
N SER A 87 3.63 -0.85 3.26
CA SER A 87 4.28 -0.41 2.03
C SER A 87 4.54 -1.59 1.10
N VAL A 88 3.59 -1.81 0.18
CA VAL A 88 3.71 -2.91 -0.78
C VAL A 88 4.33 -2.43 -2.08
N SER A 89 5.44 -3.04 -2.46
CA SER A 89 6.13 -2.68 -3.70
C SER A 89 6.09 -3.82 -4.70
N TYR A 90 5.68 -3.52 -5.92
CA TYR A 90 5.59 -4.52 -6.98
C TYR A 90 6.50 -4.15 -8.16
N LEU A 91 6.71 -5.12 -9.05
CA LEU A 91 7.55 -4.89 -10.22
C LEU A 91 6.91 -5.48 -11.48
N PRO A 92 6.37 -4.60 -12.34
CA PRO A 92 5.72 -5.01 -13.58
C PRO A 92 6.71 -5.55 -14.60
N THR A 93 6.22 -6.40 -15.52
CA THR A 93 7.06 -6.99 -16.54
C THR A 93 6.93 -6.24 -17.87
N LYS A 94 5.69 -5.93 -18.24
CA LYS A 94 5.41 -5.22 -19.47
C LYS A 94 4.59 -3.96 -19.21
N PRO A 95 4.82 -2.92 -20.03
CA PRO A 95 4.11 -1.64 -19.91
C PRO A 95 2.63 -1.76 -20.30
N GLY A 96 1.77 -1.80 -19.29
CA GLY A 96 0.34 -1.91 -19.55
C GLY A 96 -0.50 -1.41 -18.38
N GLU A 97 -1.19 -2.31 -17.71
CA GLU A 97 -2.03 -1.96 -16.58
C GLU A 97 -2.15 -3.11 -15.59
N TYR A 98 -1.95 -2.81 -14.32
CA TYR A 98 -2.03 -3.83 -13.27
C TYR A 98 -3.15 -3.50 -12.28
N PHE A 99 -4.10 -4.41 -12.16
CA PHE A 99 -5.22 -4.22 -11.25
C PHE A 99 -4.94 -4.86 -9.89
N VAL A 100 -4.65 -4.02 -8.90
CA VAL A 100 -4.35 -4.50 -7.56
C VAL A 100 -5.63 -4.81 -6.79
N ASN A 101 -5.88 -6.09 -6.57
CA ASN A 101 -7.08 -6.53 -5.84
C ASN A 101 -6.86 -6.43 -4.34
N ILE A 102 -7.52 -5.46 -3.72
CA ILE A 102 -7.40 -5.25 -2.28
C ILE A 102 -8.70 -5.62 -1.56
N LEU A 103 -8.66 -6.71 -0.80
CA LEU A 103 -9.83 -7.18 -0.06
C LEU A 103 -9.47 -7.49 1.39
N PHE A 104 -10.28 -6.97 2.30
CA PHE A 104 -10.06 -7.19 3.74
C PHE A 104 -11.03 -8.22 4.29
N GLU A 105 -10.50 -9.41 4.61
CA GLU A 105 -11.34 -10.48 5.15
C GLU A 105 -12.43 -10.88 4.16
N GLU A 106 -12.04 -11.06 2.89
CA GLU A 106 -12.99 -11.44 1.85
C GLU A 106 -13.95 -10.29 1.56
N VAL A 107 -13.48 -9.06 1.76
CA VAL A 107 -14.30 -7.87 1.51
C VAL A 107 -13.53 -6.84 0.71
N HIS A 108 -13.89 -6.70 -0.56
CA HIS A 108 -13.23 -5.73 -1.44
C HIS A 108 -13.37 -4.32 -0.89
N ILE A 109 -12.23 -3.65 -0.72
CA ILE A 109 -12.22 -2.28 -0.20
C ILE A 109 -12.73 -1.29 -1.24
N PRO A 110 -13.31 -0.18 -0.76
CA PRO A 110 -13.84 0.87 -1.64
C PRO A 110 -12.75 1.63 -2.38
N GLY A 111 -12.26 1.05 -3.48
CA GLY A 111 -11.22 1.68 -4.26
C GLY A 111 -10.48 0.70 -5.13
N SER A 112 -10.62 -0.59 -4.84
CA SER A 112 -9.94 -1.63 -5.60
C SER A 112 -10.93 -2.35 -6.51
N PRO A 113 -10.40 -2.96 -7.59
CA PRO A 113 -8.96 -2.93 -7.89
C PRO A 113 -8.49 -1.54 -8.30
N PHE A 114 -7.20 -1.29 -8.14
CA PHE A 114 -6.62 0.00 -8.50
C PHE A 114 -5.81 -0.11 -9.79
N LYS A 115 -6.45 0.18 -10.92
CA LYS A 115 -5.80 0.11 -12.22
C LYS A 115 -4.60 1.05 -12.26
N ALA A 116 -3.41 0.47 -12.34
CA ALA A 116 -2.17 1.25 -12.39
C ALA A 116 -1.61 1.27 -13.80
N ASP A 117 -1.70 2.43 -14.46
CA ASP A 117 -1.20 2.58 -15.82
C ASP A 117 0.32 2.67 -15.83
N ILE A 118 0.97 1.64 -16.36
CA ILE A 118 2.43 1.61 -16.43
C ILE A 118 2.93 2.16 -17.76
N GLU A 119 3.96 3.01 -17.69
CA GLU A 119 4.53 3.59 -18.91
C GLU A 119 5.96 3.11 -19.11
N MET A 120 6.49 3.37 -20.30
CA MET A 120 7.85 2.96 -20.63
C MET A 120 8.86 3.99 -20.14
N PRO A 121 10.01 3.50 -19.63
CA PRO A 121 11.08 4.36 -19.11
C PRO A 121 11.78 5.13 -20.22
N PHE A 122 12.43 6.23 -19.85
CA PHE A 122 13.15 7.06 -20.82
C PHE A 122 14.33 7.76 -20.15
N ASP A 123 15.17 8.37 -20.97
CA ASP A 123 16.35 9.08 -20.48
C ASP A 123 15.98 10.49 -20.01
N PRO A 124 16.62 10.94 -18.92
CA PRO A 124 16.36 12.27 -18.35
C PRO A 124 16.88 13.39 -19.25
N SER A 125 18.15 13.28 -19.66
CA SER A 125 18.76 14.28 -20.52
C SER A 125 18.78 13.82 -21.97
N SER A 126 18.59 14.77 -22.89
CA SER A 126 18.58 14.46 -24.31
C SER A 126 19.87 14.93 -24.99
N GLY A 127 20.60 14.00 -25.58
CA GLY A 127 21.84 14.34 -26.24
C GLY A 127 22.87 14.91 -25.29
N PRO A 128 23.70 14.03 -24.70
CA PRO A 128 24.74 14.43 -23.76
C PRO A 128 25.87 15.18 -24.44
N SER A 129 25.74 15.41 -25.75
CA SER A 129 26.76 16.10 -26.51
C SER A 129 27.40 17.20 -25.67
N SER A 130 28.72 17.33 -25.80
CA SER A 130 29.46 18.34 -25.05
C SER A 130 29.38 19.70 -25.74
N GLY A 131 28.75 20.66 -25.06
CA GLY A 131 28.61 21.99 -25.62
C GLY A 131 27.48 22.77 -24.99
N GLY A 1 -27.20 -31.58 2.03
CA GLY A 1 -26.03 -31.43 2.87
C GLY A 1 -26.35 -31.54 4.34
N SER A 2 -25.36 -31.27 5.19
CA SER A 2 -25.54 -31.34 6.64
C SER A 2 -26.12 -30.03 7.17
N SER A 3 -27.44 -29.92 7.13
CA SER A 3 -28.12 -28.71 7.61
C SER A 3 -29.34 -29.08 8.46
N GLY A 4 -29.46 -28.43 9.62
CA GLY A 4 -30.57 -28.70 10.50
C GLY A 4 -30.87 -27.54 11.42
N SER A 5 -31.30 -26.42 10.85
CA SER A 5 -31.62 -25.23 11.62
C SER A 5 -32.22 -24.14 10.73
N SER A 6 -33.14 -23.37 11.30
CA SER A 6 -33.79 -22.29 10.56
C SER A 6 -34.15 -21.13 11.48
N GLY A 7 -34.31 -19.94 10.91
CA GLY A 7 -34.65 -18.78 11.69
C GLY A 7 -33.48 -17.81 11.82
N ASP A 8 -33.80 -16.54 12.12
CA ASP A 8 -32.79 -15.52 12.27
C ASP A 8 -33.19 -14.50 13.32
N VAL A 9 -32.43 -14.43 14.40
CA VAL A 9 -32.71 -13.48 15.48
C VAL A 9 -33.08 -12.11 14.94
N THR A 10 -34.02 -11.45 15.59
CA THR A 10 -34.46 -10.12 15.17
C THR A 10 -33.32 -9.11 15.25
N TYR A 11 -33.57 -7.92 14.73
CA TYR A 11 -32.57 -6.86 14.73
C TYR A 11 -31.92 -6.72 16.11
N ASP A 12 -30.62 -6.99 16.19
CA ASP A 12 -29.90 -6.90 17.44
C ASP A 12 -28.40 -6.77 17.19
N GLY A 13 -27.72 -5.99 18.03
CA GLY A 13 -26.29 -5.80 17.88
C GLY A 13 -25.63 -5.31 19.15
N HIS A 14 -24.88 -6.19 19.80
CA HIS A 14 -24.20 -5.84 21.04
C HIS A 14 -22.85 -6.55 21.14
N PRO A 15 -21.92 -5.95 21.90
CA PRO A 15 -20.59 -6.52 22.10
C PRO A 15 -20.60 -7.80 22.94
N VAL A 16 -20.31 -8.92 22.30
CA VAL A 16 -20.29 -10.20 23.00
C VAL A 16 -19.72 -10.06 24.40
N PRO A 17 -20.27 -10.84 25.34
CA PRO A 17 -19.83 -10.82 26.75
C PRO A 17 -18.44 -11.41 26.93
N GLY A 18 -17.73 -10.96 27.95
CA GLY A 18 -16.39 -11.47 28.22
C GLY A 18 -15.41 -10.36 28.54
N SER A 19 -15.81 -9.45 29.43
CA SER A 19 -14.95 -8.34 29.80
C SER A 19 -14.78 -7.36 28.64
N PRO A 20 -15.90 -7.01 28.00
CA PRO A 20 -15.89 -6.09 26.87
C PRO A 20 -15.56 -4.66 27.29
N TYR A 21 -15.29 -4.47 28.58
CA TYR A 21 -14.96 -3.15 29.10
C TYR A 21 -13.49 -2.83 28.89
N THR A 22 -12.95 -3.25 27.74
CA THR A 22 -11.55 -3.01 27.43
C THR A 22 -11.39 -2.51 25.99
N VAL A 23 -10.52 -1.52 25.81
CA VAL A 23 -10.28 -0.95 24.49
C VAL A 23 -9.26 -1.78 23.71
N GLU A 24 -8.95 -1.34 22.49
CA GLU A 24 -8.00 -2.04 21.66
C GLU A 24 -8.08 -3.54 21.88
N ALA A 25 -9.28 -4.04 22.16
CA ALA A 25 -9.49 -5.46 22.40
C ALA A 25 -9.95 -6.16 21.12
N SER A 26 -9.01 -6.78 20.42
CA SER A 26 -9.32 -7.48 19.19
C SER A 26 -10.36 -6.73 18.37
N LEU A 27 -10.07 -5.46 18.09
CA LEU A 27 -10.99 -4.63 17.31
C LEU A 27 -11.45 -5.35 16.05
N PRO A 28 -12.72 -5.13 15.68
CA PRO A 28 -13.31 -5.75 14.48
C PRO A 28 -12.72 -5.19 13.18
N PRO A 29 -12.66 -6.04 12.15
CA PRO A 29 -12.12 -5.65 10.84
C PRO A 29 -13.03 -4.67 10.11
N ASP A 30 -12.46 -3.53 9.73
CA ASP A 30 -13.22 -2.50 9.02
C ASP A 30 -12.50 -2.10 7.73
N PRO A 31 -12.92 -2.69 6.60
CA PRO A 31 -12.34 -2.40 5.29
C PRO A 31 -12.68 -1.00 4.80
N SER A 32 -13.91 -0.57 5.03
CA SER A 32 -14.37 0.74 4.61
C SER A 32 -13.37 1.82 5.01
N LYS A 33 -12.54 1.50 6.01
CA LYS A 33 -11.53 2.44 6.49
C LYS A 33 -10.22 2.26 5.73
N VAL A 34 -9.96 1.03 5.28
CA VAL A 34 -8.75 0.73 4.53
C VAL A 34 -8.67 1.53 3.24
N LYS A 35 -8.04 2.69 3.30
CA LYS A 35 -7.90 3.56 2.13
C LYS A 35 -6.52 3.41 1.51
N ALA A 36 -6.48 3.22 0.20
CA ALA A 36 -5.21 3.07 -0.52
C ALA A 36 -4.95 4.28 -1.41
N HIS A 37 -3.82 4.93 -1.18
CA HIS A 37 -3.45 6.11 -1.97
C HIS A 37 -1.93 6.19 -2.14
N GLY A 38 -1.49 6.48 -3.35
CA GLY A 38 -0.06 6.58 -3.63
C GLY A 38 0.27 6.38 -5.09
N PRO A 39 1.56 6.36 -5.41
CA PRO A 39 2.04 6.18 -6.79
C PRO A 39 1.80 4.77 -7.29
N GLY A 40 2.15 3.78 -6.48
CA GLY A 40 1.96 2.39 -6.87
C GLY A 40 0.60 2.14 -7.49
N LEU A 41 -0.38 2.97 -7.13
CA LEU A 41 -1.73 2.83 -7.67
C LEU A 41 -1.87 3.57 -8.99
N GLU A 42 -1.38 4.81 -9.03
CA GLU A 42 -1.44 5.62 -10.24
C GLU A 42 -0.68 4.96 -11.39
N GLY A 43 0.49 4.41 -11.06
CA GLY A 43 1.29 3.76 -12.08
C GLY A 43 2.78 3.90 -11.81
N GLY A 44 3.59 3.45 -12.77
CA GLY A 44 5.03 3.54 -12.61
C GLY A 44 5.78 3.30 -13.91
N LEU A 45 6.96 2.70 -13.82
CA LEU A 45 7.77 2.43 -15.00
C LEU A 45 8.21 0.97 -15.01
N VAL A 46 8.22 0.36 -16.20
CA VAL A 46 8.62 -1.03 -16.36
C VAL A 46 10.00 -1.27 -15.73
N GLY A 47 10.12 -2.37 -15.00
CA GLY A 47 11.38 -2.69 -14.35
C GLY A 47 11.58 -1.95 -13.05
N LYS A 48 10.98 -0.77 -12.94
CA LYS A 48 11.09 0.04 -11.74
C LYS A 48 10.04 -0.36 -10.71
N PRO A 49 10.43 -0.32 -9.42
CA PRO A 49 9.53 -0.68 -8.31
C PRO A 49 8.41 0.34 -8.12
N ALA A 50 7.31 -0.10 -7.54
CA ALA A 50 6.17 0.77 -7.28
C ALA A 50 5.40 0.34 -6.04
N GLU A 51 5.23 1.27 -5.10
CA GLU A 51 4.52 0.97 -3.86
C GLU A 51 3.48 2.05 -3.57
N PHE A 52 2.69 1.84 -2.52
CA PHE A 52 1.65 2.79 -2.14
C PHE A 52 1.51 2.85 -0.62
N THR A 53 0.63 3.73 -0.16
CA THR A 53 0.40 3.91 1.27
C THR A 53 -1.04 3.59 1.65
N ILE A 54 -1.23 2.58 2.48
CA ILE A 54 -2.57 2.19 2.92
C ILE A 54 -2.81 2.58 4.37
N ASP A 55 -3.94 3.24 4.61
CA ASP A 55 -4.30 3.67 5.96
C ASP A 55 -5.14 2.62 6.66
N THR A 56 -4.48 1.62 7.23
CA THR A 56 -5.17 0.54 7.94
C THR A 56 -5.06 0.71 9.44
N LYS A 57 -4.94 1.96 9.89
CA LYS A 57 -4.83 2.26 11.30
C LYS A 57 -6.19 2.20 11.98
N GLY A 58 -7.19 2.80 11.35
CA GLY A 58 -8.54 2.79 11.91
C GLY A 58 -9.41 1.72 11.28
N ALA A 59 -8.82 0.58 10.96
CA ALA A 59 -9.56 -0.52 10.36
C ALA A 59 -9.73 -1.68 11.34
N GLY A 60 -8.69 -1.95 12.12
CA GLY A 60 -8.75 -3.03 13.08
C GLY A 60 -7.69 -4.08 12.85
N THR A 61 -8.11 -5.34 12.76
CA THR A 61 -7.19 -6.44 12.54
C THR A 61 -7.85 -7.54 11.70
N GLY A 62 -7.02 -8.26 10.94
CA GLY A 62 -7.54 -9.33 10.09
C GLY A 62 -6.61 -9.65 8.94
N GLY A 63 -7.11 -10.42 7.99
CA GLY A 63 -6.31 -10.79 6.83
C GLY A 63 -6.65 -9.98 5.59
N LEU A 64 -5.67 -9.76 4.74
CA LEU A 64 -5.86 -8.99 3.52
C LEU A 64 -5.32 -9.74 2.31
N GLY A 65 -6.15 -9.86 1.27
CA GLY A 65 -5.73 -10.55 0.07
C GLY A 65 -5.33 -9.60 -1.04
N LEU A 66 -4.09 -9.71 -1.49
CA LEU A 66 -3.59 -8.85 -2.56
C LEU A 66 -3.18 -9.67 -3.79
N THR A 67 -3.87 -9.45 -4.90
CA THR A 67 -3.57 -10.17 -6.13
C THR A 67 -3.58 -9.24 -7.33
N VAL A 68 -2.47 -9.23 -8.08
CA VAL A 68 -2.35 -8.39 -9.25
C VAL A 68 -2.95 -9.05 -10.49
N GLU A 69 -4.08 -8.53 -10.94
CA GLU A 69 -4.76 -9.07 -12.11
C GLU A 69 -4.39 -8.30 -13.37
N GLY A 70 -3.22 -8.63 -13.93
CA GLY A 70 -2.75 -7.95 -15.13
C GLY A 70 -2.41 -8.92 -16.24
N PRO A 71 -1.82 -8.39 -17.33
CA PRO A 71 -1.43 -9.20 -18.48
C PRO A 71 -0.25 -10.13 -18.17
N CYS A 72 0.37 -9.91 -17.02
CA CYS A 72 1.50 -10.72 -16.60
C CYS A 72 1.54 -10.87 -15.08
N GLU A 73 2.24 -11.89 -14.61
CA GLU A 73 2.36 -12.14 -13.17
C GLU A 73 3.45 -11.27 -12.55
N ALA A 74 3.08 -10.07 -12.15
CA ALA A 74 4.03 -9.14 -11.53
C ALA A 74 4.31 -9.52 -10.09
N LYS A 75 5.57 -9.44 -9.69
CA LYS A 75 5.97 -9.77 -8.34
C LYS A 75 5.36 -8.79 -7.33
N ILE A 76 5.04 -9.29 -6.14
CA ILE A 76 4.45 -8.46 -5.09
C ILE A 76 5.14 -8.70 -3.76
N GLU A 77 5.71 -7.64 -3.20
CA GLU A 77 6.40 -7.74 -1.91
C GLU A 77 5.61 -7.03 -0.82
N CYS A 78 4.99 -7.83 0.06
CA CYS A 78 4.19 -7.28 1.16
C CYS A 78 5.04 -7.11 2.41
N SER A 79 5.13 -5.87 2.89
CA SER A 79 5.92 -5.57 4.08
C SER A 79 5.14 -4.67 5.04
N ASP A 80 5.36 -4.86 6.34
CA ASP A 80 4.68 -4.06 7.34
C ASP A 80 5.62 -2.99 7.92
N ASN A 81 5.07 -1.81 8.17
CA ASN A 81 5.85 -0.71 8.72
C ASN A 81 5.77 -0.69 10.24
N GLY A 82 4.57 -0.84 10.77
CA GLY A 82 4.38 -0.83 12.21
C GLY A 82 4.00 0.54 12.74
N ASP A 83 3.67 1.45 11.84
CA ASP A 83 3.29 2.82 12.22
C ASP A 83 1.83 3.08 11.89
N GLY A 84 1.23 2.19 11.10
CA GLY A 84 -0.16 2.36 10.73
C GLY A 84 -0.37 2.31 9.23
N THR A 85 0.71 2.14 8.49
CA THR A 85 0.65 2.08 7.04
C THR A 85 1.31 0.81 6.51
N CYS A 86 1.21 0.60 5.19
CA CYS A 86 1.79 -0.58 4.56
C CYS A 86 2.97 -0.19 3.67
N SER A 87 3.82 -1.17 3.35
CA SER A 87 4.98 -0.93 2.50
C SER A 87 5.06 -1.96 1.39
N VAL A 88 3.94 -2.18 0.71
CA VAL A 88 3.89 -3.14 -0.39
C VAL A 88 4.49 -2.55 -1.66
N SER A 89 5.47 -3.26 -2.23
CA SER A 89 6.13 -2.80 -3.44
C SER A 89 6.12 -3.90 -4.51
N TYR A 90 5.66 -3.54 -5.70
CA TYR A 90 5.59 -4.48 -6.81
C TYR A 90 6.48 -4.04 -7.97
N LEU A 91 6.81 -4.97 -8.85
CA LEU A 91 7.65 -4.69 -10.01
C LEU A 91 7.00 -5.18 -11.30
N PRO A 92 6.66 -4.24 -12.19
CA PRO A 92 6.04 -4.55 -13.47
C PRO A 92 7.00 -5.26 -14.43
N THR A 93 6.44 -6.05 -15.34
CA THR A 93 7.23 -6.79 -16.31
C THR A 93 7.07 -6.21 -17.72
N LYS A 94 5.85 -5.81 -18.04
CA LYS A 94 5.55 -5.23 -19.34
C LYS A 94 4.60 -4.05 -19.22
N PRO A 95 4.70 -3.10 -20.17
CA PRO A 95 3.87 -1.90 -20.18
C PRO A 95 2.41 -2.22 -20.52
N GLY A 96 1.53 -2.06 -19.54
CA GLY A 96 0.12 -2.33 -19.75
C GLY A 96 -0.75 -1.79 -18.64
N GLU A 97 -1.46 -2.67 -17.96
CA GLU A 97 -2.34 -2.28 -16.86
C GLU A 97 -2.41 -3.37 -15.79
N TYR A 98 -2.16 -2.99 -14.55
CA TYR A 98 -2.19 -3.93 -13.44
C TYR A 98 -3.28 -3.56 -12.44
N PHE A 99 -4.19 -4.48 -12.18
CA PHE A 99 -5.29 -4.25 -11.25
C PHE A 99 -5.00 -4.92 -9.91
N VAL A 100 -4.66 -4.10 -8.91
CA VAL A 100 -4.36 -4.62 -7.58
C VAL A 100 -5.63 -4.90 -6.80
N ASN A 101 -5.94 -6.19 -6.63
CA ASN A 101 -7.13 -6.60 -5.91
C ASN A 101 -6.91 -6.53 -4.40
N ILE A 102 -7.57 -5.57 -3.75
CA ILE A 102 -7.43 -5.40 -2.31
C ILE A 102 -8.74 -5.75 -1.60
N LEU A 103 -8.71 -6.85 -0.85
CA LEU A 103 -9.89 -7.30 -0.12
C LEU A 103 -9.53 -7.65 1.33
N PHE A 104 -10.27 -7.09 2.27
CA PHE A 104 -10.02 -7.35 3.69
C PHE A 104 -10.99 -8.42 4.22
N GLU A 105 -10.44 -9.58 4.54
CA GLU A 105 -11.25 -10.68 5.05
C GLU A 105 -12.35 -11.07 4.07
N GLU A 106 -11.98 -11.19 2.80
CA GLU A 106 -12.94 -11.54 1.76
C GLU A 106 -13.90 -10.39 1.49
N VAL A 107 -13.43 -9.17 1.71
CA VAL A 107 -14.26 -7.99 1.51
C VAL A 107 -13.52 -6.94 0.67
N HIS A 108 -13.95 -6.76 -0.57
CA HIS A 108 -13.33 -5.79 -1.47
C HIS A 108 -13.42 -4.38 -0.89
N ILE A 109 -12.27 -3.77 -0.65
CA ILE A 109 -12.23 -2.42 -0.11
C ILE A 109 -12.78 -1.41 -1.11
N PRO A 110 -13.32 -0.30 -0.58
CA PRO A 110 -13.90 0.77 -1.40
C PRO A 110 -12.84 1.55 -2.16
N GLY A 111 -12.41 1.00 -3.30
CA GLY A 111 -11.40 1.66 -4.11
C GLY A 111 -10.60 0.68 -4.95
N SER A 112 -10.74 -0.61 -4.65
CA SER A 112 -10.03 -1.65 -5.39
C SER A 112 -10.96 -2.37 -6.35
N PRO A 113 -10.39 -2.95 -7.41
CA PRO A 113 -8.94 -2.92 -7.64
C PRO A 113 -8.44 -1.52 -8.02
N PHE A 114 -7.12 -1.36 -8.07
CA PHE A 114 -6.53 -0.08 -8.42
C PHE A 114 -5.74 -0.18 -9.73
N LYS A 115 -6.30 0.38 -10.80
CA LYS A 115 -5.66 0.36 -12.10
C LYS A 115 -4.42 1.24 -12.11
N ALA A 116 -3.26 0.62 -12.36
CA ALA A 116 -2.00 1.36 -12.40
C ALA A 116 -1.41 1.35 -13.80
N ASP A 117 -1.53 2.48 -14.49
CA ASP A 117 -1.00 2.61 -15.85
C ASP A 117 0.52 2.61 -15.84
N ILE A 118 1.11 1.54 -16.35
CA ILE A 118 2.56 1.42 -16.40
C ILE A 118 3.11 1.93 -17.73
N GLU A 119 4.06 2.87 -17.67
CA GLU A 119 4.66 3.43 -18.86
C GLU A 119 6.10 2.95 -19.03
N MET A 120 6.57 2.92 -20.27
CA MET A 120 7.93 2.49 -20.57
C MET A 120 8.93 3.60 -20.28
N PRO A 121 9.95 3.29 -19.47
CA PRO A 121 11.00 4.26 -19.11
C PRO A 121 11.90 4.59 -20.28
N PHE A 122 12.54 5.76 -20.21
CA PHE A 122 13.44 6.21 -21.27
C PHE A 122 14.78 6.66 -20.69
N ASP A 123 15.86 6.29 -21.36
CA ASP A 123 17.20 6.65 -20.91
C ASP A 123 17.70 7.88 -21.66
N PRO A 124 18.42 8.77 -20.94
CA PRO A 124 18.96 9.99 -21.51
C PRO A 124 20.11 9.73 -22.48
N SER A 125 20.33 10.66 -23.40
CA SER A 125 21.40 10.52 -24.39
C SER A 125 22.67 11.19 -23.91
N SER A 126 23.76 10.97 -24.64
CA SER A 126 25.05 11.56 -24.30
C SER A 126 25.84 11.91 -25.55
N GLY A 127 26.72 12.91 -25.43
CA GLY A 127 27.53 13.33 -26.55
C GLY A 127 27.80 14.82 -26.55
N PRO A 128 28.82 15.24 -25.78
CA PRO A 128 29.20 16.65 -25.69
C PRO A 128 29.81 17.19 -26.97
N SER A 129 30.07 16.29 -27.92
CA SER A 129 30.66 16.67 -29.20
C SER A 129 29.82 17.76 -29.87
N SER A 130 30.31 18.99 -29.82
CA SER A 130 29.62 20.11 -30.42
C SER A 130 30.61 21.16 -30.94
N GLY A 131 30.53 21.44 -32.23
CA GLY A 131 31.43 22.42 -32.83
C GLY A 131 32.28 21.82 -33.93
N GLY A 1 39.17 1.85 64.90
CA GLY A 1 38.13 1.27 65.74
C GLY A 1 36.77 1.89 65.47
N SER A 2 35.82 1.62 66.37
CA SER A 2 34.47 2.14 66.23
C SER A 2 33.87 1.75 64.88
N SER A 3 34.10 0.50 64.48
CA SER A 3 33.59 0.00 63.21
C SER A 3 32.10 -0.36 63.33
N GLY A 4 31.32 0.09 62.35
CA GLY A 4 29.89 -0.19 62.36
C GLY A 4 29.11 0.78 61.50
N SER A 5 28.87 0.39 60.24
CA SER A 5 28.13 1.24 59.31
C SER A 5 27.40 0.40 58.28
N SER A 6 26.16 0.77 57.98
CA SER A 6 25.35 0.04 57.01
C SER A 6 24.17 0.88 56.55
N GLY A 7 23.40 0.35 55.60
CA GLY A 7 22.25 1.07 55.09
C GLY A 7 21.10 0.14 54.74
N ASP A 8 20.42 0.44 53.64
CA ASP A 8 19.29 -0.37 53.19
C ASP A 8 18.90 -0.02 51.77
N VAL A 9 18.11 -0.90 51.14
CA VAL A 9 17.67 -0.68 49.77
C VAL A 9 16.15 -0.64 49.69
N THR A 10 15.62 0.33 48.95
CA THR A 10 14.18 0.48 48.80
C THR A 10 13.83 1.13 47.47
N TYR A 11 12.57 1.01 47.06
CA TYR A 11 12.11 1.60 45.80
C TYR A 11 10.62 1.92 45.86
N ASP A 12 10.30 3.20 45.71
CA ASP A 12 8.91 3.64 45.74
C ASP A 12 8.41 3.96 44.34
N GLY A 13 7.56 3.08 43.81
CA GLY A 13 7.02 3.29 42.47
C GLY A 13 5.92 2.30 42.14
N HIS A 14 4.68 2.76 42.20
CA HIS A 14 3.53 1.90 41.90
C HIS A 14 3.74 1.18 40.58
N PRO A 15 3.08 0.01 40.44
CA PRO A 15 3.17 -0.79 39.22
C PRO A 15 2.46 -0.15 38.03
N VAL A 16 2.78 -0.61 36.83
CA VAL A 16 2.18 -0.08 35.62
C VAL A 16 0.65 -0.11 35.70
N PRO A 17 0.00 0.81 35.00
CA PRO A 17 -1.47 0.90 34.98
C PRO A 17 -2.11 -0.26 34.24
N GLY A 18 -3.44 -0.36 34.35
CA GLY A 18 -4.15 -1.44 33.69
C GLY A 18 -5.64 -1.40 33.97
N SER A 19 -6.41 -0.90 33.02
CA SER A 19 -7.86 -0.79 33.16
C SER A 19 -8.57 -1.70 32.16
N PRO A 20 -9.82 -2.05 32.48
CA PRO A 20 -10.64 -2.92 31.62
C PRO A 20 -11.06 -2.22 30.33
N TYR A 21 -10.95 -0.90 30.32
CA TYR A 21 -11.32 -0.11 29.13
C TYR A 21 -10.11 0.14 28.25
N THR A 22 -9.32 -0.90 28.02
CA THR A 22 -8.14 -0.80 27.18
C THR A 22 -8.47 -0.22 25.82
N VAL A 23 -7.46 0.33 25.15
CA VAL A 23 -7.65 0.92 23.83
C VAL A 23 -7.48 -0.13 22.73
N GLU A 24 -7.70 0.28 21.49
CA GLU A 24 -7.57 -0.63 20.34
C GLU A 24 -8.05 -2.03 20.70
N ALA A 25 -9.10 -2.10 21.53
CA ALA A 25 -9.66 -3.37 21.94
C ALA A 25 -10.09 -4.21 20.74
N SER A 26 -10.66 -5.38 21.01
CA SER A 26 -11.11 -6.28 19.94
C SER A 26 -12.17 -5.60 19.09
N LEU A 27 -11.78 -5.19 17.89
CA LEU A 27 -12.71 -4.54 16.97
C LEU A 27 -12.90 -5.37 15.71
N PRO A 28 -14.11 -5.29 15.12
CA PRO A 28 -14.45 -6.02 13.90
C PRO A 28 -13.70 -5.50 12.67
N PRO A 29 -13.50 -6.38 11.69
CA PRO A 29 -12.80 -6.03 10.45
C PRO A 29 -13.61 -5.08 9.57
N ASP A 30 -13.17 -3.82 9.51
CA ASP A 30 -13.84 -2.81 8.71
C ASP A 30 -13.02 -2.46 7.48
N PRO A 31 -13.38 -3.03 6.32
CA PRO A 31 -12.69 -2.78 5.06
C PRO A 31 -12.93 -1.37 4.53
N SER A 32 -14.09 -0.82 4.84
CA SER A 32 -14.43 0.53 4.41
C SER A 32 -13.37 1.54 4.83
N LYS A 33 -12.69 1.22 5.92
CA LYS A 33 -11.64 2.11 6.44
C LYS A 33 -10.33 1.88 5.68
N VAL A 34 -10.17 0.69 5.12
CA VAL A 34 -8.96 0.36 4.36
C VAL A 34 -8.88 1.18 3.08
N LYS A 35 -7.97 2.14 3.05
CA LYS A 35 -7.79 2.98 1.87
C LYS A 35 -6.37 2.89 1.35
N ALA A 36 -6.23 2.78 0.03
CA ALA A 36 -4.91 2.69 -0.60
C ALA A 36 -4.61 3.94 -1.43
N HIS A 37 -3.68 4.75 -0.94
CA HIS A 37 -3.30 5.97 -1.65
C HIS A 37 -1.78 6.01 -1.87
N GLY A 38 -1.38 6.30 -3.11
CA GLY A 38 0.02 6.37 -3.43
C GLY A 38 0.28 6.36 -4.92
N PRO A 39 1.56 6.43 -5.31
CA PRO A 39 1.97 6.43 -6.72
C PRO A 39 1.74 5.08 -7.39
N GLY A 40 2.21 4.02 -6.74
CA GLY A 40 2.05 2.68 -7.29
C GLY A 40 0.65 2.44 -7.82
N LEU A 41 -0.32 3.19 -7.30
CA LEU A 41 -1.70 3.05 -7.74
C LEU A 41 -1.93 3.73 -9.08
N GLU A 42 -1.46 4.97 -9.19
CA GLU A 42 -1.61 5.74 -10.43
C GLU A 42 -0.83 5.08 -11.56
N GLY A 43 0.29 4.45 -11.22
CA GLY A 43 1.10 3.80 -12.23
C GLY A 43 2.58 3.84 -11.91
N GLY A 44 3.42 3.48 -12.88
CA GLY A 44 4.85 3.48 -12.66
C GLY A 44 5.62 3.23 -13.94
N LEU A 45 6.75 2.53 -13.81
CA LEU A 45 7.59 2.22 -14.96
C LEU A 45 7.96 0.74 -14.99
N VAL A 46 8.15 0.20 -16.18
CA VAL A 46 8.51 -1.20 -16.34
C VAL A 46 9.88 -1.50 -15.73
N GLY A 47 10.01 -2.68 -15.14
CA GLY A 47 11.27 -3.07 -14.52
C GLY A 47 11.63 -2.18 -13.35
N LYS A 48 10.70 -1.31 -12.95
CA LYS A 48 10.92 -0.41 -11.83
C LYS A 48 9.95 -0.70 -10.69
N PRO A 49 10.42 -0.53 -9.45
CA PRO A 49 9.60 -0.77 -8.26
C PRO A 49 8.51 0.28 -8.09
N ALA A 50 7.33 -0.17 -7.67
CA ALA A 50 6.20 0.72 -7.45
C ALA A 50 5.40 0.33 -6.21
N GLU A 51 5.36 1.24 -5.24
CA GLU A 51 4.63 0.97 -4.00
C GLU A 51 3.69 2.13 -3.67
N PHE A 52 2.84 1.93 -2.67
CA PHE A 52 1.88 2.96 -2.26
C PHE A 52 1.68 2.94 -0.76
N THR A 53 0.86 3.86 -0.26
CA THR A 53 0.59 3.96 1.17
C THR A 53 -0.81 3.43 1.49
N ILE A 54 -0.88 2.43 2.36
CA ILE A 54 -2.15 1.85 2.75
C ILE A 54 -2.50 2.20 4.20
N ASP A 55 -3.74 2.60 4.42
CA ASP A 55 -4.20 2.97 5.75
C ASP A 55 -5.06 1.86 6.35
N THR A 56 -4.73 1.47 7.58
CA THR A 56 -5.47 0.41 8.27
C THR A 56 -6.03 0.91 9.59
N LYS A 57 -5.41 1.95 10.14
CA LYS A 57 -5.85 2.52 11.41
C LYS A 57 -7.33 2.89 11.36
N GLY A 58 -8.14 2.13 12.10
CA GLY A 58 -9.58 2.39 12.12
C GLY A 58 -10.38 1.22 11.58
N ALA A 59 -9.73 0.35 10.82
CA ALA A 59 -10.40 -0.81 10.25
C ALA A 59 -10.75 -1.83 11.33
N GLY A 60 -9.77 -2.16 12.16
CA GLY A 60 -9.99 -3.13 13.23
C GLY A 60 -8.89 -4.18 13.29
N THR A 61 -9.25 -5.42 12.99
CA THR A 61 -8.30 -6.52 13.02
C THR A 61 -8.70 -7.64 12.07
N GLY A 62 -7.76 -8.09 11.26
CA GLY A 62 -8.04 -9.15 10.31
C GLY A 62 -6.92 -9.37 9.32
N GLY A 63 -7.26 -9.83 8.13
CA GLY A 63 -6.25 -10.08 7.10
C GLY A 63 -6.55 -9.34 5.81
N LEU A 64 -5.53 -9.14 5.00
CA LEU A 64 -5.69 -8.44 3.73
C LEU A 64 -5.08 -9.26 2.59
N GLY A 65 -5.80 -9.33 1.47
CA GLY A 65 -5.32 -10.07 0.32
C GLY A 65 -5.01 -9.17 -0.87
N LEU A 66 -3.78 -9.22 -1.35
CA LEU A 66 -3.36 -8.41 -2.48
C LEU A 66 -2.96 -9.29 -3.66
N THR A 67 -3.66 -9.11 -4.78
CA THR A 67 -3.37 -9.89 -5.99
C THR A 67 -3.35 -9.00 -7.23
N VAL A 68 -2.29 -9.14 -8.03
CA VAL A 68 -2.15 -8.35 -9.24
C VAL A 68 -2.81 -9.03 -10.43
N GLU A 69 -3.87 -8.43 -10.94
CA GLU A 69 -4.59 -8.98 -12.08
C GLU A 69 -4.23 -8.25 -13.36
N GLY A 70 -2.98 -8.42 -13.80
CA GLY A 70 -2.53 -7.77 -15.02
C GLY A 70 -2.24 -8.76 -16.13
N PRO A 71 -1.61 -8.27 -17.21
CA PRO A 71 -1.27 -9.10 -18.37
C PRO A 71 -0.15 -10.10 -18.05
N CYS A 72 0.43 -9.97 -16.88
CA CYS A 72 1.51 -10.85 -16.45
C CYS A 72 1.57 -10.96 -14.93
N GLU A 73 2.21 -12.02 -14.44
CA GLU A 73 2.33 -12.23 -13.00
C GLU A 73 3.50 -11.43 -12.43
N ALA A 74 3.19 -10.24 -11.91
CA ALA A 74 4.21 -9.38 -11.33
C ALA A 74 4.41 -9.68 -9.85
N LYS A 75 5.66 -9.67 -9.42
CA LYS A 75 5.99 -9.94 -8.02
C LYS A 75 5.36 -8.90 -7.10
N ILE A 76 5.01 -9.31 -5.89
CA ILE A 76 4.40 -8.41 -4.92
C ILE A 76 5.03 -8.59 -3.54
N GLU A 77 5.82 -7.62 -3.13
CA GLU A 77 6.49 -7.67 -1.83
C GLU A 77 5.74 -6.81 -0.81
N CYS A 78 5.02 -7.46 0.09
CA CYS A 78 4.26 -6.76 1.12
C CYS A 78 5.04 -6.72 2.43
N SER A 79 5.31 -5.52 2.92
CA SER A 79 6.04 -5.33 4.16
C SER A 79 5.42 -4.23 5.01
N ASP A 80 5.09 -4.55 6.24
CA ASP A 80 4.50 -3.58 7.16
C ASP A 80 5.53 -2.55 7.62
N ASN A 81 5.08 -1.35 7.92
CA ASN A 81 5.96 -0.28 8.38
C ASN A 81 6.23 -0.39 9.88
N GLY A 82 5.16 -0.64 10.63
CA GLY A 82 5.30 -0.76 12.08
C GLY A 82 4.56 0.33 12.83
N ASP A 83 4.24 1.41 12.13
CA ASP A 83 3.52 2.52 12.74
C ASP A 83 2.02 2.37 12.57
N GLY A 84 1.62 1.42 11.72
CA GLY A 84 0.20 1.19 11.48
C GLY A 84 -0.15 1.26 10.01
N THR A 85 0.86 1.23 9.15
CA THR A 85 0.65 1.30 7.71
C THR A 85 1.35 0.16 7.00
N CYS A 86 1.11 0.05 5.69
CA CYS A 86 1.72 -0.99 4.89
C CYS A 86 2.23 -0.45 3.55
N SER A 87 3.39 -0.93 3.13
CA SER A 87 3.98 -0.49 1.87
C SER A 87 4.24 -1.66 0.94
N VAL A 88 3.29 -1.94 0.06
CA VAL A 88 3.42 -3.04 -0.89
C VAL A 88 4.11 -2.58 -2.17
N SER A 89 5.23 -3.22 -2.50
CA SER A 89 5.99 -2.88 -3.69
C SER A 89 5.88 -3.99 -4.73
N TYR A 90 5.51 -3.61 -5.96
CA TYR A 90 5.38 -4.57 -7.04
C TYR A 90 6.28 -4.20 -8.21
N LEU A 91 6.73 -5.21 -8.94
CA LEU A 91 7.61 -5.00 -10.10
C LEU A 91 7.00 -5.59 -11.36
N PRO A 92 6.49 -4.73 -12.23
CA PRO A 92 5.87 -5.14 -13.51
C PRO A 92 6.90 -5.70 -14.49
N THR A 93 6.40 -6.32 -15.56
CA THR A 93 7.27 -6.89 -16.58
C THR A 93 7.13 -6.13 -17.90
N LYS A 94 5.90 -5.74 -18.22
CA LYS A 94 5.64 -5.01 -19.46
C LYS A 94 4.69 -3.84 -19.21
N PRO A 95 4.83 -2.79 -20.02
CA PRO A 95 4.00 -1.59 -19.91
C PRO A 95 2.55 -1.85 -20.32
N GLY A 96 1.64 -1.72 -19.37
CA GLY A 96 0.23 -1.94 -19.65
C GLY A 96 -0.67 -1.46 -18.52
N GLU A 97 -1.38 -2.39 -17.91
CA GLU A 97 -2.28 -2.06 -16.82
C GLU A 97 -2.29 -3.16 -15.75
N TYR A 98 -2.04 -2.79 -14.51
CA TYR A 98 -2.02 -3.73 -13.41
C TYR A 98 -3.09 -3.41 -12.37
N PHE A 99 -4.09 -4.28 -12.28
CA PHE A 99 -5.19 -4.08 -11.34
C PHE A 99 -4.84 -4.69 -9.98
N VAL A 100 -4.67 -3.83 -8.98
CA VAL A 100 -4.34 -4.28 -7.63
C VAL A 100 -5.61 -4.60 -6.84
N ASN A 101 -5.86 -5.90 -6.65
CA ASN A 101 -7.03 -6.34 -5.90
C ASN A 101 -6.79 -6.24 -4.40
N ILE A 102 -7.53 -5.34 -3.75
CA ILE A 102 -7.40 -5.14 -2.31
C ILE A 102 -8.67 -5.57 -1.59
N LEU A 103 -8.57 -6.67 -0.84
CA LEU A 103 -9.70 -7.19 -0.08
C LEU A 103 -9.31 -7.50 1.36
N PHE A 104 -10.09 -7.00 2.30
CA PHE A 104 -9.83 -7.22 3.71
C PHE A 104 -10.78 -8.27 4.29
N GLU A 105 -10.22 -9.41 4.68
CA GLU A 105 -11.03 -10.49 5.24
C GLU A 105 -12.10 -10.95 4.26
N GLU A 106 -11.70 -11.12 3.00
CA GLU A 106 -12.62 -11.55 1.96
C GLU A 106 -13.64 -10.45 1.64
N VAL A 107 -13.21 -9.20 1.77
CA VAL A 107 -14.09 -8.07 1.50
C VAL A 107 -13.38 -7.02 0.65
N HIS A 108 -13.86 -6.87 -0.59
CA HIS A 108 -13.27 -5.89 -1.51
C HIS A 108 -13.47 -4.47 -1.00
N ILE A 109 -12.37 -3.78 -0.75
CA ILE A 109 -12.43 -2.41 -0.26
C ILE A 109 -13.02 -1.48 -1.31
N PRO A 110 -13.66 -0.39 -0.85
CA PRO A 110 -14.29 0.60 -1.72
C PRO A 110 -13.25 1.43 -2.49
N GLY A 111 -12.79 0.88 -3.62
CA GLY A 111 -11.81 1.57 -4.43
C GLY A 111 -10.94 0.61 -5.23
N SER A 112 -11.00 -0.66 -4.87
CA SER A 112 -10.20 -1.67 -5.57
C SER A 112 -11.07 -2.47 -6.54
N PRO A 113 -10.43 -3.04 -7.57
CA PRO A 113 -8.98 -2.92 -7.77
C PRO A 113 -8.57 -1.51 -8.17
N PHE A 114 -7.26 -1.26 -8.21
CA PHE A 114 -6.74 0.05 -8.57
C PHE A 114 -5.91 -0.03 -9.85
N LYS A 115 -6.52 0.35 -10.96
CA LYS A 115 -5.84 0.31 -12.25
C LYS A 115 -4.63 1.23 -12.25
N ALA A 116 -3.45 0.65 -12.44
CA ALA A 116 -2.21 1.43 -12.46
C ALA A 116 -1.59 1.44 -13.87
N ASP A 117 -1.69 2.57 -14.54
CA ASP A 117 -1.14 2.73 -15.88
C ASP A 117 0.37 2.81 -15.84
N ILE A 118 1.04 1.79 -16.37
CA ILE A 118 2.50 1.75 -16.39
C ILE A 118 3.04 2.30 -17.71
N GLU A 119 4.18 2.97 -17.65
CA GLU A 119 4.80 3.55 -18.83
C GLU A 119 6.22 3.01 -19.00
N MET A 120 6.75 3.16 -20.22
CA MET A 120 8.10 2.70 -20.51
C MET A 120 9.14 3.73 -20.09
N PRO A 121 10.10 3.30 -19.25
CA PRO A 121 11.17 4.18 -18.76
C PRO A 121 12.15 4.57 -19.85
N PHE A 122 12.91 5.64 -19.61
CA PHE A 122 13.89 6.11 -20.58
C PHE A 122 14.74 4.97 -21.11
N ASP A 123 15.15 5.07 -22.37
CA ASP A 123 15.97 4.03 -22.99
C ASP A 123 17.45 4.35 -22.83
N PRO A 124 18.25 3.29 -22.60
CA PRO A 124 19.70 3.43 -22.42
C PRO A 124 20.41 3.82 -23.71
N SER A 125 20.97 5.02 -23.75
CA SER A 125 21.68 5.50 -24.92
C SER A 125 23.05 6.05 -24.55
N SER A 126 23.07 6.99 -23.61
CA SER A 126 24.31 7.60 -23.17
C SER A 126 25.06 6.68 -22.20
N GLY A 127 26.37 6.59 -22.36
CA GLY A 127 27.17 5.75 -21.50
C GLY A 127 28.53 5.42 -22.09
N PRO A 128 29.55 5.31 -21.23
CA PRO A 128 30.92 5.00 -21.66
C PRO A 128 31.06 3.58 -22.17
N SER A 129 30.39 2.65 -21.49
CA SER A 129 30.45 1.24 -21.86
C SER A 129 30.33 1.07 -23.37
N SER A 130 31.13 0.18 -23.93
CA SER A 130 31.13 -0.07 -25.37
C SER A 130 29.81 -0.72 -25.80
N GLY A 131 29.44 -1.80 -25.12
CA GLY A 131 28.21 -2.48 -25.45
C GLY A 131 28.31 -3.98 -25.21
N GLY A 1 -9.51 29.27 -32.47
CA GLY A 1 -10.12 28.58 -31.35
C GLY A 1 -9.12 28.23 -30.27
N SER A 2 -9.63 27.91 -29.08
CA SER A 2 -8.77 27.54 -27.96
C SER A 2 -9.55 26.75 -26.91
N SER A 3 -8.83 26.22 -25.93
CA SER A 3 -9.45 25.44 -24.87
C SER A 3 -8.43 25.05 -23.80
N GLY A 4 -8.90 24.44 -22.73
CA GLY A 4 -8.02 24.04 -21.65
C GLY A 4 -8.56 22.87 -20.85
N SER A 5 -7.67 22.14 -20.19
CA SER A 5 -8.08 20.99 -19.39
C SER A 5 -7.18 20.83 -18.16
N SER A 6 -7.81 20.61 -17.01
CA SER A 6 -7.08 20.45 -15.76
C SER A 6 -7.86 19.57 -14.78
N GLY A 7 -7.24 19.30 -13.63
CA GLY A 7 -7.89 18.47 -12.63
C GLY A 7 -7.84 19.09 -11.25
N ASP A 8 -8.25 18.33 -10.24
CA ASP A 8 -8.26 18.83 -8.87
C ASP A 8 -8.29 17.66 -7.88
N VAL A 9 -8.34 17.98 -6.60
CA VAL A 9 -8.36 16.97 -5.55
C VAL A 9 -9.50 17.21 -4.58
N THR A 10 -10.05 16.13 -4.03
CA THR A 10 -11.15 16.23 -3.08
C THR A 10 -10.64 16.32 -1.65
N TYR A 11 -11.14 17.31 -0.91
CA TYR A 11 -10.73 17.51 0.47
C TYR A 11 -11.49 16.57 1.42
N ASP A 12 -10.75 15.76 2.16
CA ASP A 12 -11.35 14.82 3.10
C ASP A 12 -10.82 15.05 4.50
N GLY A 13 -11.65 15.66 5.36
CA GLY A 13 -11.24 15.93 6.72
C GLY A 13 -11.80 14.91 7.70
N HIS A 14 -10.91 14.16 8.34
CA HIS A 14 -11.33 13.15 9.30
C HIS A 14 -12.39 13.70 10.26
N PRO A 15 -13.39 12.87 10.58
CA PRO A 15 -14.48 13.25 11.47
C PRO A 15 -14.01 13.41 12.92
N VAL A 16 -14.96 13.50 13.84
CA VAL A 16 -14.65 13.66 15.25
C VAL A 16 -13.80 12.49 15.75
N PRO A 17 -12.87 12.79 16.68
CA PRO A 17 -11.98 11.78 17.25
C PRO A 17 -12.71 10.82 18.17
N GLY A 18 -13.81 11.28 18.75
CA GLY A 18 -14.59 10.44 19.65
C GLY A 18 -14.15 10.57 21.09
N SER A 19 -14.57 9.62 21.92
CA SER A 19 -14.22 9.63 23.33
C SER A 19 -12.99 8.75 23.60
N PRO A 20 -12.13 9.22 24.52
CA PRO A 20 -10.90 8.48 24.89
C PRO A 20 -11.21 7.20 25.66
N TYR A 21 -12.41 7.14 26.24
CA TYR A 21 -12.81 5.97 27.01
C TYR A 21 -13.33 4.86 26.10
N THR A 22 -12.69 4.70 24.94
CA THR A 22 -13.07 3.68 23.98
C THR A 22 -12.12 2.49 24.02
N VAL A 23 -12.60 1.34 23.54
CA VAL A 23 -11.79 0.14 23.52
C VAL A 23 -11.13 -0.06 22.16
N GLU A 24 -9.82 -0.31 22.17
CA GLU A 24 -9.07 -0.50 20.94
C GLU A 24 -8.70 -1.97 20.76
N ALA A 25 -9.02 -2.78 21.76
CA ALA A 25 -8.72 -4.21 21.72
C ALA A 25 -9.92 -5.01 21.23
N SER A 26 -9.68 -5.99 20.37
CA SER A 26 -10.74 -6.83 19.83
C SER A 26 -11.71 -5.99 19.00
N LEU A 27 -11.16 -5.24 18.05
CA LEU A 27 -11.98 -4.39 17.18
C LEU A 27 -12.31 -5.11 15.88
N PRO A 28 -13.53 -4.90 15.38
CA PRO A 28 -14.00 -5.51 14.13
C PRO A 28 -13.30 -4.95 12.90
N PRO A 29 -13.06 -5.81 11.90
CA PRO A 29 -12.40 -5.42 10.66
C PRO A 29 -13.25 -4.50 9.80
N ASP A 30 -12.88 -3.22 9.75
CA ASP A 30 -13.63 -2.24 8.96
C ASP A 30 -12.88 -1.92 7.66
N PRO A 31 -13.25 -2.63 6.58
CA PRO A 31 -12.63 -2.44 5.26
C PRO A 31 -13.01 -1.10 4.64
N SER A 32 -14.27 -0.72 4.80
CA SER A 32 -14.77 0.54 4.25
C SER A 32 -13.84 1.70 4.62
N LYS A 33 -13.09 1.52 5.70
CA LYS A 33 -12.16 2.56 6.15
C LYS A 33 -10.84 2.47 5.38
N VAL A 34 -10.38 1.24 5.12
CA VAL A 34 -9.13 1.02 4.40
C VAL A 34 -9.01 1.99 3.23
N LYS A 35 -8.02 2.87 3.30
CA LYS A 35 -7.78 3.85 2.25
C LYS A 35 -6.41 3.63 1.60
N ALA A 36 -6.42 3.46 0.28
CA ALA A 36 -5.17 3.25 -0.46
C ALA A 36 -4.84 4.46 -1.31
N HIS A 37 -3.72 5.12 -0.99
CA HIS A 37 -3.28 6.29 -1.74
C HIS A 37 -1.78 6.24 -1.99
N GLY A 38 -1.40 6.40 -3.25
CA GLY A 38 0.01 6.37 -3.61
C GLY A 38 0.24 6.33 -5.10
N PRO A 39 1.52 6.41 -5.51
CA PRO A 39 1.89 6.38 -6.93
C PRO A 39 1.66 5.03 -7.57
N GLY A 40 2.02 3.97 -6.84
CA GLY A 40 1.85 2.62 -7.36
C GLY A 40 0.43 2.36 -7.82
N LEU A 41 -0.49 3.19 -7.37
CA LEU A 41 -1.90 3.04 -7.74
C LEU A 41 -2.19 3.72 -9.07
N GLU A 42 -1.63 4.90 -9.27
CA GLU A 42 -1.83 5.65 -10.50
C GLU A 42 -1.05 5.02 -11.65
N GLY A 43 0.09 4.41 -11.31
CA GLY A 43 0.92 3.78 -12.33
C GLY A 43 2.38 3.74 -11.94
N GLY A 44 3.24 3.48 -12.92
CA GLY A 44 4.67 3.42 -12.64
C GLY A 44 5.49 3.24 -13.91
N LEU A 45 6.56 2.45 -13.82
CA LEU A 45 7.43 2.20 -14.96
C LEU A 45 7.80 0.73 -15.05
N VAL A 46 7.97 0.24 -16.27
CA VAL A 46 8.33 -1.16 -16.49
C VAL A 46 9.74 -1.45 -15.97
N GLY A 47 9.88 -2.55 -15.24
CA GLY A 47 11.17 -2.93 -14.70
C GLY A 47 11.53 -2.13 -13.46
N LYS A 48 10.77 -1.08 -13.20
CA LYS A 48 11.01 -0.23 -12.04
C LYS A 48 10.04 -0.57 -10.91
N PRO A 49 10.50 -0.39 -9.66
CA PRO A 49 9.67 -0.67 -8.48
C PRO A 49 8.55 0.33 -8.30
N ALA A 50 7.39 -0.15 -7.83
CA ALA A 50 6.24 0.71 -7.62
C ALA A 50 5.46 0.28 -6.37
N GLU A 51 5.27 1.22 -5.45
CA GLU A 51 4.54 0.94 -4.22
C GLU A 51 3.57 2.08 -3.89
N PHE A 52 2.75 1.87 -2.86
CA PHE A 52 1.79 2.87 -2.44
C PHE A 52 1.68 2.92 -0.92
N THR A 53 0.88 3.85 -0.42
CA THR A 53 0.68 4.01 1.01
C THR A 53 -0.73 3.62 1.44
N ILE A 54 -0.83 2.52 2.19
CA ILE A 54 -2.13 2.04 2.65
C ILE A 54 -2.35 2.39 4.13
N ASP A 55 -3.55 2.86 4.44
CA ASP A 55 -3.88 3.23 5.82
C ASP A 55 -4.92 2.27 6.39
N THR A 56 -4.56 1.62 7.51
CA THR A 56 -5.46 0.67 8.15
C THR A 56 -5.74 1.08 9.60
N LYS A 57 -5.54 2.36 9.89
CA LYS A 57 -5.77 2.88 11.24
C LYS A 57 -7.25 3.07 11.50
N GLY A 58 -7.79 2.30 12.45
CA GLY A 58 -9.20 2.40 12.78
C GLY A 58 -10.01 1.24 12.23
N ALA A 59 -9.52 0.64 11.14
CA ALA A 59 -10.21 -0.48 10.52
C ALA A 59 -10.51 -1.57 11.53
N GLY A 60 -9.45 -2.15 12.10
CA GLY A 60 -9.63 -3.20 13.08
C GLY A 60 -8.48 -4.20 13.07
N THR A 61 -8.78 -5.44 13.42
CA THR A 61 -7.77 -6.49 13.45
C THR A 61 -8.18 -7.68 12.59
N GLY A 62 -7.37 -8.00 11.59
CA GLY A 62 -7.66 -9.12 10.71
C GLY A 62 -6.55 -9.40 9.73
N GLY A 63 -6.69 -8.89 8.52
CA GLY A 63 -5.68 -9.10 7.49
C GLY A 63 -6.06 -8.49 6.16
N LEU A 64 -5.08 -8.33 5.28
CA LEU A 64 -5.32 -7.75 3.96
C LEU A 64 -4.65 -8.58 2.87
N GLY A 65 -5.40 -8.83 1.79
CA GLY A 65 -4.86 -9.62 0.70
C GLY A 65 -4.75 -8.82 -0.59
N LEU A 66 -3.59 -8.89 -1.23
CA LEU A 66 -3.36 -8.16 -2.46
C LEU A 66 -2.98 -9.11 -3.60
N THR A 67 -3.58 -8.91 -4.76
CA THR A 67 -3.31 -9.75 -5.92
C THR A 67 -3.30 -8.93 -7.20
N VAL A 68 -2.22 -9.04 -7.96
CA VAL A 68 -2.08 -8.31 -9.21
C VAL A 68 -2.70 -9.08 -10.37
N GLU A 69 -3.84 -8.59 -10.85
CA GLU A 69 -4.54 -9.25 -11.96
C GLU A 69 -4.15 -8.62 -13.29
N GLY A 70 -2.85 -8.54 -13.54
CA GLY A 70 -2.37 -7.95 -14.78
C GLY A 70 -2.22 -8.98 -15.88
N PRO A 71 -1.79 -8.52 -17.07
CA PRO A 71 -1.60 -9.39 -18.24
C PRO A 71 -0.42 -10.35 -18.06
N CYS A 72 0.50 -9.99 -17.17
CA CYS A 72 1.68 -10.81 -16.91
C CYS A 72 1.76 -11.18 -15.43
N GLU A 73 2.83 -11.88 -15.08
CA GLU A 73 3.03 -12.30 -13.69
C GLU A 73 4.07 -11.45 -13.00
N ALA A 74 3.63 -10.37 -12.36
CA ALA A 74 4.52 -9.46 -11.67
C ALA A 74 4.66 -9.84 -10.19
N LYS A 75 5.88 -9.73 -9.67
CA LYS A 75 6.15 -10.07 -8.27
C LYS A 75 5.56 -9.02 -7.34
N ILE A 76 5.19 -9.45 -6.13
CA ILE A 76 4.63 -8.53 -5.15
C ILE A 76 5.28 -8.72 -3.79
N GLU A 77 5.88 -7.65 -3.27
CA GLU A 77 6.53 -7.71 -1.96
C GLU A 77 5.80 -6.83 -0.96
N CYS A 78 5.16 -7.48 0.02
CA CYS A 78 4.42 -6.75 1.06
C CYS A 78 5.06 -6.96 2.42
N SER A 79 5.30 -5.86 3.12
CA SER A 79 5.91 -5.92 4.45
C SER A 79 5.23 -4.95 5.41
N ASP A 80 4.47 -5.51 6.35
CA ASP A 80 3.76 -4.70 7.34
C ASP A 80 4.72 -3.82 8.12
N ASN A 81 4.23 -2.67 8.58
CA ASN A 81 5.06 -1.74 9.35
C ASN A 81 4.83 -1.92 10.84
N GLY A 82 3.58 -1.77 11.27
CA GLY A 82 3.24 -1.91 12.67
C GLY A 82 2.62 -0.66 13.24
N ASP A 83 2.62 0.41 12.47
CA ASP A 83 2.05 1.68 12.91
C ASP A 83 0.64 1.87 12.34
N GLY A 84 0.31 1.08 11.32
CA GLY A 84 -0.99 1.18 10.70
C GLY A 84 -0.92 1.35 9.20
N THR A 85 0.20 0.93 8.62
CA THR A 85 0.40 1.04 7.17
C THR A 85 1.09 -0.20 6.61
N CYS A 86 1.35 -0.19 5.31
CA CYS A 86 2.01 -1.31 4.66
C CYS A 86 2.86 -0.83 3.49
N SER A 87 3.98 -1.51 3.26
CA SER A 87 4.89 -1.15 2.17
C SER A 87 4.84 -2.19 1.06
N VAL A 88 3.85 -2.08 0.19
CA VAL A 88 3.69 -3.02 -0.92
C VAL A 88 4.39 -2.49 -2.18
N SER A 89 5.33 -3.27 -2.70
CA SER A 89 6.07 -2.88 -3.89
C SER A 89 6.07 -4.01 -4.91
N TYR A 90 5.68 -3.69 -6.14
CA TYR A 90 5.63 -4.67 -7.21
C TYR A 90 6.56 -4.28 -8.36
N LEU A 91 7.03 -5.27 -9.10
CA LEU A 91 7.93 -5.03 -10.23
C LEU A 91 7.36 -5.63 -11.51
N PRO A 92 6.82 -4.76 -12.38
CA PRO A 92 6.23 -5.18 -13.66
C PRO A 92 7.28 -5.66 -14.64
N THR A 93 6.84 -6.01 -15.85
CA THR A 93 7.75 -6.48 -16.89
C THR A 93 7.45 -5.81 -18.22
N LYS A 94 6.17 -5.56 -18.49
CA LYS A 94 5.76 -4.92 -19.73
C LYS A 94 4.75 -3.80 -19.46
N PRO A 95 4.77 -2.77 -20.32
CA PRO A 95 3.86 -1.63 -20.19
C PRO A 95 2.41 -1.99 -20.48
N GLY A 96 1.51 -1.63 -19.57
CA GLY A 96 0.11 -1.94 -19.75
C GLY A 96 -0.74 -1.45 -18.60
N GLU A 97 -1.32 -2.40 -17.86
CA GLU A 97 -2.16 -2.07 -16.72
C GLU A 97 -2.12 -3.18 -15.67
N TYR A 98 -2.06 -2.79 -14.40
CA TYR A 98 -2.02 -3.75 -13.31
C TYR A 98 -3.11 -3.46 -12.28
N PHE A 99 -4.07 -4.37 -12.17
CA PHE A 99 -5.17 -4.22 -11.23
C PHE A 99 -4.77 -4.72 -9.84
N VAL A 100 -4.83 -3.83 -8.86
CA VAL A 100 -4.48 -4.17 -7.48
C VAL A 100 -5.73 -4.52 -6.67
N ASN A 101 -5.96 -5.81 -6.47
CA ASN A 101 -7.12 -6.26 -5.71
C ASN A 101 -6.86 -6.16 -4.21
N ILE A 102 -7.38 -5.12 -3.59
CA ILE A 102 -7.20 -4.90 -2.16
C ILE A 102 -8.44 -5.33 -1.38
N LEU A 103 -8.32 -6.41 -0.61
CA LEU A 103 -9.42 -6.91 0.18
C LEU A 103 -9.00 -7.16 1.62
N PHE A 104 -9.82 -6.70 2.57
CA PHE A 104 -9.52 -6.87 3.99
C PHE A 104 -10.35 -8.01 4.58
N GLU A 105 -9.67 -9.09 4.95
CA GLU A 105 -10.34 -10.25 5.54
C GLU A 105 -11.41 -10.80 4.59
N GLU A 106 -11.06 -10.86 3.30
CA GLU A 106 -11.99 -11.36 2.30
C GLU A 106 -13.08 -10.34 2.01
N VAL A 107 -12.76 -9.06 2.19
CA VAL A 107 -13.71 -7.99 1.95
C VAL A 107 -13.11 -6.91 1.05
N HIS A 108 -13.55 -6.88 -0.21
CA HIS A 108 -13.05 -5.89 -1.17
C HIS A 108 -13.29 -4.47 -0.66
N ILE A 109 -12.24 -3.67 -0.64
CA ILE A 109 -12.34 -2.29 -0.18
C ILE A 109 -13.00 -1.41 -1.24
N PRO A 110 -13.65 -0.33 -0.79
CA PRO A 110 -14.33 0.61 -1.67
C PRO A 110 -13.37 1.44 -2.50
N GLY A 111 -12.88 0.87 -3.60
CA GLY A 111 -11.95 1.57 -4.46
C GLY A 111 -11.08 0.62 -5.26
N SER A 112 -11.08 -0.65 -4.89
CA SER A 112 -10.28 -1.66 -5.58
C SER A 112 -11.17 -2.51 -6.49
N PRO A 113 -10.54 -3.10 -7.53
CA PRO A 113 -9.11 -2.94 -7.79
C PRO A 113 -8.75 -1.53 -8.24
N PHE A 114 -7.46 -1.26 -8.34
CA PHE A 114 -6.98 0.06 -8.76
C PHE A 114 -6.10 -0.06 -10.01
N LYS A 115 -6.69 0.16 -11.17
CA LYS A 115 -5.96 0.08 -12.44
C LYS A 115 -4.79 1.05 -12.44
N ALA A 116 -3.58 0.51 -12.57
CA ALA A 116 -2.38 1.33 -12.60
C ALA A 116 -1.73 1.32 -13.98
N ASP A 117 -1.91 2.41 -14.73
CA ASP A 117 -1.35 2.52 -16.06
C ASP A 117 0.17 2.65 -16.00
N ILE A 118 0.87 1.62 -16.47
CA ILE A 118 2.33 1.63 -16.47
C ILE A 118 2.88 2.09 -17.81
N GLU A 119 4.05 2.71 -17.79
CA GLU A 119 4.69 3.20 -19.00
C GLU A 119 6.14 2.74 -19.08
N MET A 120 6.72 2.85 -20.27
CA MET A 120 8.11 2.46 -20.48
C MET A 120 9.07 3.47 -19.86
N PRO A 121 10.15 2.97 -19.26
CA PRO A 121 11.17 3.82 -18.62
C PRO A 121 11.97 4.62 -19.63
N PHE A 122 12.78 5.54 -19.13
CA PHE A 122 13.61 6.38 -19.99
C PHE A 122 15.09 6.08 -19.79
N ASP A 123 15.93 6.70 -20.61
CA ASP A 123 17.37 6.51 -20.51
C ASP A 123 17.89 6.90 -19.13
N PRO A 124 18.88 6.13 -18.63
CA PRO A 124 19.47 6.39 -17.32
C PRO A 124 20.31 7.66 -17.29
N SER A 125 20.10 8.48 -16.27
CA SER A 125 20.83 9.73 -16.15
C SER A 125 22.32 9.47 -15.91
N SER A 126 23.12 10.52 -15.96
CA SER A 126 24.56 10.41 -15.76
C SER A 126 25.23 11.78 -15.75
N GLY A 127 25.82 12.12 -14.61
CA GLY A 127 26.49 13.42 -14.49
C GLY A 127 27.72 13.36 -13.61
N PRO A 128 28.75 14.14 -13.96
CA PRO A 128 30.00 14.18 -13.20
C PRO A 128 29.82 14.86 -11.84
N SER A 129 28.59 15.25 -11.54
CA SER A 129 28.30 15.91 -10.26
C SER A 129 29.08 15.28 -9.12
N SER A 130 30.14 15.96 -8.69
CA SER A 130 30.98 15.46 -7.61
C SER A 130 30.13 15.01 -6.42
N GLY A 131 30.80 14.51 -5.38
CA GLY A 131 30.08 14.05 -4.20
C GLY A 131 30.99 13.35 -3.22
N GLY A 1 6.86 10.35 11.33
CA GLY A 1 5.42 10.55 11.27
C GLY A 1 4.85 10.17 9.91
N SER A 2 3.54 9.95 9.88
CA SER A 2 2.85 9.56 8.64
C SER A 2 3.51 10.24 7.44
N SER A 3 4.28 9.48 6.68
CA SER A 3 4.96 10.01 5.50
C SER A 3 5.21 8.91 4.48
N GLY A 4 4.83 9.16 3.23
CA GLY A 4 5.03 8.19 2.18
C GLY A 4 6.13 8.58 1.21
N SER A 5 5.77 9.35 0.19
CA SER A 5 6.74 9.80 -0.81
C SER A 5 7.77 10.73 -0.19
N SER A 6 8.77 10.15 0.46
CA SER A 6 9.82 10.94 1.10
C SER A 6 11.06 10.09 1.33
N GLY A 7 12.23 10.70 1.16
CA GLY A 7 13.48 9.99 1.34
C GLY A 7 14.19 10.39 2.61
N ASP A 8 13.84 9.75 3.72
CA ASP A 8 14.45 10.05 5.01
C ASP A 8 14.00 9.04 6.07
N VAL A 9 14.96 8.40 6.72
CA VAL A 9 14.67 7.41 7.75
C VAL A 9 14.78 8.03 9.14
N THR A 10 13.68 8.01 9.89
CA THR A 10 13.65 8.56 11.23
C THR A 10 13.08 7.57 12.24
N TYR A 11 13.56 7.63 13.46
CA TYR A 11 13.09 6.73 14.52
C TYR A 11 12.10 7.43 15.43
N ASP A 12 10.84 6.99 15.39
CA ASP A 12 9.79 7.58 16.22
C ASP A 12 9.56 6.73 17.47
N GLY A 13 10.36 6.96 18.49
CA GLY A 13 10.22 6.21 19.73
C GLY A 13 9.55 7.01 20.83
N HIS A 14 8.34 7.49 20.55
CA HIS A 14 7.59 8.29 21.51
C HIS A 14 7.24 7.46 22.75
N PRO A 15 7.23 8.10 23.91
CA PRO A 15 6.92 7.44 25.19
C PRO A 15 5.45 7.05 25.28
N VAL A 16 5.17 5.76 25.11
CA VAL A 16 3.80 5.25 25.18
C VAL A 16 3.17 5.59 26.52
N PRO A 17 1.85 5.87 26.50
CA PRO A 17 1.10 6.21 27.70
C PRO A 17 0.91 5.01 28.63
N GLY A 18 1.34 3.85 28.17
CA GLY A 18 1.21 2.63 28.97
C GLY A 18 2.05 1.49 28.42
N SER A 19 1.51 0.81 27.41
CA SER A 19 2.20 -0.32 26.80
C SER A 19 1.48 -0.77 25.54
N PRO A 20 2.25 -1.34 24.59
CA PRO A 20 1.72 -1.83 23.32
C PRO A 20 0.84 -3.07 23.50
N TYR A 21 0.75 -3.56 24.73
CA TYR A 21 -0.05 -4.74 25.04
C TYR A 21 -1.47 -4.35 25.42
N THR A 22 -1.99 -3.32 24.76
CA THR A 22 -3.35 -2.85 25.03
C THR A 22 -4.38 -3.93 24.70
N VAL A 23 -5.48 -3.93 25.45
CA VAL A 23 -6.54 -4.90 25.24
C VAL A 23 -7.46 -4.47 24.09
N GLU A 24 -7.09 -3.38 23.43
CA GLU A 24 -7.87 -2.87 22.31
C GLU A 24 -7.57 -3.64 21.03
N ALA A 25 -7.55 -4.96 21.14
CA ALA A 25 -7.26 -5.81 19.98
C ALA A 25 -8.48 -6.65 19.61
N SER A 26 -9.62 -6.34 20.22
CA SER A 26 -10.85 -7.07 19.96
C SER A 26 -11.83 -6.22 19.16
N LEU A 27 -11.34 -5.65 18.06
CA LEU A 27 -12.16 -4.81 17.19
C LEU A 27 -12.46 -5.51 15.87
N PRO A 28 -13.68 -5.29 15.35
CA PRO A 28 -14.11 -5.90 14.09
C PRO A 28 -13.37 -5.31 12.89
N PRO A 29 -13.21 -6.13 11.84
CA PRO A 29 -12.53 -5.71 10.61
C PRO A 29 -13.34 -4.70 9.81
N ASP A 30 -12.80 -3.50 9.66
CA ASP A 30 -13.48 -2.45 8.91
C ASP A 30 -12.74 -2.14 7.61
N PRO A 31 -13.22 -2.73 6.51
CA PRO A 31 -12.62 -2.54 5.18
C PRO A 31 -12.86 -1.13 4.64
N SER A 32 -13.99 -0.54 5.01
CA SER A 32 -14.33 0.81 4.55
C SER A 32 -13.23 1.80 4.93
N LYS A 33 -12.61 1.58 6.08
CA LYS A 33 -11.54 2.45 6.55
C LYS A 33 -10.24 2.17 5.81
N VAL A 34 -10.17 1.01 5.16
CA VAL A 34 -8.99 0.63 4.41
C VAL A 34 -8.91 1.36 3.08
N LYS A 35 -8.12 2.42 3.05
CA LYS A 35 -7.96 3.23 1.84
C LYS A 35 -6.50 3.22 1.37
N ALA A 36 -6.31 2.97 0.08
CA ALA A 36 -4.97 2.94 -0.49
C ALA A 36 -4.72 4.15 -1.39
N HIS A 37 -3.72 4.95 -1.04
CA HIS A 37 -3.38 6.14 -1.80
C HIS A 37 -1.88 6.22 -2.06
N GLY A 38 -1.50 6.46 -3.31
CA GLY A 38 -0.09 6.56 -3.65
C GLY A 38 0.16 6.37 -5.13
N PRO A 39 1.43 6.40 -5.53
CA PRO A 39 1.83 6.23 -6.94
C PRO A 39 1.61 4.81 -7.44
N GLY A 40 2.10 3.84 -6.67
CA GLY A 40 1.95 2.45 -7.06
C GLY A 40 0.57 2.15 -7.61
N LEU A 41 -0.42 2.93 -7.17
CA LEU A 41 -1.80 2.74 -7.63
C LEU A 41 -2.00 3.37 -9.00
N GLU A 42 -1.56 4.61 -9.15
CA GLU A 42 -1.69 5.32 -10.41
C GLU A 42 -0.88 4.64 -11.51
N GLY A 43 0.32 4.19 -11.16
CA GLY A 43 1.17 3.53 -12.13
C GLY A 43 2.64 3.67 -11.79
N GLY A 44 3.51 3.48 -12.78
CA GLY A 44 4.93 3.58 -12.56
C GLY A 44 5.73 3.37 -13.83
N LEU A 45 6.73 2.50 -13.77
CA LEU A 45 7.57 2.21 -14.93
C LEU A 45 7.95 0.74 -14.96
N VAL A 46 8.19 0.22 -16.16
CA VAL A 46 8.57 -1.18 -16.34
C VAL A 46 9.89 -1.48 -15.65
N GLY A 47 9.99 -2.69 -15.10
CA GLY A 47 11.20 -3.09 -14.41
C GLY A 47 11.58 -2.14 -13.29
N LYS A 48 10.61 -1.35 -12.83
CA LYS A 48 10.84 -0.38 -11.77
C LYS A 48 9.93 -0.66 -10.58
N PRO A 49 10.44 -0.39 -9.37
CA PRO A 49 9.68 -0.61 -8.13
C PRO A 49 8.53 0.39 -7.97
N ALA A 50 7.35 -0.13 -7.67
CA ALA A 50 6.17 0.71 -7.49
C ALA A 50 5.36 0.27 -6.28
N GLU A 51 5.19 1.18 -5.33
CA GLU A 51 4.43 0.89 -4.12
C GLU A 51 3.46 2.02 -3.78
N PHE A 52 2.67 1.83 -2.74
CA PHE A 52 1.70 2.84 -2.32
C PHE A 52 1.54 2.83 -0.80
N THR A 53 0.74 3.76 -0.29
CA THR A 53 0.50 3.87 1.14
C THR A 53 -0.92 3.43 1.49
N ILE A 54 -1.02 2.39 2.32
CA ILE A 54 -2.32 1.87 2.73
C ILE A 54 -2.66 2.31 4.15
N ASP A 55 -3.88 2.82 4.33
CA ASP A 55 -4.33 3.27 5.65
C ASP A 55 -5.24 2.24 6.30
N THR A 56 -4.78 1.66 7.39
CA THR A 56 -5.56 0.65 8.11
C THR A 56 -5.73 1.02 9.58
N LYS A 57 -5.51 2.30 9.89
CA LYS A 57 -5.64 2.78 11.26
C LYS A 57 -7.10 2.83 11.68
N GLY A 58 -7.45 2.04 12.69
CA GLY A 58 -8.81 2.01 13.18
C GLY A 58 -9.63 0.90 12.56
N ALA A 59 -9.23 0.47 11.37
CA ALA A 59 -9.92 -0.60 10.67
C ALA A 59 -10.23 -1.77 11.60
N GLY A 60 -9.19 -2.23 12.30
CA GLY A 60 -9.37 -3.34 13.22
C GLY A 60 -8.26 -4.36 13.09
N THR A 61 -8.65 -5.63 12.96
CA THR A 61 -7.68 -6.72 12.82
C THR A 61 -8.22 -7.84 11.96
N GLY A 62 -7.42 -8.30 11.01
CA GLY A 62 -7.84 -9.37 10.13
C GLY A 62 -6.79 -9.73 9.10
N GLY A 63 -7.22 -10.29 7.98
CA GLY A 63 -6.29 -10.67 6.93
C GLY A 63 -6.56 -9.95 5.62
N LEU A 64 -5.57 -9.21 5.14
CA LEU A 64 -5.70 -8.46 3.89
C LEU A 64 -5.12 -9.25 2.73
N GLY A 65 -5.86 -9.31 1.63
CA GLY A 65 -5.39 -10.03 0.46
C GLY A 65 -5.09 -9.10 -0.70
N LEU A 66 -3.86 -9.20 -1.23
CA LEU A 66 -3.44 -8.36 -2.34
C LEU A 66 -3.01 -9.21 -3.53
N THR A 67 -3.74 -9.08 -4.64
CA THR A 67 -3.45 -9.84 -5.85
C THR A 67 -3.44 -8.94 -7.07
N VAL A 68 -2.36 -8.99 -7.83
CA VAL A 68 -2.23 -8.18 -9.04
C VAL A 68 -2.85 -8.89 -10.24
N GLU A 69 -4.04 -8.46 -10.63
CA GLU A 69 -4.75 -9.04 -11.76
C GLU A 69 -4.38 -8.32 -13.05
N GLY A 70 -3.12 -8.47 -13.47
CA GLY A 70 -2.67 -7.82 -14.69
C GLY A 70 -2.50 -8.80 -15.83
N PRO A 71 -2.06 -8.30 -16.99
CA PRO A 71 -1.84 -9.12 -18.19
C PRO A 71 -0.66 -10.07 -18.04
N CYS A 72 0.08 -9.91 -16.94
CA CYS A 72 1.25 -10.75 -16.67
C CYS A 72 1.45 -10.94 -15.17
N GLU A 73 2.22 -11.96 -14.80
CA GLU A 73 2.49 -12.24 -13.40
C GLU A 73 3.66 -11.41 -12.89
N ALA A 74 3.35 -10.38 -12.11
CA ALA A 74 4.37 -9.50 -11.56
C ALA A 74 4.61 -9.78 -10.08
N LYS A 75 5.87 -9.82 -9.68
CA LYS A 75 6.22 -10.08 -8.28
C LYS A 75 5.62 -9.02 -7.37
N ILE A 76 5.32 -9.43 -6.13
CA ILE A 76 4.73 -8.51 -5.15
C ILE A 76 5.41 -8.66 -3.79
N GLU A 77 5.94 -7.56 -3.28
CA GLU A 77 6.61 -7.56 -1.97
C GLU A 77 5.84 -6.73 -0.96
N CYS A 78 5.15 -7.41 -0.05
CA CYS A 78 4.38 -6.73 0.98
C CYS A 78 5.12 -6.71 2.31
N SER A 79 5.44 -5.53 2.79
CA SER A 79 6.16 -5.38 4.05
C SER A 79 5.52 -4.30 4.92
N ASP A 80 5.07 -4.70 6.11
CA ASP A 80 4.44 -3.77 7.04
C ASP A 80 5.42 -2.72 7.51
N ASN A 81 4.91 -1.54 7.85
CA ASN A 81 5.74 -0.44 8.32
C ASN A 81 5.95 -0.52 9.83
N GLY A 82 4.86 -0.74 10.56
CA GLY A 82 4.93 -0.83 12.00
C GLY A 82 4.24 0.32 12.69
N ASP A 83 3.86 1.33 11.91
CA ASP A 83 3.18 2.50 12.46
C ASP A 83 1.67 2.36 12.32
N GLY A 84 1.23 1.39 11.52
CA GLY A 84 -0.19 1.18 11.32
C GLY A 84 -0.57 1.16 9.86
N THR A 85 0.44 1.15 8.98
CA THR A 85 0.21 1.13 7.55
C THR A 85 0.99 0.00 6.87
N CYS A 86 0.83 -0.12 5.56
CA CYS A 86 1.51 -1.16 4.80
C CYS A 86 2.16 -0.58 3.55
N SER A 87 3.27 -1.17 3.13
CA SER A 87 3.98 -0.72 1.95
C SER A 87 4.28 -1.88 1.00
N VAL A 88 3.42 -2.07 0.01
CA VAL A 88 3.59 -3.14 -0.96
C VAL A 88 4.26 -2.64 -2.23
N SER A 89 5.40 -3.22 -2.56
CA SER A 89 6.15 -2.83 -3.74
C SER A 89 6.19 -3.97 -4.77
N TYR A 90 5.89 -3.63 -6.02
CA TYR A 90 5.88 -4.62 -7.10
C TYR A 90 6.77 -4.18 -8.25
N LEU A 91 7.23 -5.14 -9.04
CA LEU A 91 8.08 -4.85 -10.19
C LEU A 91 7.54 -5.52 -11.45
N PRO A 92 6.92 -4.70 -12.33
CA PRO A 92 6.35 -5.18 -13.58
C PRO A 92 7.43 -5.59 -14.58
N THR A 93 7.00 -6.22 -15.68
CA THR A 93 7.93 -6.66 -16.72
C THR A 93 7.74 -5.87 -18.00
N LYS A 94 6.49 -5.55 -18.31
CA LYS A 94 6.16 -4.79 -19.51
C LYS A 94 5.10 -3.73 -19.22
N PRO A 95 5.08 -2.67 -20.04
CA PRO A 95 4.12 -1.58 -19.90
C PRO A 95 2.69 -2.00 -20.25
N GLY A 96 1.76 -1.71 -19.36
CA GLY A 96 0.37 -2.07 -19.60
C GLY A 96 -0.56 -1.55 -18.52
N GLU A 97 -1.31 -2.46 -17.92
CA GLU A 97 -2.25 -2.10 -16.86
C GLU A 97 -2.36 -3.20 -15.82
N TYR A 98 -2.16 -2.85 -14.56
CA TYR A 98 -2.24 -3.81 -13.46
C TYR A 98 -3.32 -3.43 -12.47
N PHE A 99 -4.21 -4.39 -12.17
CA PHE A 99 -5.30 -4.14 -11.24
C PHE A 99 -4.98 -4.74 -9.87
N VAL A 100 -4.71 -3.86 -8.91
CA VAL A 100 -4.38 -4.30 -7.55
C VAL A 100 -5.66 -4.60 -6.75
N ASN A 101 -5.90 -5.88 -6.51
CA ASN A 101 -7.08 -6.30 -5.76
C ASN A 101 -6.84 -6.17 -4.26
N ILE A 102 -7.57 -5.27 -3.63
CA ILE A 102 -7.45 -5.05 -2.20
C ILE A 102 -8.72 -5.45 -1.45
N LEU A 103 -8.62 -6.53 -0.67
CA LEU A 103 -9.76 -7.02 0.09
C LEU A 103 -9.37 -7.30 1.54
N PHE A 104 -10.17 -6.80 2.46
CA PHE A 104 -9.91 -7.00 3.88
C PHE A 104 -10.83 -8.06 4.47
N GLU A 105 -10.26 -9.20 4.86
CA GLU A 105 -11.04 -10.28 5.44
C GLU A 105 -12.07 -10.80 4.43
N GLU A 106 -11.64 -10.98 3.18
CA GLU A 106 -12.51 -11.47 2.13
C GLU A 106 -13.57 -10.42 1.77
N VAL A 107 -13.21 -9.15 1.91
CA VAL A 107 -14.11 -8.05 1.60
C VAL A 107 -13.42 -6.99 0.77
N HIS A 108 -13.85 -6.85 -0.48
CA HIS A 108 -13.28 -5.85 -1.38
C HIS A 108 -13.48 -4.44 -0.84
N ILE A 109 -12.37 -3.72 -0.67
CA ILE A 109 -12.43 -2.36 -0.17
C ILE A 109 -13.01 -1.40 -1.21
N PRO A 110 -13.64 -0.32 -0.74
CA PRO A 110 -14.24 0.70 -1.61
C PRO A 110 -13.19 1.51 -2.36
N GLY A 111 -12.74 0.98 -3.49
CA GLY A 111 -11.74 1.68 -4.28
C GLY A 111 -10.89 0.73 -5.10
N SER A 112 -10.97 -0.56 -4.79
CA SER A 112 -10.20 -1.57 -5.51
C SER A 112 -11.08 -2.33 -6.49
N PRO A 113 -10.45 -2.89 -7.53
CA PRO A 113 -9.01 -2.79 -7.74
C PRO A 113 -8.57 -1.38 -8.11
N PHE A 114 -7.26 -1.16 -8.16
CA PHE A 114 -6.72 0.15 -8.51
C PHE A 114 -5.91 0.08 -9.80
N LYS A 115 -6.53 0.46 -10.90
CA LYS A 115 -5.87 0.43 -12.20
C LYS A 115 -4.58 1.25 -12.17
N ALA A 116 -3.46 0.60 -12.42
CA ALA A 116 -2.17 1.26 -12.43
C ALA A 116 -1.56 1.27 -13.82
N ASP A 117 -1.59 2.42 -14.48
CA ASP A 117 -1.04 2.56 -15.82
C ASP A 117 0.48 2.66 -15.78
N ILE A 118 1.15 1.63 -16.28
CA ILE A 118 2.61 1.61 -16.29
C ILE A 118 3.16 2.15 -17.61
N GLU A 119 4.18 2.99 -17.53
CA GLU A 119 4.80 3.57 -18.71
C GLU A 119 6.21 3.05 -18.90
N MET A 120 6.78 3.30 -20.09
CA MET A 120 8.13 2.86 -20.39
C MET A 120 9.15 3.91 -19.98
N PRO A 121 10.09 3.53 -19.11
CA PRO A 121 11.14 4.43 -18.63
C PRO A 121 12.16 4.78 -19.72
N PHE A 122 13.03 5.72 -19.42
CA PHE A 122 14.06 6.14 -20.36
C PHE A 122 15.39 5.44 -20.10
N ASP A 123 16.27 5.47 -21.08
CA ASP A 123 17.58 4.84 -20.94
C ASP A 123 18.67 5.88 -20.67
N PRO A 124 19.72 5.47 -19.95
CA PRO A 124 20.84 6.36 -19.60
C PRO A 124 21.69 6.70 -20.82
N SER A 125 22.23 7.91 -20.84
CA SER A 125 23.06 8.38 -21.94
C SER A 125 24.52 7.99 -21.72
N SER A 126 25.01 8.22 -20.51
CA SER A 126 26.39 7.90 -20.17
C SER A 126 26.63 8.08 -18.67
N GLY A 127 27.85 7.75 -18.23
CA GLY A 127 28.18 7.88 -16.82
C GLY A 127 29.40 8.75 -16.60
N PRO A 128 29.56 9.23 -15.35
CA PRO A 128 30.69 10.09 -14.97
C PRO A 128 32.02 9.35 -14.98
N SER A 129 31.94 8.02 -15.05
CA SER A 129 33.14 7.19 -15.06
C SER A 129 33.49 6.74 -16.47
N SER A 130 34.58 7.30 -17.01
CA SER A 130 35.03 6.96 -18.35
C SER A 130 35.83 5.66 -18.36
N GLY A 131 36.71 5.51 -17.37
CA GLY A 131 37.52 4.32 -17.28
C GLY A 131 36.92 3.28 -16.35
N GLY A 1 -12.36 4.61 -23.82
CA GLY A 1 -12.49 4.86 -22.39
C GLY A 1 -11.67 6.05 -21.94
N SER A 2 -11.35 6.10 -20.65
CA SER A 2 -10.58 7.21 -20.09
C SER A 2 -9.24 6.70 -19.55
N SER A 3 -8.28 7.61 -19.43
CA SER A 3 -6.96 7.26 -18.93
C SER A 3 -6.91 7.34 -17.41
N GLY A 4 -7.36 8.47 -16.87
CA GLY A 4 -7.38 8.66 -15.43
C GLY A 4 -7.71 10.08 -15.04
N SER A 5 -6.83 11.01 -15.38
CA SER A 5 -7.04 12.42 -15.05
C SER A 5 -8.38 12.91 -15.58
N SER A 6 -8.82 14.07 -15.09
CA SER A 6 -10.09 14.65 -15.51
C SER A 6 -9.92 16.13 -15.87
N GLY A 7 -9.33 16.89 -14.95
CA GLY A 7 -9.12 18.30 -15.18
C GLY A 7 -8.66 19.03 -13.94
N ASP A 8 -9.61 19.57 -13.18
CA ASP A 8 -9.29 20.30 -11.96
C ASP A 8 -9.99 19.68 -10.75
N VAL A 9 -9.33 18.69 -10.14
CA VAL A 9 -9.90 18.00 -8.98
C VAL A 9 -9.75 18.85 -7.72
N THR A 10 -10.84 18.99 -6.98
CA THR A 10 -10.84 19.79 -5.76
C THR A 10 -10.78 18.88 -4.53
N TYR A 11 -10.35 19.45 -3.40
CA TYR A 11 -10.24 18.70 -2.16
C TYR A 11 -10.05 19.64 -0.98
N ASP A 12 -10.87 19.45 0.06
CA ASP A 12 -10.79 20.28 1.26
C ASP A 12 -11.69 19.72 2.36
N GLY A 13 -11.13 19.59 3.56
CA GLY A 13 -11.91 19.08 4.68
C GLY A 13 -11.58 17.64 4.99
N HIS A 14 -10.92 17.41 6.12
CA HIS A 14 -10.54 16.06 6.53
C HIS A 14 -11.51 15.52 7.58
N PRO A 15 -11.78 14.20 7.50
CA PRO A 15 -12.70 13.54 8.43
C PRO A 15 -12.12 13.44 9.84
N VAL A 16 -12.91 13.85 10.83
CA VAL A 16 -12.48 13.80 12.22
C VAL A 16 -12.29 12.37 12.69
N PRO A 17 -11.28 12.16 13.55
CA PRO A 17 -10.96 10.83 14.10
C PRO A 17 -12.03 10.35 15.07
N GLY A 18 -12.27 9.04 15.07
CA GLY A 18 -13.26 8.46 15.96
C GLY A 18 -13.13 8.97 17.39
N SER A 19 -14.15 8.72 18.20
CA SER A 19 -14.15 9.16 19.58
C SER A 19 -13.04 8.48 20.38
N PRO A 20 -12.44 9.22 21.32
CA PRO A 20 -11.35 8.70 22.15
C PRO A 20 -11.83 7.66 23.15
N TYR A 21 -13.15 7.50 23.25
CA TYR A 21 -13.73 6.53 24.16
C TYR A 21 -13.72 5.13 23.56
N THR A 22 -12.58 4.73 23.03
CA THR A 22 -12.43 3.41 22.42
C THR A 22 -11.16 2.71 22.89
N VAL A 23 -11.16 1.39 22.81
CA VAL A 23 -9.99 0.61 23.23
C VAL A 23 -9.61 -0.41 22.17
N GLU A 24 -8.31 -0.59 21.97
CA GLU A 24 -7.80 -1.54 20.99
C GLU A 24 -7.95 -2.98 21.49
N ALA A 25 -9.13 -3.31 21.98
CA ALA A 25 -9.39 -4.65 22.49
C ALA A 25 -10.02 -5.54 21.43
N SER A 26 -9.18 -6.10 20.56
CA SER A 26 -9.66 -6.96 19.49
C SER A 26 -10.66 -6.23 18.61
N LEU A 27 -10.30 -5.03 18.18
CA LEU A 27 -11.18 -4.23 17.32
C LEU A 27 -11.57 -4.99 16.06
N PRO A 28 -12.81 -4.79 15.61
CA PRO A 28 -13.34 -5.45 14.41
C PRO A 28 -12.68 -4.93 13.13
N PRO A 29 -12.56 -5.81 12.13
CA PRO A 29 -11.96 -5.47 10.84
C PRO A 29 -12.82 -4.50 10.03
N ASP A 30 -12.31 -3.30 9.81
CA ASP A 30 -13.04 -2.29 9.04
C ASP A 30 -12.37 -2.04 7.70
N PRO A 31 -12.87 -2.72 6.66
CA PRO A 31 -12.33 -2.59 5.30
C PRO A 31 -12.64 -1.23 4.68
N SER A 32 -13.77 -0.65 5.07
CA SER A 32 -14.18 0.64 4.55
C SER A 32 -13.16 1.73 4.92
N LYS A 33 -12.54 1.57 6.07
CA LYS A 33 -11.54 2.53 6.54
C LYS A 33 -10.20 2.31 5.82
N VAL A 34 -10.05 1.15 5.20
CA VAL A 34 -8.84 0.82 4.47
C VAL A 34 -8.81 1.51 3.10
N LYS A 35 -8.08 2.62 3.02
CA LYS A 35 -7.96 3.36 1.78
C LYS A 35 -6.54 3.30 1.23
N ALA A 36 -6.42 3.13 -0.08
CA ALA A 36 -5.11 3.07 -0.73
C ALA A 36 -4.85 4.31 -1.56
N HIS A 37 -3.79 5.03 -1.23
CA HIS A 37 -3.42 6.25 -1.95
C HIS A 37 -1.91 6.32 -2.16
N GLY A 38 -1.51 6.54 -3.40
CA GLY A 38 -0.09 6.63 -3.72
C GLY A 38 0.18 6.43 -5.19
N PRO A 39 1.48 6.43 -5.57
CA PRO A 39 1.91 6.25 -6.96
C PRO A 39 1.66 4.83 -7.45
N GLY A 40 2.07 3.85 -6.66
CA GLY A 40 1.89 2.46 -7.03
C GLY A 40 0.52 2.19 -7.63
N LEU A 41 -0.46 2.99 -7.22
CA LEU A 41 -1.82 2.84 -7.72
C LEU A 41 -1.98 3.49 -9.08
N GLU A 42 -1.53 4.74 -9.19
CA GLU A 42 -1.62 5.47 -10.45
C GLU A 42 -0.86 4.76 -11.56
N GLY A 43 0.31 4.21 -11.21
CA GLY A 43 1.11 3.50 -12.18
C GLY A 43 2.60 3.61 -11.88
N GLY A 44 3.42 3.15 -12.83
CA GLY A 44 4.86 3.19 -12.64
C GLY A 44 5.62 2.97 -13.93
N LEU A 45 6.75 2.27 -13.84
CA LEU A 45 7.57 1.99 -15.01
C LEU A 45 8.03 0.54 -15.03
N VAL A 46 8.04 -0.05 -16.21
CA VAL A 46 8.46 -1.44 -16.37
C VAL A 46 9.85 -1.66 -15.78
N GLY A 47 10.01 -2.74 -15.01
CA GLY A 47 11.29 -3.04 -14.41
C GLY A 47 11.52 -2.28 -13.12
N LYS A 48 10.92 -1.09 -13.01
CA LYS A 48 11.06 -0.27 -11.83
C LYS A 48 10.01 -0.62 -10.79
N PRO A 49 10.40 -0.56 -9.51
CA PRO A 49 9.49 -0.86 -8.39
C PRO A 49 8.41 0.19 -8.22
N ALA A 50 7.28 -0.22 -7.63
CA ALA A 50 6.17 0.69 -7.40
C ALA A 50 5.36 0.27 -6.17
N GLU A 51 5.18 1.22 -5.25
CA GLU A 51 4.42 0.94 -4.03
C GLU A 51 3.45 2.08 -3.72
N PHE A 52 2.65 1.90 -2.67
CA PHE A 52 1.68 2.92 -2.28
C PHE A 52 1.52 2.95 -0.76
N THR A 53 0.68 3.86 -0.28
CA THR A 53 0.44 4.00 1.15
C THR A 53 -0.98 3.60 1.51
N ILE A 54 -1.12 2.65 2.43
CA ILE A 54 -2.43 2.18 2.86
C ILE A 54 -2.77 2.71 4.25
N ASP A 55 -4.02 3.12 4.43
CA ASP A 55 -4.49 3.64 5.71
C ASP A 55 -5.34 2.61 6.44
N THR A 56 -4.76 1.97 7.44
CA THR A 56 -5.47 0.96 8.22
C THR A 56 -5.52 1.33 9.69
N LYS A 57 -5.24 2.60 9.99
CA LYS A 57 -5.26 3.09 11.36
C LYS A 57 -6.65 2.94 11.97
N GLY A 58 -6.76 2.08 12.98
CA GLY A 58 -8.03 1.86 13.64
C GLY A 58 -8.85 0.79 12.96
N ALA A 59 -8.67 0.64 11.65
CA ALA A 59 -9.40 -0.35 10.88
C ALA A 59 -9.61 -1.63 11.69
N GLY A 60 -8.57 -2.04 12.41
CA GLY A 60 -8.66 -3.25 13.21
C GLY A 60 -7.56 -4.25 12.89
N THR A 61 -7.89 -5.53 12.96
CA THR A 61 -6.93 -6.58 12.67
C THR A 61 -7.56 -7.72 11.86
N GLY A 62 -6.73 -8.47 11.16
CA GLY A 62 -7.23 -9.58 10.36
C GLY A 62 -6.26 -9.97 9.26
N GLY A 63 -6.81 -10.23 8.07
CA GLY A 63 -5.97 -10.62 6.94
C GLY A 63 -6.26 -9.80 5.70
N LEU A 64 -5.21 -9.48 4.96
CA LEU A 64 -5.35 -8.69 3.73
C LEU A 64 -4.85 -9.46 2.53
N GLY A 65 -5.64 -9.45 1.45
CA GLY A 65 -5.26 -10.16 0.24
C GLY A 65 -4.94 -9.22 -0.90
N LEU A 66 -3.68 -9.25 -1.37
CA LEU A 66 -3.26 -8.39 -2.46
C LEU A 66 -2.84 -9.22 -3.67
N THR A 67 -3.58 -9.09 -4.76
CA THR A 67 -3.28 -9.82 -5.99
C THR A 67 -3.30 -8.90 -7.21
N VAL A 68 -2.25 -8.98 -8.02
CA VAL A 68 -2.16 -8.16 -9.21
C VAL A 68 -2.83 -8.84 -10.41
N GLU A 69 -3.98 -8.30 -10.81
CA GLU A 69 -4.72 -8.86 -11.93
C GLU A 69 -4.25 -8.25 -13.26
N GLY A 70 -2.99 -8.50 -13.60
CA GLY A 70 -2.44 -7.97 -14.83
C GLY A 70 -2.21 -9.04 -15.87
N PRO A 71 -1.83 -8.61 -17.09
CA PRO A 71 -1.57 -9.54 -18.20
C PRO A 71 -0.32 -10.37 -17.99
N CYS A 72 0.54 -9.92 -17.08
CA CYS A 72 1.78 -10.63 -16.79
C CYS A 72 1.86 -10.99 -15.31
N GLU A 73 2.91 -11.70 -14.93
CA GLU A 73 3.11 -12.12 -13.55
C GLU A 73 4.15 -11.24 -12.86
N ALA A 74 3.68 -10.15 -12.25
CA ALA A 74 4.57 -9.23 -11.55
C ALA A 74 4.68 -9.59 -10.08
N LYS A 75 5.92 -9.58 -9.57
CA LYS A 75 6.16 -9.91 -8.17
C LYS A 75 5.47 -8.91 -7.24
N ILE A 76 5.15 -9.34 -6.03
CA ILE A 76 4.49 -8.48 -5.06
C ILE A 76 5.09 -8.67 -3.67
N GLU A 77 5.67 -7.59 -3.14
CA GLU A 77 6.29 -7.63 -1.82
C GLU A 77 5.44 -6.87 -0.80
N CYS A 78 4.69 -7.60 0.01
CA CYS A 78 3.83 -7.00 1.01
C CYS A 78 4.62 -6.70 2.28
N SER A 79 5.17 -5.48 2.36
CA SER A 79 5.96 -5.07 3.51
C SER A 79 5.06 -4.48 4.61
N ASP A 80 5.46 -4.67 5.85
CA ASP A 80 4.70 -4.15 6.99
C ASP A 80 5.47 -3.07 7.72
N ASN A 81 4.76 -2.00 8.11
CA ASN A 81 5.40 -0.89 8.82
C ASN A 81 5.24 -1.06 10.33
N GLY A 82 4.02 -1.38 10.76
CA GLY A 82 3.76 -1.55 12.18
C GLY A 82 2.99 -0.40 12.78
N ASP A 83 2.95 0.71 12.06
CA ASP A 83 2.23 1.90 12.52
C ASP A 83 0.83 1.96 11.93
N GLY A 84 0.32 0.80 11.53
CA GLY A 84 -1.01 0.74 10.95
C GLY A 84 -1.02 1.11 9.47
N THR A 85 0.08 0.81 8.78
CA THR A 85 0.19 1.12 7.36
C THR A 85 0.88 -0.02 6.62
N CYS A 86 0.69 -0.07 5.30
CA CYS A 86 1.30 -1.09 4.47
C CYS A 86 2.06 -0.47 3.31
N SER A 87 3.26 -0.98 3.06
CA SER A 87 4.11 -0.47 1.98
C SER A 87 4.42 -1.57 0.98
N VAL A 88 3.42 -2.01 0.24
CA VAL A 88 3.59 -3.07 -0.76
C VAL A 88 4.27 -2.53 -2.01
N SER A 89 5.29 -3.25 -2.49
CA SER A 89 6.01 -2.84 -3.68
C SER A 89 5.99 -3.94 -4.74
N TYR A 90 5.61 -3.57 -5.96
CA TYR A 90 5.54 -4.52 -7.06
C TYR A 90 6.49 -4.14 -8.18
N LEU A 91 6.95 -5.12 -8.94
CA LEU A 91 7.86 -4.89 -10.05
C LEU A 91 7.30 -5.47 -11.35
N PRO A 92 6.78 -4.59 -12.22
CA PRO A 92 6.21 -4.99 -13.51
C PRO A 92 7.28 -5.48 -14.48
N THR A 93 6.84 -6.05 -15.60
CA THR A 93 7.76 -6.56 -16.61
C THR A 93 7.43 -5.98 -17.98
N LYS A 94 6.16 -5.68 -18.21
CA LYS A 94 5.71 -5.12 -19.48
C LYS A 94 4.69 -4.00 -19.26
N PRO A 95 4.74 -2.99 -20.13
CA PRO A 95 3.82 -1.83 -20.06
C PRO A 95 2.39 -2.20 -20.40
N GLY A 96 1.46 -1.87 -19.51
CA GLY A 96 0.07 -2.17 -19.74
C GLY A 96 -0.84 -1.64 -18.64
N GLU A 97 -1.54 -2.55 -17.96
CA GLU A 97 -2.44 -2.17 -16.88
C GLU A 97 -2.52 -3.27 -15.83
N TYR A 98 -2.18 -2.92 -14.59
CA TYR A 98 -2.22 -3.88 -13.50
C TYR A 98 -3.24 -3.47 -12.44
N PHE A 99 -4.21 -4.33 -12.20
CA PHE A 99 -5.25 -4.06 -11.22
C PHE A 99 -4.90 -4.67 -9.87
N VAL A 100 -4.64 -3.82 -8.88
CA VAL A 100 -4.29 -4.28 -7.54
C VAL A 100 -5.55 -4.57 -6.71
N ASN A 101 -5.82 -5.85 -6.51
CA ASN A 101 -6.99 -6.27 -5.74
C ASN A 101 -6.71 -6.17 -4.24
N ILE A 102 -7.40 -5.24 -3.57
CA ILE A 102 -7.23 -5.04 -2.15
C ILE A 102 -8.49 -5.42 -1.39
N LEU A 103 -8.40 -6.51 -0.63
CA LEU A 103 -9.54 -6.99 0.16
C LEU A 103 -9.13 -7.30 1.59
N PHE A 104 -9.87 -6.76 2.55
CA PHE A 104 -9.58 -6.99 3.96
C PHE A 104 -10.54 -8.01 4.55
N GLU A 105 -10.01 -9.20 4.87
CA GLU A 105 -10.82 -10.27 5.44
C GLU A 105 -11.92 -10.69 4.48
N GLU A 106 -11.55 -10.87 3.22
CA GLU A 106 -12.52 -11.28 2.20
C GLU A 106 -13.52 -10.16 1.91
N VAL A 107 -13.06 -8.92 2.06
CA VAL A 107 -13.93 -7.77 1.81
C VAL A 107 -13.22 -6.73 0.95
N HIS A 108 -13.70 -6.58 -0.29
CA HIS A 108 -13.12 -5.62 -1.22
C HIS A 108 -13.27 -4.20 -0.71
N ILE A 109 -12.15 -3.54 -0.46
CA ILE A 109 -12.15 -2.17 0.03
C ILE A 109 -12.75 -1.21 -1.00
N PRO A 110 -13.34 -0.12 -0.51
CA PRO A 110 -13.96 0.89 -1.37
C PRO A 110 -12.93 1.68 -2.16
N GLY A 111 -12.51 1.14 -3.30
CA GLY A 111 -11.53 1.80 -4.13
C GLY A 111 -10.70 0.83 -4.94
N SER A 112 -10.80 -0.45 -4.60
CA SER A 112 -10.04 -1.49 -5.31
C SER A 112 -10.94 -2.27 -6.26
N PRO A 113 -10.33 -2.86 -7.30
CA PRO A 113 -8.88 -2.76 -7.52
C PRO A 113 -8.46 -1.36 -7.94
N PHE A 114 -7.15 -1.13 -8.01
CA PHE A 114 -6.61 0.16 -8.40
C PHE A 114 -5.85 0.07 -9.71
N LYS A 115 -6.51 0.47 -10.80
CA LYS A 115 -5.90 0.44 -12.13
C LYS A 115 -4.60 1.25 -12.15
N ALA A 116 -3.49 0.57 -12.41
CA ALA A 116 -2.19 1.23 -12.47
C ALA A 116 -1.62 1.20 -13.88
N ASP A 117 -1.69 2.33 -14.56
CA ASP A 117 -1.17 2.44 -15.93
C ASP A 117 0.35 2.51 -15.93
N ILE A 118 0.98 1.45 -16.44
CA ILE A 118 2.44 1.38 -16.50
C ILE A 118 2.95 1.92 -17.83
N GLU A 119 4.03 2.69 -17.77
CA GLU A 119 4.62 3.26 -18.98
C GLU A 119 6.08 2.83 -19.12
N MET A 120 6.58 2.86 -20.36
CA MET A 120 7.96 2.47 -20.63
C MET A 120 8.93 3.58 -20.21
N PRO A 121 9.99 3.20 -19.48
CA PRO A 121 11.00 4.13 -19.00
C PRO A 121 11.86 4.70 -20.13
N PHE A 122 12.55 5.80 -19.87
CA PHE A 122 13.40 6.44 -20.87
C PHE A 122 14.84 5.96 -20.72
N ASP A 123 15.39 5.42 -21.80
CA ASP A 123 16.76 4.93 -21.81
C ASP A 123 17.69 5.92 -21.12
N PRO A 124 18.74 5.39 -20.46
CA PRO A 124 19.73 6.21 -19.75
C PRO A 124 20.60 7.02 -20.70
N SER A 125 20.81 6.49 -21.90
CA SER A 125 21.63 7.16 -22.90
C SER A 125 21.33 8.66 -22.93
N SER A 126 22.37 9.45 -23.21
CA SER A 126 22.22 10.91 -23.26
C SER A 126 22.70 11.45 -24.61
N GLY A 127 22.43 10.70 -25.67
CA GLY A 127 22.85 11.13 -27.00
C GLY A 127 24.25 10.65 -27.35
N PRO A 128 24.53 10.55 -28.66
CA PRO A 128 25.84 10.12 -29.14
C PRO A 128 26.94 11.13 -28.87
N SER A 129 26.54 12.40 -28.78
CA SER A 129 27.50 13.49 -28.52
C SER A 129 28.20 13.28 -27.19
N SER A 130 29.52 13.08 -27.24
CA SER A 130 30.30 12.87 -26.04
C SER A 130 31.50 13.83 -25.99
N GLY A 131 31.92 14.17 -24.78
CA GLY A 131 33.04 15.08 -24.62
C GLY A 131 33.06 15.75 -23.26
N GLY A 1 26.17 33.81 -8.07
CA GLY A 1 25.72 33.13 -6.87
C GLY A 1 24.62 32.12 -7.14
N SER A 2 24.34 31.28 -6.16
CA SER A 2 23.31 30.25 -6.31
C SER A 2 22.65 29.94 -4.96
N SER A 3 21.65 29.07 -4.99
CA SER A 3 20.94 28.69 -3.77
C SER A 3 20.90 27.18 -3.62
N GLY A 4 20.30 26.72 -2.52
CA GLY A 4 20.21 25.29 -2.27
C GLY A 4 18.89 24.70 -2.74
N SER A 5 18.55 23.53 -2.22
CA SER A 5 17.31 22.86 -2.60
C SER A 5 16.98 21.73 -1.61
N SER A 6 15.69 21.45 -1.46
CA SER A 6 15.25 20.41 -0.55
C SER A 6 13.83 19.94 -0.91
N GLY A 7 13.39 18.87 -0.26
CA GLY A 7 12.07 18.34 -0.54
C GLY A 7 11.11 18.57 0.62
N ASP A 8 10.77 17.51 1.33
CA ASP A 8 9.86 17.60 2.47
C ASP A 8 10.01 16.39 3.38
N VAL A 9 9.38 16.46 4.55
CA VAL A 9 9.43 15.37 5.53
C VAL A 9 8.04 14.98 5.99
N THR A 10 7.81 13.67 6.15
CA THR A 10 6.53 13.17 6.59
C THR A 10 6.30 13.48 8.06
N TYR A 11 5.13 14.05 8.37
CA TYR A 11 4.79 14.39 9.75
C TYR A 11 4.16 13.21 10.46
N ASP A 12 4.36 13.14 11.77
CA ASP A 12 3.80 12.07 12.58
C ASP A 12 2.73 12.58 13.54
N GLY A 13 1.51 12.74 13.03
CA GLY A 13 0.42 13.24 13.84
C GLY A 13 -0.23 12.14 14.66
N HIS A 14 0.10 12.07 15.94
CA HIS A 14 -0.45 11.06 16.82
C HIS A 14 -1.35 11.70 17.88
N PRO A 15 -2.43 11.01 18.24
CA PRO A 15 -3.39 11.48 19.25
C PRO A 15 -2.81 11.48 20.66
N VAL A 16 -3.25 12.41 21.48
CA VAL A 16 -2.77 12.51 22.85
C VAL A 16 -3.11 11.25 23.65
N PRO A 17 -2.21 10.88 24.58
CA PRO A 17 -2.39 9.69 25.42
C PRO A 17 -3.53 9.87 26.44
N GLY A 18 -3.77 8.82 27.21
CA GLY A 18 -4.84 8.87 28.21
C GLY A 18 -4.48 8.11 29.47
N SER A 19 -5.39 7.25 29.92
CA SER A 19 -5.16 6.47 31.13
C SER A 19 -4.31 5.24 30.83
N PRO A 20 -3.34 4.95 31.72
CA PRO A 20 -2.45 3.81 31.57
C PRO A 20 -3.17 2.48 31.79
N TYR A 21 -4.35 2.55 32.38
CA TYR A 21 -5.14 1.35 32.66
C TYR A 21 -6.06 1.02 31.48
N THR A 22 -5.46 0.87 30.30
CA THR A 22 -6.23 0.56 29.10
C THR A 22 -5.35 -0.11 28.05
N VAL A 23 -5.94 -0.98 27.25
CA VAL A 23 -5.21 -1.69 26.19
C VAL A 23 -5.88 -1.49 24.83
N GLU A 24 -5.05 -1.35 23.80
CA GLU A 24 -5.56 -1.15 22.44
C GLU A 24 -4.99 -2.20 21.50
N ALA A 25 -4.94 -3.44 21.97
CA ALA A 25 -4.42 -4.53 21.16
C ALA A 25 -5.54 -5.48 20.73
N SER A 26 -6.69 -4.91 20.39
CA SER A 26 -7.84 -5.71 19.98
C SER A 26 -8.92 -4.82 19.36
N LEU A 27 -9.07 -4.90 18.05
CA LEU A 27 -10.08 -4.11 17.34
C LEU A 27 -10.61 -4.86 16.13
N PRO A 28 -11.91 -4.67 15.85
CA PRO A 28 -12.58 -5.33 14.71
C PRO A 28 -12.11 -4.77 13.37
N PRO A 29 -12.07 -5.65 12.35
CA PRO A 29 -11.65 -5.26 11.00
C PRO A 29 -12.65 -4.34 10.31
N ASP A 30 -12.14 -3.40 9.54
CA ASP A 30 -12.99 -2.46 8.81
C ASP A 30 -12.41 -2.13 7.45
N PRO A 31 -13.01 -2.70 6.39
CA PRO A 31 -12.58 -2.49 5.02
C PRO A 31 -12.85 -1.07 4.53
N SER A 32 -13.97 -0.51 4.97
CA SER A 32 -14.36 0.84 4.57
C SER A 32 -13.28 1.85 4.97
N LYS A 33 -12.55 1.53 6.03
CA LYS A 33 -11.48 2.40 6.52
C LYS A 33 -10.20 2.19 5.72
N VAL A 34 -10.02 0.97 5.21
CA VAL A 34 -8.84 0.64 4.43
C VAL A 34 -8.80 1.43 3.12
N LYS A 35 -7.88 2.38 3.04
CA LYS A 35 -7.74 3.20 1.85
C LYS A 35 -6.34 3.07 1.26
N ALA A 36 -6.25 3.14 -0.07
CA ALA A 36 -4.96 3.03 -0.75
C ALA A 36 -4.65 4.31 -1.53
N HIS A 37 -3.56 4.97 -1.17
CA HIS A 37 -3.15 6.20 -1.84
C HIS A 37 -1.63 6.22 -2.06
N GLY A 38 -1.23 6.31 -3.31
CA GLY A 38 0.19 6.35 -3.63
C GLY A 38 0.46 6.23 -5.12
N PRO A 39 1.74 6.29 -5.50
CA PRO A 39 2.16 6.20 -6.91
C PRO A 39 1.94 4.80 -7.48
N GLY A 40 2.12 3.79 -6.65
CA GLY A 40 1.94 2.41 -7.09
C GLY A 40 0.51 2.12 -7.49
N LEU A 41 -0.38 3.07 -7.24
CA LEU A 41 -1.79 2.90 -7.57
C LEU A 41 -2.10 3.52 -8.93
N GLU A 42 -1.62 4.73 -9.15
CA GLU A 42 -1.85 5.42 -10.42
C GLU A 42 -1.08 4.75 -11.55
N GLY A 43 0.12 4.26 -11.23
CA GLY A 43 0.94 3.61 -12.23
C GLY A 43 2.41 3.64 -11.88
N GLY A 44 3.25 3.12 -12.79
CA GLY A 44 4.67 3.10 -12.54
C GLY A 44 5.48 2.95 -13.82
N LEU A 45 6.63 2.31 -13.72
CA LEU A 45 7.51 2.10 -14.88
C LEU A 45 8.00 0.65 -14.93
N VAL A 46 8.06 0.10 -16.13
CA VAL A 46 8.53 -1.27 -16.30
C VAL A 46 9.94 -1.45 -15.77
N GLY A 47 10.16 -2.52 -15.02
CA GLY A 47 11.47 -2.78 -14.47
C GLY A 47 11.71 -2.02 -13.17
N LYS A 48 11.04 -0.89 -13.02
CA LYS A 48 11.19 -0.07 -11.83
C LYS A 48 10.12 -0.42 -10.79
N PRO A 49 10.51 -0.38 -9.51
CA PRO A 49 9.61 -0.70 -8.39
C PRO A 49 8.53 0.37 -8.20
N ALA A 50 7.44 -0.01 -7.56
CA ALA A 50 6.33 0.91 -7.32
C ALA A 50 5.53 0.49 -6.10
N GLU A 51 5.39 1.41 -5.14
CA GLU A 51 4.65 1.13 -3.92
C GLU A 51 3.74 2.31 -3.55
N PHE A 52 2.81 2.07 -2.63
CA PHE A 52 1.88 3.10 -2.20
C PHE A 52 1.67 3.04 -0.69
N THR A 53 0.90 3.99 -0.17
CA THR A 53 0.62 4.05 1.26
C THR A 53 -0.80 3.56 1.56
N ILE A 54 -0.91 2.58 2.44
CA ILE A 54 -2.20 2.03 2.82
C ILE A 54 -2.57 2.41 4.25
N ASP A 55 -3.80 2.86 4.44
CA ASP A 55 -4.28 3.25 5.77
C ASP A 55 -5.09 2.14 6.41
N THR A 56 -4.48 1.42 7.34
CA THR A 56 -5.15 0.32 8.03
C THR A 56 -4.92 0.39 9.54
N LYS A 57 -4.60 1.58 10.02
CA LYS A 57 -4.36 1.80 11.45
C LYS A 57 -5.68 1.91 12.21
N GLY A 58 -6.70 2.43 11.55
CA GLY A 58 -8.00 2.58 12.17
C GLY A 58 -9.02 1.61 11.62
N ALA A 59 -8.55 0.57 10.95
CA ALA A 59 -9.44 -0.43 10.37
C ALA A 59 -9.62 -1.62 11.32
N GLY A 60 -8.50 -2.17 11.79
CA GLY A 60 -8.56 -3.31 12.69
C GLY A 60 -7.54 -4.37 12.35
N THR A 61 -7.84 -5.61 12.71
CA THR A 61 -6.93 -6.73 12.44
C THR A 61 -7.64 -7.83 11.66
N GLY A 62 -6.93 -8.41 10.70
CA GLY A 62 -7.51 -9.48 9.89
C GLY A 62 -6.57 -9.96 8.80
N GLY A 63 -7.13 -10.43 7.70
CA GLY A 63 -6.31 -10.92 6.60
C GLY A 63 -6.58 -10.18 5.32
N LEU A 64 -5.63 -9.37 4.88
CA LEU A 64 -5.76 -8.59 3.65
C LEU A 64 -5.21 -9.37 2.46
N GLY A 65 -6.01 -9.45 1.40
CA GLY A 65 -5.58 -10.16 0.21
C GLY A 65 -5.21 -9.21 -0.92
N LEU A 66 -3.96 -9.31 -1.39
CA LEU A 66 -3.48 -8.47 -2.47
C LEU A 66 -3.07 -9.30 -3.67
N THR A 67 -3.80 -9.14 -4.77
CA THR A 67 -3.51 -9.88 -6.00
C THR A 67 -3.48 -8.96 -7.21
N VAL A 68 -2.38 -9.00 -7.95
CA VAL A 68 -2.23 -8.17 -9.14
C VAL A 68 -2.85 -8.83 -10.36
N GLU A 69 -3.94 -8.23 -10.87
CA GLU A 69 -4.62 -8.77 -12.04
C GLU A 69 -4.19 -8.04 -13.31
N GLY A 70 -2.98 -8.33 -13.76
CA GLY A 70 -2.47 -7.69 -14.96
C GLY A 70 -2.27 -8.67 -16.10
N PRO A 71 -1.58 -8.21 -17.16
CA PRO A 71 -1.31 -9.04 -18.34
C PRO A 71 -0.29 -10.15 -18.04
N CYS A 72 0.41 -10.01 -16.93
CA CYS A 72 1.41 -11.01 -16.53
C CYS A 72 1.62 -10.98 -15.02
N GLU A 73 2.15 -12.08 -14.48
CA GLU A 73 2.40 -12.19 -13.05
C GLU A 73 3.58 -11.30 -12.64
N ALA A 74 3.27 -10.26 -11.87
CA ALA A 74 4.30 -9.33 -11.41
C ALA A 74 4.61 -9.54 -9.93
N LYS A 75 5.88 -9.48 -9.58
CA LYS A 75 6.31 -9.66 -8.19
C LYS A 75 5.61 -8.67 -7.28
N ILE A 76 5.26 -9.12 -6.08
CA ILE A 76 4.59 -8.27 -5.11
C ILE A 76 5.23 -8.40 -3.73
N GLU A 77 5.71 -7.28 -3.19
CA GLU A 77 6.35 -7.27 -1.88
C GLU A 77 5.51 -6.49 -0.88
N CYS A 78 4.77 -7.21 -0.04
CA CYS A 78 3.93 -6.59 0.97
C CYS A 78 4.71 -6.34 2.27
N SER A 79 5.32 -5.17 2.37
CA SER A 79 6.10 -4.83 3.55
C SER A 79 5.25 -4.08 4.57
N ASP A 80 5.57 -4.27 5.85
CA ASP A 80 4.82 -3.62 6.92
C ASP A 80 5.66 -2.52 7.58
N ASN A 81 4.99 -1.50 8.09
CA ASN A 81 5.67 -0.38 8.74
C ASN A 81 5.79 -0.63 10.25
N GLY A 82 4.71 -1.09 10.85
CA GLY A 82 4.71 -1.34 12.28
C GLY A 82 3.93 -0.31 13.07
N ASP A 83 3.68 0.84 12.43
CA ASP A 83 2.94 1.92 13.08
C ASP A 83 1.45 1.85 12.73
N GLY A 84 1.12 1.00 11.77
CA GLY A 84 -0.27 0.85 11.35
C GLY A 84 -0.46 1.08 9.88
N THR A 85 0.64 1.09 9.12
CA THR A 85 0.58 1.32 7.69
C THR A 85 1.33 0.22 6.93
N CYS A 86 1.08 0.12 5.63
CA CYS A 86 1.72 -0.88 4.79
C CYS A 86 2.16 -0.28 3.46
N SER A 87 3.26 -0.80 2.92
CA SER A 87 3.78 -0.31 1.65
C SER A 87 4.11 -1.47 0.72
N VAL A 88 3.14 -1.85 -0.11
CA VAL A 88 3.32 -2.95 -1.06
C VAL A 88 4.05 -2.48 -2.31
N SER A 89 5.23 -3.04 -2.55
CA SER A 89 6.02 -2.68 -3.71
C SER A 89 6.00 -3.79 -4.76
N TYR A 90 5.64 -3.42 -5.99
CA TYR A 90 5.57 -4.38 -7.08
C TYR A 90 6.49 -3.98 -8.22
N LEU A 91 7.12 -4.96 -8.86
CA LEU A 91 8.01 -4.71 -9.97
C LEU A 91 7.46 -5.30 -11.27
N PRO A 92 6.92 -4.42 -12.13
CA PRO A 92 6.34 -4.83 -13.42
C PRO A 92 7.42 -5.30 -14.41
N THR A 93 6.99 -6.04 -15.43
CA THR A 93 7.91 -6.55 -16.44
C THR A 93 7.50 -6.08 -17.83
N LYS A 94 6.20 -5.99 -18.06
CA LYS A 94 5.68 -5.55 -19.35
C LYS A 94 4.69 -4.41 -19.17
N PRO A 95 4.71 -3.45 -20.11
CA PRO A 95 3.81 -2.29 -20.09
C PRO A 95 2.36 -2.68 -20.38
N GLY A 96 1.50 -2.50 -19.38
CA GLY A 96 0.10 -2.83 -19.55
C GLY A 96 -0.77 -2.24 -18.46
N GLU A 97 -1.49 -3.09 -17.74
CA GLU A 97 -2.37 -2.63 -16.67
C GLU A 97 -2.42 -3.66 -15.54
N TYR A 98 -2.11 -3.20 -14.33
CA TYR A 98 -2.11 -4.09 -13.16
C TYR A 98 -3.17 -3.64 -12.16
N PHE A 99 -4.21 -4.46 -12.02
CA PHE A 99 -5.30 -4.16 -11.09
C PHE A 99 -5.01 -4.75 -9.71
N VAL A 100 -4.72 -3.88 -8.75
CA VAL A 100 -4.44 -4.32 -7.39
C VAL A 100 -5.71 -4.60 -6.61
N ASN A 101 -6.06 -5.88 -6.46
CA ASN A 101 -7.26 -6.27 -5.74
C ASN A 101 -7.04 -6.21 -4.23
N ILE A 102 -7.63 -5.22 -3.58
CA ILE A 102 -7.50 -5.06 -2.14
C ILE A 102 -8.78 -5.47 -1.42
N LEU A 103 -8.73 -6.61 -0.75
CA LEU A 103 -9.88 -7.12 -0.01
C LEU A 103 -9.50 -7.47 1.43
N PHE A 104 -10.25 -6.93 2.38
CA PHE A 104 -9.99 -7.19 3.79
C PHE A 104 -10.95 -8.24 4.33
N GLU A 105 -10.42 -9.40 4.68
CA GLU A 105 -11.22 -10.50 5.21
C GLU A 105 -12.30 -10.91 4.21
N GLU A 106 -11.92 -11.02 2.94
CA GLU A 106 -12.85 -11.41 1.89
C GLU A 106 -13.84 -10.28 1.60
N VAL A 107 -13.40 -9.04 1.81
CA VAL A 107 -14.25 -7.88 1.57
C VAL A 107 -13.52 -6.84 0.72
N HIS A 108 -13.99 -6.66 -0.51
CA HIS A 108 -13.39 -5.70 -1.43
C HIS A 108 -13.58 -4.28 -0.92
N ILE A 109 -12.48 -3.59 -0.67
CA ILE A 109 -12.51 -2.22 -0.18
C ILE A 109 -13.07 -1.27 -1.24
N PRO A 110 -13.70 -0.17 -0.78
CA PRO A 110 -14.28 0.83 -1.67
C PRO A 110 -13.22 1.62 -2.42
N GLY A 111 -12.76 1.09 -3.54
CA GLY A 111 -11.75 1.77 -4.34
C GLY A 111 -10.88 0.80 -5.11
N SER A 112 -11.00 -0.48 -4.79
CA SER A 112 -10.21 -1.51 -5.46
C SER A 112 -11.06 -2.31 -6.44
N PRO A 113 -10.41 -2.89 -7.45
CA PRO A 113 -8.96 -2.78 -7.63
C PRO A 113 -8.52 -1.38 -8.04
N PHE A 114 -7.22 -1.15 -8.05
CA PHE A 114 -6.68 0.15 -8.42
C PHE A 114 -5.89 0.07 -9.73
N LYS A 115 -6.55 0.41 -10.83
CA LYS A 115 -5.93 0.37 -12.14
C LYS A 115 -4.66 1.21 -12.16
N ALA A 116 -3.53 0.57 -12.42
CA ALA A 116 -2.24 1.26 -12.47
C ALA A 116 -1.62 1.17 -13.86
N ASP A 117 -1.70 2.26 -14.61
CA ASP A 117 -1.15 2.29 -15.96
C ASP A 117 0.38 2.41 -15.92
N ILE A 118 1.06 1.36 -16.37
CA ILE A 118 2.51 1.35 -16.39
C ILE A 118 3.05 1.84 -17.73
N GLU A 119 4.02 2.76 -17.67
CA GLU A 119 4.62 3.31 -18.87
C GLU A 119 6.10 2.95 -18.96
N MET A 120 6.67 3.09 -20.15
CA MET A 120 8.08 2.77 -20.37
C MET A 120 8.98 3.91 -19.88
N PRO A 121 10.05 3.55 -19.17
CA PRO A 121 11.00 4.52 -18.63
C PRO A 121 11.83 5.19 -19.72
N PHE A 122 12.35 6.37 -19.42
CA PHE A 122 13.15 7.12 -20.38
C PHE A 122 14.64 6.86 -20.15
N ASP A 123 15.45 7.29 -21.11
CA ASP A 123 16.90 7.12 -21.00
C ASP A 123 17.62 8.45 -21.23
N PRO A 124 17.65 9.29 -20.19
CA PRO A 124 18.31 10.59 -20.24
C PRO A 124 19.83 10.48 -20.31
N SER A 125 20.46 11.44 -20.98
CA SER A 125 21.91 11.45 -21.11
C SER A 125 22.55 12.38 -20.10
N SER A 126 23.83 12.15 -19.83
CA SER A 126 24.57 12.97 -18.86
C SER A 126 25.89 13.45 -19.45
N GLY A 127 26.39 14.56 -18.93
CA GLY A 127 27.65 15.11 -19.42
C GLY A 127 27.61 16.62 -19.53
N PRO A 128 28.77 17.26 -19.28
CA PRO A 128 28.90 18.72 -19.34
C PRO A 128 28.79 19.25 -20.77
N SER A 129 29.14 18.41 -21.73
CA SER A 129 29.09 18.79 -23.14
C SER A 129 27.72 18.53 -23.73
N SER A 130 26.92 19.58 -23.83
CA SER A 130 25.56 19.47 -24.38
C SER A 130 25.12 20.78 -25.02
N GLY A 131 24.03 20.73 -25.77
CA GLY A 131 23.52 21.92 -26.43
C GLY A 131 23.91 21.98 -27.89
N GLY A 1 -29.42 48.60 7.48
CA GLY A 1 -28.46 47.56 7.80
C GLY A 1 -29.02 46.53 8.76
N SER A 2 -28.13 45.85 9.49
CA SER A 2 -28.55 44.83 10.43
C SER A 2 -27.81 44.97 11.76
N SER A 3 -28.43 44.51 12.83
CA SER A 3 -27.84 44.59 14.16
C SER A 3 -26.78 43.50 14.35
N GLY A 4 -27.15 42.27 14.03
CA GLY A 4 -26.22 41.16 14.18
C GLY A 4 -26.17 40.63 15.60
N SER A 5 -27.19 39.89 16.00
CA SER A 5 -27.26 39.33 17.35
C SER A 5 -27.72 37.88 17.31
N SER A 6 -26.97 37.00 17.97
CA SER A 6 -27.31 35.58 18.00
C SER A 6 -26.41 34.84 18.98
N GLY A 7 -26.84 33.65 19.39
CA GLY A 7 -26.06 32.86 20.32
C GLY A 7 -26.70 31.52 20.62
N ASP A 8 -25.88 30.50 20.86
CA ASP A 8 -26.38 29.17 21.17
C ASP A 8 -25.25 28.28 21.72
N VAL A 9 -25.56 27.56 22.78
CA VAL A 9 -24.58 26.67 23.40
C VAL A 9 -25.19 25.32 23.72
N THR A 10 -24.49 24.25 23.37
CA THR A 10 -24.97 22.90 23.62
C THR A 10 -23.80 21.92 23.74
N TYR A 11 -23.97 20.88 24.55
CA TYR A 11 -22.94 19.88 24.76
C TYR A 11 -23.50 18.67 25.51
N ASP A 12 -22.72 17.59 25.53
CA ASP A 12 -23.14 16.37 26.22
C ASP A 12 -22.00 15.83 27.09
N GLY A 13 -22.24 15.76 28.39
CA GLY A 13 -21.23 15.27 29.31
C GLY A 13 -21.53 13.86 29.79
N HIS A 14 -20.64 12.93 29.48
CA HIS A 14 -20.82 11.54 29.89
C HIS A 14 -19.49 10.93 30.32
N PRO A 15 -19.49 10.28 31.49
CA PRO A 15 -18.29 9.65 32.05
C PRO A 15 -17.88 8.41 31.25
N VAL A 16 -16.62 8.37 30.84
CA VAL A 16 -16.09 7.25 30.08
C VAL A 16 -15.33 6.27 30.98
N PRO A 17 -15.45 4.98 30.67
CA PRO A 17 -14.78 3.91 31.44
C PRO A 17 -13.27 3.93 31.25
N GLY A 18 -12.59 2.98 31.88
CA GLY A 18 -11.15 2.90 31.77
C GLY A 18 -10.69 2.66 30.35
N SER A 19 -10.31 3.73 29.66
CA SER A 19 -9.86 3.64 28.28
C SER A 19 -8.51 2.95 28.20
N PRO A 20 -7.50 3.55 28.86
CA PRO A 20 -6.13 3.01 28.88
C PRO A 20 -6.04 1.71 29.70
N TYR A 21 -7.17 1.27 30.22
CA TYR A 21 -7.21 0.04 31.02
C TYR A 21 -8.08 -1.01 30.35
N THR A 22 -7.92 -1.16 29.03
CA THR A 22 -8.69 -2.13 28.28
C THR A 22 -8.05 -2.42 26.93
N VAL A 23 -8.09 -3.67 26.50
CA VAL A 23 -7.52 -4.07 25.22
C VAL A 23 -8.42 -3.64 24.06
N GLU A 24 -7.83 -2.94 23.10
CA GLU A 24 -8.57 -2.48 21.93
C GLU A 24 -8.22 -3.31 20.70
N ALA A 25 -7.98 -4.60 20.91
CA ALA A 25 -7.64 -5.50 19.82
C ALA A 25 -8.79 -6.45 19.51
N SER A 26 -10.01 -5.97 19.71
CA SER A 26 -11.20 -6.78 19.45
C SER A 26 -12.20 -6.03 18.58
N LEU A 27 -11.71 -5.47 17.48
CA LEU A 27 -12.55 -4.72 16.56
C LEU A 27 -12.75 -5.49 15.26
N PRO A 28 -13.97 -5.38 14.69
CA PRO A 28 -14.32 -6.05 13.44
C PRO A 28 -13.59 -5.46 12.23
N PRO A 29 -13.43 -6.28 11.17
CA PRO A 29 -12.75 -5.85 9.95
C PRO A 29 -13.57 -4.82 9.16
N ASP A 30 -13.13 -3.57 9.21
CA ASP A 30 -13.82 -2.50 8.50
C ASP A 30 -13.02 -2.06 7.27
N PRO A 31 -13.27 -2.74 6.14
CA PRO A 31 -12.60 -2.44 4.88
C PRO A 31 -13.03 -1.10 4.28
N SER A 32 -14.11 -0.55 4.82
CA SER A 32 -14.62 0.73 4.34
C SER A 32 -13.72 1.87 4.78
N LYS A 33 -12.83 1.60 5.73
CA LYS A 33 -11.91 2.60 6.23
C LYS A 33 -10.56 2.51 5.53
N VAL A 34 -10.16 1.29 5.18
CA VAL A 34 -8.89 1.06 4.50
C VAL A 34 -8.70 2.05 3.36
N LYS A 35 -7.73 2.96 3.51
CA LYS A 35 -7.45 3.96 2.50
C LYS A 35 -6.15 3.64 1.76
N ALA A 36 -6.23 3.49 0.44
CA ALA A 36 -5.06 3.18 -0.37
C ALA A 36 -4.74 4.34 -1.30
N HIS A 37 -3.68 5.09 -0.97
CA HIS A 37 -3.26 6.23 -1.77
C HIS A 37 -1.76 6.17 -2.04
N GLY A 38 -1.37 6.45 -3.28
CA GLY A 38 0.03 6.42 -3.64
C GLY A 38 0.24 6.30 -5.14
N PRO A 39 1.52 6.33 -5.56
CA PRO A 39 1.87 6.22 -6.98
C PRO A 39 1.62 4.83 -7.54
N GLY A 40 2.07 3.81 -6.82
CA GLY A 40 1.88 2.44 -7.26
C GLY A 40 0.47 2.18 -7.74
N LEU A 41 -0.49 2.94 -7.22
CA LEU A 41 -1.88 2.79 -7.60
C LEU A 41 -2.14 3.39 -8.98
N GLU A 42 -1.69 4.62 -9.18
CA GLU A 42 -1.88 5.31 -10.45
C GLU A 42 -1.06 4.63 -11.55
N GLY A 43 0.13 4.19 -11.20
CA GLY A 43 0.99 3.52 -12.16
C GLY A 43 2.47 3.73 -11.87
N GLY A 44 3.32 3.42 -12.85
CA GLY A 44 4.75 3.58 -12.66
C GLY A 44 5.52 3.32 -13.94
N LEU A 45 6.53 2.47 -13.84
CA LEU A 45 7.36 2.14 -15.00
C LEU A 45 7.69 0.65 -15.05
N VAL A 46 8.08 0.16 -16.21
CA VAL A 46 8.42 -1.25 -16.38
C VAL A 46 9.72 -1.59 -15.64
N GLY A 47 9.82 -2.84 -15.20
CA GLY A 47 11.01 -3.28 -14.49
C GLY A 47 11.43 -2.29 -13.42
N LYS A 48 10.47 -1.53 -12.90
CA LYS A 48 10.76 -0.55 -11.87
C LYS A 48 9.86 -0.76 -10.64
N PRO A 49 10.39 -0.43 -9.46
CA PRO A 49 9.66 -0.58 -8.20
C PRO A 49 8.50 0.41 -8.07
N ALA A 50 7.33 -0.10 -7.73
CA ALA A 50 6.14 0.73 -7.58
C ALA A 50 5.35 0.35 -6.33
N GLU A 51 5.22 1.29 -5.40
CA GLU A 51 4.49 1.04 -4.16
C GLU A 51 3.56 2.21 -3.85
N PHE A 52 2.78 2.06 -2.78
CA PHE A 52 1.85 3.10 -2.36
C PHE A 52 1.67 3.10 -0.84
N THR A 53 0.89 4.06 -0.35
CA THR A 53 0.64 4.17 1.09
C THR A 53 -0.73 3.63 1.46
N ILE A 54 -0.75 2.64 2.34
CA ILE A 54 -2.00 2.03 2.78
C ILE A 54 -2.24 2.28 4.26
N ASP A 55 -3.47 2.65 4.61
CA ASP A 55 -3.83 2.92 6.00
C ASP A 55 -4.78 1.85 6.53
N THR A 56 -4.48 1.30 7.70
CA THR A 56 -5.31 0.28 8.30
C THR A 56 -5.84 0.73 9.65
N LYS A 57 -5.10 1.62 10.32
CA LYS A 57 -5.50 2.13 11.63
C LYS A 57 -6.94 2.63 11.59
N GLY A 58 -7.82 1.96 12.34
CA GLY A 58 -9.21 2.35 12.38
C GLY A 58 -10.12 1.29 11.80
N ALA A 59 -9.58 0.44 10.94
CA ALA A 59 -10.36 -0.62 10.31
C ALA A 59 -10.83 -1.63 11.35
N GLY A 60 -9.87 -2.22 12.06
CA GLY A 60 -10.20 -3.21 13.08
C GLY A 60 -9.11 -4.24 13.27
N THR A 61 -9.35 -5.45 12.79
CA THR A 61 -8.38 -6.52 12.91
C THR A 61 -8.72 -7.68 11.98
N GLY A 62 -7.82 -7.99 11.04
CA GLY A 62 -8.04 -9.07 10.11
C GLY A 62 -6.93 -9.21 9.10
N GLY A 63 -7.21 -9.91 8.00
CA GLY A 63 -6.20 -10.11 6.98
C GLY A 63 -6.53 -9.36 5.70
N LEU A 64 -5.53 -9.20 4.84
CA LEU A 64 -5.71 -8.51 3.57
C LEU A 64 -5.15 -9.32 2.41
N GLY A 65 -5.96 -9.51 1.38
CA GLY A 65 -5.52 -10.26 0.22
C GLY A 65 -5.15 -9.37 -0.94
N LEU A 66 -3.85 -9.29 -1.25
CA LEU A 66 -3.37 -8.48 -2.35
C LEU A 66 -2.91 -9.34 -3.52
N THR A 67 -3.57 -9.15 -4.67
CA THR A 67 -3.24 -9.92 -5.87
C THR A 67 -3.23 -9.02 -7.10
N VAL A 68 -2.19 -9.16 -7.92
CA VAL A 68 -2.07 -8.37 -9.13
C VAL A 68 -2.74 -9.07 -10.32
N GLU A 69 -3.86 -8.50 -10.76
CA GLU A 69 -4.60 -9.06 -11.88
C GLU A 69 -4.24 -8.34 -13.18
N GLY A 70 -3.06 -8.64 -13.72
CA GLY A 70 -2.62 -8.02 -14.95
C GLY A 70 -2.31 -9.03 -16.03
N PRO A 71 -1.75 -8.55 -17.15
CA PRO A 71 -1.39 -9.41 -18.29
C PRO A 71 -0.23 -10.34 -17.97
N CYS A 72 0.47 -10.06 -16.87
CA CYS A 72 1.60 -10.87 -16.46
C CYS A 72 1.62 -11.05 -14.95
N GLU A 73 2.55 -11.88 -14.47
CA GLU A 73 2.67 -12.14 -13.04
C GLU A 73 3.77 -11.28 -12.42
N ALA A 74 3.41 -10.10 -11.95
CA ALA A 74 4.37 -9.20 -11.33
C ALA A 74 4.54 -9.50 -9.85
N LYS A 75 5.79 -9.47 -9.39
CA LYS A 75 6.10 -9.75 -7.99
C LYS A 75 5.44 -8.72 -7.08
N ILE A 76 5.12 -9.14 -5.85
CA ILE A 76 4.49 -8.25 -4.88
C ILE A 76 5.16 -8.37 -3.52
N GLU A 77 5.84 -7.31 -3.11
CA GLU A 77 6.54 -7.29 -1.83
C GLU A 77 5.78 -6.42 -0.82
N CYS A 78 5.05 -7.06 0.08
CA CYS A 78 4.28 -6.34 1.09
C CYS A 78 5.10 -6.16 2.36
N SER A 79 5.84 -5.06 2.44
CA SER A 79 6.68 -4.77 3.60
C SER A 79 5.88 -4.02 4.66
N ASP A 80 5.62 -4.69 5.78
CA ASP A 80 4.88 -4.09 6.87
C ASP A 80 5.70 -3.02 7.58
N ASN A 81 5.03 -2.09 8.23
CA ASN A 81 5.70 -1.01 8.94
C ASN A 81 5.67 -1.25 10.46
N GLY A 82 4.48 -1.45 11.00
CA GLY A 82 4.34 -1.68 12.42
C GLY A 82 3.67 -0.52 13.14
N ASP A 83 3.49 0.58 12.43
CA ASP A 83 2.86 1.77 13.01
C ASP A 83 1.38 1.83 12.63
N GLY A 84 1.02 1.12 11.56
CA GLY A 84 -0.36 1.12 11.12
C GLY A 84 -0.49 1.37 9.63
N THR A 85 0.56 1.01 8.88
CA THR A 85 0.55 1.19 7.44
C THR A 85 1.29 0.05 6.74
N CYS A 86 1.23 0.05 5.41
CA CYS A 86 1.89 -0.99 4.62
C CYS A 86 2.47 -0.41 3.34
N SER A 87 3.75 -0.69 3.10
CA SER A 87 4.43 -0.20 1.91
C SER A 87 4.69 -1.32 0.92
N VAL A 88 3.63 -1.74 0.22
CA VAL A 88 3.74 -2.81 -0.78
C VAL A 88 4.38 -2.31 -2.06
N SER A 89 5.37 -3.04 -2.54
CA SER A 89 6.06 -2.68 -3.78
C SER A 89 6.04 -3.82 -4.79
N TYR A 90 5.58 -3.52 -6.00
CA TYR A 90 5.50 -4.52 -7.05
C TYR A 90 6.41 -4.16 -8.22
N LEU A 91 6.72 -5.15 -9.05
CA LEU A 91 7.60 -4.93 -10.20
C LEU A 91 6.99 -5.56 -11.45
N PRO A 92 6.43 -4.71 -12.32
CA PRO A 92 5.81 -5.15 -13.58
C PRO A 92 6.83 -5.65 -14.59
N THR A 93 6.35 -6.18 -15.71
CA THR A 93 7.22 -6.70 -16.75
C THR A 93 7.03 -5.93 -18.05
N LYS A 94 5.79 -5.69 -18.42
CA LYS A 94 5.46 -4.98 -19.64
C LYS A 94 4.63 -3.73 -19.35
N PRO A 95 4.81 -2.69 -20.16
CA PRO A 95 4.07 -1.42 -20.01
C PRO A 95 2.59 -1.57 -20.35
N GLY A 96 1.80 -1.97 -19.36
CA GLY A 96 0.38 -2.13 -19.58
C GLY A 96 -0.45 -1.60 -18.42
N GLU A 97 -1.16 -2.50 -17.74
CA GLU A 97 -2.00 -2.12 -16.62
C GLU A 97 -2.11 -3.25 -15.60
N TYR A 98 -1.94 -2.92 -14.33
CA TYR A 98 -2.02 -3.91 -13.27
C TYR A 98 -3.10 -3.55 -12.26
N PHE A 99 -4.10 -4.42 -12.14
CA PHE A 99 -5.20 -4.19 -11.21
C PHE A 99 -4.91 -4.81 -9.85
N VAL A 100 -4.61 -3.97 -8.86
CA VAL A 100 -4.31 -4.43 -7.52
C VAL A 100 -5.59 -4.73 -6.74
N ASN A 101 -5.85 -6.02 -6.53
CA ASN A 101 -7.04 -6.45 -5.80
C ASN A 101 -6.82 -6.34 -4.30
N ILE A 102 -7.47 -5.37 -3.67
CA ILE A 102 -7.35 -5.16 -2.23
C ILE A 102 -8.63 -5.56 -1.51
N LEU A 103 -8.57 -6.66 -0.76
CA LEU A 103 -9.73 -7.14 -0.02
C LEU A 103 -9.34 -7.48 1.42
N PHE A 104 -10.14 -6.99 2.36
CA PHE A 104 -9.89 -7.24 3.77
C PHE A 104 -10.85 -8.30 4.32
N GLU A 105 -10.28 -9.45 4.70
CA GLU A 105 -11.07 -10.54 5.23
C GLU A 105 -12.12 -11.01 4.22
N GLU A 106 -11.71 -11.08 2.96
CA GLU A 106 -12.61 -11.52 1.89
C GLU A 106 -13.62 -10.43 1.56
N VAL A 107 -13.22 -9.17 1.77
CA VAL A 107 -14.10 -8.04 1.49
C VAL A 107 -13.39 -6.99 0.66
N HIS A 108 -13.82 -6.85 -0.60
CA HIS A 108 -13.23 -5.87 -1.50
C HIS A 108 -13.41 -4.46 -0.97
N ILE A 109 -12.30 -3.77 -0.73
CA ILE A 109 -12.34 -2.40 -0.22
C ILE A 109 -12.91 -1.45 -1.26
N PRO A 110 -13.53 -0.36 -0.79
CA PRO A 110 -14.13 0.66 -1.65
C PRO A 110 -13.08 1.46 -2.41
N GLY A 111 -12.61 0.91 -3.52
CA GLY A 111 -11.60 1.59 -4.33
C GLY A 111 -10.77 0.63 -5.15
N SER A 112 -10.86 -0.66 -4.81
CA SER A 112 -10.09 -1.68 -5.53
C SER A 112 -10.99 -2.46 -6.49
N PRO A 113 -10.37 -3.04 -7.54
CA PRO A 113 -8.93 -2.94 -7.76
C PRO A 113 -8.49 -1.53 -8.15
N PHE A 114 -7.18 -1.32 -8.23
CA PHE A 114 -6.65 -0.01 -8.60
C PHE A 114 -5.87 -0.10 -9.92
N LYS A 115 -6.50 0.35 -10.99
CA LYS A 115 -5.88 0.34 -12.31
C LYS A 115 -4.61 1.18 -12.32
N ALA A 116 -3.47 0.55 -12.58
CA ALA A 116 -2.20 1.26 -12.64
C ALA A 116 -1.58 1.18 -14.03
N ASP A 117 -1.68 2.27 -14.77
CA ASP A 117 -1.13 2.33 -16.12
C ASP A 117 0.40 2.47 -16.08
N ILE A 118 1.10 1.44 -16.54
CA ILE A 118 2.55 1.46 -16.56
C ILE A 118 3.08 1.99 -17.88
N GLU A 119 4.18 2.75 -17.82
CA GLU A 119 4.79 3.31 -19.02
C GLU A 119 6.28 2.99 -19.09
N MET A 120 6.82 3.00 -20.29
CA MET A 120 8.24 2.71 -20.50
C MET A 120 9.11 3.84 -19.97
N PRO A 121 10.06 3.51 -19.09
CA PRO A 121 10.98 4.49 -18.50
C PRO A 121 11.98 5.04 -19.52
N PHE A 122 12.31 6.32 -19.36
CA PHE A 122 13.25 6.96 -20.27
C PHE A 122 14.61 6.28 -20.22
N ASP A 123 15.28 6.21 -21.37
CA ASP A 123 16.59 5.58 -21.46
C ASP A 123 17.44 6.27 -22.53
N PRO A 124 18.72 6.50 -22.20
CA PRO A 124 19.66 7.15 -23.11
C PRO A 124 20.04 6.25 -24.30
N SER A 125 19.75 6.74 -25.50
CA SER A 125 20.06 5.98 -26.71
C SER A 125 21.47 6.27 -27.21
N SER A 126 21.74 7.56 -27.45
CA SER A 126 23.05 7.98 -27.93
C SER A 126 24.09 7.86 -26.83
N GLY A 127 24.82 6.74 -26.82
CA GLY A 127 25.84 6.53 -25.81
C GLY A 127 27.12 7.30 -26.10
N PRO A 128 28.08 7.22 -25.18
CA PRO A 128 29.36 7.92 -25.32
C PRO A 128 30.23 7.31 -26.40
N SER A 129 30.25 5.99 -26.47
CA SER A 129 31.05 5.28 -27.47
C SER A 129 32.35 6.04 -27.76
N SER A 130 32.98 6.54 -26.72
CA SER A 130 34.23 7.28 -26.86
C SER A 130 35.09 7.15 -25.62
N GLY A 131 36.40 7.05 -25.82
CA GLY A 131 37.32 6.91 -24.71
C GLY A 131 38.75 7.24 -25.09
N GLY A 1 39.93 -30.15 35.19
CA GLY A 1 38.53 -30.28 34.82
C GLY A 1 37.75 -29.00 35.02
N SER A 2 36.53 -28.97 34.49
CA SER A 2 35.67 -27.79 34.61
C SER A 2 34.20 -28.16 34.49
N SER A 3 33.45 -27.92 35.56
CA SER A 3 32.02 -28.23 35.56
C SER A 3 31.35 -27.66 36.81
N GLY A 4 30.11 -27.20 36.65
CA GLY A 4 29.39 -26.63 37.76
C GLY A 4 28.05 -26.06 37.35
N SER A 5 27.66 -24.94 37.96
CA SER A 5 26.39 -24.29 37.65
C SER A 5 26.55 -22.78 37.59
N SER A 6 26.14 -22.20 36.46
CA SER A 6 26.24 -20.76 36.26
C SER A 6 25.00 -20.21 35.57
N GLY A 7 24.55 -19.04 36.00
CA GLY A 7 23.37 -18.43 35.41
C GLY A 7 22.66 -17.49 36.37
N ASP A 8 22.89 -16.20 36.20
CA ASP A 8 22.26 -15.20 37.06
C ASP A 8 22.16 -13.85 36.34
N VAL A 9 20.94 -13.40 36.10
CA VAL A 9 20.72 -12.13 35.42
C VAL A 9 20.41 -11.03 36.43
N THR A 10 21.10 -9.90 36.29
CA THR A 10 20.91 -8.77 37.18
C THR A 10 19.61 -8.04 36.87
N TYR A 11 18.86 -7.70 37.92
CA TYR A 11 17.59 -7.00 37.76
C TYR A 11 17.60 -5.69 38.54
N ASP A 12 17.44 -4.58 37.82
CA ASP A 12 17.42 -3.26 38.44
C ASP A 12 17.10 -2.18 37.41
N GLY A 13 16.14 -1.32 37.74
CA GLY A 13 15.75 -0.26 36.84
C GLY A 13 14.26 0.03 36.90
N HIS A 14 13.92 1.32 37.01
CA HIS A 14 12.52 1.74 37.08
C HIS A 14 11.70 1.04 36.01
N PRO A 15 10.44 0.72 36.35
CA PRO A 15 9.52 0.04 35.43
C PRO A 15 9.08 0.94 34.29
N VAL A 16 9.63 0.69 33.10
CA VAL A 16 9.29 1.48 31.91
C VAL A 16 7.79 1.45 31.64
N PRO A 17 7.27 2.56 31.12
CA PRO A 17 5.85 2.69 30.80
C PRO A 17 5.43 1.81 29.62
N GLY A 18 4.62 0.79 29.90
CA GLY A 18 4.18 -0.10 28.84
C GLY A 18 2.80 -0.68 29.13
N SER A 19 1.76 0.13 28.88
CA SER A 19 0.39 -0.30 29.11
C SER A 19 -0.58 0.53 28.29
N PRO A 20 -1.70 -0.10 27.89
CA PRO A 20 -2.74 0.57 27.10
C PRO A 20 -3.49 1.63 27.89
N TYR A 21 -3.76 1.33 29.15
CA TYR A 21 -4.48 2.27 30.01
C TYR A 21 -5.58 3.00 29.25
N THR A 22 -6.09 2.34 28.20
CA THR A 22 -7.14 2.93 27.39
C THR A 22 -8.04 1.85 26.79
N VAL A 23 -9.33 2.15 26.67
CA VAL A 23 -10.29 1.22 26.12
C VAL A 23 -10.19 1.16 24.60
N GLU A 24 -9.18 1.82 24.06
CA GLU A 24 -8.97 1.85 22.61
C GLU A 24 -7.87 0.88 22.20
N ALA A 25 -7.98 -0.37 22.65
CA ALA A 25 -7.00 -1.39 22.34
C ALA A 25 -7.66 -2.60 21.68
N SER A 26 -8.74 -2.36 20.95
CA SER A 26 -9.47 -3.43 20.28
C SER A 26 -10.58 -2.87 19.41
N LEU A 27 -10.40 -2.94 18.10
CA LEU A 27 -11.40 -2.44 17.16
C LEU A 27 -11.68 -3.47 16.05
N PRO A 28 -12.95 -3.55 15.63
CA PRO A 28 -13.37 -4.48 14.58
C PRO A 28 -12.83 -4.09 13.22
N PRO A 29 -12.57 -5.10 12.37
CA PRO A 29 -12.05 -4.89 11.01
C PRO A 29 -13.09 -4.25 10.09
N ASP A 30 -12.68 -3.19 9.40
CA ASP A 30 -13.57 -2.49 8.48
C ASP A 30 -12.84 -2.15 7.18
N PRO A 31 -13.40 -2.59 6.05
CA PRO A 31 -12.82 -2.35 4.72
C PRO A 31 -12.94 -0.88 4.32
N SER A 32 -14.07 -0.27 4.63
CA SER A 32 -14.32 1.13 4.28
C SER A 32 -13.21 2.03 4.85
N LYS A 33 -12.58 1.57 5.92
CA LYS A 33 -11.49 2.32 6.55
C LYS A 33 -10.17 2.10 5.80
N VAL A 34 -10.11 1.02 5.04
CA VAL A 34 -8.91 0.70 4.27
C VAL A 34 -8.80 1.59 3.03
N LYS A 35 -7.99 2.63 3.12
CA LYS A 35 -7.79 3.55 2.02
C LYS A 35 -6.38 3.42 1.43
N ALA A 36 -6.30 3.28 0.11
CA ALA A 36 -5.01 3.16 -0.56
C ALA A 36 -4.69 4.40 -1.37
N HIS A 37 -3.58 5.06 -1.01
CA HIS A 37 -3.16 6.27 -1.70
C HIS A 37 -1.64 6.27 -1.90
N GLY A 38 -1.22 6.39 -3.16
CA GLY A 38 0.19 6.39 -3.48
C GLY A 38 0.46 6.28 -4.96
N PRO A 39 1.75 6.22 -5.33
CA PRO A 39 2.16 6.11 -6.73
C PRO A 39 1.83 4.74 -7.33
N GLY A 40 2.12 3.69 -6.59
CA GLY A 40 1.83 2.35 -7.05
C GLY A 40 0.40 2.19 -7.55
N LEU A 41 -0.47 3.09 -7.12
CA LEU A 41 -1.87 3.05 -7.50
C LEU A 41 -2.09 3.78 -8.83
N GLU A 42 -1.51 4.97 -8.94
CA GLU A 42 -1.64 5.76 -10.16
C GLU A 42 -0.86 5.13 -11.30
N GLY A 43 0.23 4.44 -10.98
CA GLY A 43 1.04 3.80 -11.99
C GLY A 43 2.52 3.83 -11.65
N GLY A 44 3.36 3.55 -12.64
CA GLY A 44 4.80 3.55 -12.42
C GLY A 44 5.58 3.41 -13.70
N LEU A 45 6.71 2.71 -13.64
CA LEU A 45 7.55 2.51 -14.82
C LEU A 45 8.02 1.06 -14.90
N VAL A 46 8.07 0.53 -16.12
CA VAL A 46 8.50 -0.85 -16.34
C VAL A 46 9.90 -1.07 -15.79
N GLY A 47 10.10 -2.22 -15.15
CA GLY A 47 11.40 -2.55 -14.58
C GLY A 47 11.61 -1.94 -13.22
N LYS A 48 10.98 -0.79 -12.98
CA LYS A 48 11.09 -0.10 -11.70
C LYS A 48 9.97 -0.52 -10.76
N PRO A 49 10.27 -0.53 -9.45
CA PRO A 49 9.31 -0.91 -8.42
C PRO A 49 8.19 0.14 -8.26
N ALA A 50 7.09 -0.28 -7.64
CA ALA A 50 5.96 0.63 -7.42
C ALA A 50 5.18 0.22 -6.18
N GLU A 51 5.14 1.12 -5.20
CA GLU A 51 4.42 0.85 -3.95
C GLU A 51 3.44 1.98 -3.64
N PHE A 52 2.65 1.79 -2.58
CA PHE A 52 1.67 2.80 -2.17
C PHE A 52 1.50 2.80 -0.66
N THR A 53 0.71 3.75 -0.17
CA THR A 53 0.46 3.87 1.27
C THR A 53 -0.96 3.39 1.62
N ILE A 54 -1.04 2.30 2.36
CA ILE A 54 -2.33 1.75 2.76
C ILE A 54 -2.65 2.09 4.22
N ASP A 55 -3.85 2.63 4.45
CA ASP A 55 -4.27 3.00 5.79
C ASP A 55 -5.12 1.89 6.42
N THR A 56 -4.52 1.14 7.35
CA THR A 56 -5.22 0.06 8.01
C THR A 56 -5.59 0.44 9.44
N LYS A 57 -4.89 1.44 9.97
CA LYS A 57 -5.14 1.90 11.34
C LYS A 57 -6.61 2.29 11.53
N GLY A 58 -7.17 2.93 10.51
CA GLY A 58 -8.57 3.33 10.59
C GLY A 58 -9.51 2.16 10.68
N ALA A 59 -9.01 0.97 10.38
CA ALA A 59 -9.82 -0.24 10.43
C ALA A 59 -9.73 -0.89 11.80
N GLY A 60 -8.53 -1.32 12.16
CA GLY A 60 -8.33 -1.97 13.45
C GLY A 60 -7.39 -3.16 13.36
N THR A 61 -7.96 -4.35 13.19
CA THR A 61 -7.16 -5.57 13.10
C THR A 61 -7.80 -6.57 12.14
N GLY A 62 -6.97 -7.17 11.29
CA GLY A 62 -7.48 -8.13 10.32
C GLY A 62 -6.44 -8.49 9.28
N GLY A 63 -6.89 -9.15 8.20
CA GLY A 63 -5.98 -9.54 7.15
C GLY A 63 -6.39 -9.00 5.79
N LEU A 64 -5.47 -8.32 5.13
CA LEU A 64 -5.74 -7.73 3.82
C LEU A 64 -5.11 -8.57 2.71
N GLY A 65 -5.86 -8.78 1.63
CA GLY A 65 -5.36 -9.56 0.52
C GLY A 65 -5.11 -8.71 -0.72
N LEU A 66 -3.97 -8.91 -1.34
CA LEU A 66 -3.61 -8.16 -2.55
C LEU A 66 -3.17 -9.10 -3.67
N THR A 67 -3.85 -9.03 -4.80
CA THR A 67 -3.53 -9.87 -5.95
C THR A 67 -3.45 -9.05 -7.23
N VAL A 68 -2.33 -9.15 -7.93
CA VAL A 68 -2.13 -8.42 -9.17
C VAL A 68 -2.78 -9.15 -10.35
N GLU A 69 -3.88 -8.61 -10.84
CA GLU A 69 -4.59 -9.21 -11.97
C GLU A 69 -4.07 -8.66 -13.29
N GLY A 70 -2.75 -8.51 -13.39
CA GLY A 70 -2.15 -8.00 -14.61
C GLY A 70 -2.05 -9.07 -15.69
N PRO A 71 -1.69 -8.64 -16.91
CA PRO A 71 -1.55 -9.54 -18.04
C PRO A 71 -0.34 -10.46 -17.92
N CYS A 72 0.59 -10.08 -17.05
CA CYS A 72 1.80 -10.87 -16.82
C CYS A 72 1.96 -11.22 -15.35
N GLU A 73 3.01 -11.96 -15.02
CA GLU A 73 3.27 -12.37 -13.65
C GLU A 73 4.29 -11.42 -12.99
N ALA A 74 3.78 -10.45 -12.26
CA ALA A 74 4.64 -9.49 -11.57
C ALA A 74 4.86 -9.87 -10.11
N LYS A 75 6.08 -9.70 -9.63
CA LYS A 75 6.42 -10.03 -8.26
C LYS A 75 5.83 -9.01 -7.28
N ILE A 76 5.46 -9.47 -6.10
CA ILE A 76 4.88 -8.60 -5.09
C ILE A 76 5.52 -8.84 -3.72
N GLU A 77 6.09 -7.79 -3.15
CA GLU A 77 6.74 -7.89 -1.84
C GLU A 77 6.03 -7.01 -0.82
N CYS A 78 5.25 -7.65 0.06
CA CYS A 78 4.51 -6.93 1.08
C CYS A 78 5.27 -6.95 2.41
N SER A 79 5.53 -5.76 2.95
CA SER A 79 6.25 -5.65 4.22
C SER A 79 5.59 -4.61 5.12
N ASP A 80 5.14 -5.06 6.29
CA ASP A 80 4.49 -4.17 7.25
C ASP A 80 5.49 -3.17 7.83
N ASN A 81 4.99 -2.01 8.23
CA ASN A 81 5.83 -0.98 8.81
C ASN A 81 5.91 -1.10 10.32
N GLY A 82 4.74 -1.19 10.97
CA GLY A 82 4.71 -1.31 12.41
C GLY A 82 3.93 -0.20 13.07
N ASP A 83 3.58 0.82 12.29
CA ASP A 83 2.83 1.95 12.81
C ASP A 83 1.34 1.82 12.48
N GLY A 84 1.03 0.92 11.56
CA GLY A 84 -0.35 0.72 11.15
C GLY A 84 -0.56 0.84 9.67
N THR A 85 0.53 0.70 8.90
CA THR A 85 0.46 0.80 7.45
C THR A 85 1.27 -0.32 6.79
N CYS A 86 1.28 -0.30 5.46
CA CYS A 86 2.03 -1.31 4.70
C CYS A 86 2.75 -0.69 3.52
N SER A 87 3.93 -1.23 3.20
CA SER A 87 4.73 -0.71 2.10
C SER A 87 4.95 -1.79 1.04
N VAL A 88 3.87 -2.18 0.37
CA VAL A 88 3.94 -3.20 -0.67
C VAL A 88 4.51 -2.63 -1.97
N SER A 89 5.53 -3.29 -2.49
CA SER A 89 6.17 -2.85 -3.73
C SER A 89 6.17 -3.97 -4.77
N TYR A 90 5.68 -3.66 -5.96
CA TYR A 90 5.61 -4.63 -7.05
C TYR A 90 6.47 -4.19 -8.23
N LEU A 91 7.04 -5.15 -8.94
CA LEU A 91 7.89 -4.86 -10.09
C LEU A 91 7.26 -5.41 -11.38
N PRO A 92 6.82 -4.50 -12.26
CA PRO A 92 6.20 -4.87 -13.53
C PRO A 92 7.19 -5.47 -14.51
N THR A 93 6.69 -5.93 -15.65
CA THR A 93 7.55 -6.52 -16.67
C THR A 93 7.33 -5.87 -18.04
N LYS A 94 6.07 -5.55 -18.33
CA LYS A 94 5.72 -4.91 -19.60
C LYS A 94 4.69 -3.81 -19.38
N PRO A 95 4.68 -2.82 -20.29
CA PRO A 95 3.75 -1.69 -20.22
C PRO A 95 2.32 -2.10 -20.53
N GLY A 96 1.42 -1.79 -19.61
CA GLY A 96 0.02 -2.13 -19.80
C GLY A 96 -0.86 -1.63 -18.68
N GLU A 97 -1.46 -2.56 -17.94
CA GLU A 97 -2.33 -2.22 -16.83
C GLU A 97 -2.33 -3.30 -15.76
N TYR A 98 -2.24 -2.89 -14.50
CA TYR A 98 -2.21 -3.82 -13.39
C TYR A 98 -3.33 -3.52 -12.38
N PHE A 99 -4.25 -4.46 -12.23
CA PHE A 99 -5.37 -4.29 -11.31
C PHE A 99 -5.01 -4.81 -9.93
N VAL A 100 -5.04 -3.91 -8.94
CA VAL A 100 -4.72 -4.28 -7.57
C VAL A 100 -5.99 -4.63 -6.78
N ASN A 101 -6.19 -5.93 -6.57
CA ASN A 101 -7.37 -6.39 -5.83
C ASN A 101 -7.15 -6.25 -4.33
N ILE A 102 -7.77 -5.22 -3.75
CA ILE A 102 -7.65 -4.97 -2.32
C ILE A 102 -8.91 -5.43 -1.57
N LEU A 103 -8.76 -6.48 -0.78
CA LEU A 103 -9.89 -7.02 -0.01
C LEU A 103 -9.48 -7.24 1.44
N PHE A 104 -10.28 -6.69 2.36
CA PHE A 104 -10.02 -6.83 3.79
C PHE A 104 -10.90 -7.93 4.40
N GLU A 105 -10.26 -9.03 4.78
CA GLU A 105 -10.98 -10.15 5.38
C GLU A 105 -12.01 -10.72 4.41
N GLU A 106 -11.59 -10.89 3.15
CA GLU A 106 -12.48 -11.42 2.13
C GLU A 106 -13.56 -10.40 1.75
N VAL A 107 -13.23 -9.12 1.91
CA VAL A 107 -14.17 -8.05 1.60
C VAL A 107 -13.53 -7.00 0.70
N HIS A 108 -13.99 -6.92 -0.53
CA HIS A 108 -13.46 -5.95 -1.49
C HIS A 108 -13.69 -4.52 -1.01
N ILE A 109 -12.62 -3.74 -0.93
CA ILE A 109 -12.72 -2.35 -0.49
C ILE A 109 -13.31 -1.46 -1.58
N PRO A 110 -13.97 -0.38 -1.16
CA PRO A 110 -14.60 0.57 -2.08
C PRO A 110 -13.56 1.38 -2.87
N GLY A 111 -13.09 0.82 -3.98
CA GLY A 111 -12.12 1.49 -4.80
C GLY A 111 -11.24 0.53 -5.58
N SER A 112 -11.32 -0.75 -5.23
CA SER A 112 -10.52 -1.78 -5.89
C SER A 112 -11.39 -2.59 -6.84
N PRO A 113 -10.74 -3.19 -7.86
CA PRO A 113 -9.30 -3.07 -8.06
C PRO A 113 -8.89 -1.67 -8.49
N PHE A 114 -7.64 -1.32 -8.23
CA PHE A 114 -7.12 -0.01 -8.60
C PHE A 114 -6.27 -0.09 -9.87
N LYS A 115 -6.91 0.20 -11.01
CA LYS A 115 -6.21 0.16 -12.30
C LYS A 115 -5.02 1.11 -12.30
N ALA A 116 -3.83 0.55 -12.50
CA ALA A 116 -2.60 1.35 -12.53
C ALA A 116 -1.93 1.25 -13.89
N ASP A 117 -2.06 2.30 -14.69
CA ASP A 117 -1.46 2.35 -16.02
C ASP A 117 0.05 2.53 -15.92
N ILE A 118 0.79 1.50 -16.33
CA ILE A 118 2.25 1.55 -16.29
C ILE A 118 2.81 2.13 -17.58
N GLU A 119 3.71 3.10 -17.45
CA GLU A 119 4.32 3.74 -18.61
C GLU A 119 5.77 3.29 -18.77
N MET A 120 6.29 3.41 -19.99
CA MET A 120 7.66 3.02 -20.27
C MET A 120 8.65 4.08 -19.81
N PRO A 121 9.79 3.65 -19.27
CA PRO A 121 10.83 4.55 -18.77
C PRO A 121 11.54 5.30 -19.91
N PHE A 122 12.10 6.46 -19.58
CA PHE A 122 12.81 7.26 -20.57
C PHE A 122 13.99 8.00 -19.94
N ASP A 123 15.17 7.78 -20.50
CA ASP A 123 16.38 8.42 -20.00
C ASP A 123 16.85 9.52 -20.94
N PRO A 124 16.37 10.74 -20.70
CA PRO A 124 16.73 11.91 -21.52
C PRO A 124 18.17 12.34 -21.31
N SER A 125 18.83 11.73 -20.33
CA SER A 125 20.22 12.05 -20.03
C SER A 125 21.04 12.20 -21.31
N SER A 126 22.12 12.96 -21.23
CA SER A 126 22.99 13.19 -22.39
C SER A 126 24.44 12.81 -22.06
N GLY A 127 25.25 12.65 -23.11
CA GLY A 127 26.64 12.31 -22.92
C GLY A 127 27.38 12.12 -24.22
N PRO A 128 27.41 10.88 -24.72
CA PRO A 128 28.09 10.55 -25.99
C PRO A 128 27.36 11.12 -27.19
N SER A 129 26.05 10.88 -27.26
CA SER A 129 25.25 11.38 -28.38
C SER A 129 25.57 12.85 -28.67
N SER A 130 25.36 13.69 -27.66
CA SER A 130 25.62 15.12 -27.80
C SER A 130 27.06 15.38 -28.24
N GLY A 131 28.00 14.94 -27.42
CA GLY A 131 29.41 15.12 -27.74
C GLY A 131 30.20 15.68 -26.57
N GLY A 1 6.87 29.67 26.88
CA GLY A 1 5.54 29.85 26.33
C GLY A 1 5.55 29.98 24.82
N SER A 2 4.38 30.21 24.24
CA SER A 2 4.25 30.35 22.79
C SER A 2 3.14 31.34 22.43
N SER A 3 3.21 31.87 21.22
CA SER A 3 2.21 32.84 20.76
C SER A 3 1.39 32.25 19.62
N GLY A 4 0.25 32.88 19.33
CA GLY A 4 -0.62 32.41 18.27
C GLY A 4 -0.07 32.74 16.89
N SER A 5 1.06 32.13 16.54
CA SER A 5 1.69 32.36 15.24
C SER A 5 1.01 31.55 14.16
N SER A 6 1.39 31.80 12.91
CA SER A 6 0.81 31.10 11.78
C SER A 6 0.81 29.59 12.01
N GLY A 7 -0.36 28.98 11.93
CA GLY A 7 -0.47 27.54 12.14
C GLY A 7 -1.09 27.20 13.47
N ASP A 8 -1.59 25.97 13.60
CA ASP A 8 -2.21 25.51 14.83
C ASP A 8 -2.28 24.00 14.88
N VAL A 9 -1.97 23.42 16.04
CA VAL A 9 -1.99 21.97 16.21
C VAL A 9 -3.42 21.47 16.42
N THR A 10 -4.15 21.28 15.32
CA THR A 10 -5.52 20.81 15.40
C THR A 10 -5.59 19.40 15.98
N TYR A 11 -4.43 18.77 16.14
CA TYR A 11 -4.35 17.42 16.67
C TYR A 11 -5.26 16.47 15.90
N ASP A 12 -5.13 16.50 14.58
CA ASP A 12 -5.94 15.64 13.71
C ASP A 12 -5.15 14.39 13.30
N GLY A 13 -3.95 14.61 12.76
CA GLY A 13 -3.12 13.51 12.33
C GLY A 13 -2.42 12.82 13.49
N HIS A 14 -1.82 13.62 14.37
CA HIS A 14 -1.11 13.07 15.53
C HIS A 14 -1.99 12.09 16.29
N PRO A 15 -1.40 10.95 16.67
CA PRO A 15 -2.11 9.90 17.41
C PRO A 15 -2.44 10.32 18.84
N VAL A 16 -3.06 9.42 19.59
CA VAL A 16 -3.43 9.70 20.97
C VAL A 16 -2.26 9.44 21.91
N PRO A 17 -2.16 10.25 22.96
CA PRO A 17 -1.09 10.13 23.96
C PRO A 17 -1.25 8.90 24.83
N GLY A 18 -0.14 8.45 25.41
CA GLY A 18 -0.18 7.26 26.27
C GLY A 18 -0.25 5.98 25.47
N SER A 19 0.77 5.71 24.67
CA SER A 19 0.83 4.51 23.86
C SER A 19 0.53 3.27 24.70
N PRO A 20 1.37 3.03 25.71
CA PRO A 20 1.23 1.88 26.61
C PRO A 20 0.02 2.01 27.52
N TYR A 21 -0.58 3.19 27.54
CA TYR A 21 -1.74 3.45 28.37
C TYR A 21 -3.04 3.13 27.62
N THR A 22 -3.04 2.01 26.90
CA THR A 22 -4.21 1.59 26.14
C THR A 22 -4.20 0.09 25.91
N VAL A 23 -5.37 -0.53 26.03
CA VAL A 23 -5.50 -1.96 25.84
C VAL A 23 -6.35 -2.28 24.60
N GLU A 24 -6.16 -1.49 23.55
CA GLU A 24 -6.91 -1.68 22.31
C GLU A 24 -6.37 -2.88 21.53
N ALA A 25 -6.20 -4.00 22.23
CA ALA A 25 -5.69 -5.22 21.59
C ALA A 25 -6.83 -6.08 21.09
N SER A 26 -7.85 -5.45 20.52
CA SER A 26 -9.01 -6.17 20.00
C SER A 26 -9.96 -5.22 19.28
N LEU A 27 -10.01 -5.32 17.96
CA LEU A 27 -10.87 -4.46 17.16
C LEU A 27 -11.36 -5.20 15.92
N PRO A 28 -12.62 -4.95 15.54
CA PRO A 28 -13.24 -5.58 14.37
C PRO A 28 -12.65 -5.07 13.06
N PRO A 29 -12.60 -5.96 12.05
CA PRO A 29 -12.05 -5.62 10.74
C PRO A 29 -12.94 -4.66 9.97
N ASP A 30 -12.42 -3.48 9.66
CA ASP A 30 -13.17 -2.47 8.93
C ASP A 30 -12.54 -2.21 7.56
N PRO A 31 -13.06 -2.89 6.53
CA PRO A 31 -12.57 -2.75 5.15
C PRO A 31 -12.90 -1.39 4.56
N SER A 32 -14.02 -0.82 4.97
CA SER A 32 -14.46 0.48 4.48
C SER A 32 -13.53 1.58 4.96
N LYS A 33 -12.77 1.29 6.01
CA LYS A 33 -11.84 2.26 6.57
C LYS A 33 -10.47 2.15 5.91
N VAL A 34 -10.25 1.05 5.19
CA VAL A 34 -8.99 0.82 4.50
C VAL A 34 -8.90 1.66 3.23
N LYS A 35 -8.01 2.65 3.24
CA LYS A 35 -7.82 3.52 2.09
C LYS A 35 -6.49 3.25 1.41
N ALA A 36 -6.49 3.22 0.08
CA ALA A 36 -5.28 2.97 -0.70
C ALA A 36 -4.92 4.18 -1.55
N HIS A 37 -3.81 4.83 -1.20
CA HIS A 37 -3.35 6.00 -1.93
C HIS A 37 -1.83 5.96 -2.11
N GLY A 38 -1.38 6.33 -3.30
CA GLY A 38 0.05 6.33 -3.59
C GLY A 38 0.35 6.35 -5.08
N PRO A 39 1.64 6.41 -5.42
CA PRO A 39 2.08 6.43 -6.83
C PRO A 39 1.85 5.10 -7.52
N GLY A 40 2.21 4.00 -6.86
CA GLY A 40 2.04 2.68 -7.43
C GLY A 40 0.65 2.47 -7.98
N LEU A 41 -0.31 3.24 -7.47
CA LEU A 41 -1.70 3.14 -7.92
C LEU A 41 -1.91 3.88 -9.23
N GLU A 42 -1.25 5.03 -9.36
CA GLU A 42 -1.38 5.84 -10.58
C GLU A 42 -0.53 5.25 -11.70
N GLY A 43 0.63 4.73 -11.35
CA GLY A 43 1.51 4.13 -12.35
C GLY A 43 2.97 4.26 -11.98
N GLY A 44 3.85 3.81 -12.87
CA GLY A 44 5.27 3.89 -12.61
C GLY A 44 6.10 3.62 -13.85
N LEU A 45 6.92 2.57 -13.79
CA LEU A 45 7.77 2.20 -14.92
C LEU A 45 8.04 0.70 -14.94
N VAL A 46 8.19 0.15 -16.14
CA VAL A 46 8.46 -1.28 -16.29
C VAL A 46 9.78 -1.67 -15.63
N GLY A 47 9.80 -2.85 -15.03
CA GLY A 47 11.01 -3.33 -14.37
C GLY A 47 11.45 -2.40 -13.25
N LYS A 48 10.57 -1.50 -12.85
CA LYS A 48 10.88 -0.55 -11.78
C LYS A 48 9.97 -0.78 -10.56
N PRO A 49 10.50 -0.50 -9.37
CA PRO A 49 9.76 -0.67 -8.11
C PRO A 49 8.63 0.34 -7.97
N ALA A 50 7.44 -0.14 -7.63
CA ALA A 50 6.29 0.74 -7.45
C ALA A 50 5.46 0.32 -6.24
N GLU A 51 5.45 1.17 -5.22
CA GLU A 51 4.71 0.89 -4.00
C GLU A 51 3.70 2.00 -3.70
N PHE A 52 2.81 1.75 -2.75
CA PHE A 52 1.80 2.73 -2.37
C PHE A 52 1.62 2.75 -0.86
N THR A 53 0.74 3.64 -0.39
CA THR A 53 0.47 3.77 1.04
C THR A 53 -0.95 3.31 1.37
N ILE A 54 -1.06 2.38 2.32
CA ILE A 54 -2.34 1.86 2.73
C ILE A 54 -2.64 2.21 4.19
N ASP A 55 -3.86 2.68 4.44
CA ASP A 55 -4.26 3.05 5.79
C ASP A 55 -5.08 1.94 6.43
N THR A 56 -4.44 1.20 7.34
CA THR A 56 -5.10 0.10 8.03
C THR A 56 -4.95 0.21 9.54
N LYS A 57 -4.82 1.45 10.02
CA LYS A 57 -4.65 1.70 11.45
C LYS A 57 -6.01 1.69 12.16
N GLY A 58 -6.97 2.41 11.61
CA GLY A 58 -8.30 2.47 12.20
C GLY A 58 -9.26 1.50 11.55
N ALA A 59 -8.73 0.44 10.94
CA ALA A 59 -9.55 -0.57 10.29
C ALA A 59 -9.79 -1.76 11.21
N GLY A 60 -8.75 -2.20 11.89
CA GLY A 60 -8.86 -3.34 12.79
C GLY A 60 -7.70 -4.29 12.68
N THR A 61 -8.01 -5.60 12.67
CA THR A 61 -6.98 -6.62 12.57
C THR A 61 -7.54 -7.90 11.94
N GLY A 62 -7.07 -8.21 10.73
CA GLY A 62 -7.53 -9.39 10.04
C GLY A 62 -6.58 -9.84 8.96
N GLY A 63 -7.13 -10.40 7.88
CA GLY A 63 -6.30 -10.87 6.78
C GLY A 63 -6.57 -10.11 5.49
N LEU A 64 -5.58 -9.38 5.02
CA LEU A 64 -5.71 -8.61 3.79
C LEU A 64 -5.12 -9.38 2.60
N GLY A 65 -5.90 -9.48 1.54
CA GLY A 65 -5.44 -10.19 0.34
C GLY A 65 -5.10 -9.25 -0.79
N LEU A 66 -3.88 -9.34 -1.29
CA LEU A 66 -3.43 -8.49 -2.39
C LEU A 66 -3.00 -9.33 -3.59
N THR A 67 -3.69 -9.15 -4.71
CA THR A 67 -3.38 -9.88 -5.94
C THR A 67 -3.34 -8.95 -7.14
N VAL A 68 -2.32 -9.13 -7.98
CA VAL A 68 -2.17 -8.31 -9.17
C VAL A 68 -2.83 -8.97 -10.38
N GLU A 69 -3.96 -8.41 -10.81
CA GLU A 69 -4.68 -8.94 -11.95
C GLU A 69 -4.29 -8.22 -13.23
N GLY A 70 -3.11 -8.54 -13.74
CA GLY A 70 -2.63 -7.90 -14.96
C GLY A 70 -2.39 -8.91 -16.07
N PRO A 71 -1.80 -8.44 -17.18
CA PRO A 71 -1.50 -9.28 -18.35
C PRO A 71 -0.38 -10.27 -18.06
N CYS A 72 0.31 -10.08 -16.94
CA CYS A 72 1.40 -10.98 -16.55
C CYS A 72 1.48 -11.11 -15.04
N GLU A 73 2.34 -12.02 -14.58
CA GLU A 73 2.50 -12.25 -13.14
C GLU A 73 3.62 -11.38 -12.58
N ALA A 74 3.26 -10.22 -12.05
CA ALA A 74 4.23 -9.30 -11.48
C ALA A 74 4.47 -9.60 -10.00
N LYS A 75 5.73 -9.69 -9.62
CA LYS A 75 6.10 -9.98 -8.23
C LYS A 75 5.54 -8.90 -7.29
N ILE A 76 5.22 -9.31 -6.07
CA ILE A 76 4.68 -8.38 -5.08
C ILE A 76 5.39 -8.54 -3.74
N GLU A 77 5.97 -7.44 -3.26
CA GLU A 77 6.68 -7.47 -1.99
C GLU A 77 5.90 -6.71 -0.91
N CYS A 78 5.22 -7.45 -0.05
CA CYS A 78 4.43 -6.86 1.02
C CYS A 78 5.26 -6.70 2.29
N SER A 79 5.29 -5.49 2.84
CA SER A 79 6.06 -5.22 4.05
C SER A 79 5.26 -4.33 5.00
N ASP A 80 5.47 -4.52 6.29
CA ASP A 80 4.78 -3.72 7.31
C ASP A 80 5.65 -2.58 7.80
N ASN A 81 5.01 -1.52 8.30
CA ASN A 81 5.73 -0.36 8.80
C ASN A 81 5.75 -0.35 10.32
N GLY A 82 4.59 -0.56 10.93
CA GLY A 82 4.48 -0.57 12.37
C GLY A 82 3.73 0.63 12.91
N ASP A 83 3.36 1.54 12.01
CA ASP A 83 2.63 2.74 12.41
C ASP A 83 1.15 2.61 12.07
N GLY A 84 0.76 1.45 11.54
CA GLY A 84 -0.61 1.22 11.17
C GLY A 84 -0.83 1.26 9.68
N THR A 85 0.26 1.27 8.92
CA THR A 85 0.18 1.30 7.47
C THR A 85 0.92 0.12 6.84
N CYS A 86 0.89 0.05 5.51
CA CYS A 86 1.55 -1.04 4.80
C CYS A 86 2.10 -0.55 3.46
N SER A 87 3.33 -0.95 3.15
CA SER A 87 3.96 -0.55 1.89
C SER A 87 4.26 -1.75 1.02
N VAL A 88 3.45 -1.95 -0.01
CA VAL A 88 3.64 -3.07 -0.93
C VAL A 88 4.26 -2.62 -2.24
N SER A 89 5.47 -3.10 -2.52
CA SER A 89 6.17 -2.74 -3.75
C SER A 89 6.09 -3.88 -4.77
N TYR A 90 5.62 -3.55 -5.97
CA TYR A 90 5.49 -4.54 -7.03
C TYR A 90 6.39 -4.19 -8.22
N LEU A 91 6.84 -5.21 -8.94
CA LEU A 91 7.70 -5.00 -10.09
C LEU A 91 7.09 -5.62 -11.35
N PRO A 92 6.53 -4.76 -12.21
CA PRO A 92 5.90 -5.19 -13.47
C PRO A 92 6.93 -5.71 -14.48
N THR A 93 6.43 -6.30 -15.57
CA THR A 93 7.30 -6.84 -16.61
C THR A 93 7.13 -6.06 -17.91
N LYS A 94 5.88 -5.81 -18.28
CA LYS A 94 5.59 -5.08 -19.51
C LYS A 94 4.60 -3.94 -19.25
N PRO A 95 4.69 -2.87 -20.05
CA PRO A 95 3.82 -1.71 -19.93
C PRO A 95 2.37 -2.01 -20.32
N GLY A 96 1.48 -2.02 -19.33
CA GLY A 96 0.09 -2.31 -19.61
C GLY A 96 -0.83 -1.73 -18.54
N GLU A 97 -1.51 -2.62 -17.81
CA GLU A 97 -2.43 -2.20 -16.76
C GLU A 97 -2.50 -3.25 -15.65
N TYR A 98 -2.08 -2.86 -14.45
CA TYR A 98 -2.10 -3.76 -13.31
C TYR A 98 -3.17 -3.36 -12.31
N PHE A 99 -4.10 -4.28 -12.04
CA PHE A 99 -5.19 -4.02 -11.10
C PHE A 99 -4.88 -4.65 -9.74
N VAL A 100 -4.59 -3.80 -8.76
CA VAL A 100 -4.28 -4.27 -7.41
C VAL A 100 -5.57 -4.60 -6.64
N ASN A 101 -5.84 -5.89 -6.49
CA ASN A 101 -7.04 -6.33 -5.78
C ASN A 101 -6.81 -6.28 -4.27
N ILE A 102 -7.45 -5.31 -3.62
CA ILE A 102 -7.32 -5.15 -2.18
C ILE A 102 -8.62 -5.55 -1.46
N LEU A 103 -8.56 -6.65 -0.72
CA LEU A 103 -9.73 -7.13 0.01
C LEU A 103 -9.37 -7.48 1.45
N PHE A 104 -10.17 -7.00 2.39
CA PHE A 104 -9.93 -7.27 3.81
C PHE A 104 -10.90 -8.32 4.33
N GLU A 105 -10.36 -9.50 4.66
CA GLU A 105 -11.18 -10.59 5.17
C GLU A 105 -12.26 -10.99 4.16
N GLU A 106 -11.85 -11.14 2.91
CA GLU A 106 -12.78 -11.52 1.85
C GLU A 106 -13.77 -10.40 1.57
N VAL A 107 -13.33 -9.16 1.78
CA VAL A 107 -14.18 -7.99 1.55
C VAL A 107 -13.45 -6.93 0.72
N HIS A 108 -13.88 -6.77 -0.52
CA HIS A 108 -13.27 -5.79 -1.42
C HIS A 108 -13.44 -4.38 -0.87
N ILE A 109 -12.31 -3.70 -0.63
CA ILE A 109 -12.34 -2.35 -0.10
C ILE A 109 -12.91 -1.37 -1.12
N PRO A 110 -13.52 -0.29 -0.62
CA PRO A 110 -14.13 0.74 -1.47
C PRO A 110 -13.08 1.55 -2.23
N GLY A 111 -12.62 1.02 -3.36
CA GLY A 111 -11.63 1.70 -4.16
C GLY A 111 -10.77 0.75 -4.97
N SER A 112 -10.85 -0.54 -4.65
CA SER A 112 -10.08 -1.55 -5.34
C SER A 112 -10.97 -2.33 -6.31
N PRO A 113 -10.34 -2.91 -7.35
CA PRO A 113 -8.89 -2.80 -7.56
C PRO A 113 -8.48 -1.39 -7.97
N PHE A 114 -7.17 -1.17 -8.03
CA PHE A 114 -6.64 0.14 -8.41
C PHE A 114 -5.82 0.05 -9.70
N LYS A 115 -6.47 0.36 -10.82
CA LYS A 115 -5.81 0.30 -12.12
C LYS A 115 -4.63 1.28 -12.16
N ALA A 116 -3.44 0.73 -12.40
CA ALA A 116 -2.23 1.55 -12.47
C ALA A 116 -1.62 1.49 -13.86
N ASP A 117 -1.51 2.66 -14.50
CA ASP A 117 -0.94 2.75 -15.84
C ASP A 117 0.59 2.79 -15.77
N ILE A 118 1.23 1.72 -16.25
CA ILE A 118 2.67 1.64 -16.25
C ILE A 118 3.25 2.03 -17.61
N GLU A 119 4.21 2.96 -17.61
CA GLU A 119 4.84 3.42 -18.83
C GLU A 119 6.26 2.86 -18.95
N MET A 120 6.83 2.95 -20.15
CA MET A 120 8.18 2.46 -20.40
C MET A 120 9.22 3.51 -20.01
N PRO A 121 10.32 3.05 -19.40
CA PRO A 121 11.41 3.93 -18.96
C PRO A 121 12.18 4.53 -20.14
N PHE A 122 12.72 5.72 -19.93
CA PHE A 122 13.49 6.39 -20.98
C PHE A 122 14.84 5.71 -21.19
N ASP A 123 15.09 5.27 -22.42
CA ASP A 123 16.34 4.60 -22.75
C ASP A 123 17.53 5.51 -22.46
N PRO A 124 18.63 4.91 -21.98
CA PRO A 124 19.86 5.64 -21.66
C PRO A 124 20.56 6.16 -22.91
N SER A 125 20.57 5.36 -23.97
CA SER A 125 21.22 5.74 -25.21
C SER A 125 20.80 7.14 -25.64
N SER A 126 21.72 7.88 -26.24
CA SER A 126 21.45 9.23 -26.69
C SER A 126 21.25 9.28 -28.20
N GLY A 127 20.95 10.46 -28.73
CA GLY A 127 20.74 10.61 -30.16
C GLY A 127 22.00 10.38 -30.96
N PRO A 128 21.94 10.64 -32.27
CA PRO A 128 23.07 10.46 -33.17
C PRO A 128 24.18 11.48 -32.92
N SER A 129 23.94 12.39 -31.99
CA SER A 129 24.92 13.42 -31.66
C SER A 129 25.34 14.19 -32.90
N SER A 130 24.39 14.41 -33.80
CA SER A 130 24.67 15.14 -35.04
C SER A 130 24.31 16.62 -34.89
N GLY A 131 25.19 17.48 -35.38
CA GLY A 131 24.95 18.91 -35.30
C GLY A 131 23.58 19.29 -35.82
N GLY A 1 33.23 6.64 42.63
CA GLY A 1 33.97 6.50 43.87
C GLY A 1 34.05 7.80 44.64
N SER A 2 34.60 8.83 44.01
CA SER A 2 34.74 10.13 44.66
C SER A 2 33.40 10.84 44.74
N SER A 3 32.97 11.13 45.96
CA SER A 3 31.69 11.81 46.18
C SER A 3 31.74 12.66 47.44
N GLY A 4 31.02 13.78 47.43
CA GLY A 4 31.00 14.67 48.58
C GLY A 4 29.78 14.44 49.45
N SER A 5 29.57 15.33 50.42
CA SER A 5 28.43 15.22 51.33
C SER A 5 27.29 16.12 50.88
N SER A 6 27.59 17.40 50.68
CA SER A 6 26.58 18.36 50.26
C SER A 6 27.11 19.21 49.09
N GLY A 7 26.20 19.93 48.44
CA GLY A 7 26.58 20.77 47.32
C GLY A 7 25.69 20.56 46.11
N ASP A 8 24.45 21.00 46.22
CA ASP A 8 23.49 20.87 45.12
C ASP A 8 22.20 21.59 45.44
N VAL A 9 21.72 22.38 44.48
CA VAL A 9 20.48 23.14 44.65
C VAL A 9 19.29 22.21 44.86
N THR A 10 18.47 22.52 45.85
CA THR A 10 17.29 21.71 46.15
C THR A 10 16.09 22.15 45.32
N TYR A 11 15.25 21.19 44.94
CA TYR A 11 14.07 21.49 44.14
C TYR A 11 13.00 20.43 44.35
N ASP A 12 11.84 20.64 43.73
CA ASP A 12 10.74 19.69 43.84
C ASP A 12 9.60 20.08 42.91
N GLY A 13 8.85 19.09 42.45
CA GLY A 13 7.73 19.34 41.55
C GLY A 13 8.00 18.85 40.15
N HIS A 14 7.21 17.87 39.70
CA HIS A 14 7.38 17.30 38.37
C HIS A 14 6.03 17.22 37.65
N PRO A 15 6.05 17.44 36.33
CA PRO A 15 4.83 17.39 35.51
C PRO A 15 4.28 15.97 35.36
N VAL A 16 3.03 15.87 34.94
CA VAL A 16 2.39 14.58 34.76
C VAL A 16 2.62 14.04 33.35
N PRO A 17 2.77 12.71 33.25
CA PRO A 17 3.01 12.03 31.97
C PRO A 17 1.79 12.07 31.06
N GLY A 18 0.61 11.79 31.63
CA GLY A 18 -0.61 11.80 30.86
C GLY A 18 -0.51 10.96 29.59
N SER A 19 -0.96 9.71 29.69
CA SER A 19 -0.90 8.80 28.54
C SER A 19 -2.05 7.79 28.60
N PRO A 20 -2.61 7.48 27.42
CA PRO A 20 -3.72 6.54 27.31
C PRO A 20 -3.29 5.09 27.61
N TYR A 21 -2.23 4.65 26.96
CA TYR A 21 -1.72 3.30 27.17
C TYR A 21 -2.86 2.32 27.42
N THR A 22 -4.00 2.57 26.78
CA THR A 22 -5.17 1.72 26.93
C THR A 22 -5.03 0.43 26.11
N VAL A 23 -5.55 -0.67 26.64
CA VAL A 23 -5.48 -1.96 25.97
C VAL A 23 -6.28 -1.94 24.67
N GLU A 24 -5.68 -1.42 23.61
CA GLU A 24 -6.35 -1.34 22.32
C GLU A 24 -5.90 -2.49 21.40
N ALA A 25 -5.90 -3.70 21.95
CA ALA A 25 -5.50 -4.88 21.19
C ALA A 25 -6.71 -5.69 20.75
N SER A 26 -7.80 -4.99 20.41
CA SER A 26 -9.02 -5.65 19.98
C SER A 26 -9.92 -4.67 19.23
N LEU A 27 -9.98 -4.82 17.90
CA LEU A 27 -10.80 -3.94 17.07
C LEU A 27 -11.33 -4.70 15.85
N PRO A 28 -12.60 -4.44 15.51
CA PRO A 28 -13.25 -5.08 14.36
C PRO A 28 -12.68 -4.61 13.02
N PRO A 29 -12.54 -5.55 12.08
CA PRO A 29 -12.01 -5.25 10.74
C PRO A 29 -12.95 -4.39 9.91
N ASP A 30 -12.53 -3.18 9.60
CA ASP A 30 -13.34 -2.25 8.80
C ASP A 30 -12.68 -1.96 7.47
N PRO A 31 -13.13 -2.66 6.41
CA PRO A 31 -12.59 -2.49 5.06
C PRO A 31 -12.98 -1.14 4.45
N SER A 32 -14.18 -0.68 4.75
CA SER A 32 -14.66 0.60 4.22
C SER A 32 -13.78 1.74 4.70
N LYS A 33 -13.03 1.50 5.77
CA LYS A 33 -12.14 2.51 6.32
C LYS A 33 -10.73 2.40 5.72
N VAL A 34 -10.48 1.28 5.04
CA VAL A 34 -9.19 1.06 4.41
C VAL A 34 -9.03 1.89 3.14
N LYS A 35 -8.11 2.84 3.17
CA LYS A 35 -7.86 3.70 2.03
C LYS A 35 -6.43 3.51 1.50
N ALA A 36 -6.31 3.43 0.18
CA ALA A 36 -5.00 3.24 -0.45
C ALA A 36 -4.63 4.46 -1.30
N HIS A 37 -3.53 5.11 -0.93
CA HIS A 37 -3.07 6.29 -1.66
C HIS A 37 -1.57 6.20 -1.92
N GLY A 38 -1.18 6.38 -3.19
CA GLY A 38 0.22 6.32 -3.56
C GLY A 38 0.42 6.28 -5.05
N PRO A 39 1.69 6.36 -5.49
CA PRO A 39 2.05 6.35 -6.90
C PRO A 39 1.82 4.98 -7.54
N GLY A 40 2.09 3.92 -6.80
CA GLY A 40 1.90 2.57 -7.30
C GLY A 40 0.48 2.33 -7.79
N LEU A 41 -0.44 3.17 -7.33
CA LEU A 41 -1.84 3.05 -7.73
C LEU A 41 -2.10 3.74 -9.06
N GLU A 42 -1.53 4.93 -9.22
CA GLU A 42 -1.70 5.69 -10.45
C GLU A 42 -0.93 5.04 -11.60
N GLY A 43 0.20 4.44 -11.29
CA GLY A 43 1.01 3.79 -12.30
C GLY A 43 2.50 3.91 -12.03
N GLY A 44 3.31 3.36 -12.92
CA GLY A 44 4.75 3.42 -12.75
C GLY A 44 5.50 3.14 -14.04
N LEU A 45 6.67 2.52 -13.91
CA LEU A 45 7.49 2.19 -15.08
C LEU A 45 7.84 0.71 -15.10
N VAL A 46 7.90 0.14 -16.30
CA VAL A 46 8.24 -1.28 -16.46
C VAL A 46 9.61 -1.59 -15.87
N GLY A 47 9.66 -2.64 -15.05
CA GLY A 47 10.91 -3.04 -14.44
C GLY A 47 11.22 -2.25 -13.18
N LYS A 48 10.61 -1.07 -13.06
CA LYS A 48 10.81 -0.22 -11.89
C LYS A 48 9.83 -0.58 -10.78
N PRO A 49 10.28 -0.42 -9.53
CA PRO A 49 9.46 -0.72 -8.34
C PRO A 49 8.32 0.27 -8.16
N ALA A 50 7.20 -0.22 -7.65
CA ALA A 50 6.03 0.63 -7.42
C ALA A 50 5.29 0.22 -6.15
N GLU A 51 5.12 1.16 -5.23
CA GLU A 51 4.44 0.89 -3.98
C GLU A 51 3.46 2.01 -3.64
N PHE A 52 2.60 1.76 -2.66
CA PHE A 52 1.61 2.75 -2.25
C PHE A 52 1.45 2.76 -0.73
N THR A 53 0.68 3.71 -0.23
CA THR A 53 0.45 3.83 1.21
C THR A 53 -0.96 3.37 1.58
N ILE A 54 -1.03 2.41 2.50
CA ILE A 54 -2.32 1.89 2.94
C ILE A 54 -2.63 2.32 4.37
N ASP A 55 -3.84 2.80 4.59
CA ASP A 55 -4.26 3.24 5.92
C ASP A 55 -5.20 2.23 6.56
N THR A 56 -4.73 1.61 7.64
CA THR A 56 -5.53 0.61 8.35
C THR A 56 -5.59 0.91 9.84
N LYS A 57 -5.36 2.17 10.20
CA LYS A 57 -5.38 2.59 11.60
C LYS A 57 -6.80 2.50 12.17
N GLY A 58 -7.74 3.18 11.52
CA GLY A 58 -9.11 3.16 11.98
C GLY A 58 -9.93 2.07 11.32
N ALA A 59 -9.26 0.98 10.94
CA ALA A 59 -9.93 -0.14 10.29
C ALA A 59 -10.07 -1.32 11.26
N GLY A 60 -8.98 -1.64 11.95
CA GLY A 60 -9.00 -2.74 12.89
C GLY A 60 -7.89 -3.75 12.62
N THR A 61 -8.21 -5.03 12.78
CA THR A 61 -7.23 -6.09 12.56
C THR A 61 -7.85 -7.26 11.83
N GLY A 62 -7.06 -7.90 10.96
CA GLY A 62 -7.55 -9.04 10.21
C GLY A 62 -6.53 -9.56 9.21
N GLY A 63 -6.82 -9.43 7.93
CA GLY A 63 -5.92 -9.90 6.90
C GLY A 63 -6.24 -9.33 5.54
N LEU A 64 -5.29 -8.56 4.99
CA LEU A 64 -5.48 -7.94 3.68
C LEU A 64 -4.84 -8.78 2.58
N GLY A 65 -5.59 -8.99 1.50
CA GLY A 65 -5.09 -9.78 0.39
C GLY A 65 -4.93 -8.97 -0.87
N LEU A 66 -3.71 -8.94 -1.40
CA LEU A 66 -3.42 -8.19 -2.62
C LEU A 66 -2.98 -9.12 -3.74
N THR A 67 -3.69 -9.07 -4.86
CA THR A 67 -3.37 -9.91 -6.01
C THR A 67 -3.28 -9.08 -7.29
N VAL A 68 -2.16 -9.21 -7.99
CA VAL A 68 -1.95 -8.48 -9.24
C VAL A 68 -2.61 -9.19 -10.41
N GLU A 69 -3.78 -8.70 -10.82
CA GLU A 69 -4.50 -9.29 -11.94
C GLU A 69 -4.02 -8.74 -13.26
N GLY A 70 -2.80 -8.20 -13.27
CA GLY A 70 -2.24 -7.64 -14.48
C GLY A 70 -2.16 -8.65 -15.61
N PRO A 71 -1.70 -8.20 -16.79
CA PRO A 71 -1.57 -9.06 -17.97
C PRO A 71 -0.46 -10.09 -17.81
N CYS A 72 0.40 -9.89 -16.83
CA CYS A 72 1.52 -10.80 -16.57
C CYS A 72 1.76 -10.95 -15.08
N GLU A 73 2.46 -12.02 -14.70
CA GLU A 73 2.76 -12.29 -13.30
C GLU A 73 3.89 -11.39 -12.81
N ALA A 74 3.56 -10.44 -11.94
CA ALA A 74 4.55 -9.52 -11.40
C ALA A 74 4.80 -9.80 -9.92
N LYS A 75 6.06 -9.75 -9.52
CA LYS A 75 6.44 -10.00 -8.14
C LYS A 75 5.77 -8.99 -7.21
N ILE A 76 5.54 -9.39 -5.97
CA ILE A 76 4.91 -8.53 -4.98
C ILE A 76 5.61 -8.64 -3.62
N GLU A 77 6.06 -7.51 -3.10
CA GLU A 77 6.74 -7.48 -1.82
C GLU A 77 5.92 -6.71 -0.78
N CYS A 78 5.25 -7.46 0.10
CA CYS A 78 4.42 -6.85 1.13
C CYS A 78 5.11 -6.94 2.49
N SER A 79 5.43 -5.79 3.06
CA SER A 79 6.10 -5.73 4.35
C SER A 79 5.48 -4.64 5.23
N ASP A 80 4.71 -5.06 6.23
CA ASP A 80 4.06 -4.12 7.14
C ASP A 80 5.10 -3.22 7.81
N ASN A 81 4.69 -2.00 8.12
CA ASN A 81 5.58 -1.03 8.76
C ASN A 81 5.62 -1.26 10.26
N GLY A 82 4.45 -1.45 10.87
CA GLY A 82 4.39 -1.67 12.30
C GLY A 82 3.67 -0.55 13.02
N ASP A 83 3.50 0.58 12.34
CA ASP A 83 2.83 1.74 12.93
C ASP A 83 1.35 1.75 12.57
N GLY A 84 0.96 0.84 11.67
CA GLY A 84 -0.42 0.77 11.24
C GLY A 84 -0.59 0.98 9.76
N THR A 85 0.53 0.97 9.04
CA THR A 85 0.51 1.17 7.59
C THR A 85 1.20 0.00 6.87
N CYS A 86 1.19 0.06 5.54
CA CYS A 86 1.81 -0.99 4.73
C CYS A 86 2.55 -0.39 3.55
N SER A 87 3.72 -0.95 3.24
CA SER A 87 4.53 -0.46 2.13
C SER A 87 4.81 -1.58 1.13
N VAL A 88 3.77 -1.99 0.40
CA VAL A 88 3.90 -3.05 -0.59
C VAL A 88 4.48 -2.51 -1.90
N SER A 89 5.50 -3.19 -2.40
CA SER A 89 6.16 -2.77 -3.64
C SER A 89 6.17 -3.92 -4.65
N TYR A 90 5.72 -3.63 -5.87
CA TYR A 90 5.69 -4.63 -6.92
C TYR A 90 6.62 -4.25 -8.08
N LEU A 91 6.96 -5.24 -8.91
CA LEU A 91 7.83 -5.00 -10.04
C LEU A 91 7.27 -5.63 -11.31
N PRO A 92 6.73 -4.77 -12.20
CA PRO A 92 6.14 -5.22 -13.46
C PRO A 92 7.18 -5.74 -14.44
N THR A 93 6.74 -6.15 -15.63
CA THR A 93 7.64 -6.66 -16.66
C THR A 93 7.35 -6.03 -18.00
N LYS A 94 6.07 -5.79 -18.29
CA LYS A 94 5.67 -5.19 -19.54
C LYS A 94 4.65 -4.07 -19.31
N PRO A 95 4.63 -3.09 -20.22
CA PRO A 95 3.70 -1.95 -20.12
C PRO A 95 2.26 -2.36 -20.40
N GLY A 96 1.34 -1.78 -19.63
CA GLY A 96 -0.08 -2.10 -19.80
C GLY A 96 -0.93 -1.52 -18.70
N GLU A 97 -1.58 -2.40 -17.94
CA GLU A 97 -2.44 -1.97 -16.84
C GLU A 97 -2.55 -3.07 -15.78
N TYR A 98 -2.19 -2.72 -14.55
CA TYR A 98 -2.25 -3.67 -13.45
C TYR A 98 -3.39 -3.33 -12.50
N PHE A 99 -4.15 -4.36 -12.11
CA PHE A 99 -5.27 -4.17 -11.20
C PHE A 99 -4.95 -4.69 -9.80
N VAL A 100 -4.78 -3.78 -8.85
CA VAL A 100 -4.46 -4.15 -7.48
C VAL A 100 -5.73 -4.51 -6.70
N ASN A 101 -5.98 -5.80 -6.54
CA ASN A 101 -7.15 -6.27 -5.82
C ASN A 101 -6.92 -6.20 -4.31
N ILE A 102 -7.47 -5.16 -3.69
CA ILE A 102 -7.33 -4.96 -2.25
C ILE A 102 -8.59 -5.41 -1.51
N LEU A 103 -8.48 -6.48 -0.74
CA LEU A 103 -9.61 -7.01 0.02
C LEU A 103 -9.21 -7.30 1.46
N PHE A 104 -10.01 -6.81 2.40
CA PHE A 104 -9.74 -7.02 3.82
C PHE A 104 -10.64 -8.12 4.38
N GLU A 105 -10.04 -9.25 4.73
CA GLU A 105 -10.79 -10.37 5.29
C GLU A 105 -11.82 -10.89 4.29
N GLU A 106 -11.40 -11.04 3.04
CA GLU A 106 -12.29 -11.52 1.98
C GLU A 106 -13.34 -10.47 1.64
N VAL A 107 -12.99 -9.21 1.85
CA VAL A 107 -13.91 -8.11 1.56
C VAL A 107 -13.24 -7.05 0.69
N HIS A 108 -13.72 -6.90 -0.54
CA HIS A 108 -13.17 -5.91 -1.46
C HIS A 108 -13.42 -4.49 -0.97
N ILE A 109 -12.34 -3.72 -0.82
CA ILE A 109 -12.46 -2.35 -0.36
C ILE A 109 -13.05 -1.45 -1.43
N PRO A 110 -13.73 -0.37 -1.00
CA PRO A 110 -14.35 0.59 -1.90
C PRO A 110 -13.33 1.42 -2.68
N GLY A 111 -12.77 0.83 -3.73
CA GLY A 111 -11.78 1.54 -4.53
C GLY A 111 -10.96 0.60 -5.38
N SER A 112 -10.96 -0.68 -5.02
CA SER A 112 -10.20 -1.68 -5.75
C SER A 112 -11.11 -2.51 -6.66
N PRO A 113 -10.53 -3.08 -7.72
CA PRO A 113 -9.10 -2.93 -8.03
C PRO A 113 -8.74 -1.52 -8.47
N PHE A 114 -7.48 -1.15 -8.29
CA PHE A 114 -7.02 0.18 -8.68
C PHE A 114 -6.16 0.12 -9.94
N LYS A 115 -6.81 0.31 -11.09
CA LYS A 115 -6.12 0.28 -12.38
C LYS A 115 -4.92 1.21 -12.37
N ALA A 116 -3.73 0.66 -12.60
CA ALA A 116 -2.51 1.44 -12.63
C ALA A 116 -1.86 1.40 -14.00
N ASP A 117 -1.93 2.52 -14.72
CA ASP A 117 -1.36 2.62 -16.06
C ASP A 117 0.17 2.68 -15.98
N ILE A 118 0.82 1.64 -16.47
CA ILE A 118 2.27 1.58 -16.47
C ILE A 118 2.85 2.07 -17.79
N GLU A 119 3.90 2.90 -17.71
CA GLU A 119 4.54 3.43 -18.91
C GLU A 119 5.94 2.85 -19.08
N MET A 120 6.48 2.96 -20.28
CA MET A 120 7.80 2.45 -20.58
C MET A 120 8.87 3.45 -20.18
N PRO A 121 9.94 2.95 -19.54
CA PRO A 121 11.06 3.79 -19.10
C PRO A 121 11.89 4.32 -20.25
N PHE A 122 12.66 5.37 -19.99
CA PHE A 122 13.50 5.97 -21.02
C PHE A 122 14.79 5.19 -21.19
N ASP A 123 15.05 4.75 -22.42
CA ASP A 123 16.25 3.98 -22.73
C ASP A 123 17.49 4.65 -22.14
N PRO A 124 18.36 3.84 -21.51
CA PRO A 124 19.60 4.34 -20.90
C PRO A 124 20.61 4.80 -21.93
N SER A 125 21.36 5.85 -21.59
CA SER A 125 22.37 6.39 -22.49
C SER A 125 23.73 5.75 -22.24
N SER A 126 24.05 4.72 -23.00
CA SER A 126 25.31 4.01 -22.86
C SER A 126 26.50 4.97 -22.99
N GLY A 127 27.69 4.47 -22.71
CA GLY A 127 28.88 5.30 -22.80
C GLY A 127 30.15 4.51 -22.62
N PRO A 128 30.63 3.88 -23.71
CA PRO A 128 31.85 3.08 -23.68
C PRO A 128 33.10 3.93 -23.51
N SER A 129 32.92 5.24 -23.41
CA SER A 129 34.03 6.16 -23.24
C SER A 129 34.81 5.84 -21.98
N SER A 130 35.78 4.94 -22.10
CA SER A 130 36.61 4.53 -20.96
C SER A 130 37.70 5.55 -20.70
N GLY A 131 37.65 6.18 -19.53
CA GLY A 131 38.64 7.17 -19.17
C GLY A 131 38.25 7.98 -17.95
N GLY A 1 -9.02 20.02 24.00
CA GLY A 1 -8.12 20.80 24.82
C GLY A 1 -7.14 21.61 24.00
N SER A 2 -7.60 22.74 23.47
CA SER A 2 -6.76 23.60 22.65
C SER A 2 -6.96 25.07 23.02
N SER A 3 -5.87 25.83 23.04
CA SER A 3 -5.94 27.25 23.37
C SER A 3 -6.90 27.99 22.45
N GLY A 4 -6.81 27.69 21.15
CA GLY A 4 -7.68 28.34 20.19
C GLY A 4 -6.90 29.16 19.17
N SER A 5 -6.52 28.54 18.07
CA SER A 5 -5.77 29.22 17.02
C SER A 5 -6.30 28.84 15.64
N SER A 6 -6.67 29.86 14.87
CA SER A 6 -7.20 29.64 13.53
C SER A 6 -6.53 30.57 12.52
N GLY A 7 -6.18 30.03 11.36
CA GLY A 7 -5.54 30.83 10.34
C GLY A 7 -5.26 30.03 9.08
N ASP A 8 -6.31 29.56 8.43
CA ASP A 8 -6.17 28.78 7.20
C ASP A 8 -7.52 28.59 6.52
N VAL A 9 -7.52 28.66 5.19
CA VAL A 9 -8.75 28.50 4.41
C VAL A 9 -9.19 27.04 4.39
N THR A 10 -10.50 26.83 4.24
CA THR A 10 -11.05 25.48 4.20
C THR A 10 -10.52 24.70 3.01
N TYR A 11 -10.00 23.51 3.26
CA TYR A 11 -9.45 22.66 2.22
C TYR A 11 -9.75 21.19 2.50
N ASP A 12 -9.45 20.34 1.52
CA ASP A 12 -9.68 18.91 1.66
C ASP A 12 -9.45 18.46 3.10
N GLY A 13 -8.34 18.88 3.68
CA GLY A 13 -8.02 18.51 5.04
C GLY A 13 -6.54 18.65 5.36
N HIS A 14 -6.22 19.29 6.47
CA HIS A 14 -4.84 19.47 6.88
C HIS A 14 -4.37 18.34 7.79
N PRO A 15 -3.07 18.03 7.73
CA PRO A 15 -2.48 16.97 8.55
C PRO A 15 -2.42 17.33 10.03
N VAL A 16 -3.01 16.48 10.86
CA VAL A 16 -3.02 16.72 12.30
C VAL A 16 -1.83 16.06 12.97
N PRO A 17 -1.37 16.67 14.08
CA PRO A 17 -0.23 16.16 14.84
C PRO A 17 -0.55 14.85 15.57
N GLY A 18 -1.83 14.50 15.59
CA GLY A 18 -2.25 13.28 16.27
C GLY A 18 -1.49 13.04 17.56
N SER A 19 -1.48 11.78 18.00
CA SER A 19 -0.79 11.42 19.23
C SER A 19 0.11 10.21 19.02
N PRO A 20 1.27 10.21 19.69
CA PRO A 20 2.24 9.11 19.59
C PRO A 20 1.74 7.83 20.24
N TYR A 21 0.61 7.93 20.93
CA TYR A 21 0.02 6.77 21.60
C TYR A 21 -1.29 6.36 20.94
N THR A 22 -1.35 6.48 19.62
CA THR A 22 -2.54 6.13 18.87
C THR A 22 -3.19 4.87 19.43
N VAL A 23 -4.29 5.05 20.16
CA VAL A 23 -5.01 3.93 20.75
C VAL A 23 -5.42 2.91 19.69
N GLU A 24 -4.97 1.67 19.86
CA GLU A 24 -5.28 0.61 18.91
C GLU A 24 -5.97 -0.56 19.62
N ALA A 25 -6.85 -0.24 20.57
CA ALA A 25 -7.58 -1.26 21.31
C ALA A 25 -8.17 -2.29 20.38
N SER A 26 -8.78 -3.33 20.96
CA SER A 26 -9.39 -4.40 20.18
C SER A 26 -10.58 -3.88 19.38
N LEU A 27 -10.32 -3.45 18.15
CA LEU A 27 -11.37 -2.94 17.28
C LEU A 27 -11.67 -3.91 16.14
N PRO A 28 -12.95 -3.99 15.75
CA PRO A 28 -13.40 -4.87 14.68
C PRO A 28 -12.91 -4.41 13.31
N PRO A 29 -12.66 -5.37 12.41
CA PRO A 29 -12.19 -5.08 11.06
C PRO A 29 -13.27 -4.42 10.19
N ASP A 30 -12.84 -3.54 9.30
CA ASP A 30 -13.76 -2.84 8.42
C ASP A 30 -13.08 -2.45 7.10
N PRO A 31 -13.61 -2.94 5.98
CA PRO A 31 -13.08 -2.65 4.65
C PRO A 31 -13.28 -1.20 4.24
N SER A 32 -14.48 -0.68 4.49
CA SER A 32 -14.80 0.70 4.14
C SER A 32 -13.80 1.67 4.77
N LYS A 33 -13.02 1.17 5.72
CA LYS A 33 -12.03 1.99 6.40
C LYS A 33 -10.66 1.83 5.75
N VAL A 34 -10.48 0.72 5.04
CA VAL A 34 -9.21 0.45 4.36
C VAL A 34 -9.04 1.35 3.14
N LYS A 35 -8.09 2.27 3.21
CA LYS A 35 -7.82 3.18 2.11
C LYS A 35 -6.47 2.88 1.47
N ALA A 36 -6.40 3.03 0.14
CA ALA A 36 -5.18 2.77 -0.59
C ALA A 36 -4.80 3.96 -1.45
N HIS A 37 -3.76 4.70 -1.03
CA HIS A 37 -3.31 5.87 -1.77
C HIS A 37 -1.79 5.83 -1.94
N GLY A 38 -1.33 6.06 -3.17
CA GLY A 38 0.08 6.05 -3.46
C GLY A 38 0.39 6.03 -4.94
N PRO A 39 1.68 6.15 -5.29
CA PRO A 39 2.12 6.15 -6.68
C PRO A 39 1.98 4.78 -7.34
N GLY A 40 2.16 3.72 -6.54
CA GLY A 40 2.04 2.38 -7.07
C GLY A 40 0.64 2.06 -7.55
N LEU A 41 -0.29 2.98 -7.32
CA LEU A 41 -1.68 2.80 -7.73
C LEU A 41 -1.98 3.59 -9.00
N GLU A 42 -1.44 4.81 -9.07
CA GLU A 42 -1.64 5.67 -10.23
C GLU A 42 -0.85 5.16 -11.43
N GLY A 43 0.32 4.56 -11.16
CA GLY A 43 1.15 4.04 -12.23
C GLY A 43 2.62 4.07 -11.88
N GLY A 44 3.46 3.74 -12.86
CA GLY A 44 4.90 3.73 -12.63
C GLY A 44 5.68 3.47 -13.90
N LEU A 45 6.75 2.70 -13.78
CA LEU A 45 7.60 2.37 -14.93
C LEU A 45 8.00 0.90 -14.91
N VAL A 46 8.09 0.31 -16.09
CA VAL A 46 8.47 -1.09 -16.22
C VAL A 46 9.88 -1.33 -15.70
N GLY A 47 10.08 -2.48 -15.04
CA GLY A 47 11.39 -2.81 -14.51
C GLY A 47 11.72 -2.02 -13.26
N LYS A 48 10.87 -1.05 -12.92
CA LYS A 48 11.08 -0.22 -11.74
C LYS A 48 10.07 -0.56 -10.65
N PRO A 49 10.48 -0.40 -9.39
CA PRO A 49 9.63 -0.68 -8.23
C PRO A 49 8.49 0.32 -8.09
N ALA A 50 7.37 -0.13 -7.54
CA ALA A 50 6.21 0.73 -7.35
C ALA A 50 5.41 0.31 -6.12
N GLU A 51 5.35 1.19 -5.13
CA GLU A 51 4.62 0.91 -3.90
C GLU A 51 3.67 2.05 -3.55
N PHE A 52 2.75 1.79 -2.62
CA PHE A 52 1.78 2.80 -2.20
C PHE A 52 1.57 2.75 -0.69
N THR A 53 0.77 3.68 -0.18
CA THR A 53 0.48 3.74 1.24
C THR A 53 -0.92 3.21 1.54
N ILE A 54 -0.99 2.22 2.42
CA ILE A 54 -2.27 1.62 2.79
C ILE A 54 -2.63 1.99 4.23
N ASP A 55 -3.91 2.33 4.44
CA ASP A 55 -4.39 2.69 5.77
C ASP A 55 -5.25 1.58 6.35
N THR A 56 -4.67 0.80 7.26
CA THR A 56 -5.39 -0.30 7.90
C THR A 56 -5.85 0.08 9.30
N LYS A 57 -5.16 1.04 9.90
CA LYS A 57 -5.49 1.50 11.24
C LYS A 57 -6.97 1.82 11.35
N GLY A 58 -7.46 2.69 10.47
CA GLY A 58 -8.86 3.05 10.48
C GLY A 58 -9.78 1.85 10.43
N ALA A 59 -9.22 0.69 10.09
CA ALA A 59 -10.00 -0.54 10.01
C ALA A 59 -10.06 -1.25 11.36
N GLY A 60 -8.90 -1.46 11.96
CA GLY A 60 -8.84 -2.13 13.25
C GLY A 60 -7.83 -3.26 13.27
N THR A 61 -8.28 -4.47 12.94
CA THR A 61 -7.41 -5.63 12.93
C THR A 61 -8.02 -6.76 12.10
N GLY A 62 -7.28 -7.18 11.07
CA GLY A 62 -7.76 -8.26 10.21
C GLY A 62 -6.78 -8.59 9.11
N GLY A 63 -7.19 -9.46 8.19
CA GLY A 63 -6.32 -9.86 7.10
C GLY A 63 -6.70 -9.18 5.79
N LEU A 64 -5.70 -8.94 4.95
CA LEU A 64 -5.93 -8.29 3.67
C LEU A 64 -5.26 -9.06 2.54
N GLY A 65 -6.01 -9.29 1.46
CA GLY A 65 -5.47 -10.02 0.33
C GLY A 65 -5.16 -9.12 -0.85
N LEU A 66 -3.88 -9.08 -1.23
CA LEU A 66 -3.45 -8.25 -2.35
C LEU A 66 -3.01 -9.11 -3.53
N THR A 67 -3.70 -8.98 -4.65
CA THR A 67 -3.38 -9.74 -5.85
C THR A 67 -3.36 -8.84 -7.08
N VAL A 68 -2.32 -9.00 -7.90
CA VAL A 68 -2.18 -8.20 -9.12
C VAL A 68 -2.79 -8.92 -10.31
N GLU A 69 -3.88 -8.37 -10.84
CA GLU A 69 -4.55 -8.96 -11.99
C GLU A 69 -4.22 -8.19 -13.27
N GLY A 70 -2.98 -8.31 -13.72
CA GLY A 70 -2.56 -7.62 -14.93
C GLY A 70 -2.27 -8.58 -16.07
N PRO A 71 -1.72 -8.04 -17.17
CA PRO A 71 -1.39 -8.83 -18.36
C PRO A 71 -0.22 -9.78 -18.12
N CYS A 72 0.47 -9.59 -16.99
CA CYS A 72 1.61 -10.42 -16.65
C CYS A 72 1.71 -10.59 -15.13
N GLU A 73 2.27 -11.73 -14.71
CA GLU A 73 2.42 -12.01 -13.28
C GLU A 73 3.56 -11.20 -12.69
N ALA A 74 3.22 -10.13 -11.98
CA ALA A 74 4.22 -9.27 -11.35
C ALA A 74 4.40 -9.63 -9.87
N LYS A 75 5.65 -9.70 -9.45
CA LYS A 75 5.97 -10.04 -8.07
C LYS A 75 5.40 -8.99 -7.11
N ILE A 76 5.08 -9.42 -5.90
CA ILE A 76 4.53 -8.53 -4.89
C ILE A 76 5.19 -8.74 -3.53
N GLU A 77 5.96 -7.75 -3.09
CA GLU A 77 6.65 -7.83 -1.81
C GLU A 77 5.99 -6.93 -0.78
N CYS A 78 5.23 -7.53 0.13
CA CYS A 78 4.55 -6.78 1.18
C CYS A 78 5.40 -6.70 2.44
N SER A 79 5.70 -5.48 2.86
CA SER A 79 6.51 -5.27 4.06
C SER A 79 5.92 -4.16 4.93
N ASP A 80 5.40 -4.55 6.09
CA ASP A 80 4.80 -3.58 7.01
C ASP A 80 5.81 -2.50 7.40
N ASN A 81 5.31 -1.32 7.74
CA ASN A 81 6.16 -0.21 8.13
C ASN A 81 6.56 -0.32 9.60
N GLY A 82 5.56 -0.49 10.47
CA GLY A 82 5.83 -0.60 11.89
C GLY A 82 5.09 0.44 12.71
N ASP A 83 4.27 1.24 12.03
CA ASP A 83 3.51 2.29 12.71
C ASP A 83 2.01 2.04 12.56
N GLY A 84 1.65 1.13 11.66
CA GLY A 84 0.25 0.81 11.46
C GLY A 84 -0.11 0.72 9.98
N THR A 85 0.76 1.25 9.13
CA THR A 85 0.53 1.24 7.69
C THR A 85 1.33 0.12 7.02
N CYS A 86 1.01 -0.16 5.77
CA CYS A 86 1.69 -1.20 5.00
C CYS A 86 2.35 -0.62 3.76
N SER A 87 3.50 -1.19 3.38
CA SER A 87 4.23 -0.73 2.21
C SER A 87 4.49 -1.88 1.25
N VAL A 88 3.58 -2.07 0.29
CA VAL A 88 3.73 -3.13 -0.70
C VAL A 88 4.36 -2.61 -1.99
N SER A 89 5.44 -3.25 -2.41
CA SER A 89 6.14 -2.85 -3.63
C SER A 89 6.10 -3.97 -4.66
N TYR A 90 5.65 -3.63 -5.87
CA TYR A 90 5.56 -4.60 -6.95
C TYR A 90 6.50 -4.24 -8.09
N LEU A 91 6.86 -5.23 -8.89
CA LEU A 91 7.76 -5.02 -10.03
C LEU A 91 7.17 -5.62 -11.30
N PRO A 92 6.65 -4.75 -12.18
CA PRO A 92 6.05 -5.17 -13.45
C PRO A 92 7.10 -5.68 -14.44
N THR A 93 6.64 -6.35 -15.49
CA THR A 93 7.54 -6.89 -16.51
C THR A 93 7.30 -6.21 -17.86
N LYS A 94 6.03 -5.93 -18.16
CA LYS A 94 5.68 -5.28 -19.42
C LYS A 94 4.72 -4.12 -19.18
N PRO A 95 4.76 -3.13 -20.08
CA PRO A 95 3.90 -1.95 -19.99
C PRO A 95 2.43 -2.28 -20.27
N GLY A 96 1.55 -1.89 -19.35
CA GLY A 96 0.13 -2.15 -19.52
C GLY A 96 -0.70 -1.58 -18.39
N GLU A 97 -1.55 -2.42 -17.81
CA GLU A 97 -2.41 -1.99 -16.72
C GLU A 97 -2.51 -3.07 -15.64
N TYR A 98 -2.03 -2.75 -14.44
CA TYR A 98 -2.05 -3.70 -13.33
C TYR A 98 -3.17 -3.36 -12.36
N PHE A 99 -4.06 -4.32 -12.13
CA PHE A 99 -5.19 -4.14 -11.23
C PHE A 99 -4.87 -4.70 -9.85
N VAL A 100 -4.73 -3.82 -8.86
CA VAL A 100 -4.43 -4.22 -7.50
C VAL A 100 -5.70 -4.56 -6.73
N ASN A 101 -5.95 -5.86 -6.55
CA ASN A 101 -7.14 -6.32 -5.82
C ASN A 101 -6.93 -6.20 -4.32
N ILE A 102 -7.66 -5.29 -3.69
CA ILE A 102 -7.57 -5.08 -2.26
C ILE A 102 -8.85 -5.50 -1.55
N LEU A 103 -8.79 -6.62 -0.83
CA LEU A 103 -9.96 -7.12 -0.11
C LEU A 103 -9.60 -7.42 1.35
N PHE A 104 -10.38 -6.86 2.27
CA PHE A 104 -10.15 -7.08 3.69
C PHE A 104 -11.07 -8.16 4.23
N GLU A 105 -10.48 -9.26 4.69
CA GLU A 105 -11.25 -10.37 5.23
C GLU A 105 -12.29 -10.87 4.23
N GLU A 106 -11.86 -11.03 2.98
CA GLU A 106 -12.76 -11.49 1.93
C GLU A 106 -13.79 -10.42 1.57
N VAL A 107 -13.38 -9.16 1.69
CA VAL A 107 -14.27 -8.04 1.38
C VAL A 107 -13.56 -7.00 0.52
N HIS A 108 -13.97 -6.91 -0.74
CA HIS A 108 -13.38 -5.95 -1.66
C HIS A 108 -13.60 -4.52 -1.18
N ILE A 109 -12.52 -3.81 -0.93
CA ILE A 109 -12.60 -2.42 -0.47
C ILE A 109 -13.23 -1.53 -1.53
N PRO A 110 -13.88 -0.45 -1.07
CA PRO A 110 -14.54 0.51 -1.96
C PRO A 110 -13.54 1.34 -2.76
N GLY A 111 -13.05 0.76 -3.85
CA GLY A 111 -12.08 1.47 -4.69
C GLY A 111 -11.18 0.51 -5.46
N SER A 112 -11.17 -0.75 -5.04
CA SER A 112 -10.34 -1.76 -5.70
C SER A 112 -11.17 -2.61 -6.65
N PRO A 113 -10.50 -3.19 -7.65
CA PRO A 113 -9.06 -3.02 -7.86
C PRO A 113 -8.70 -1.60 -8.29
N PHE A 114 -7.41 -1.30 -8.30
CA PHE A 114 -6.93 0.02 -8.70
C PHE A 114 -6.08 -0.07 -9.96
N LYS A 115 -6.71 0.14 -11.11
CA LYS A 115 -6.00 0.08 -12.39
C LYS A 115 -4.83 1.06 -12.41
N ALA A 116 -3.62 0.52 -12.55
CA ALA A 116 -2.42 1.36 -12.59
C ALA A 116 -1.80 1.35 -13.98
N ASP A 117 -1.81 2.50 -14.63
CA ASP A 117 -1.25 2.63 -15.97
C ASP A 117 0.27 2.74 -15.90
N ILE A 118 0.96 1.72 -16.42
CA ILE A 118 2.42 1.70 -16.41
C ILE A 118 2.97 2.14 -17.76
N GLU A 119 4.15 2.74 -17.75
CA GLU A 119 4.79 3.20 -18.98
C GLU A 119 6.22 2.68 -19.08
N MET A 120 6.81 2.81 -20.26
CA MET A 120 8.19 2.35 -20.48
C MET A 120 9.19 3.43 -20.07
N PRO A 121 10.24 3.01 -19.35
CA PRO A 121 11.29 3.92 -18.89
C PRO A 121 12.15 4.45 -20.03
N PHE A 122 12.95 5.47 -19.75
CA PHE A 122 13.83 6.05 -20.76
C PHE A 122 15.25 6.20 -20.21
N ASP A 123 16.21 5.61 -20.92
CA ASP A 123 17.60 5.67 -20.53
C ASP A 123 17.96 7.06 -20.00
N PRO A 124 18.01 7.19 -18.66
CA PRO A 124 18.34 8.46 -17.99
C PRO A 124 19.79 8.85 -18.20
N SER A 125 20.05 9.63 -19.24
CA SER A 125 21.41 10.08 -19.54
C SER A 125 22.42 8.94 -19.34
N SER A 126 21.96 7.72 -19.55
CA SER A 126 22.81 6.55 -19.37
C SER A 126 24.03 6.63 -20.30
N GLY A 127 25.12 6.00 -19.88
CA GLY A 127 26.34 6.01 -20.68
C GLY A 127 27.26 7.16 -20.31
N PRO A 128 28.05 6.97 -19.24
CA PRO A 128 28.99 7.98 -18.76
C PRO A 128 30.16 8.18 -19.72
N SER A 129 30.61 7.09 -20.32
CA SER A 129 31.74 7.14 -21.25
C SER A 129 31.37 7.94 -22.50
N SER A 130 31.50 9.26 -22.41
CA SER A 130 31.17 10.14 -23.53
C SER A 130 31.73 9.58 -24.84
N GLY A 131 32.95 9.07 -24.78
CA GLY A 131 33.58 8.51 -25.97
C GLY A 131 34.46 9.51 -26.69
#